data_4NCO
#
_entry.id   4NCO
#
_cell.length_a   152.200
_cell.length_b   260.720
_cell.length_c   283.180
_cell.angle_alpha   90.00
_cell.angle_beta   99.56
_cell.angle_gamma   90.00
#
_symmetry.space_group_name_H-M   'C 1 2 1'
#
loop_
_entity.id
_entity.type
_entity.pdbx_description
1 polymer 'BG505 SOSIP gp120'
2 polymer 'BG505 SOSIP gp41'
3 polymer 'PGT122 light chain'
4 polymer 'PGT122 heavy chain'
5 branched alpha-D-mannopyranose-(1-3)-[alpha-D-mannopyranose-(1-6)]alpha-D-mannopyranose-(1-6)-[alpha-D-mannopyranose-(1-3)]beta-D-mannopyranose-(1-4)-2-acetamido-2-deoxy-beta-D-glucopyranose-(1-4)-2-acetamido-2-deoxy-beta-D-glucopyranose
6 branched alpha-D-mannopyranose-(1-2)-alpha-D-mannopyranose-(1-2)-alpha-D-mannopyranose-(1-3)-[alpha-D-mannopyranose-(1-2)-alpha-D-mannopyranose-(1-3)-alpha-D-mannopyranose-(1-6)]beta-D-mannopyranose-(1-4)-2-acetamido-2-deoxy-beta-D-glucopyranose-(1-4)-2-acetamido-2-deoxy-beta-D-glucopyranose
7 branched alpha-D-mannopyranose-(1-2)-alpha-D-mannopyranose
8 non-polymer 2-acetamido-2-deoxy-beta-D-glucopyranose
#
loop_
_entity_poly.entity_id
_entity_poly.type
_entity_poly.pdbx_seq_one_letter_code
_entity_poly.pdbx_strand_id
1 'polypeptide(L)'
;AENLWVTVYYGVPVWKDAETTLFCASDAKAYETEKHNVWATHACVPTDPNPQEIHLENVTEEFNMWKNNMVEQMHTDIIS
LWDQSLKPCVKLTPLCVTLQCTNVTNNITDDMRGELKNCSFNMTTELRDKKQKVYSLFYRLDVVQINENQGNRSNNSNKE
YRLINCNTSAITQACPKVSFEPIPIHYCAPAGFAILKCKDKKFNGTGPCPSVSTVQCTHGIKPVVSTQLLLNGSLAEEEV
MIRSENITNNAKNILVQFNTPVQINCTRPNNNTRKSIRIGPGQAFYATGDIIGDIRQAHCNVSKATWNETLGKVVKQLRK
HFGNNTIIRFANSSGGDLEVTTHSFNCGGEFFYCNTSGLFNSTWISNTSVQGSNSTGSNDSITLPCRIKQIINMWQRIGQ
AMYAPPIQGVIRCVSNITGLILTRDGGSTNSTTETFRPGGGDMRDNWRSELYKYKVVKIEPLGVAPTRCKRRVVG
;
A,E,I
2 'polypeptide(L)'
;(UNK)(UNK)(UNK)(UNK)(UNK)(UNK)(UNK)(UNK)(UNK)(UNK)(UNK)(UNK)(UNK)(UNK)(UNK)(UNK)
(UNK)(UNK)(UNK)(UNK)(UNK)(UNK)(UNK)(UNK)(UNK)(UNK)(UNK)(UNK)(UNK)(UNK)(UNK)(UNK)
(UNK)(UNK)(UNK)(UNK)(UNK)(UNK)(UNK)(UNK)(UNK)(UNK)(UNK)(UNK)(UNK)(UNK)(UNK)(UNK)
(UNK)(UNK)(UNK)(UNK)(UNK)(UNK)(UNK)(UNK)(UNK)(UNK)(UNK)(UNK)(UNK)(UNK)(UNK)(UNK)
(UNK)(UNK)(UNK)(UNK)(UNK)(UNK)(UNK)(UNK)(UNK)(UNK)(UNK)(UNK)(UNK)(UNK)
;
B,F,J
3 'polypeptide(L)'
;TFVSVAPGQTARITCGEESLGSRSVIWYQQRPGQAPSLIIYNNNDRPSGIPDRFSGSPGSTFGTTATLTITSVEAGDEAD
YYCHIWDSRRPTNWVFGEGTTLIVLSQPKAAPSVTLFPPSSEELQANKATLVCLISDFYPGAVTVAWKADSSPVKAGVET
TTPSKQSNNKYAASSYLSLTPEQWKSHKSYSCQVTHEGSTVEKTVAPTECS
;
C,G,K
4 'polypeptide(L)'
;QVHLQESGPGLVKPSETLSLTCNVSGTLVRDNYWSWIRQPLGKQPEWIGYVHDSGDTNYNPSLKSRVHLSLDKSKNLVSL
RLTGVTAADSAIYYCATTKHGRRIYGVVAFKEWFTYFYMDVWGKGTSVTVSSASTKGPSVFPLAPSSKSTSGGTAALGCL
VKDYFPEPVTVSWNSGALTSGVHTFPAVLQSSGLYSLSSVVTVPSSSLGTQTYICNVNHKPSNTKVDKRVEPKSC
;
D,H,L
#
loop_
_chem_comp.id
_chem_comp.type
_chem_comp.name
_chem_comp.formula
BMA D-saccharide, beta linking beta-D-mannopyranose 'C6 H12 O6'
MAN D-saccharide, alpha linking alpha-D-mannopyranose 'C6 H12 O6'
NAG D-saccharide, beta linking 2-acetamido-2-deoxy-beta-D-glucopyranose 'C8 H15 N O6'
#
# COMPACT_ATOMS: atom_id res chain seq x y z
N VAL A 14 45.18 -39.20 -20.75
CA VAL A 14 43.72 -39.17 -20.77
C VAL A 14 43.21 -37.74 -20.66
N TRP A 15 42.35 -37.35 -21.60
CA TRP A 15 41.75 -36.02 -21.57
C TRP A 15 40.23 -36.09 -21.68
N LYS A 16 39.56 -35.84 -20.55
CA LYS A 16 38.11 -35.83 -20.49
C LYS A 16 37.62 -34.39 -20.37
N ASP A 17 36.50 -34.09 -21.00
CA ASP A 17 36.06 -32.71 -21.14
C ASP A 17 34.75 -32.40 -20.41
N ALA A 18 34.32 -31.14 -20.55
CA ALA A 18 33.00 -30.70 -20.08
C ALA A 18 32.73 -30.81 -18.57
N GLU A 19 33.29 -29.87 -17.83
CA GLU A 19 33.14 -29.78 -16.39
C GLU A 19 32.79 -28.35 -15.99
N THR A 20 31.59 -28.13 -15.44
CA THR A 20 31.23 -26.78 -15.03
C THR A 20 32.01 -26.40 -13.77
N THR A 21 33.23 -25.93 -14.01
CA THR A 21 34.17 -25.48 -13.00
C THR A 21 35.05 -24.43 -13.66
N LEU A 22 34.83 -23.17 -13.31
CA LEU A 22 35.63 -22.10 -13.89
C LEU A 22 36.15 -21.18 -12.80
N PHE A 23 37.46 -21.18 -12.62
CA PHE A 23 38.10 -20.17 -11.79
C PHE A 23 38.04 -18.80 -12.47
N CYS A 24 38.30 -17.74 -11.71
CA CYS A 24 38.22 -16.41 -12.29
C CYS A 24 39.47 -15.60 -11.96
N ALA A 25 39.77 -14.57 -12.75
CA ALA A 25 40.91 -13.69 -12.47
C ALA A 25 40.63 -12.26 -12.92
N SER A 26 41.07 -11.28 -12.14
CA SER A 26 40.86 -9.84 -12.42
C SER A 26 41.21 -9.01 -11.20
N ASP A 27 41.94 -7.91 -11.44
CA ASP A 27 41.88 -6.65 -10.69
C ASP A 27 43.25 -6.01 -10.75
N ALA A 28 43.21 -4.68 -10.79
CA ALA A 28 44.40 -3.85 -10.84
C ALA A 28 44.19 -2.57 -10.02
N LYS A 29 43.53 -1.60 -10.64
CA LYS A 29 43.21 -0.33 -10.00
C LYS A 29 41.74 -0.20 -9.64
N ALA A 30 40.91 -1.07 -10.20
CA ALA A 30 39.46 -1.01 -9.99
C ALA A 30 39.01 -1.67 -8.69
N TYR A 31 37.97 -1.08 -8.10
CA TYR A 31 37.39 -1.57 -6.84
C TYR A 31 35.88 -1.85 -6.88
N GLU A 32 35.12 -0.92 -6.34
CA GLU A 32 33.68 -1.02 -6.25
C GLU A 32 33.00 0.04 -7.12
N THR A 33 31.86 0.51 -6.63
CA THR A 33 31.01 1.52 -7.27
C THR A 33 30.39 0.93 -8.52
N GLU A 34 31.03 1.17 -9.67
CA GLU A 34 30.61 0.64 -10.96
C GLU A 34 30.23 -0.85 -10.81
N LYS A 35 29.11 -1.26 -11.40
CA LYS A 35 28.60 -2.60 -11.19
C LYS A 35 29.52 -3.69 -11.73
N HIS A 36 30.15 -3.41 -12.86
CA HIS A 36 31.13 -4.33 -13.43
C HIS A 36 32.32 -4.43 -12.49
N ASN A 37 32.74 -3.29 -11.95
CA ASN A 37 33.86 -3.26 -11.03
C ASN A 37 33.50 -4.00 -9.74
N VAL A 38 32.29 -3.77 -9.25
CA VAL A 38 31.79 -4.45 -8.06
C VAL A 38 31.78 -5.96 -8.29
N TRP A 39 31.36 -6.37 -9.48
CA TRP A 39 31.28 -7.78 -9.83
C TRP A 39 32.65 -8.43 -9.91
N ALA A 40 33.56 -7.83 -10.67
CA ALA A 40 34.89 -8.40 -10.77
C ALA A 40 35.56 -8.45 -9.41
N THR A 41 35.35 -7.39 -8.62
CA THR A 41 35.87 -7.31 -7.26
C THR A 41 35.37 -8.46 -6.37
N HIS A 42 34.11 -8.82 -6.56
CA HIS A 42 33.48 -9.82 -5.69
C HIS A 42 33.67 -11.25 -6.19
N ALA A 43 33.99 -11.42 -7.47
CA ALA A 43 34.04 -12.76 -8.02
C ALA A 43 35.42 -13.13 -8.58
N CYS A 44 36.39 -12.25 -8.40
CA CYS A 44 37.73 -12.48 -8.95
C CYS A 44 38.87 -12.12 -8.00
N VAL A 45 39.99 -12.83 -8.17
CA VAL A 45 41.21 -12.57 -7.41
C VAL A 45 42.22 -12.18 -8.48
N PRO A 46 43.23 -11.37 -8.13
CA PRO A 46 44.31 -11.05 -9.08
C PRO A 46 44.98 -12.26 -9.72
N THR A 47 45.75 -12.00 -10.77
CA THR A 47 46.38 -13.07 -11.54
C THR A 47 47.90 -13.01 -11.35
N ASP A 48 48.62 -13.81 -12.11
CA ASP A 48 50.08 -13.86 -11.99
C ASP A 48 50.64 -13.86 -13.40
N PRO A 49 51.71 -13.10 -13.64
CA PRO A 49 52.15 -13.17 -15.04
C PRO A 49 53.19 -14.22 -15.37
N ASN A 50 52.88 -15.46 -14.97
CA ASN A 50 53.60 -16.65 -15.40
C ASN A 50 53.18 -17.20 -16.78
N PRO A 51 51.86 -17.34 -17.04
CA PRO A 51 51.32 -18.51 -17.76
C PRO A 51 52.15 -18.93 -18.97
N GLN A 52 52.53 -20.20 -19.00
CA GLN A 52 53.46 -20.73 -19.99
C GLN A 52 52.86 -21.54 -21.13
N GLU A 53 51.61 -21.98 -20.95
CA GLU A 53 50.88 -22.85 -21.87
C GLU A 53 51.82 -24.00 -22.31
N ILE A 54 52.66 -23.69 -23.29
CA ILE A 54 53.64 -24.60 -23.90
C ILE A 54 53.00 -25.77 -24.63
N HIS A 55 52.88 -25.64 -25.94
CA HIS A 55 52.33 -26.68 -26.80
C HIS A 55 53.25 -27.91 -26.78
N LEU A 56 52.68 -29.10 -26.84
CA LEU A 56 53.50 -30.30 -26.93
C LEU A 56 53.40 -30.92 -28.31
N GLU A 57 54.54 -31.38 -28.83
CA GLU A 57 54.66 -31.94 -30.17
C GLU A 57 53.56 -32.97 -30.43
N ASN A 58 52.99 -32.89 -31.64
CA ASN A 58 51.89 -33.76 -32.07
C ASN A 58 50.63 -33.59 -31.21
N VAL A 59 50.24 -34.65 -30.49
CA VAL A 59 49.04 -34.69 -29.62
C VAL A 59 47.82 -34.02 -30.32
N THR A 60 47.26 -34.76 -31.26
CA THR A 60 46.01 -34.47 -32.01
C THR A 60 45.83 -33.21 -32.92
N GLU A 61 44.77 -33.34 -33.70
CA GLU A 61 44.23 -32.48 -34.72
C GLU A 61 42.68 -32.40 -34.70
N GLU A 62 42.02 -32.76 -33.60
CA GLU A 62 40.55 -32.79 -33.65
C GLU A 62 39.94 -31.82 -32.64
N PHE A 63 38.96 -31.01 -33.07
CA PHE A 63 38.31 -30.05 -32.16
C PHE A 63 36.92 -29.60 -32.65
N ASN A 64 36.16 -28.95 -31.77
CA ASN A 64 34.84 -28.40 -32.15
C ASN A 64 34.31 -27.28 -31.22
N MET A 65 34.71 -26.03 -31.48
CA MET A 65 34.35 -24.89 -30.64
C MET A 65 32.86 -24.63 -30.34
N TRP A 66 31.96 -24.96 -31.25
CA TRP A 66 30.55 -24.62 -31.05
C TRP A 66 29.75 -25.56 -30.15
N LYS A 67 30.38 -26.61 -29.63
CA LYS A 67 29.68 -27.51 -28.72
C LYS A 67 30.28 -27.41 -27.31
N ASN A 68 30.74 -26.22 -26.98
CA ASN A 68 31.34 -25.92 -25.67
C ASN A 68 30.37 -25.46 -24.58
N ASN A 69 30.22 -26.24 -23.52
CA ASN A 69 29.29 -25.87 -22.45
C ASN A 69 29.88 -24.81 -21.52
N MET A 70 31.12 -24.43 -21.79
CA MET A 70 31.79 -23.38 -21.03
C MET A 70 31.11 -22.08 -21.34
N VAL A 71 30.73 -21.92 -22.61
CA VAL A 71 30.04 -20.71 -23.04
C VAL A 71 28.76 -20.56 -22.22
N GLU A 72 27.94 -21.61 -22.25
CA GLU A 72 26.67 -21.62 -21.51
C GLU A 72 26.87 -21.36 -20.02
N GLN A 73 28.07 -21.72 -19.54
CA GLN A 73 28.41 -21.50 -18.14
C GLN A 73 28.69 -20.02 -17.91
N MET A 74 29.61 -19.44 -18.68
CA MET A 74 29.94 -18.02 -18.55
C MET A 74 28.69 -17.16 -18.69
N HIS A 75 27.83 -17.56 -19.62
CA HIS A 75 26.57 -16.86 -19.88
C HIS A 75 25.67 -16.88 -18.65
N THR A 76 25.24 -18.08 -18.25
CA THR A 76 24.32 -18.20 -17.11
C THR A 76 24.92 -17.56 -15.85
N ASP A 77 26.24 -17.62 -15.73
CA ASP A 77 26.96 -17.00 -14.63
C ASP A 77 26.75 -15.49 -14.66
N ILE A 78 27.13 -14.85 -15.75
CA ILE A 78 27.00 -13.40 -15.88
C ILE A 78 25.56 -12.92 -15.67
N ILE A 79 24.59 -13.70 -16.14
CA ILE A 79 23.18 -13.33 -15.96
C ILE A 79 22.76 -13.42 -14.48
N SER A 80 23.08 -14.54 -13.85
CA SER A 80 22.81 -14.70 -12.42
C SER A 80 23.47 -13.60 -11.60
N LEU A 81 24.68 -13.22 -12.00
CA LEU A 81 25.40 -12.11 -11.38
C LEU A 81 24.62 -10.81 -11.59
N TRP A 82 24.01 -10.66 -12.76
CA TRP A 82 23.20 -9.48 -13.06
C TRP A 82 22.02 -9.40 -12.09
N ASP A 83 21.41 -10.54 -11.81
CA ASP A 83 20.34 -10.56 -10.81
C ASP A 83 20.86 -10.25 -9.40
N GLN A 84 22.07 -10.74 -9.11
CA GLN A 84 22.72 -10.47 -7.83
C GLN A 84 22.98 -8.97 -7.68
N SER A 85 23.12 -8.28 -8.81
CA SER A 85 23.18 -6.83 -8.81
C SER A 85 21.78 -6.23 -8.69
N LEU A 86 20.79 -6.94 -9.19
CA LEU A 86 19.40 -6.49 -9.13
C LEU A 86 18.91 -6.43 -7.70
N LYS A 87 19.46 -7.29 -6.85
CA LYS A 87 19.00 -7.40 -5.45
C LYS A 87 18.93 -6.10 -4.61
N PRO A 88 20.08 -5.46 -4.32
CA PRO A 88 20.04 -4.44 -3.26
C PRO A 88 19.34 -3.13 -3.60
N CYS A 89 19.83 -2.38 -4.58
CA CYS A 89 19.33 -1.03 -4.84
C CYS A 89 18.17 -0.96 -5.83
N VAL A 90 18.19 -1.83 -6.83
CA VAL A 90 17.24 -1.73 -7.94
C VAL A 90 15.79 -1.91 -7.48
N LYS A 91 14.91 -1.06 -7.98
CA LYS A 91 13.54 -0.99 -7.49
C LYS A 91 12.53 -1.55 -8.49
N LEU A 92 11.93 -2.68 -8.15
CA LEU A 92 10.93 -3.33 -8.97
C LEU A 92 9.57 -2.63 -8.95
N THR A 93 9.41 -1.64 -8.07
CA THR A 93 8.12 -1.01 -7.83
C THR A 93 8.33 0.39 -7.25
N PRO A 94 7.25 1.08 -6.83
CA PRO A 94 5.83 1.08 -7.21
C PRO A 94 5.42 2.08 -8.29
N LEU A 95 6.21 3.13 -8.48
CA LEU A 95 5.74 4.39 -9.05
C LEU A 95 5.17 4.40 -10.47
N CYS A 96 5.48 3.40 -11.29
CA CYS A 96 4.97 3.40 -12.65
C CYS A 96 3.47 3.13 -12.61
N VAL A 97 2.68 4.18 -12.81
CA VAL A 97 1.23 4.07 -12.93
C VAL A 97 0.66 4.70 -14.20
N THR A 98 0.79 6.01 -14.24
CA THR A 98 0.25 6.87 -15.31
C THR A 98 1.17 8.07 -15.44
N LEU A 99 1.40 8.56 -16.66
CA LEU A 99 2.31 9.70 -16.76
C LEU A 99 1.67 10.92 -17.40
N GLN A 100 1.81 12.10 -16.76
CA GLN A 100 1.19 13.26 -17.37
C GLN A 100 2.25 14.00 -18.16
N CYS A 101 2.36 13.65 -19.43
CA CYS A 101 3.45 14.08 -20.29
C CYS A 101 2.99 15.15 -21.25
N THR A 102 3.93 15.97 -21.68
CA THR A 102 3.68 16.95 -22.72
C THR A 102 4.86 16.97 -23.65
N ASN A 103 4.80 17.79 -24.69
CA ASN A 103 5.90 17.88 -25.64
C ASN A 103 6.48 19.27 -25.78
N VAL A 104 7.77 19.32 -26.11
CA VAL A 104 8.48 20.58 -26.27
C VAL A 104 8.32 21.16 -27.67
N THR A 105 7.42 20.57 -28.47
CA THR A 105 7.20 21.00 -29.84
C THR A 105 6.10 22.04 -29.91
N ASN A 106 6.47 23.27 -30.23
CA ASN A 106 5.52 24.36 -30.36
C ASN A 106 5.26 24.76 -31.82
N ASN A 107 5.86 24.01 -32.73
CA ASN A 107 5.77 24.20 -34.17
C ASN A 107 6.50 22.99 -34.73
N ILE A 108 6.09 22.49 -35.89
CA ILE A 108 6.51 21.14 -36.25
C ILE A 108 6.58 20.80 -37.75
N THR A 109 7.52 19.93 -38.08
CA THR A 109 7.61 19.31 -39.38
C THR A 109 7.88 17.82 -39.21
N ASP A 110 7.45 17.02 -40.19
CA ASP A 110 7.74 15.59 -40.24
C ASP A 110 7.00 14.74 -39.20
N ASP A 111 6.13 15.36 -38.41
CA ASP A 111 5.34 14.68 -37.39
C ASP A 111 6.22 13.88 -36.43
N MET A 112 7.23 14.56 -35.89
CA MET A 112 8.26 13.90 -35.09
C MET A 112 7.77 13.29 -33.79
N ARG A 113 6.77 13.93 -33.17
CA ARG A 113 6.35 13.58 -31.81
C ARG A 113 7.58 13.65 -30.90
N GLY A 114 7.85 12.58 -30.17
CA GLY A 114 9.13 12.46 -29.47
C GLY A 114 9.40 11.10 -28.87
N GLU A 115 10.68 10.72 -28.87
CA GLU A 115 11.11 9.52 -28.18
C GLU A 115 11.28 9.86 -26.71
N LEU A 116 11.76 11.08 -26.45
CA LEU A 116 11.97 11.55 -25.09
C LEU A 116 10.89 12.57 -24.76
N LYS A 117 10.38 12.50 -23.54
CA LYS A 117 9.32 13.41 -23.12
C LYS A 117 9.59 13.90 -21.72
N ASN A 118 9.34 15.17 -21.47
CA ASN A 118 9.47 15.71 -20.13
C ASN A 118 8.07 15.79 -19.53
N CYS A 119 7.89 15.13 -18.40
CA CYS A 119 6.56 14.91 -17.86
C CYS A 119 6.40 15.34 -16.42
N SER A 120 5.14 15.47 -16.04
CA SER A 120 4.70 15.87 -14.71
C SER A 120 4.11 14.62 -14.06
N PHE A 121 4.21 14.60 -12.73
CA PHE A 121 3.73 13.49 -11.92
C PHE A 121 3.26 13.88 -10.53
N ASN A 122 2.69 12.87 -9.88
CA ASN A 122 2.13 12.90 -8.54
C ASN A 122 2.90 11.84 -7.78
N MET A 123 3.63 12.20 -6.74
CA MET A 123 4.52 11.22 -6.15
C MET A 123 4.44 11.10 -4.63
N THR A 124 4.27 9.87 -4.14
CA THR A 124 4.31 9.63 -2.72
C THR A 124 5.73 10.02 -2.28
N THR A 125 5.81 11.00 -1.39
CA THR A 125 7.07 11.42 -0.82
C THR A 125 7.33 10.84 0.56
N GLU A 126 6.87 11.54 1.59
CA GLU A 126 6.93 11.06 2.97
C GLU A 126 5.55 10.82 3.54
N LEU A 127 5.51 10.34 4.77
CA LEU A 127 4.27 10.18 5.53
C LEU A 127 3.23 9.32 4.83
N ARG A 128 1.96 9.67 5.04
CA ARG A 128 0.85 8.93 4.45
C ARG A 128 0.03 9.78 3.47
N ASP A 129 0.09 9.40 2.20
CA ASP A 129 -0.74 9.99 1.16
C ASP A 129 -0.52 11.48 0.94
N LYS A 130 0.74 11.91 0.93
CA LYS A 130 1.05 13.23 0.41
C LYS A 130 1.76 13.09 -0.93
N LYS A 131 1.59 14.07 -1.80
CA LYS A 131 2.29 14.10 -3.08
C LYS A 131 2.93 15.43 -3.35
N GLN A 132 3.85 15.44 -4.32
CA GLN A 132 4.46 16.68 -4.78
C GLN A 132 4.64 16.58 -6.29
N LYS A 133 4.63 17.72 -6.98
CA LYS A 133 4.70 17.73 -8.43
C LYS A 133 6.10 17.30 -8.84
N VAL A 134 6.22 16.25 -9.64
CA VAL A 134 7.59 15.82 -10.00
C VAL A 134 7.85 15.54 -11.47
N TYR A 135 8.99 16.02 -11.95
CA TYR A 135 9.50 15.69 -13.28
C TYR A 135 9.71 14.19 -13.47
N SER A 136 9.38 13.71 -14.66
CA SER A 136 9.67 12.32 -15.02
C SER A 136 9.97 12.22 -16.52
N LEU A 137 10.98 11.43 -16.88
CA LEU A 137 11.26 11.20 -18.29
C LEU A 137 10.99 9.77 -18.70
N PHE A 138 10.46 9.61 -19.90
CA PHE A 138 10.18 8.30 -20.45
C PHE A 138 10.78 8.22 -21.85
N TYR A 139 11.55 7.18 -22.11
CA TYR A 139 12.14 7.00 -23.43
C TYR A 139 11.33 6.01 -24.26
N ARG A 140 10.92 6.45 -25.45
CA ARG A 140 10.11 5.62 -26.33
C ARG A 140 10.33 5.99 -27.79
N TYR A 161 0.65 14.14 -24.04
CA TYR A 161 0.21 12.75 -24.02
C TYR A 161 0.16 12.25 -22.58
N ARG A 162 -0.81 11.41 -22.26
CA ARG A 162 -0.97 10.92 -20.89
C ARG A 162 -0.77 9.42 -20.75
N LEU A 163 -0.87 8.94 -19.50
CA LEU A 163 -0.94 7.51 -19.17
C LEU A 163 0.27 6.72 -19.63
N ILE A 164 0.00 5.61 -20.36
CA ILE A 164 0.97 4.79 -21.08
C ILE A 164 1.77 3.79 -20.21
N ASN A 165 2.24 4.25 -19.05
CA ASN A 165 3.04 3.46 -18.11
C ASN A 165 3.98 2.41 -18.71
N CYS A 166 4.13 1.32 -17.96
CA CYS A 166 5.03 0.22 -18.29
C CYS A 166 4.19 -1.03 -18.46
N ASN A 167 4.69 -2.05 -19.14
CA ASN A 167 3.90 -3.28 -19.30
C ASN A 167 4.32 -4.41 -18.36
N THR A 168 3.55 -4.56 -17.29
CA THR A 168 3.61 -5.71 -16.39
C THR A 168 4.93 -6.05 -15.69
N SER A 169 5.91 -5.14 -15.72
CA SER A 169 7.07 -5.18 -14.82
C SER A 169 7.94 -3.93 -14.97
N ALA A 170 8.50 -3.43 -13.87
CA ALA A 170 9.54 -2.41 -13.98
C ALA A 170 10.52 -2.42 -12.79
N ILE A 171 11.71 -2.96 -13.01
CA ILE A 171 12.81 -2.79 -12.08
C ILE A 171 13.62 -1.56 -12.47
N THR A 172 13.86 -0.67 -11.51
CA THR A 172 14.63 0.55 -11.75
C THR A 172 15.98 0.50 -11.04
N GLN A 173 17.05 0.47 -11.82
CA GLN A 173 18.38 0.22 -11.26
C GLN A 173 18.91 1.43 -10.48
N ALA A 174 19.28 2.48 -11.20
CA ALA A 174 19.74 3.74 -10.58
C ALA A 174 20.91 3.50 -9.63
N CYS A 175 20.63 3.63 -8.33
CA CYS A 175 21.61 3.42 -7.24
C CYS A 175 22.57 4.60 -7.11
N PRO A 176 23.03 4.86 -5.87
CA PRO A 176 23.94 6.00 -5.62
C PRO A 176 25.31 5.84 -6.26
N LYS A 177 25.97 4.70 -6.02
CA LYS A 177 27.30 4.46 -6.60
C LYS A 177 27.34 3.21 -7.47
N VAL A 178 27.16 3.40 -8.78
CA VAL A 178 27.32 2.34 -9.78
C VAL A 178 27.71 2.92 -11.14
N SER A 179 27.93 2.02 -12.09
CA SER A 179 28.18 2.36 -13.49
C SER A 179 28.18 1.04 -14.26
N PHE A 180 28.48 1.09 -15.55
CA PHE A 180 28.42 -0.13 -16.36
C PHE A 180 29.39 -0.10 -17.56
N GLU A 181 30.60 -0.60 -17.31
CA GLU A 181 31.62 -0.76 -18.34
C GLU A 181 32.23 -2.13 -18.17
N PRO A 182 32.22 -2.95 -19.24
CA PRO A 182 32.75 -4.31 -19.17
C PRO A 182 34.18 -4.35 -18.61
N ILE A 183 34.42 -5.33 -17.73
CA ILE A 183 35.70 -5.51 -17.06
C ILE A 183 36.26 -6.89 -17.36
N PRO A 184 37.55 -6.95 -17.75
CA PRO A 184 38.22 -8.21 -18.11
C PRO A 184 38.05 -9.29 -17.06
N ILE A 185 37.52 -10.42 -17.49
CA ILE A 185 37.27 -11.54 -16.61
C ILE A 185 37.99 -12.74 -17.20
N HIS A 186 38.84 -13.36 -16.40
CA HIS A 186 39.62 -14.50 -16.87
C HIS A 186 38.95 -15.80 -16.46
N TYR A 187 38.95 -16.81 -17.33
CA TYR A 187 38.42 -18.09 -16.93
C TYR A 187 39.54 -19.14 -16.81
N CYS A 188 39.67 -19.75 -15.65
CA CYS A 188 40.78 -20.67 -15.41
C CYS A 188 40.31 -22.10 -15.10
N ALA A 189 41.18 -23.07 -15.33
CA ALA A 189 40.84 -24.45 -14.97
C ALA A 189 41.34 -24.77 -13.57
N PRO A 190 40.57 -25.57 -12.81
CA PRO A 190 40.95 -25.89 -11.42
C PRO A 190 42.18 -26.78 -11.29
N ALA A 191 42.20 -27.56 -10.21
CA ALA A 191 43.30 -28.48 -9.91
C ALA A 191 43.06 -29.83 -10.58
N GLY A 192 44.01 -30.29 -11.38
CA GLY A 192 43.87 -31.58 -12.03
C GLY A 192 43.18 -31.38 -13.36
N PHE A 193 42.97 -30.12 -13.72
CA PHE A 193 42.32 -29.76 -14.97
C PHE A 193 43.20 -28.84 -15.79
N ALA A 194 43.04 -28.91 -17.10
CA ALA A 194 43.73 -28.03 -18.02
C ALA A 194 42.73 -27.46 -19.01
N ILE A 195 43.21 -26.62 -19.91
CA ILE A 195 42.37 -26.06 -20.96
C ILE A 195 43.17 -26.13 -22.24
N LEU A 196 42.74 -26.97 -23.17
CA LEU A 196 43.44 -27.05 -24.44
C LEU A 196 43.08 -25.80 -25.26
N LYS A 197 44.00 -25.38 -26.12
CA LYS A 197 43.79 -24.15 -26.88
C LYS A 197 44.33 -24.25 -28.30
N CYS A 198 43.45 -24.23 -29.29
CA CYS A 198 43.90 -24.26 -30.68
C CYS A 198 44.55 -22.96 -31.11
N LYS A 199 45.86 -23.00 -31.36
CA LYS A 199 46.55 -21.79 -31.78
C LYS A 199 46.65 -21.74 -33.30
N ASP A 200 46.00 -22.70 -33.96
CA ASP A 200 45.91 -22.71 -35.42
C ASP A 200 45.12 -21.53 -35.99
N LYS A 201 45.79 -20.72 -36.81
CA LYS A 201 45.23 -19.51 -37.41
C LYS A 201 44.04 -19.75 -38.34
N LYS A 202 44.06 -20.92 -38.99
CA LYS A 202 43.04 -21.35 -39.93
C LYS A 202 42.33 -22.63 -39.50
N PHE A 203 41.27 -22.45 -38.73
CA PHE A 203 40.47 -23.53 -38.16
C PHE A 203 39.10 -23.61 -38.81
N ASN A 204 38.70 -24.83 -39.21
CA ASN A 204 37.44 -25.01 -39.90
C ASN A 204 36.29 -25.12 -38.91
N GLY A 205 36.63 -25.07 -37.63
CA GLY A 205 35.63 -25.02 -36.57
C GLY A 205 35.11 -26.35 -36.09
N THR A 206 35.34 -27.41 -36.86
CA THR A 206 34.84 -28.73 -36.55
C THR A 206 35.92 -29.79 -36.61
N GLY A 207 37.17 -29.35 -36.57
CA GLY A 207 38.17 -29.89 -37.46
C GLY A 207 39.59 -30.08 -37.00
N PRO A 208 40.51 -30.12 -38.00
CA PRO A 208 41.95 -30.38 -37.98
C PRO A 208 42.77 -29.26 -37.34
N CYS A 209 43.16 -29.48 -36.08
CA CYS A 209 44.00 -28.55 -35.35
C CYS A 209 45.29 -29.22 -34.81
N PRO A 210 46.43 -28.79 -35.39
CA PRO A 210 47.84 -29.18 -35.25
C PRO A 210 48.57 -28.72 -33.98
N SER A 211 48.15 -27.60 -33.42
CA SER A 211 48.80 -27.02 -32.25
C SER A 211 47.89 -26.83 -31.06
N VAL A 212 47.99 -27.74 -30.11
CA VAL A 212 47.20 -27.71 -28.89
C VAL A 212 48.09 -27.31 -27.72
N SER A 213 47.67 -26.30 -26.97
CA SER A 213 48.41 -25.97 -25.76
C SER A 213 47.49 -26.02 -24.56
N THR A 214 48.07 -25.88 -23.37
CA THR A 214 47.30 -26.01 -22.14
C THR A 214 47.61 -24.83 -21.25
N VAL A 215 46.65 -23.93 -21.07
CA VAL A 215 46.88 -22.80 -20.18
C VAL A 215 46.09 -23.03 -18.90
N GLN A 216 46.56 -22.45 -17.79
CA GLN A 216 45.81 -22.54 -16.56
C GLN A 216 44.70 -21.49 -16.52
N CYS A 217 45.03 -20.27 -16.96
CA CYS A 217 44.07 -19.17 -16.95
C CYS A 217 44.10 -18.37 -18.26
N THR A 218 42.94 -17.90 -18.71
CA THR A 218 42.88 -17.06 -19.91
C THR A 218 43.48 -15.67 -19.69
N HIS A 219 43.72 -14.99 -20.80
CA HIS A 219 44.30 -13.65 -20.77
C HIS A 219 43.36 -12.60 -20.17
N GLY A 220 42.07 -12.91 -20.07
CA GLY A 220 41.11 -11.96 -19.54
C GLY A 220 40.14 -11.47 -20.60
N ILE A 221 38.90 -11.95 -20.48
CA ILE A 221 37.85 -11.62 -21.44
C ILE A 221 36.91 -10.53 -20.92
N LYS A 222 36.70 -9.54 -21.78
CA LYS A 222 35.78 -8.45 -21.50
C LYS A 222 34.34 -8.79 -21.94
N PRO A 223 33.37 -8.63 -21.03
CA PRO A 223 31.92 -8.87 -21.15
C PRO A 223 31.13 -7.84 -21.96
N VAL A 224 31.39 -7.75 -23.26
CA VAL A 224 30.74 -6.75 -24.11
C VAL A 224 29.40 -7.26 -24.62
N VAL A 225 28.32 -6.62 -24.17
CA VAL A 225 26.98 -7.01 -24.59
C VAL A 225 26.50 -6.18 -25.80
N SER A 226 26.57 -6.80 -26.97
CA SER A 226 26.14 -6.15 -28.20
C SER A 226 25.67 -7.19 -29.23
N THR A 227 25.10 -6.71 -30.34
CA THR A 227 24.65 -7.57 -31.43
C THR A 227 25.28 -7.11 -32.75
N GLN A 228 25.36 -8.01 -33.73
CA GLN A 228 25.86 -7.64 -35.06
C GLN A 228 27.36 -7.37 -35.18
N LEU A 229 27.93 -6.51 -34.33
CA LEU A 229 29.36 -6.16 -34.43
C LEU A 229 30.13 -6.51 -33.16
N LEU A 230 31.40 -6.94 -33.15
CA LEU A 230 31.86 -7.09 -31.79
C LEU A 230 32.54 -5.78 -31.44
N LEU A 231 32.33 -5.29 -30.23
CA LEU A 231 32.86 -3.97 -29.90
C LEU A 231 33.80 -4.27 -28.77
N ASN A 232 34.90 -3.52 -28.68
CA ASN A 232 36.10 -4.03 -28.04
C ASN A 232 36.48 -5.39 -28.63
N GLY A 233 36.40 -6.41 -27.79
CA GLY A 233 36.71 -7.80 -28.13
C GLY A 233 38.11 -8.12 -28.63
N SER A 234 38.27 -9.28 -29.26
CA SER A 234 39.57 -9.71 -29.79
C SER A 234 39.71 -9.77 -31.31
N LEU A 235 40.92 -9.47 -31.80
CA LEU A 235 41.19 -9.44 -33.23
C LEU A 235 41.86 -10.74 -33.69
N ALA A 236 41.77 -11.02 -34.99
CA ALA A 236 42.44 -12.19 -35.57
C ALA A 236 43.92 -11.91 -35.81
N GLU A 237 44.79 -12.88 -35.53
CA GLU A 237 46.23 -12.66 -35.62
C GLU A 237 46.74 -12.49 -37.05
N GLU A 238 46.21 -13.30 -37.97
CA GLU A 238 46.65 -13.24 -39.36
C GLU A 238 45.63 -12.52 -40.25
N GLU A 239 44.79 -13.29 -40.93
CA GLU A 239 43.79 -12.72 -41.83
C GLU A 239 42.39 -12.77 -41.23
N VAL A 240 41.40 -12.30 -41.98
CA VAL A 240 40.01 -12.32 -41.53
C VAL A 240 39.50 -13.75 -41.58
N MET A 241 38.85 -14.19 -40.50
CA MET A 241 38.38 -15.56 -40.40
C MET A 241 36.86 -15.64 -40.25
N ILE A 242 36.21 -16.40 -41.12
CA ILE A 242 34.77 -16.58 -41.01
C ILE A 242 34.50 -17.95 -40.39
N ARG A 243 33.52 -18.01 -39.48
CA ARG A 243 33.26 -19.23 -38.74
C ARG A 243 31.76 -19.55 -38.62
N SER A 244 31.36 -20.77 -38.97
CA SER A 244 29.95 -21.14 -38.85
C SER A 244 29.78 -22.57 -38.35
N GLU A 245 28.76 -22.77 -37.52
CA GLU A 245 28.43 -24.09 -36.97
C GLU A 245 27.87 -25.04 -38.02
N ASN A 246 27.23 -24.48 -39.04
CA ASN A 246 26.72 -25.23 -40.17
C ASN A 246 26.61 -24.27 -41.34
N ILE A 247 27.62 -24.28 -42.22
CA ILE A 247 27.66 -23.33 -43.33
C ILE A 247 26.51 -23.49 -44.32
N THR A 248 25.87 -24.65 -44.30
CA THR A 248 24.71 -24.89 -45.15
C THR A 248 23.42 -24.37 -44.51
N ASN A 249 23.25 -24.67 -43.22
CA ASN A 249 22.09 -24.21 -42.46
C ASN A 249 22.09 -22.72 -42.24
N ASN A 250 21.17 -22.02 -42.91
CA ASN A 250 21.11 -20.57 -42.82
C ASN A 250 20.63 -20.09 -41.45
N ALA A 251 20.03 -20.99 -40.68
CA ALA A 251 19.54 -20.65 -39.34
C ALA A 251 20.67 -20.55 -38.32
N LYS A 252 21.85 -21.08 -38.67
CA LYS A 252 22.98 -21.08 -37.75
C LYS A 252 23.78 -19.80 -37.96
N ASN A 253 24.29 -19.23 -36.87
CA ASN A 253 25.00 -17.97 -36.98
C ASN A 253 26.40 -18.12 -37.57
N ILE A 254 26.88 -17.03 -38.19
CA ILE A 254 28.20 -16.96 -38.78
C ILE A 254 29.05 -15.88 -38.14
N LEU A 255 29.89 -16.29 -37.19
CA LEU A 255 30.79 -15.39 -36.49
C LEU A 255 31.96 -14.98 -37.38
N VAL A 256 31.90 -13.77 -37.91
CA VAL A 256 32.95 -13.23 -38.77
C VAL A 256 33.89 -12.40 -37.92
N GLN A 257 35.09 -12.95 -37.72
CA GLN A 257 36.15 -12.30 -36.96
C GLN A 257 37.16 -11.55 -37.84
N PHE A 258 37.43 -10.30 -37.47
CA PHE A 258 38.35 -9.45 -38.23
C PHE A 258 39.78 -9.36 -37.71
N ASN A 259 40.69 -9.19 -38.66
CA ASN A 259 42.10 -9.00 -38.38
C ASN A 259 42.36 -7.53 -38.16
N THR A 260 41.32 -6.73 -38.42
CA THR A 260 41.38 -5.28 -38.31
C THR A 260 40.03 -4.65 -37.93
N PRO A 261 40.07 -3.61 -37.08
CA PRO A 261 38.90 -2.91 -36.55
C PRO A 261 38.33 -1.80 -37.46
N VAL A 262 37.00 -1.74 -37.57
CA VAL A 262 36.33 -0.71 -38.37
C VAL A 262 35.88 0.33 -37.38
N GLN A 263 36.19 1.61 -37.59
CA GLN A 263 35.87 2.50 -36.47
C GLN A 263 34.39 2.75 -36.21
N ILE A 264 34.05 3.10 -34.96
CA ILE A 264 32.68 3.50 -34.65
C ILE A 264 32.65 4.46 -33.45
N ASN A 265 32.40 5.72 -33.73
CA ASN A 265 32.39 6.73 -32.67
C ASN A 265 30.96 7.14 -32.37
N CYS A 266 30.52 6.96 -31.12
CA CYS A 266 29.12 7.27 -30.82
C CYS A 266 28.98 8.42 -29.82
N THR A 267 28.54 9.57 -30.34
CA THR A 267 28.32 10.73 -29.50
C THR A 267 26.83 10.96 -29.28
N ARG A 268 26.38 10.70 -28.05
CA ARG A 268 25.02 11.04 -27.66
C ARG A 268 25.09 12.31 -26.83
N PRO A 269 24.84 13.47 -27.46
CA PRO A 269 24.98 14.67 -26.64
C PRO A 269 23.67 15.07 -25.98
N ASN A 270 22.88 14.09 -25.54
CA ASN A 270 21.67 14.38 -24.79
C ASN A 270 22.05 14.71 -23.36
N ASN A 271 21.37 15.69 -22.77
CA ASN A 271 21.73 16.15 -21.44
C ASN A 271 20.64 15.94 -20.40
N ASN A 272 21.04 15.39 -19.26
CA ASN A 272 20.14 15.23 -18.13
C ASN A 272 20.84 15.57 -16.83
N THR A 273 20.16 16.32 -15.97
CA THR A 273 20.75 16.75 -14.71
C THR A 273 20.23 15.87 -13.59
N ARG A 274 21.14 15.34 -12.78
CA ARG A 274 20.77 14.42 -11.72
C ARG A 274 20.18 15.15 -10.52
N LYS A 275 18.97 14.74 -10.14
CA LYS A 275 18.36 15.18 -8.90
C LYS A 275 17.73 13.97 -8.25
N SER A 276 18.33 13.53 -7.14
CA SER A 276 17.79 12.41 -6.39
C SER A 276 17.14 12.96 -5.14
N ILE A 277 15.82 13.06 -5.17
CA ILE A 277 15.07 13.52 -4.02
C ILE A 277 14.85 12.35 -3.07
N ARG A 278 15.44 12.45 -1.88
CA ARG A 278 15.18 11.50 -0.82
C ARG A 278 14.14 12.16 0.06
N ILE A 279 12.88 11.83 -0.20
CA ILE A 279 11.76 12.40 0.53
C ILE A 279 11.27 11.46 1.63
N GLY A 280 11.35 10.16 1.37
CA GLY A 280 10.87 9.16 2.30
C GLY A 280 11.90 8.07 2.53
N PRO A 281 11.73 7.29 3.62
CA PRO A 281 12.64 6.22 4.02
C PRO A 281 12.70 5.08 3.01
N GLY A 282 11.54 4.52 2.68
CA GLY A 282 11.47 3.43 1.72
C GLY A 282 11.66 3.92 0.30
N GLN A 283 11.15 5.12 0.03
CA GLN A 283 11.23 5.72 -1.29
C GLN A 283 12.62 6.27 -1.59
N ALA A 284 13.10 6.02 -2.79
CA ALA A 284 14.28 6.69 -3.32
C ALA A 284 13.95 7.07 -4.76
N PHE A 285 13.68 8.35 -4.98
CA PHE A 285 13.29 8.82 -6.30
C PHE A 285 14.36 9.70 -6.92
N TYR A 286 14.42 9.64 -8.25
CA TYR A 286 15.31 10.48 -9.03
C TYR A 286 14.48 11.56 -9.70
N ALA A 287 15.17 12.52 -10.31
CA ALA A 287 14.52 13.49 -11.18
C ALA A 287 15.46 13.86 -12.30
N THR A 288 15.14 13.42 -13.51
CA THR A 288 15.93 13.77 -14.68
C THR A 288 15.15 14.74 -15.55
N GLY A 289 15.77 15.20 -16.63
CA GLY A 289 15.10 16.06 -17.59
C GLY A 289 15.17 17.54 -17.30
N ASP A 290 16.27 17.98 -16.68
CA ASP A 290 16.49 19.40 -16.49
C ASP A 290 17.29 19.95 -17.65
N ILE A 291 17.45 21.28 -17.67
CA ILE A 291 18.20 21.97 -18.73
C ILE A 291 17.73 21.69 -20.16
N ILE A 292 18.66 21.67 -21.10
CA ILE A 292 18.34 21.84 -22.51
C ILE A 292 19.51 21.48 -23.42
N GLY A 293 19.53 22.04 -24.62
CA GLY A 293 20.64 21.87 -25.51
C GLY A 293 20.11 21.24 -26.76
N ASP A 294 18.89 20.74 -26.64
CA ASP A 294 18.19 20.28 -27.79
C ASP A 294 18.97 19.28 -28.61
N ILE A 295 19.68 18.38 -27.96
CA ILE A 295 20.46 17.40 -28.68
C ILE A 295 19.60 16.54 -29.61
N ARG A 296 20.13 16.33 -30.81
CA ARG A 296 19.49 15.44 -31.77
C ARG A 296 19.54 14.03 -31.22
N GLN A 297 18.38 13.49 -30.83
CA GLN A 297 18.25 12.08 -30.44
C GLN A 297 19.43 11.63 -29.58
N ALA A 298 20.17 10.67 -30.12
CA ALA A 298 21.49 10.29 -29.63
C ALA A 298 22.23 9.89 -30.88
N HIS A 299 23.49 10.28 -31.03
CA HIS A 299 24.10 10.11 -32.34
C HIS A 299 25.27 9.15 -32.38
N CYS A 300 25.55 8.63 -33.56
CA CYS A 300 26.69 7.75 -33.73
C CYS A 300 27.27 7.84 -35.14
N ASN A 301 28.45 7.26 -35.30
CA ASN A 301 29.18 7.20 -36.56
C ASN A 301 29.84 5.85 -36.67
N VAL A 302 29.94 5.33 -37.89
CA VAL A 302 30.92 4.30 -38.18
C VAL A 302 31.90 4.83 -39.22
N SER A 303 33.20 4.58 -39.01
CA SER A 303 34.23 4.97 -39.96
C SER A 303 34.55 3.80 -40.89
N LYS A 304 34.22 4.14 -42.14
CA LYS A 304 34.20 3.46 -43.45
C LYS A 304 35.40 2.92 -44.25
N ALA A 305 36.57 3.54 -44.19
CA ALA A 305 37.70 3.05 -45.00
C ALA A 305 38.00 1.62 -44.59
N THR A 306 38.05 1.45 -43.27
CA THR A 306 38.23 0.15 -42.68
C THR A 306 37.05 -0.66 -43.19
N TRP A 307 35.84 -0.11 -43.10
CA TRP A 307 34.65 -0.84 -43.52
C TRP A 307 34.68 -1.23 -45.01
N ASN A 308 35.31 -0.39 -45.84
CA ASN A 308 35.47 -0.73 -47.25
C ASN A 308 36.34 -1.95 -47.47
N GLU A 309 37.58 -1.87 -46.97
CA GLU A 309 38.49 -3.00 -47.13
C GLU A 309 37.99 -4.26 -46.44
N THR A 310 37.46 -4.10 -45.23
CA THR A 310 36.96 -5.24 -44.46
C THR A 310 35.79 -5.92 -45.16
N LEU A 311 34.81 -5.15 -45.63
CA LEU A 311 33.70 -5.78 -46.33
C LEU A 311 34.12 -6.43 -47.64
N GLY A 312 35.10 -5.82 -48.31
CA GLY A 312 35.57 -6.38 -49.58
C GLY A 312 36.23 -7.71 -49.30
N LYS A 313 37.09 -7.71 -48.29
CA LYS A 313 37.81 -8.90 -47.86
C LYS A 313 36.85 -9.95 -47.32
N VAL A 314 35.74 -9.52 -46.74
CA VAL A 314 34.78 -10.48 -46.22
C VAL A 314 34.12 -11.17 -47.39
N VAL A 315 33.72 -10.41 -48.42
CA VAL A 315 33.10 -11.04 -49.57
C VAL A 315 34.14 -11.89 -50.30
N LYS A 316 35.41 -11.58 -50.01
CA LYS A 316 36.54 -12.30 -50.59
C LYS A 316 36.59 -13.67 -49.92
N GLN A 317 36.54 -13.68 -48.60
CA GLN A 317 36.59 -14.90 -47.81
C GLN A 317 35.38 -15.77 -48.13
N LEU A 318 34.23 -15.11 -48.24
CA LEU A 318 32.97 -15.77 -48.56
C LEU A 318 33.08 -16.42 -49.93
N ARG A 319 33.67 -15.71 -50.88
CA ARG A 319 33.83 -16.24 -52.23
C ARG A 319 35.00 -17.22 -52.32
N LYS A 320 35.77 -17.35 -51.24
CA LYS A 320 36.85 -18.33 -51.24
C LYS A 320 36.48 -19.50 -50.34
N HIS A 321 35.22 -19.50 -49.90
CA HIS A 321 34.74 -20.56 -49.02
C HIS A 321 33.52 -21.28 -49.60
N PHE A 322 32.35 -20.69 -49.40
CA PHE A 322 31.10 -21.29 -49.85
C PHE A 322 30.48 -20.60 -51.06
N GLY A 323 31.01 -19.43 -51.39
CA GLY A 323 30.36 -18.52 -52.30
C GLY A 323 30.88 -18.42 -53.72
N ASN A 324 31.51 -19.49 -54.23
CA ASN A 324 32.55 -19.39 -55.28
C ASN A 324 32.34 -18.22 -56.24
N ASN A 325 31.31 -18.31 -57.09
CA ASN A 325 31.05 -17.23 -58.02
C ASN A 325 29.66 -16.63 -57.78
N THR A 326 29.61 -15.56 -56.99
CA THR A 326 28.36 -14.91 -56.64
C THR A 326 28.51 -13.44 -56.24
N ILE A 327 27.54 -12.63 -56.66
CA ILE A 327 27.45 -11.23 -56.28
C ILE A 327 26.83 -11.21 -54.88
N ILE A 328 27.53 -10.60 -53.92
CA ILE A 328 27.08 -10.60 -52.53
C ILE A 328 26.37 -9.32 -52.09
N ARG A 329 25.12 -9.43 -51.65
CA ARG A 329 24.37 -8.24 -51.22
C ARG A 329 24.04 -8.33 -49.74
N PHE A 330 24.08 -7.17 -49.09
CA PHE A 330 23.78 -7.02 -47.66
C PHE A 330 22.58 -6.13 -47.34
N ALA A 331 21.42 -6.72 -47.13
CA ALA A 331 20.28 -5.93 -46.70
C ALA A 331 20.26 -5.78 -45.17
N ASN A 332 19.49 -4.82 -44.69
CA ASN A 332 19.37 -4.55 -43.25
C ASN A 332 18.66 -5.67 -42.49
N SER A 333 18.49 -5.45 -41.19
CA SER A 333 17.79 -6.39 -40.30
C SER A 333 16.39 -6.72 -40.80
N SER A 334 15.99 -7.98 -40.66
CA SER A 334 14.71 -8.45 -41.19
C SER A 334 13.49 -8.04 -40.36
N GLY A 335 13.70 -7.63 -39.11
CA GLY A 335 12.59 -7.20 -38.28
C GLY A 335 12.49 -7.94 -36.97
N GLY A 336 11.73 -7.37 -36.03
CA GLY A 336 11.59 -7.97 -34.72
C GLY A 336 11.60 -6.94 -33.61
N ASP A 337 11.95 -7.41 -32.42
CA ASP A 337 12.09 -6.55 -31.24
C ASP A 337 13.20 -5.51 -31.51
N LEU A 338 13.10 -4.36 -30.85
CA LEU A 338 14.07 -3.28 -31.00
C LEU A 338 15.50 -3.77 -30.78
N GLU A 339 15.65 -4.81 -29.96
CA GLU A 339 16.98 -5.37 -29.69
C GLU A 339 17.46 -6.18 -30.89
N VAL A 340 16.53 -6.61 -31.73
CA VAL A 340 16.85 -7.45 -32.88
C VAL A 340 17.00 -6.64 -34.18
N THR A 341 16.24 -5.56 -34.30
CA THR A 341 16.25 -4.78 -35.53
C THR A 341 17.41 -3.81 -35.58
N THR A 342 17.82 -3.32 -34.41
CA THR A 342 18.92 -2.38 -34.34
C THR A 342 20.17 -3.01 -33.74
N HIS A 343 21.31 -2.33 -33.91
CA HIS A 343 22.53 -2.76 -33.24
C HIS A 343 22.38 -2.30 -31.81
N SER A 344 21.74 -3.13 -31.00
CA SER A 344 21.49 -2.81 -29.61
C SER A 344 22.73 -3.03 -28.76
N PHE A 345 23.39 -1.94 -28.37
CA PHE A 345 24.55 -2.11 -27.48
C PHE A 345 24.53 -1.06 -26.39
N ASN A 346 25.51 -1.05 -25.49
CA ASN A 346 25.46 -0.07 -24.40
C ASN A 346 26.68 0.85 -24.35
N CYS A 347 26.43 2.11 -24.00
CA CYS A 347 27.50 3.10 -23.88
C CYS A 347 27.76 3.44 -22.41
N GLY A 348 27.45 2.52 -21.50
CA GLY A 348 27.65 2.77 -20.09
C GLY A 348 26.40 2.55 -19.24
N GLY A 349 25.50 1.70 -19.72
CA GLY A 349 24.26 1.39 -19.02
C GLY A 349 22.96 1.84 -19.64
N GLU A 350 23.03 2.64 -20.71
CA GLU A 350 21.84 3.05 -21.43
C GLU A 350 21.80 2.14 -22.64
N PHE A 351 20.62 1.78 -23.13
CA PHE A 351 20.63 0.85 -24.26
C PHE A 351 20.41 1.55 -25.58
N PHE A 352 21.48 1.54 -26.39
CA PHE A 352 21.47 2.23 -27.65
C PHE A 352 20.91 1.30 -28.70
N TYR A 353 20.13 1.90 -29.59
CA TYR A 353 19.54 1.24 -30.75
C TYR A 353 19.91 2.05 -31.98
N CYS A 354 20.53 1.43 -32.95
CA CYS A 354 21.00 2.18 -34.12
C CYS A 354 20.40 1.61 -35.39
N ASN A 355 19.93 2.53 -36.24
CA ASN A 355 19.38 2.19 -37.53
C ASN A 355 20.62 1.62 -38.23
N THR A 356 20.49 0.41 -38.77
CA THR A 356 21.68 -0.31 -39.27
C THR A 356 21.77 -0.42 -40.79
N SER A 357 20.98 0.38 -41.48
CA SER A 357 20.96 0.39 -42.94
C SER A 357 22.32 0.86 -43.45
N GLY A 358 22.95 1.76 -42.70
CA GLY A 358 24.24 2.30 -43.09
C GLY A 358 25.34 1.25 -43.11
N LEU A 359 25.23 0.23 -42.27
CA LEU A 359 26.21 -0.85 -42.27
C LEU A 359 25.98 -1.86 -43.41
N PHE A 360 24.72 -2.16 -43.67
CA PHE A 360 24.31 -3.14 -44.69
C PHE A 360 23.53 -2.52 -45.85
N ASN A 361 24.21 -1.83 -46.77
CA ASN A 361 23.53 -1.28 -47.94
C ASN A 361 24.40 -1.28 -49.20
N SER A 362 25.23 -2.29 -49.36
CA SER A 362 26.21 -2.34 -50.43
C SER A 362 26.12 -3.64 -51.22
N THR A 363 25.95 -3.55 -52.53
CA THR A 363 26.00 -4.76 -53.34
C THR A 363 27.39 -4.96 -53.95
N TRP A 364 27.99 -6.07 -53.55
CA TRP A 364 29.36 -6.46 -53.85
C TRP A 364 29.43 -7.27 -55.15
N ILE A 365 29.93 -6.67 -56.24
CA ILE A 365 29.92 -7.34 -57.53
C ILE A 365 30.94 -8.48 -57.63
N SER A 366 30.47 -9.64 -58.11
CA SER A 366 31.31 -10.82 -58.26
C SER A 366 32.41 -10.64 -59.29
N ASN A 367 32.18 -9.76 -60.26
CA ASN A 367 33.16 -9.48 -61.29
C ASN A 367 34.49 -9.01 -60.70
N THR A 368 34.48 -7.84 -60.10
CA THR A 368 35.66 -7.31 -59.42
C THR A 368 35.24 -6.45 -58.23
N SER A 369 36.20 -5.85 -57.55
CA SER A 369 35.92 -4.98 -56.42
C SER A 369 35.35 -3.65 -56.89
N VAL A 370 34.67 -2.94 -55.99
CA VAL A 370 34.08 -1.64 -56.31
C VAL A 370 34.07 -0.71 -55.10
N ASN A 379 37.26 13.38 -47.55
CA ASN A 379 37.06 12.40 -46.49
C ASN A 379 35.60 12.34 -46.03
N ASP A 380 34.98 11.18 -46.20
CA ASP A 380 33.57 11.00 -45.86
C ASP A 380 33.36 9.85 -44.88
N SER A 381 32.54 10.09 -43.86
CA SER A 381 32.24 9.06 -42.87
C SER A 381 30.74 8.75 -42.79
N ILE A 382 30.42 7.51 -42.45
CA ILE A 382 29.05 7.06 -42.30
C ILE A 382 28.49 7.46 -40.95
N THR A 383 27.37 8.18 -40.95
CA THR A 383 26.74 8.60 -39.72
C THR A 383 25.44 7.88 -39.38
N LEU A 384 25.44 7.14 -38.27
CA LEU A 384 24.28 6.35 -37.87
C LEU A 384 23.42 6.99 -36.77
N PRO A 385 22.10 7.03 -37.00
CA PRO A 385 21.01 7.49 -36.13
C PRO A 385 20.75 6.51 -34.98
N CYS A 386 20.90 6.94 -33.74
CA CYS A 386 20.68 6.03 -32.62
C CYS A 386 19.72 6.58 -31.57
N ARG A 387 19.27 5.71 -30.68
CA ARG A 387 18.37 6.12 -29.61
C ARG A 387 18.80 5.50 -28.29
N ILE A 388 18.69 6.28 -27.22
CA ILE A 388 19.00 5.81 -25.88
C ILE A 388 17.74 5.29 -25.20
N LYS A 389 17.79 4.10 -24.62
CA LYS A 389 16.65 3.61 -23.90
C LYS A 389 17.01 3.37 -22.43
N GLN A 390 16.02 3.57 -21.56
CA GLN A 390 16.16 3.31 -20.14
C GLN A 390 15.52 1.99 -19.77
N ILE A 391 14.39 1.71 -20.42
CA ILE A 391 13.61 0.50 -20.20
C ILE A 391 14.00 -0.65 -21.11
N ILE A 392 14.79 -1.59 -20.57
CA ILE A 392 15.22 -2.70 -21.40
C ILE A 392 14.57 -3.95 -20.82
N ASN A 393 14.49 -5.04 -21.58
CA ASN A 393 14.00 -6.29 -21.01
C ASN A 393 15.07 -7.36 -20.80
N MET A 394 15.68 -7.42 -19.62
CA MET A 394 16.67 -8.44 -19.33
C MET A 394 16.00 -9.83 -19.20
N TRP A 395 16.78 -10.85 -18.83
CA TRP A 395 16.28 -12.20 -18.46
C TRP A 395 15.28 -12.87 -19.40
N GLN A 396 14.07 -13.08 -18.87
CA GLN A 396 13.03 -13.79 -19.61
C GLN A 396 11.76 -12.94 -19.74
N ARG A 397 11.37 -12.29 -18.63
CA ARG A 397 10.21 -11.41 -18.49
C ARG A 397 9.93 -11.31 -17.00
N ILE A 398 10.87 -11.83 -16.20
CA ILE A 398 10.86 -11.61 -14.77
C ILE A 398 10.92 -10.13 -14.41
N GLY A 399 11.54 -9.33 -15.28
CA GLY A 399 11.43 -7.89 -15.17
C GLY A 399 12.29 -7.06 -16.09
N GLN A 400 11.80 -5.85 -16.31
CA GLN A 400 12.45 -4.81 -17.11
C GLN A 400 13.52 -4.12 -16.27
N ALA A 401 14.57 -3.60 -16.91
CA ALA A 401 15.60 -2.89 -16.15
C ALA A 401 15.78 -1.47 -16.67
N MET A 402 15.75 -0.53 -15.74
CA MET A 402 15.90 0.91 -15.97
C MET A 402 17.19 1.50 -15.42
N TYR A 403 17.98 2.17 -16.27
CA TYR A 403 19.03 3.05 -15.77
C TYR A 403 18.38 4.43 -15.72
N ALA A 404 17.94 4.82 -14.53
CA ALA A 404 17.01 5.95 -14.42
C ALA A 404 17.67 7.34 -14.53
N PRO A 405 18.75 7.63 -13.76
CA PRO A 405 19.24 9.01 -13.99
C PRO A 405 20.45 9.13 -14.92
N PRO A 406 20.32 9.07 -16.27
CA PRO A 406 21.57 9.29 -17.01
C PRO A 406 22.23 10.58 -16.53
N ILE A 407 23.43 10.48 -15.95
CA ILE A 407 24.08 11.65 -15.37
C ILE A 407 24.86 12.44 -16.42
N GLN A 408 24.94 13.75 -16.20
CA GLN A 408 25.58 14.70 -17.12
C GLN A 408 24.95 14.69 -18.51
N GLY A 409 25.78 14.92 -19.51
CA GLY A 409 25.36 14.96 -20.90
C GLY A 409 26.60 15.01 -21.76
N VAL A 410 26.43 14.88 -23.08
CA VAL A 410 27.54 14.93 -24.03
C VAL A 410 28.53 13.84 -23.60
N ILE A 411 28.20 12.61 -23.97
CA ILE A 411 28.98 11.43 -23.65
C ILE A 411 29.30 10.62 -24.89
N ARG A 412 30.56 10.66 -25.31
CA ARG A 412 30.95 9.97 -26.52
C ARG A 412 31.79 8.75 -26.19
N CYS A 413 31.40 7.65 -26.81
CA CYS A 413 32.05 6.34 -26.69
C CYS A 413 32.69 5.94 -28.01
N VAL A 414 34.01 5.88 -28.03
CA VAL A 414 34.71 5.43 -29.23
C VAL A 414 34.94 3.93 -29.10
N SER A 415 34.58 3.22 -30.16
CA SER A 415 34.65 1.76 -30.19
C SER A 415 35.32 1.23 -31.47
N ASN A 416 35.89 0.04 -31.32
CA ASN A 416 36.51 -0.70 -32.41
C ASN A 416 35.59 -1.80 -32.93
N ILE A 417 35.15 -1.72 -34.19
CA ILE A 417 34.31 -2.80 -34.70
C ILE A 417 35.15 -3.99 -35.05
N THR A 418 35.06 -4.88 -34.09
CA THR A 418 35.67 -6.17 -33.97
C THR A 418 34.67 -7.24 -34.40
N GLY A 419 33.81 -6.99 -35.35
CA GLY A 419 33.05 -8.18 -35.63
C GLY A 419 31.80 -8.12 -36.40
N LEU A 420 31.34 -9.31 -36.77
CA LEU A 420 30.08 -9.39 -37.42
C LEU A 420 29.46 -10.69 -36.96
N ILE A 421 28.17 -10.67 -36.73
CA ILE A 421 27.45 -11.88 -36.43
C ILE A 421 26.48 -11.93 -37.58
N LEU A 422 26.47 -12.98 -38.37
CA LEU A 422 25.56 -12.92 -39.51
C LEU A 422 24.67 -14.13 -39.60
N THR A 423 23.57 -13.98 -40.32
CA THR A 423 22.68 -15.07 -40.63
C THR A 423 22.47 -14.94 -42.12
N ARG A 424 22.44 -16.05 -42.83
CA ARG A 424 22.28 -15.93 -44.27
C ARG A 424 20.84 -15.95 -44.71
N ASP A 425 20.52 -15.13 -45.69
CA ASP A 425 19.19 -15.12 -46.28
C ASP A 425 19.20 -16.25 -47.29
N GLY A 426 18.39 -17.29 -47.06
CA GLY A 426 18.36 -18.40 -47.99
C GLY A 426 17.91 -17.90 -49.34
N GLY A 427 18.79 -17.98 -50.34
CA GLY A 427 18.44 -17.52 -51.67
C GLY A 427 18.29 -18.64 -52.67
N SER A 428 18.41 -18.28 -53.95
CA SER A 428 18.31 -19.25 -55.05
C SER A 428 19.61 -19.27 -55.84
N THR A 429 19.66 -20.02 -56.94
CA THR A 429 20.87 -20.00 -57.74
C THR A 429 20.60 -19.35 -59.09
N ASN A 430 19.34 -18.99 -59.32
CA ASN A 430 18.93 -18.30 -60.54
C ASN A 430 19.14 -16.80 -60.38
N SER A 431 19.19 -16.37 -59.12
CA SER A 431 19.41 -14.97 -58.79
C SER A 431 20.85 -14.59 -59.08
N THR A 432 21.73 -15.59 -59.05
CA THR A 432 23.15 -15.37 -59.31
C THR A 432 23.67 -14.35 -58.31
N THR A 433 23.21 -14.47 -57.07
CA THR A 433 23.57 -13.59 -55.96
C THR A 433 23.27 -14.24 -54.61
N GLU A 434 24.00 -13.82 -53.59
CA GLU A 434 23.80 -14.32 -52.24
C GLU A 434 23.56 -13.14 -51.30
N THR A 435 22.50 -13.23 -50.51
CA THR A 435 22.11 -12.15 -49.60
C THR A 435 22.40 -12.52 -48.15
N PHE A 436 22.97 -11.58 -47.40
CA PHE A 436 23.35 -11.81 -46.02
C PHE A 436 22.75 -10.78 -45.08
N ARG A 437 22.12 -11.24 -44.00
CA ARG A 437 21.47 -10.33 -43.09
C ARG A 437 22.06 -10.41 -41.68
N PRO A 438 22.06 -9.30 -40.93
CA PRO A 438 22.47 -9.29 -39.53
C PRO A 438 21.55 -10.13 -38.64
N GLY A 439 22.09 -11.07 -37.86
CA GLY A 439 21.24 -11.88 -36.99
C GLY A 439 21.74 -11.72 -35.57
N GLY A 440 21.58 -12.75 -34.74
CA GLY A 440 22.03 -12.62 -33.37
C GLY A 440 20.93 -12.65 -32.33
N GLY A 441 21.30 -12.28 -31.11
CA GLY A 441 20.41 -12.19 -29.98
C GLY A 441 20.84 -12.94 -28.73
N ASP A 442 21.23 -14.20 -28.89
CA ASP A 442 21.77 -14.99 -27.79
C ASP A 442 23.26 -14.67 -27.60
N MET A 443 23.59 -13.96 -26.53
CA MET A 443 24.94 -13.48 -26.26
C MET A 443 25.96 -14.61 -26.12
N ARG A 444 25.43 -15.81 -25.90
CA ARG A 444 26.25 -17.00 -25.84
C ARG A 444 27.02 -17.12 -27.16
N ASP A 445 26.42 -16.64 -28.24
CA ASP A 445 27.10 -16.65 -29.53
C ASP A 445 28.31 -15.72 -29.47
N ASN A 446 28.17 -14.61 -28.74
CA ASN A 446 29.25 -13.64 -28.56
C ASN A 446 30.37 -14.24 -27.73
N TRP A 447 30.01 -15.13 -26.80
CA TRP A 447 31.04 -15.76 -26.00
C TRP A 447 31.71 -16.83 -26.83
N ARG A 448 30.96 -17.59 -27.63
CA ARG A 448 31.63 -18.55 -28.51
C ARG A 448 32.59 -17.76 -29.39
N SER A 449 32.21 -16.52 -29.70
CA SER A 449 33.03 -15.65 -30.53
C SER A 449 34.24 -15.16 -29.74
N GLU A 450 34.21 -15.40 -28.42
CA GLU A 450 35.30 -14.99 -27.53
C GLU A 450 35.98 -16.21 -26.90
N LEU A 451 35.16 -17.16 -26.48
CA LEU A 451 35.60 -18.39 -25.83
C LEU A 451 35.93 -19.46 -26.87
N TYR A 452 36.30 -19.01 -28.06
CA TYR A 452 36.56 -19.92 -29.16
C TYR A 452 37.85 -20.70 -29.01
N LYS A 453 38.76 -20.25 -28.16
CA LYS A 453 39.99 -21.00 -28.05
C LYS A 453 40.17 -21.59 -26.66
N TYR A 454 39.06 -21.88 -25.99
CA TYR A 454 39.16 -22.48 -24.67
C TYR A 454 38.14 -23.61 -24.45
N LYS A 455 38.65 -24.76 -24.01
CA LYS A 455 37.84 -25.93 -23.74
C LYS A 455 38.38 -26.57 -22.46
N VAL A 456 37.66 -26.49 -21.36
CA VAL A 456 38.16 -27.06 -20.11
C VAL A 456 38.21 -28.60 -20.14
N VAL A 457 39.37 -29.14 -19.79
CA VAL A 457 39.65 -30.57 -19.88
C VAL A 457 40.24 -31.09 -18.57
N LYS A 458 40.12 -32.39 -18.32
CA LYS A 458 40.73 -32.99 -17.13
C LYS A 458 41.75 -34.07 -17.45
N ILE A 459 42.74 -34.21 -16.56
CA ILE A 459 43.85 -35.13 -16.77
C ILE A 459 43.72 -36.39 -15.90
N GLU A 460 44.04 -37.54 -16.49
CA GLU A 460 44.08 -38.79 -15.75
C GLU A 460 45.29 -39.62 -16.17
N PRO A 461 45.87 -40.38 -15.22
CA PRO A 461 47.03 -41.22 -15.50
C PRO A 461 46.69 -42.35 -16.48
N UNK B 1 31.57 -0.41 3.87
CA UNK B 1 30.79 -1.13 4.86
C UNK B 1 31.10 -2.62 4.83
N UNK B 2 32.15 -3.01 5.55
CA UNK B 2 32.65 -4.38 5.55
C UNK B 2 31.67 -5.47 6.00
N UNK B 3 30.74 -5.15 6.90
CA UNK B 3 29.77 -6.14 7.38
C UNK B 3 28.57 -6.37 6.45
N UNK B 4 28.07 -5.29 5.86
CA UNK B 4 27.00 -5.42 4.89
C UNK B 4 27.67 -6.15 3.74
N UNK B 5 28.92 -5.79 3.52
CA UNK B 5 29.77 -6.49 2.60
C UNK B 5 29.98 -7.93 3.07
N UNK B 6 29.81 -8.21 4.35
CA UNK B 6 29.94 -9.59 4.85
C UNK B 6 28.76 -10.44 4.41
N UNK B 7 27.53 -9.96 4.60
CA UNK B 7 26.40 -10.79 4.18
C UNK B 7 26.32 -10.84 2.65
N UNK B 8 26.65 -9.73 2.00
CA UNK B 8 26.62 -9.69 0.55
C UNK B 8 27.74 -10.57 0.04
N UNK B 9 28.84 -10.59 0.79
CA UNK B 9 29.93 -11.52 0.50
C UNK B 9 29.32 -12.89 0.58
N UNK B 10 28.61 -13.20 1.66
CA UNK B 10 28.01 -14.52 1.79
C UNK B 10 27.24 -14.90 0.51
N UNK B 11 26.54 -13.96 -0.11
CA UNK B 11 25.98 -14.27 -1.43
C UNK B 11 27.06 -14.56 -2.51
N UNK B 12 28.02 -13.65 -2.65
CA UNK B 12 28.98 -13.75 -3.75
C UNK B 12 29.99 -14.90 -3.59
N UNK B 13 30.27 -15.24 -2.34
CA UNK B 13 31.06 -16.37 -1.90
C UNK B 13 30.22 -17.64 -1.89
N UNK B 14 28.90 -17.48 -1.85
CA UNK B 14 28.11 -18.67 -2.06
C UNK B 14 28.44 -19.03 -3.48
N UNK B 15 28.42 -18.07 -4.38
CA UNK B 15 28.83 -18.40 -5.75
C UNK B 15 30.27 -18.90 -5.82
N UNK B 16 31.18 -18.04 -5.36
CA UNK B 16 32.60 -18.19 -5.59
C UNK B 16 33.13 -19.35 -4.77
N UNK B 17 33.01 -19.22 -3.46
CA UNK B 17 33.45 -20.29 -2.56
C UNK B 17 32.62 -21.58 -2.65
N UNK B 18 31.31 -21.57 -2.93
CA UNK B 18 30.70 -22.88 -3.11
C UNK B 18 31.30 -23.56 -4.34
N UNK B 19 31.40 -22.84 -5.48
CA UNK B 19 32.01 -23.48 -6.65
C UNK B 19 33.45 -23.93 -6.39
N UNK B 20 34.25 -23.03 -5.82
CA UNK B 20 35.68 -23.25 -5.66
C UNK B 20 36.00 -24.30 -4.61
N UNK B 21 35.39 -24.18 -3.44
CA UNK B 21 35.66 -25.11 -2.36
C UNK B 21 35.02 -26.46 -2.64
N UNK B 22 33.78 -26.50 -3.14
CA UNK B 22 33.20 -27.78 -3.55
C UNK B 22 34.03 -28.48 -4.64
N UNK B 23 34.52 -27.74 -5.63
CA UNK B 23 35.32 -28.37 -6.68
C UNK B 23 36.69 -28.83 -6.17
N UNK B 24 37.33 -28.00 -5.36
CA UNK B 24 38.61 -28.37 -4.75
C UNK B 24 38.45 -29.60 -3.87
N UNK B 25 37.31 -29.67 -3.19
CA UNK B 25 36.97 -30.81 -2.32
C UNK B 25 36.74 -32.09 -3.12
N UNK B 26 35.86 -32.02 -4.12
CA UNK B 26 35.56 -33.16 -4.96
C UNK B 26 36.83 -33.71 -5.59
N UNK B 27 37.68 -32.79 -6.06
CA UNK B 27 38.94 -33.16 -6.66
C UNK B 27 39.84 -33.84 -5.61
N UNK B 28 39.88 -33.26 -4.41
CA UNK B 28 40.69 -33.84 -3.33
C UNK B 28 40.23 -35.26 -2.95
N UNK B 29 38.94 -35.44 -2.78
CA UNK B 29 38.35 -36.75 -2.50
C UNK B 29 38.74 -37.76 -3.58
N UNK B 30 38.63 -37.32 -4.84
CA UNK B 30 39.01 -38.17 -5.97
C UNK B 30 40.48 -38.59 -5.84
N UNK B 31 41.35 -37.61 -5.59
CA UNK B 31 42.78 -37.85 -5.44
C UNK B 31 43.05 -38.90 -4.36
N UNK B 32 42.41 -38.75 -3.21
CA UNK B 32 42.66 -39.63 -2.07
C UNK B 32 42.20 -41.07 -2.35
N UNK B 33 41.03 -41.21 -2.97
CA UNK B 33 40.50 -42.53 -3.30
C UNK B 33 41.42 -43.25 -4.29
N UNK B 34 41.73 -42.56 -5.38
CA UNK B 34 42.57 -43.13 -6.43
C UNK B 34 43.95 -43.49 -5.90
N UNK B 35 44.50 -42.65 -5.02
CA UNK B 35 45.82 -42.91 -4.46
C UNK B 35 45.78 -44.18 -3.63
N UNK B 36 44.76 -44.23 -2.75
CA UNK B 36 44.52 -45.29 -1.78
C UNK B 36 44.79 -46.48 -2.58
N UNK B 37 43.97 -46.60 -3.65
CA UNK B 37 44.24 -47.75 -4.45
C UNK B 37 45.42 -47.45 -5.36
N UNK B 39 56.04 -41.91 -24.09
CA UNK B 39 55.74 -40.87 -25.08
C UNK B 39 54.60 -41.30 -26.00
N UNK B 40 54.84 -41.26 -27.31
CA UNK B 40 53.86 -41.75 -28.27
C UNK B 40 53.51 -43.21 -27.99
N UNK B 41 54.49 -43.91 -27.40
CA UNK B 41 54.25 -45.26 -26.90
C UNK B 41 53.20 -45.23 -25.81
N UNK B 42 53.26 -44.21 -24.95
CA UNK B 42 52.23 -44.00 -23.94
C UNK B 42 50.89 -43.59 -24.57
N UNK B 43 50.91 -43.08 -25.79
CA UNK B 43 49.67 -42.83 -26.54
C UNK B 43 48.98 -44.11 -27.06
N UNK B 44 49.76 -44.95 -27.75
CA UNK B 44 49.27 -46.27 -28.15
C UNK B 44 48.75 -46.96 -26.90
N UNK B 45 49.56 -46.87 -25.84
CA UNK B 45 49.17 -47.30 -24.52
C UNK B 45 47.89 -46.61 -24.05
N UNK B 46 47.62 -45.40 -24.51
CA UNK B 46 46.38 -44.72 -24.11
C UNK B 46 45.14 -45.40 -24.70
N UNK B 47 45.20 -45.79 -25.97
CA UNK B 47 44.06 -46.53 -26.54
C UNK B 47 43.88 -47.93 -25.88
N UNK B 48 45.01 -48.65 -25.89
CA UNK B 48 45.09 -49.99 -25.32
C UNK B 48 44.53 -49.93 -23.90
N UNK B 49 44.94 -48.89 -23.17
CA UNK B 49 44.46 -48.64 -21.82
C UNK B 49 43.18 -47.83 -21.79
N UNK B 50 42.50 -47.65 -22.91
CA UNK B 50 41.09 -47.29 -22.84
C UNK B 50 40.35 -48.59 -22.56
N UNK B 51 40.34 -49.47 -23.57
CA UNK B 51 39.53 -50.69 -23.41
C UNK B 51 40.03 -51.49 -22.20
N UNK B 52 41.35 -51.51 -22.10
CA UNK B 52 41.98 -52.09 -20.94
C UNK B 52 42.19 -51.08 -19.80
N UNK B 53 41.71 -49.84 -19.92
CA UNK B 53 41.49 -49.08 -18.70
C UNK B 53 40.55 -49.97 -17.97
N UNK B 54 39.42 -50.23 -18.63
CA UNK B 54 38.40 -51.06 -17.99
C UNK B 54 38.97 -52.40 -17.53
N UNK B 55 39.39 -53.22 -18.50
CA UNK B 55 39.77 -54.59 -18.15
C UNK B 55 40.99 -54.71 -17.23
N UNK B 56 42.03 -53.93 -17.51
CA UNK B 56 43.23 -53.98 -16.66
C UNK B 56 42.99 -53.45 -15.26
N UNK B 57 42.23 -52.37 -15.11
CA UNK B 57 41.89 -51.89 -13.77
C UNK B 57 41.25 -53.02 -12.97
N UNK B 58 40.28 -53.68 -13.59
CA UNK B 58 39.68 -54.87 -12.97
C UNK B 58 40.74 -55.89 -12.51
N UNK B 59 41.59 -56.29 -13.45
CA UNK B 59 42.61 -57.31 -13.16
C UNK B 59 43.57 -56.92 -12.03
N UNK B 60 43.99 -55.65 -12.03
CA UNK B 60 44.88 -55.11 -11.01
C UNK B 60 44.26 -55.22 -9.63
N UNK B 61 43.01 -54.75 -9.52
CA UNK B 61 42.30 -54.87 -8.25
C UNK B 61 42.28 -56.33 -7.78
N UNK B 62 41.98 -57.23 -8.72
CA UNK B 62 41.99 -58.66 -8.41
C UNK B 62 43.32 -59.16 -7.84
N UNK B 63 44.42 -58.85 -8.54
CA UNK B 63 45.75 -59.29 -8.12
C UNK B 63 46.12 -58.79 -6.72
N UNK B 64 45.91 -57.49 -6.50
CA UNK B 64 46.18 -56.89 -5.20
C UNK B 64 45.39 -57.62 -4.11
N UNK B 65 44.12 -57.89 -4.40
CA UNK B 65 43.27 -58.65 -3.49
C UNK B 65 43.88 -60.02 -3.15
N UNK B 66 44.35 -60.73 -4.16
CA UNK B 66 44.96 -62.05 -3.95
C UNK B 66 46.19 -62.00 -3.04
N UNK B 67 47.16 -61.16 -3.42
CA UNK B 67 48.40 -61.02 -2.65
C UNK B 67 48.09 -60.67 -1.20
N UNK B 68 47.22 -59.68 -1.01
CA UNK B 68 46.87 -59.22 0.32
C UNK B 68 46.10 -60.30 1.09
N UNK B 69 45.46 -61.21 0.35
CA UNK B 69 44.76 -62.33 0.98
C UNK B 69 45.73 -63.36 1.56
N UNK B 70 46.67 -63.82 0.73
CA UNK B 70 47.65 -64.80 1.21
C UNK B 70 48.47 -64.20 2.36
N UNK B 71 48.89 -62.96 2.18
CA UNK B 71 49.65 -62.25 3.22
C UNK B 71 48.79 -62.03 4.45
N UNK B 72 47.47 -61.96 4.26
CA UNK B 72 46.55 -61.84 5.38
C UNK B 72 46.57 -63.13 6.20
N UNK B 73 46.45 -64.26 5.51
CA UNK B 73 46.51 -65.55 6.21
C UNK B 73 47.80 -65.66 7.01
N UNK B 74 48.93 -65.52 6.31
CA UNK B 74 50.24 -65.67 6.94
C UNK B 74 50.46 -64.71 8.12
N UNK B 75 50.30 -63.41 7.87
CA UNK B 75 50.63 -62.41 8.87
C UNK B 75 49.61 -62.28 10.00
N UNK B 76 48.35 -62.62 9.73
CA UNK B 76 47.34 -62.58 10.79
C UNK B 76 47.44 -63.84 11.65
N UNK B 77 47.94 -64.92 11.07
CA UNK B 77 48.33 -66.07 11.88
C UNK B 77 49.47 -65.61 12.78
N UNK B 78 50.52 -65.08 12.14
CA UNK B 78 51.64 -64.45 12.83
C UNK B 78 52.57 -63.80 11.81
N THR C 1 12.50 48.68 -21.13
CA THR C 1 13.13 49.24 -19.96
C THR C 1 14.05 50.42 -20.32
N PHE C 2 14.95 50.76 -19.40
CA PHE C 2 15.82 51.90 -19.59
C PHE C 2 17.26 51.56 -19.21
N VAL C 3 18.21 52.10 -19.94
CA VAL C 3 19.62 51.98 -19.59
C VAL C 3 20.27 53.33 -19.83
N SER C 4 20.91 53.89 -18.80
CA SER C 4 21.61 55.17 -18.95
C SER C 4 23.11 55.01 -18.81
N VAL C 5 23.86 55.81 -19.57
CA VAL C 5 25.31 55.74 -19.57
C VAL C 5 25.94 57.07 -19.95
N ALA C 6 27.15 57.30 -19.47
CA ALA C 6 27.90 58.50 -19.81
C ALA C 6 28.61 58.31 -21.14
N PRO C 7 28.81 59.39 -21.90
CA PRO C 7 29.55 59.34 -23.17
C PRO C 7 30.94 58.74 -22.99
N GLY C 8 31.36 57.88 -23.92
CA GLY C 8 32.64 57.22 -23.85
C GLY C 8 32.61 55.90 -23.12
N GLN C 9 31.63 55.71 -22.25
CA GLN C 9 31.52 54.48 -21.48
C GLN C 9 30.82 53.39 -22.29
N THR C 10 30.61 52.23 -21.66
CA THR C 10 30.04 51.08 -22.34
C THR C 10 28.61 50.81 -21.86
N ALA C 11 27.69 50.64 -22.82
CA ALA C 11 26.31 50.33 -22.50
C ALA C 11 26.05 48.87 -22.82
N ARG C 12 25.17 48.24 -22.04
CA ARG C 12 24.75 46.87 -22.30
C ARG C 12 23.24 46.77 -22.19
N ILE C 13 22.63 46.07 -23.15
CA ILE C 13 21.18 45.97 -23.23
C ILE C 13 20.74 44.52 -23.34
N THR C 14 19.83 44.11 -22.47
CA THR C 14 19.38 42.72 -22.43
C THR C 14 18.01 42.63 -23.07
N CYS C 15 17.78 41.59 -23.87
CA CYS C 15 16.51 41.43 -24.55
C CYS C 15 16.15 39.96 -24.79
N GLY C 16 14.87 39.65 -24.64
CA GLY C 16 14.38 38.30 -24.90
C GLY C 16 14.53 37.33 -23.74
N GLU C 17 13.97 36.15 -23.94
CA GLU C 17 13.94 35.09 -22.95
C GLU C 17 15.33 34.44 -22.88
N GLU C 18 15.58 33.67 -21.84
CA GLU C 18 16.81 32.91 -21.72
C GLU C 18 16.86 31.86 -22.82
N SER C 19 18.05 31.62 -23.37
CA SER C 19 18.16 30.75 -24.54
C SER C 19 17.78 29.34 -24.15
N LEU C 20 17.25 28.59 -25.10
CA LEU C 20 16.91 27.20 -24.87
C LEU C 20 17.71 26.34 -25.85
N GLY C 21 17.59 26.66 -27.14
CA GLY C 21 18.31 25.95 -28.18
C GLY C 21 19.40 26.85 -28.76
N SER C 22 19.85 26.53 -29.97
CA SER C 22 20.87 27.34 -30.63
C SER C 22 20.21 28.61 -31.13
N ARG C 23 20.97 29.69 -31.21
CA ARG C 23 20.37 31.01 -31.42
C ARG C 23 20.91 31.77 -32.62
N SER C 24 20.02 32.53 -33.24
CA SER C 24 20.40 33.63 -34.12
C SER C 24 19.59 34.83 -33.69
N VAL C 25 20.28 35.84 -33.15
CA VAL C 25 19.60 37.01 -32.61
C VAL C 25 19.81 38.19 -33.55
N ILE C 26 18.75 38.93 -33.80
CA ILE C 26 18.86 40.08 -34.68
C ILE C 26 18.62 41.30 -33.82
N TRP C 27 19.44 42.33 -34.02
CA TRP C 27 19.28 43.55 -33.25
C TRP C 27 19.00 44.68 -34.21
N TYR C 28 18.07 45.54 -33.80
CA TYR C 28 17.72 46.70 -34.59
C TYR C 28 17.86 47.97 -33.77
N GLN C 29 18.23 49.07 -34.44
CA GLN C 29 18.32 50.35 -33.76
C GLN C 29 17.29 51.19 -34.44
N GLN C 30 16.51 51.90 -33.62
CA GLN C 30 15.45 52.85 -34.00
C GLN C 30 15.61 54.22 -33.34
N ARG C 31 15.96 55.23 -34.13
CA ARG C 31 16.09 56.60 -33.62
C ARG C 31 14.72 57.27 -33.51
N PRO C 32 14.55 58.19 -32.55
CA PRO C 32 13.29 58.92 -32.31
C PRO C 32 12.70 59.57 -33.57
N GLY C 33 11.45 59.28 -33.86
CA GLY C 33 10.79 59.85 -35.03
C GLY C 33 11.14 59.16 -36.33
N GLN C 34 11.86 58.05 -36.23
CA GLN C 34 12.31 57.33 -37.40
C GLN C 34 11.75 55.92 -37.42
N ALA C 35 11.84 55.29 -38.59
CA ALA C 35 11.51 53.88 -38.73
C ALA C 35 12.51 53.08 -37.94
N PRO C 36 12.13 51.85 -37.52
CA PRO C 36 13.22 51.04 -36.99
C PRO C 36 14.30 50.89 -38.04
N SER C 37 15.51 50.81 -37.55
CA SER C 37 16.66 50.52 -38.34
C SER C 37 17.34 49.43 -37.54
N LEU C 38 18.02 48.64 -38.27
CA LEU C 38 18.78 47.46 -37.81
C LEU C 38 20.06 47.83 -37.05
N ILE C 39 20.78 46.82 -36.58
CA ILE C 39 22.12 46.96 -35.98
C ILE C 39 23.02 45.76 -36.24
N ILE C 40 22.46 44.58 -35.99
CA ILE C 40 23.17 43.31 -36.08
C ILE C 40 22.32 42.13 -36.55
N TYR C 41 22.90 41.21 -37.31
CA TYR C 41 22.21 39.96 -37.61
C TYR C 41 23.16 38.81 -37.30
N ASN C 42 22.62 37.60 -37.19
CA ASN C 42 23.39 36.39 -36.91
C ASN C 42 24.26 36.53 -35.66
N ASN C 43 23.64 37.12 -34.64
CA ASN C 43 24.19 37.35 -33.30
C ASN C 43 25.28 38.42 -33.22
N ASN C 44 26.24 38.37 -34.15
CA ASN C 44 27.34 39.35 -34.13
C ASN C 44 27.77 39.85 -35.51
N ASP C 45 26.92 39.70 -36.53
CA ASP C 45 27.28 40.25 -37.85
C ASP C 45 26.63 41.60 -38.08
N ARG C 46 27.40 42.51 -38.68
CA ARG C 46 26.92 43.85 -38.94
C ARG C 46 26.73 44.10 -40.43
N PRO C 47 25.67 44.83 -40.79
CA PRO C 47 25.43 45.29 -42.17
C PRO C 47 26.29 46.51 -42.50
N SER C 48 26.19 46.97 -43.74
CA SER C 48 26.98 48.12 -44.20
C SER C 48 26.65 49.39 -43.42
N GLY C 49 27.68 50.06 -42.92
CA GLY C 49 27.50 51.32 -42.21
C GLY C 49 27.53 51.22 -40.70
N ILE C 50 27.53 49.99 -40.17
CA ILE C 50 27.56 49.79 -38.72
C ILE C 50 28.97 49.50 -38.23
N PRO C 51 29.47 50.33 -37.31
CA PRO C 51 30.84 50.23 -36.76
C PRO C 51 30.94 49.10 -35.73
N ASP C 52 32.16 48.71 -35.42
CA ASP C 52 32.41 47.58 -34.52
C ASP C 52 32.26 47.92 -33.04
N ARG C 53 31.77 49.11 -32.75
CA ARG C 53 31.41 49.47 -31.39
C ARG C 53 30.23 48.63 -30.93
N PHE C 54 29.41 48.20 -31.90
CA PHE C 54 28.21 47.43 -31.62
C PHE C 54 28.53 45.95 -31.72
N SER C 55 28.21 45.19 -30.68
CA SER C 55 28.49 43.76 -30.70
C SER C 55 27.38 42.99 -30.01
N GLY C 56 27.09 41.78 -30.48
CA GLY C 56 26.06 40.97 -29.86
C GLY C 56 26.62 39.74 -29.17
N SER C 57 25.93 39.28 -28.14
CA SER C 57 26.39 38.13 -27.38
C SER C 57 26.10 36.85 -28.16
N PRO C 58 27.06 35.91 -28.19
CA PRO C 58 26.97 34.69 -29.00
C PRO C 58 25.68 33.91 -28.74
N GLY C 59 25.19 33.19 -29.76
CA GLY C 59 24.03 32.35 -29.59
C GLY C 59 24.42 31.02 -29.00
N SER C 60 24.87 31.04 -27.75
CA SER C 60 25.81 30.04 -27.26
C SER C 60 25.33 29.34 -25.99
N THR C 61 25.90 29.75 -24.86
CA THR C 61 25.63 29.14 -23.56
C THR C 61 24.15 29.06 -23.21
N PHE C 62 23.67 27.83 -23.01
CA PHE C 62 22.25 27.57 -22.80
C PHE C 62 21.74 28.23 -21.53
N GLY C 63 20.52 28.73 -21.57
CA GLY C 63 19.88 29.31 -20.39
C GLY C 63 20.33 30.72 -20.10
N THR C 64 20.86 31.40 -21.12
CA THR C 64 21.30 32.78 -20.96
C THR C 64 20.54 33.72 -21.89
N THR C 65 20.65 35.01 -21.62
CA THR C 65 19.91 36.01 -22.39
C THR C 65 20.80 36.74 -23.38
N ALA C 66 20.24 37.10 -24.52
CA ALA C 66 20.99 37.80 -25.55
C ALA C 66 21.27 39.23 -25.09
N THR C 67 22.46 39.72 -25.38
CA THR C 67 22.85 41.06 -24.96
C THR C 67 23.52 41.83 -26.09
N LEU C 68 23.20 43.11 -26.20
CA LEU C 68 23.87 43.99 -27.15
C LEU C 68 24.78 44.93 -26.36
N THR C 69 26.06 44.95 -26.73
CA THR C 69 27.02 45.82 -26.09
C THR C 69 27.43 46.93 -27.05
N ILE C 70 27.41 48.16 -26.55
CA ILE C 70 27.90 49.30 -27.30
C ILE C 70 29.05 49.97 -26.54
N THR C 71 30.23 49.94 -27.12
CA THR C 71 31.41 50.53 -26.49
C THR C 71 31.60 51.94 -27.02
N SER C 72 32.27 52.77 -26.23
CA SER C 72 32.55 54.17 -26.60
C SER C 72 31.30 54.88 -27.08
N VAL C 73 30.27 54.88 -26.23
CA VAL C 73 28.96 55.39 -26.58
C VAL C 73 29.01 56.89 -26.86
N GLU C 74 28.30 57.31 -27.91
CA GLU C 74 28.11 58.72 -28.21
C GLU C 74 26.63 59.08 -28.24
N ALA C 75 26.33 60.36 -28.25
CA ALA C 75 24.94 60.83 -28.17
C ALA C 75 24.10 60.37 -29.35
N GLY C 76 24.76 60.09 -30.47
CA GLY C 76 24.09 59.55 -31.65
C GLY C 76 23.51 58.17 -31.42
N ASP C 77 23.99 57.48 -30.40
CA ASP C 77 23.52 56.13 -30.10
C ASP C 77 22.22 56.12 -29.32
N GLU C 78 21.84 57.28 -28.77
CA GLU C 78 20.56 57.41 -28.08
C GLU C 78 19.41 57.01 -29.01
N ALA C 79 18.65 56.00 -28.61
CA ALA C 79 17.63 55.40 -29.46
C ALA C 79 16.94 54.28 -28.71
N ASP C 80 15.87 53.75 -29.30
CA ASP C 80 15.28 52.52 -28.80
C ASP C 80 15.94 51.36 -29.53
N TYR C 81 16.20 50.28 -28.80
CA TYR C 81 16.83 49.10 -29.37
C TYR C 81 15.93 47.88 -29.18
N TYR C 82 15.79 47.09 -30.24
CA TYR C 82 14.94 45.91 -30.17
C TYR C 82 15.66 44.66 -30.67
N CYS C 83 15.36 43.51 -30.08
CA CYS C 83 15.89 42.27 -30.64
C CYS C 83 14.76 41.45 -31.24
N HIS C 84 15.13 40.57 -32.15
CA HIS C 84 14.24 39.56 -32.71
C HIS C 84 14.96 38.24 -32.56
N ILE C 85 14.41 37.36 -31.74
CA ILE C 85 15.08 36.12 -31.37
C ILE C 85 14.69 34.94 -32.25
N TRP C 86 15.70 34.25 -32.77
CA TRP C 86 15.46 32.95 -33.40
C TRP C 86 16.14 31.89 -32.55
N ASP C 87 15.35 30.96 -32.04
CA ASP C 87 15.83 29.94 -31.11
C ASP C 87 15.32 28.60 -31.61
N SER C 88 16.21 27.63 -31.77
CA SER C 88 15.87 26.40 -32.48
C SER C 88 14.79 25.57 -31.78
N ARG C 89 14.56 25.82 -30.50
CA ARG C 89 13.56 25.07 -29.72
C ARG C 89 12.30 25.89 -29.51
N ARG C 90 12.25 27.10 -30.06
CA ARG C 90 11.09 27.94 -29.87
C ARG C 90 10.44 28.22 -31.21
N PRO C 91 9.15 28.57 -31.19
CA PRO C 91 8.44 29.00 -32.39
C PRO C 91 9.04 30.26 -32.97
N THR C 92 8.81 30.49 -34.25
CA THR C 92 9.18 31.75 -34.88
C THR C 92 8.57 32.82 -33.99
N ASN C 93 9.35 33.81 -33.62
CA ASN C 93 8.80 34.93 -32.86
C ASN C 93 8.26 35.96 -33.82
N TRP C 94 6.98 36.26 -33.71
CA TRP C 94 6.34 37.21 -34.62
C TRP C 94 6.29 38.60 -33.98
N VAL C 95 6.61 38.66 -32.71
CA VAL C 95 6.75 39.93 -32.01
C VAL C 95 8.21 40.09 -31.61
N PHE C 96 8.76 41.30 -31.79
CA PHE C 96 10.12 41.56 -31.35
C PHE C 96 10.16 41.53 -29.82
N GLY C 97 11.34 41.34 -29.26
CA GLY C 97 11.52 41.43 -27.83
C GLY C 97 11.15 42.81 -27.35
N GLU C 98 10.83 42.95 -26.06
CA GLU C 98 10.52 44.27 -25.52
C GLU C 98 11.74 45.18 -25.63
N GLY C 99 11.48 46.42 -26.01
CA GLY C 99 12.56 47.35 -26.33
C GLY C 99 13.27 47.93 -25.12
N THR C 100 14.49 48.42 -25.35
CA THR C 100 15.20 49.14 -24.30
C THR C 100 15.63 50.51 -24.81
N THR C 101 15.33 51.54 -24.01
CA THR C 101 15.71 52.91 -24.32
C THR C 101 17.09 53.23 -23.76
N LEU C 102 18.02 53.57 -24.66
CA LEU C 102 19.35 53.99 -24.24
C LEU C 102 19.43 55.51 -24.06
N ILE C 103 19.77 55.91 -22.84
CA ILE C 103 19.96 57.31 -22.50
C ILE C 103 21.45 57.59 -22.42
N VAL C 104 21.88 58.63 -23.12
CA VAL C 104 23.28 59.05 -23.09
C VAL C 104 23.35 60.37 -22.34
N LEU C 105 23.90 60.35 -21.14
CA LEU C 105 23.87 61.54 -20.32
C LEU C 105 24.98 62.50 -20.72
N SER C 106 24.70 63.30 -21.75
CA SER C 106 25.60 64.36 -22.18
C SER C 106 25.48 65.58 -21.29
N GLN C 107 24.28 65.80 -20.76
CA GLN C 107 24.02 66.97 -19.92
C GLN C 107 23.31 66.62 -18.63
N PRO C 108 23.78 67.19 -17.50
CA PRO C 108 23.06 66.97 -16.23
C PRO C 108 22.18 68.14 -15.71
N LYS C 109 21.39 67.87 -14.66
CA LYS C 109 21.15 68.80 -13.55
C LYS C 109 20.14 69.96 -13.68
N ALA C 110 19.53 70.15 -14.85
CA ALA C 110 18.51 71.19 -14.92
C ALA C 110 17.28 70.74 -14.12
N ALA C 111 16.69 71.66 -13.35
CA ALA C 111 15.55 71.34 -12.49
C ALA C 111 14.24 71.91 -13.01
N PRO C 112 13.15 71.14 -12.91
CA PRO C 112 11.90 71.54 -13.56
C PRO C 112 11.26 72.76 -12.90
N SER C 113 10.67 73.62 -13.72
CA SER C 113 9.71 74.60 -13.24
C SER C 113 8.33 73.97 -13.23
N VAL C 114 7.67 74.05 -12.07
CA VAL C 114 6.30 73.56 -11.92
C VAL C 114 5.32 74.70 -11.62
N THR C 115 4.17 74.65 -12.29
CA THR C 115 3.09 75.59 -12.03
C THR C 115 1.77 74.83 -11.87
N LEU C 116 0.99 75.18 -10.86
CA LEU C 116 -0.24 74.44 -10.59
C LEU C 116 -1.47 75.34 -10.57
N PHE C 117 -2.36 75.14 -11.54
CA PHE C 117 -3.58 75.91 -11.65
C PHE C 117 -4.78 75.12 -11.13
N PRO C 118 -5.63 75.79 -10.33
CA PRO C 118 -6.95 75.32 -9.88
C PRO C 118 -7.93 75.35 -11.05
N PRO C 119 -9.10 74.70 -10.91
CA PRO C 119 -10.10 74.80 -11.97
C PRO C 119 -10.59 76.24 -12.13
N SER C 120 -10.92 76.62 -13.37
CA SER C 120 -11.39 77.96 -13.64
C SER C 120 -12.84 78.10 -13.19
N SER C 121 -13.26 79.33 -12.94
CA SER C 121 -14.63 79.61 -12.56
C SER C 121 -15.59 79.13 -13.65
N GLU C 122 -15.17 79.31 -14.90
CA GLU C 122 -15.97 78.94 -16.06
C GLU C 122 -16.21 77.43 -16.17
N GLU C 123 -15.15 76.66 -15.91
CA GLU C 123 -15.27 75.20 -15.89
C GLU C 123 -16.18 74.76 -14.76
N LEU C 124 -16.03 75.39 -13.60
CA LEU C 124 -16.88 75.10 -12.46
C LEU C 124 -18.33 75.40 -12.81
N GLN C 125 -18.53 76.44 -13.62
CA GLN C 125 -19.86 76.83 -14.08
C GLN C 125 -20.35 75.83 -15.12
N ALA C 126 -19.43 75.03 -15.64
CA ALA C 126 -19.78 73.97 -16.59
C ALA C 126 -19.86 72.63 -15.87
N ASN C 127 -19.85 72.69 -14.53
CA ASN C 127 -19.99 71.51 -13.68
C ASN C 127 -18.86 70.49 -13.88
N LYS C 128 -17.70 71.01 -14.25
CA LYS C 128 -16.50 70.19 -14.41
C LYS C 128 -15.37 70.80 -13.59
N ALA C 129 -14.30 70.03 -13.37
CA ALA C 129 -13.15 70.57 -12.67
C ALA C 129 -11.87 69.90 -13.14
N THR C 130 -10.84 70.69 -13.44
CA THR C 130 -9.57 70.12 -13.83
C THR C 130 -8.41 70.87 -13.16
N LEU C 131 -7.55 70.12 -12.49
CA LEU C 131 -6.33 70.67 -11.94
C LEU C 131 -5.24 70.53 -12.98
N VAL C 132 -4.50 71.62 -13.22
CA VAL C 132 -3.49 71.60 -14.27
C VAL C 132 -2.08 71.80 -13.74
N CYS C 133 -1.23 70.81 -13.94
CA CYS C 133 0.14 70.84 -13.46
C CYS C 133 1.12 70.91 -14.64
N LEU C 134 1.76 72.06 -14.80
CA LEU C 134 2.65 72.32 -15.92
C LEU C 134 4.10 72.17 -15.47
N ILE C 135 4.86 71.37 -16.22
CA ILE C 135 6.24 71.06 -15.87
C ILE C 135 7.15 71.36 -17.05
N SER C 136 8.18 72.18 -16.85
CA SER C 136 8.98 72.60 -18.00
C SER C 136 10.45 72.87 -17.65
N ASP C 137 11.24 73.12 -18.68
CA ASP C 137 12.62 73.57 -18.53
C ASP C 137 13.52 72.57 -17.79
N PHE C 138 13.18 71.28 -17.87
CA PHE C 138 13.98 70.26 -17.22
C PHE C 138 14.77 69.35 -18.16
N TYR C 139 15.92 68.90 -17.71
CA TYR C 139 16.69 67.88 -18.42
C TYR C 139 17.44 67.03 -17.37
N PRO C 140 17.56 65.72 -17.60
CA PRO C 140 17.00 64.91 -18.70
C PRO C 140 15.47 64.80 -18.69
N GLY C 141 14.93 64.11 -19.69
CA GLY C 141 13.50 64.08 -19.91
C GLY C 141 12.77 62.95 -19.20
N ALA C 142 13.16 62.70 -17.95
CA ALA C 142 12.47 61.71 -17.14
C ALA C 142 11.91 62.36 -15.88
N VAL C 143 10.58 62.32 -15.77
CA VAL C 143 9.89 62.71 -14.56
C VAL C 143 8.77 61.72 -14.33
N THR C 144 8.35 61.53 -13.08
CA THR C 144 7.07 60.90 -12.82
C THR C 144 6.18 61.88 -12.07
N VAL C 145 4.89 61.84 -12.33
CA VAL C 145 3.99 62.74 -11.64
C VAL C 145 2.97 61.96 -10.82
N ALA C 146 2.75 62.41 -9.59
CA ALA C 146 1.73 61.82 -8.74
C ALA C 146 0.86 62.94 -8.18
N TRP C 147 -0.39 62.61 -7.87
CA TRP C 147 -1.30 63.60 -7.30
C TRP C 147 -1.74 63.16 -5.92
N LYS C 148 -2.01 64.14 -5.07
CA LYS C 148 -2.52 63.86 -3.74
C LYS C 148 -3.83 64.60 -3.50
N ALA C 149 -4.75 63.94 -2.81
CA ALA C 149 -5.95 64.59 -2.29
C ALA C 149 -5.76 64.60 -0.79
N ASP C 150 -5.63 65.80 -0.22
CA ASP C 150 -5.11 65.97 1.13
C ASP C 150 -3.76 65.23 1.22
N SER C 151 -3.73 64.15 2.00
CA SER C 151 -2.52 63.33 2.08
C SER C 151 -2.67 62.05 1.27
N SER C 152 -3.87 61.79 0.76
CA SER C 152 -4.19 60.52 0.10
C SER C 152 -3.77 60.51 -1.36
N PRO C 153 -3.19 59.39 -1.81
CA PRO C 153 -2.85 59.20 -3.23
C PRO C 153 -4.13 59.16 -4.08
N VAL C 154 -4.08 59.82 -5.24
CA VAL C 154 -5.18 59.75 -6.19
C VAL C 154 -5.08 58.50 -7.05
N LYS C 155 -6.17 57.73 -7.13
CA LYS C 155 -6.16 56.48 -7.88
C LYS C 155 -6.80 56.61 -9.26
N ALA C 156 -7.33 57.79 -9.57
CA ALA C 156 -8.14 57.94 -10.78
C ALA C 156 -8.23 59.38 -11.28
N GLY C 157 -8.33 59.53 -12.59
CA GLY C 157 -8.57 60.83 -13.20
C GLY C 157 -7.31 61.57 -13.58
N VAL C 158 -6.16 60.92 -13.40
CA VAL C 158 -4.88 61.53 -13.71
C VAL C 158 -4.49 61.19 -15.14
N GLU C 159 -4.18 62.21 -15.93
CA GLU C 159 -3.60 61.98 -17.25
C GLU C 159 -2.31 62.79 -17.41
N THR C 160 -1.23 62.11 -17.76
CA THR C 160 0.08 62.77 -17.83
C THR C 160 0.79 62.50 -19.14
N THR C 161 1.32 63.55 -19.75
CA THR C 161 2.03 63.44 -21.01
C THR C 161 3.40 62.80 -20.80
N THR C 162 3.87 62.08 -21.81
CA THR C 162 5.29 61.78 -21.92
C THR C 162 5.95 63.08 -22.31
N PRO C 163 7.04 63.44 -21.62
CA PRO C 163 7.65 64.73 -21.95
C PRO C 163 8.31 64.73 -23.33
N SER C 164 8.46 65.91 -23.91
CA SER C 164 9.17 66.07 -25.18
C SER C 164 9.97 67.37 -25.22
N LYS C 165 10.71 67.57 -26.30
CA LYS C 165 11.49 68.78 -26.48
C LYS C 165 10.66 69.88 -27.14
N TYR C 171 13.02 69.64 -21.43
CA TYR C 171 11.77 68.92 -21.71
C TYR C 171 10.57 69.59 -21.07
N ALA C 172 9.39 69.23 -21.57
CA ALA C 172 8.14 69.70 -20.99
C ALA C 172 7.11 68.59 -20.87
N ALA C 173 6.33 68.63 -19.80
CA ALA C 173 5.30 67.63 -19.55
C ALA C 173 4.13 68.26 -18.82
N SER C 174 2.98 67.60 -18.90
CA SER C 174 1.74 68.10 -18.31
C SER C 174 1.05 66.99 -17.55
N SER C 175 0.40 67.35 -16.45
CA SER C 175 -0.47 66.42 -15.77
C SER C 175 -1.79 67.07 -15.43
N TYR C 176 -2.88 66.35 -15.65
CA TYR C 176 -4.21 66.88 -15.48
C TYR C 176 -4.97 65.97 -14.53
N LEU C 177 -5.55 66.54 -13.49
CA LEU C 177 -6.42 65.76 -12.63
C LEU C 177 -7.86 66.18 -12.86
N SER C 178 -8.67 65.26 -13.39
CA SER C 178 -10.08 65.53 -13.58
C SER C 178 -10.89 65.22 -12.33
N LEU C 179 -11.64 66.22 -11.88
CA LEU C 179 -12.48 66.09 -10.70
C LEU C 179 -13.87 66.67 -10.96
N THR C 180 -14.80 66.31 -10.08
CA THR C 180 -16.10 66.95 -10.02
C THR C 180 -15.94 68.18 -9.14
N PRO C 181 -16.86 69.15 -9.26
CA PRO C 181 -16.77 70.36 -8.43
C PRO C 181 -16.85 70.08 -6.94
N GLU C 182 -17.63 69.07 -6.55
CA GLU C 182 -17.76 68.74 -5.13
C GLU C 182 -16.52 68.01 -4.60
N GLN C 183 -15.88 67.21 -5.44
CA GLN C 183 -14.61 66.59 -5.06
C GLN C 183 -13.57 67.68 -4.79
N TRP C 184 -13.53 68.65 -5.70
CA TRP C 184 -12.66 69.81 -5.56
C TRP C 184 -12.91 70.59 -4.28
N LYS C 185 -14.17 70.87 -3.99
CA LYS C 185 -14.52 71.67 -2.81
C LYS C 185 -14.39 70.90 -1.49
N SER C 186 -14.50 69.58 -1.57
CA SER C 186 -14.48 68.72 -0.39
C SER C 186 -13.18 68.78 0.41
N HIS C 187 -12.07 68.50 -0.25
CA HIS C 187 -10.79 68.36 0.44
C HIS C 187 -10.15 69.70 0.79
N LYS C 188 -9.24 69.66 1.76
CA LYS C 188 -8.53 70.87 2.19
C LYS C 188 -7.63 71.37 1.07
N SER C 189 -6.98 70.44 0.38
CA SER C 189 -6.08 70.79 -0.71
C SER C 189 -5.83 69.60 -1.63
N TYR C 190 -5.29 69.90 -2.81
CA TYR C 190 -4.73 68.87 -3.68
C TYR C 190 -3.29 69.23 -3.99
N SER C 191 -2.46 68.22 -4.23
CA SER C 191 -1.06 68.48 -4.50
C SER C 191 -0.55 67.78 -5.75
N CYS C 192 0.33 68.47 -6.48
CA CYS C 192 1.01 67.88 -7.61
C CYS C 192 2.46 67.64 -7.19
N GLN C 193 2.88 66.38 -7.30
CA GLN C 193 4.22 65.98 -6.93
C GLN C 193 5.00 65.51 -8.16
N VAL C 194 6.11 66.18 -8.44
CA VAL C 194 6.91 65.86 -9.61
C VAL C 194 8.24 65.27 -9.18
N THR C 195 8.53 64.05 -9.62
CA THR C 195 9.75 63.36 -9.23
C THR C 195 10.74 63.38 -10.37
N HIS C 196 11.89 64.01 -10.12
CA HIS C 196 12.89 64.24 -11.14
C HIS C 196 14.30 64.11 -10.55
N GLU C 197 15.08 63.19 -11.12
CA GLU C 197 16.50 63.02 -10.78
C GLU C 197 16.79 62.98 -9.29
N GLY C 198 16.12 62.09 -8.57
CA GLY C 198 16.38 61.88 -7.16
C GLY C 198 15.59 62.78 -6.23
N SER C 199 15.09 63.90 -6.76
CA SER C 199 14.35 64.85 -5.93
C SER C 199 12.88 64.93 -6.33
N THR C 200 12.05 65.39 -5.40
CA THR C 200 10.63 65.58 -5.67
C THR C 200 10.16 66.98 -5.29
N VAL C 201 9.63 67.71 -6.27
CA VAL C 201 9.11 69.05 -6.05
C VAL C 201 7.59 69.00 -5.98
N GLU C 202 7.01 69.62 -4.96
CA GLU C 202 5.57 69.59 -4.79
C GLU C 202 4.96 70.99 -4.78
N LYS C 203 3.80 71.14 -5.43
CA LYS C 203 3.01 72.35 -5.29
C LYS C 203 1.58 72.00 -4.88
N THR C 204 0.94 72.89 -4.14
CA THR C 204 -0.39 72.61 -3.62
C THR C 204 -1.40 73.68 -4.00
N VAL C 205 -2.67 73.29 -4.02
CA VAL C 205 -3.74 74.19 -4.43
C VAL C 205 -4.99 73.91 -3.60
N ALA C 206 -5.76 74.96 -3.30
CA ALA C 206 -6.92 74.83 -2.43
C ALA C 206 -8.05 75.75 -2.88
N PRO C 207 -9.30 75.35 -2.59
CA PRO C 207 -10.46 76.23 -2.75
C PRO C 207 -10.41 77.40 -1.77
N GLN D 1 19.50 53.27 -55.29
CA GLN D 1 19.46 52.76 -53.93
C GLN D 1 18.10 52.10 -53.74
N VAL D 2 18.07 50.93 -53.08
CA VAL D 2 16.82 50.32 -52.71
C VAL D 2 16.01 51.28 -51.84
N HIS D 3 14.77 51.54 -52.23
CA HIS D 3 13.97 52.57 -51.57
C HIS D 3 12.52 52.15 -51.53
N LEU D 4 11.94 52.13 -50.33
CA LEU D 4 10.57 51.71 -50.15
C LEU D 4 9.74 52.86 -49.60
N GLN D 5 8.54 53.04 -50.14
CA GLN D 5 7.66 54.09 -49.66
C GLN D 5 6.25 53.55 -49.47
N GLU D 6 5.80 53.51 -48.22
CA GLU D 6 4.46 53.02 -47.90
C GLU D 6 3.42 54.11 -48.06
N SER D 7 2.21 53.69 -48.42
CA SER D 7 1.06 54.60 -48.48
C SER D 7 -0.20 53.86 -48.04
N GLY D 8 -1.15 54.63 -47.53
CA GLY D 8 -2.38 54.12 -46.97
C GLY D 8 -3.34 55.24 -46.65
N PRO D 9 -4.51 54.90 -46.08
CA PRO D 9 -5.59 55.89 -45.92
C PRO D 9 -5.41 56.79 -44.69
N GLY D 10 -4.52 56.42 -43.78
CA GLY D 10 -4.31 57.17 -42.55
C GLY D 10 -5.35 56.92 -41.50
N LEU D 11 -6.61 56.85 -41.92
CA LEU D 11 -7.73 56.62 -41.00
C LEU D 11 -8.62 55.50 -41.54
N VAL D 12 -8.95 54.55 -40.67
CA VAL D 12 -9.86 53.46 -41.04
C VAL D 12 -10.91 53.29 -39.95
N LYS D 13 -12.15 53.04 -40.37
CA LYS D 13 -13.23 52.79 -39.41
C LYS D 13 -13.16 51.34 -38.94
N PRO D 14 -13.59 51.06 -37.70
CA PRO D 14 -13.68 49.69 -37.18
C PRO D 14 -14.52 48.79 -38.08
N SER D 15 -14.04 47.57 -38.29
CA SER D 15 -14.69 46.55 -39.13
C SER D 15 -14.34 46.69 -40.62
N GLU D 16 -13.75 47.82 -41.00
CA GLU D 16 -13.41 48.06 -42.39
C GLU D 16 -12.14 47.29 -42.71
N THR D 17 -11.75 47.31 -43.99
CA THR D 17 -10.50 46.67 -44.38
C THR D 17 -9.40 47.71 -44.60
N LEU D 18 -8.26 47.48 -43.96
CA LEU D 18 -7.09 48.33 -44.16
C LEU D 18 -6.34 47.85 -45.39
N SER D 19 -6.03 48.76 -46.30
CA SER D 19 -5.28 48.41 -47.50
C SER D 19 -4.06 49.30 -47.64
N LEU D 20 -2.88 48.67 -47.65
CA LEU D 20 -1.64 49.43 -47.72
C LEU D 20 -0.81 49.02 -48.93
N THR D 21 -0.02 49.97 -49.43
CA THR D 21 0.84 49.72 -50.57
C THR D 21 2.28 50.09 -50.21
N CYS D 22 3.23 49.32 -50.70
CA CYS D 22 4.64 49.64 -50.56
C CYS D 22 5.27 49.76 -51.93
N ASN D 23 5.60 50.99 -52.31
CA ASN D 23 6.20 51.27 -53.61
C ASN D 23 7.70 51.04 -53.54
N VAL D 24 8.21 50.23 -54.46
CA VAL D 24 9.61 49.83 -54.42
C VAL D 24 10.41 50.38 -55.59
N SER D 25 11.57 50.93 -55.28
CA SER D 25 12.53 51.30 -56.31
C SER D 25 13.91 50.72 -55.97
N GLY D 26 14.75 50.63 -56.99
CA GLY D 26 16.14 50.23 -56.81
C GLY D 26 16.31 48.73 -56.75
N THR D 27 15.19 48.01 -56.82
CA THR D 27 15.21 46.56 -56.93
C THR D 27 13.87 46.08 -57.47
N LEU D 28 13.84 44.86 -58.01
CA LEU D 28 12.60 44.29 -58.52
C LEU D 28 12.00 43.39 -57.44
N VAL D 29 10.68 43.46 -57.28
CA VAL D 29 10.01 42.79 -56.17
C VAL D 29 10.14 41.27 -56.18
N ARG D 30 10.21 40.70 -57.38
CA ARG D 30 10.32 39.25 -57.55
C ARG D 30 11.62 38.71 -56.96
N ASP D 31 12.61 39.58 -56.80
CA ASP D 31 13.96 39.16 -56.45
C ASP D 31 14.24 39.25 -54.95
N ASN D 32 13.20 39.51 -54.16
CA ASN D 32 13.37 39.69 -52.72
C ASN D 32 12.23 39.04 -51.97
N TYR D 33 12.50 38.66 -50.72
CA TYR D 33 11.43 38.42 -49.78
C TYR D 33 11.00 39.78 -49.28
N TRP D 34 9.70 39.95 -49.06
CA TRP D 34 9.17 41.19 -48.54
C TRP D 34 8.44 40.97 -47.25
N SER D 35 8.69 41.79 -46.24
CA SER D 35 8.00 41.60 -44.98
C SER D 35 7.21 42.83 -44.52
N TRP D 36 5.94 42.62 -44.14
CA TRP D 36 5.21 43.69 -43.51
C TRP D 36 5.38 43.46 -42.03
N ILE D 37 5.55 44.57 -41.33
CA ILE D 37 5.80 44.59 -39.91
C ILE D 37 4.94 45.66 -39.31
N ARG D 38 4.39 45.45 -38.12
CA ARG D 38 3.70 46.62 -37.55
C ARG D 38 4.26 46.90 -36.16
N GLN D 39 4.15 48.18 -35.77
CA GLN D 39 4.62 48.72 -34.49
C GLN D 39 3.62 49.75 -33.90
N PRO D 40 2.83 49.35 -32.89
CA PRO D 40 1.97 50.30 -32.17
C PRO D 40 2.76 51.36 -31.40
N LEU D 41 2.13 52.51 -31.18
CA LEU D 41 2.69 53.59 -30.35
C LEU D 41 3.16 53.12 -28.98
N GLY D 42 4.42 53.42 -28.65
CA GLY D 42 4.94 53.12 -27.33
C GLY D 42 5.25 51.65 -27.10
N LYS D 43 5.15 50.85 -28.15
CA LYS D 43 5.37 49.41 -28.05
C LYS D 43 6.51 48.97 -28.94
N GLN D 44 6.83 47.68 -28.88
CA GLN D 44 7.92 47.14 -29.68
C GLN D 44 7.35 46.82 -31.04
N PRO D 45 8.22 46.63 -32.04
CA PRO D 45 7.61 46.26 -33.32
C PRO D 45 6.92 44.92 -33.27
N GLU D 46 5.83 44.83 -34.01
CA GLU D 46 5.10 43.60 -34.22
C GLU D 46 5.13 43.47 -35.72
N TRP D 47 5.61 42.39 -36.16
CA TRP D 47 5.83 42.06 -37.56
C TRP D 47 4.46 41.78 -38.14
N ILE D 48 4.35 41.27 -39.35
CA ILE D 48 3.03 40.97 -39.92
C ILE D 48 3.12 39.67 -40.68
N GLY D 49 4.15 39.58 -41.52
CA GLY D 49 4.31 38.42 -42.37
C GLY D 49 5.37 38.63 -43.43
N TYR D 50 5.76 37.56 -44.12
CA TYR D 50 6.66 37.70 -45.25
C TYR D 50 6.09 37.00 -46.47
N VAL D 51 6.39 37.54 -47.64
CA VAL D 51 5.85 37.04 -48.90
C VAL D 51 6.97 37.00 -49.94
N HIS D 52 6.89 36.01 -50.82
CA HIS D 52 7.85 35.88 -51.91
C HIS D 52 7.10 35.39 -53.14
N ASP D 53 7.57 35.79 -54.32
CA ASP D 53 6.94 35.43 -55.58
C ASP D 53 6.90 33.92 -55.78
N SER D 54 7.87 33.24 -55.16
CA SER D 54 7.95 31.79 -55.20
C SER D 54 6.79 31.08 -54.50
N GLY D 55 6.08 31.79 -53.64
CA GLY D 55 5.07 31.15 -52.82
C GLY D 55 5.59 30.84 -51.43
N ASP D 56 6.86 31.15 -51.17
CA ASP D 56 7.41 30.92 -49.84
C ASP D 56 6.96 32.10 -48.98
N THR D 57 5.79 31.93 -48.40
CA THR D 57 5.05 33.04 -47.79
C THR D 57 4.46 32.55 -46.47
N ASN D 58 4.45 33.41 -45.46
CA ASN D 58 3.87 33.04 -44.18
C ASN D 58 3.33 34.24 -43.41
N TYR D 59 2.27 34.00 -42.65
CA TYR D 59 1.58 35.06 -41.93
C TYR D 59 1.68 34.83 -40.42
N ASN D 60 1.75 35.92 -39.67
CA ASN D 60 1.65 35.88 -38.22
C ASN D 60 0.36 35.15 -37.87
N PRO D 61 0.46 34.04 -37.12
CA PRO D 61 -0.71 33.22 -36.76
C PRO D 61 -1.83 34.01 -36.10
N SER D 62 -1.50 35.03 -35.31
CA SER D 62 -2.53 35.79 -34.61
C SER D 62 -3.37 36.63 -35.56
N LEU D 63 -2.85 36.84 -36.77
CA LEU D 63 -3.51 37.69 -37.75
C LEU D 63 -3.96 36.85 -38.93
N LYS D 64 -3.79 35.53 -38.82
CA LYS D 64 -3.85 34.62 -39.95
C LYS D 64 -5.10 34.75 -40.82
N SER D 65 -6.26 34.83 -40.18
CA SER D 65 -7.51 34.83 -40.92
C SER D 65 -7.87 36.21 -41.49
N ARG D 66 -7.13 37.23 -41.09
CA ARG D 66 -7.50 38.60 -41.46
C ARG D 66 -6.53 39.24 -42.46
N VAL D 67 -5.38 38.61 -42.67
CA VAL D 67 -4.31 39.26 -43.43
C VAL D 67 -4.06 38.64 -44.81
N HIS D 68 -3.71 39.48 -45.78
CA HIS D 68 -3.31 39.04 -47.10
C HIS D 68 -2.12 39.87 -47.55
N LEU D 69 -1.08 39.21 -48.05
CA LEU D 69 0.09 39.90 -48.60
C LEU D 69 0.23 39.55 -50.07
N SER D 70 0.63 40.52 -50.89
CA SER D 70 0.77 40.24 -52.32
C SER D 70 1.95 40.98 -52.93
N LEU D 71 2.43 40.49 -54.06
CA LEU D 71 3.42 41.22 -54.86
C LEU D 71 2.83 41.55 -56.21
N ASP D 72 3.07 42.78 -56.67
CA ASP D 72 2.67 43.20 -58.00
C ASP D 72 3.92 43.49 -58.81
N LYS D 73 4.29 42.55 -59.68
CA LYS D 73 5.51 42.63 -60.46
C LYS D 73 5.44 43.72 -61.53
N SER D 74 4.24 43.96 -62.04
CA SER D 74 4.06 44.90 -63.15
C SER D 74 4.25 46.34 -62.68
N LYS D 75 3.81 46.62 -61.46
CA LYS D 75 3.90 47.95 -60.89
C LYS D 75 5.07 48.04 -59.92
N ASN D 76 5.74 46.92 -59.71
CA ASN D 76 6.85 46.84 -58.75
C ASN D 76 6.47 47.31 -57.36
N LEU D 77 5.43 46.70 -56.79
CA LEU D 77 5.00 47.06 -55.45
C LEU D 77 4.57 45.87 -54.61
N VAL D 78 4.43 46.08 -53.30
CA VAL D 78 4.02 45.01 -52.40
C VAL D 78 2.77 45.48 -51.71
N SER D 79 1.79 44.61 -51.50
CA SER D 79 0.54 45.08 -50.91
C SER D 79 0.16 44.30 -49.66
N LEU D 80 -0.62 44.95 -48.80
CA LEU D 80 -1.16 44.31 -47.62
C LEU D 80 -2.64 44.65 -47.50
N ARG D 81 -3.44 43.67 -47.12
CA ARG D 81 -4.81 43.93 -46.69
C ARG D 81 -5.09 43.26 -45.35
N LEU D 82 -5.78 43.97 -44.47
CA LEU D 82 -6.11 43.46 -43.15
C LEU D 82 -7.58 43.75 -42.87
N THR D 83 -8.38 42.69 -42.74
CA THR D 83 -9.83 42.87 -42.62
C THR D 83 -10.27 43.00 -41.18
N GLY D 84 -11.50 43.47 -40.99
CA GLY D 84 -12.13 43.56 -39.68
C GLY D 84 -11.29 44.25 -38.63
N VAL D 85 -10.73 45.40 -38.97
CA VAL D 85 -9.81 46.10 -38.07
C VAL D 85 -10.51 46.61 -36.81
N THR D 86 -9.74 46.76 -35.74
CA THR D 86 -10.18 47.42 -34.52
C THR D 86 -9.10 48.37 -34.05
N ALA D 87 -9.33 49.04 -32.92
CA ALA D 87 -8.37 49.97 -32.35
C ALA D 87 -7.02 49.30 -32.07
N ALA D 88 -7.05 48.00 -31.78
CA ALA D 88 -5.83 47.23 -31.54
C ALA D 88 -4.91 47.19 -32.75
N ASP D 89 -5.45 47.47 -33.93
CA ASP D 89 -4.65 47.45 -35.16
C ASP D 89 -4.03 48.80 -35.47
N SER D 90 -4.31 49.81 -34.64
CA SER D 90 -3.69 51.11 -34.80
C SER D 90 -2.19 51.01 -34.53
N ALA D 91 -1.39 51.49 -35.47
CA ALA D 91 0.06 51.35 -35.39
C ALA D 91 0.72 52.07 -36.55
N ILE D 92 2.05 52.17 -36.51
CA ILE D 92 2.79 52.52 -37.70
C ILE D 92 3.17 51.22 -38.40
N TYR D 93 2.86 51.15 -39.69
CA TYR D 93 3.10 49.95 -40.49
C TYR D 93 4.27 50.14 -41.43
N TYR D 94 5.14 49.13 -41.49
CA TYR D 94 6.35 49.24 -42.29
C TYR D 94 6.44 48.10 -43.29
N CYS D 95 6.91 48.45 -44.47
CA CYS D 95 7.25 47.51 -45.53
C CYS D 95 8.75 47.39 -45.46
N ALA D 96 9.26 46.17 -45.66
CA ALA D 96 10.70 45.91 -45.53
C ALA D 96 11.21 44.95 -46.60
N THR D 97 12.54 44.98 -46.80
CA THR D 97 13.23 44.01 -47.64
C THR D 97 13.91 43.01 -46.72
N THR D 98 13.58 41.74 -46.90
CA THR D 98 13.82 40.75 -45.88
C THR D 98 14.86 39.77 -46.39
N LYS D 99 15.97 39.67 -45.68
CA LYS D 99 17.01 38.74 -46.11
C LYS D 99 16.96 37.49 -45.24
N HIS D 100 17.49 36.41 -45.79
CA HIS D 100 17.38 35.08 -45.21
C HIS D 100 18.79 34.61 -44.87
N GLY D 101 18.94 33.96 -43.72
CA GLY D 101 20.21 33.37 -43.34
C GLY D 101 19.98 32.00 -42.75
N ARG D 102 21.01 31.14 -42.75
CA ARG D 102 20.91 29.82 -42.14
C ARG D 102 21.98 29.55 -41.08
N ARG D 103 21.56 28.99 -39.96
CA ARG D 103 22.51 28.46 -38.98
C ARG D 103 22.76 26.99 -39.27
N ILE D 104 23.99 26.65 -39.64
CA ILE D 104 24.34 25.32 -40.12
C ILE D 104 25.44 24.73 -39.26
N TYR D 105 25.20 23.54 -38.71
CA TYR D 105 26.23 22.88 -37.89
C TYR D 105 26.69 21.57 -38.53
N GLY D 106 27.36 20.75 -37.74
CA GLY D 106 27.70 19.40 -38.16
C GLY D 106 26.42 18.60 -38.28
N VAL D 107 26.48 17.50 -39.03
CA VAL D 107 25.31 16.68 -39.28
C VAL D 107 24.79 16.07 -37.96
N VAL D 108 25.68 15.93 -36.98
CA VAL D 108 25.30 15.46 -35.65
C VAL D 108 24.27 16.41 -35.01
N ALA D 109 24.30 17.67 -35.45
CA ALA D 109 23.39 18.70 -34.94
C ALA D 109 22.31 19.13 -35.95
N PHE D 110 22.00 18.26 -36.91
CA PHE D 110 21.00 18.56 -37.96
C PHE D 110 19.65 19.05 -37.44
N LYS D 111 19.16 18.46 -36.35
CA LYS D 111 17.89 18.91 -35.79
C LYS D 111 17.94 20.37 -35.34
N GLU D 112 19.14 20.89 -35.12
CA GLU D 112 19.24 22.26 -34.63
C GLU D 112 19.52 23.27 -35.75
N TRP D 113 19.57 22.82 -37.00
CA TRP D 113 19.67 23.76 -38.12
C TRP D 113 18.39 24.56 -38.26
N PHE D 114 18.53 25.83 -38.65
CA PHE D 114 17.36 26.65 -38.82
C PHE D 114 17.66 27.87 -39.68
N THR D 115 16.60 28.43 -40.24
CA THR D 115 16.71 29.65 -41.01
C THR D 115 16.21 30.83 -40.20
N TYR D 116 16.76 32.01 -40.48
CA TYR D 116 16.31 33.20 -39.77
C TYR D 116 16.17 34.29 -40.81
N PHE D 117 15.35 35.30 -40.51
CA PHE D 117 15.17 36.43 -41.41
C PHE D 117 15.56 37.73 -40.71
N TYR D 118 16.07 38.68 -41.47
CA TYR D 118 16.35 40.01 -40.93
C TYR D 118 15.90 41.04 -41.96
N MET D 119 15.43 42.18 -41.46
CA MET D 119 14.85 43.22 -42.32
C MET D 119 15.89 44.32 -42.54
N ASP D 120 16.49 44.36 -43.72
CA ASP D 120 17.66 45.23 -43.88
C ASP D 120 17.38 46.61 -44.45
N VAL D 121 16.30 46.76 -45.23
CA VAL D 121 15.88 48.09 -45.69
C VAL D 121 14.40 48.30 -45.37
N TRP D 122 14.07 49.30 -44.55
CA TRP D 122 12.72 49.66 -44.16
C TRP D 122 12.29 50.92 -44.90
N GLY D 123 10.99 51.02 -45.12
CA GLY D 123 10.39 52.24 -45.64
C GLY D 123 10.28 53.26 -44.52
N LYS D 124 9.71 54.41 -44.80
CA LYS D 124 9.59 55.44 -43.78
C LYS D 124 8.42 55.13 -42.86
N GLY D 125 7.52 54.27 -43.33
CA GLY D 125 6.37 53.86 -42.55
C GLY D 125 5.10 54.63 -42.88
N THR D 126 3.96 53.99 -42.71
CA THR D 126 2.69 54.70 -42.85
C THR D 126 1.83 54.56 -41.59
N SER D 127 1.27 55.67 -41.13
CA SER D 127 0.49 55.70 -39.89
C SER D 127 -0.97 55.29 -40.13
N VAL D 128 -1.47 54.36 -39.33
CA VAL D 128 -2.86 53.91 -39.43
C VAL D 128 -3.63 54.04 -38.10
N THR D 129 -4.66 54.88 -38.07
CA THR D 129 -5.50 54.95 -36.86
C THR D 129 -6.91 54.42 -37.10
N VAL D 130 -7.30 53.41 -36.32
CA VAL D 130 -8.66 52.90 -36.35
C VAL D 130 -9.48 53.33 -35.13
N SER D 131 -10.48 54.19 -35.32
CA SER D 131 -11.35 54.52 -34.19
C SER D 131 -12.75 54.82 -34.65
N SER D 132 -13.68 55.05 -33.73
CA SER D 132 -15.00 55.48 -34.17
C SER D 132 -15.35 56.87 -33.65
N ALA D 133 -15.05 57.86 -34.48
CA ALA D 133 -15.54 59.23 -34.32
C ALA D 133 -15.65 59.86 -35.71
N SER D 134 -16.80 60.40 -36.08
CA SER D 134 -16.85 61.16 -37.32
C SER D 134 -16.06 62.47 -37.18
N THR D 135 -16.44 63.27 -36.19
CA THR D 135 -15.80 64.54 -35.86
C THR D 135 -16.14 64.87 -34.42
N LYS D 136 -15.32 65.68 -33.76
CA LYS D 136 -15.78 66.35 -32.55
C LYS D 136 -15.02 67.67 -32.31
N GLY D 137 -15.77 68.74 -32.07
CA GLY D 137 -15.17 70.04 -31.79
C GLY D 137 -14.73 70.23 -30.34
N PRO D 138 -13.67 71.00 -30.11
CA PRO D 138 -13.12 71.21 -28.76
C PRO D 138 -13.96 72.18 -27.92
N SER D 139 -13.78 72.14 -26.60
CA SER D 139 -14.32 73.18 -25.72
C SER D 139 -13.13 74.00 -25.21
N VAL D 140 -13.22 75.32 -25.24
CA VAL D 140 -12.06 76.13 -24.87
C VAL D 140 -12.34 76.97 -23.63
N PHE D 141 -11.47 76.87 -22.64
CA PHE D 141 -11.67 77.61 -21.39
C PHE D 141 -10.41 78.40 -21.03
N PRO D 142 -10.59 79.57 -20.43
CA PRO D 142 -9.40 80.36 -20.05
C PRO D 142 -8.76 79.86 -18.75
N LEU D 143 -7.44 79.93 -18.70
CA LEU D 143 -6.71 79.61 -17.48
C LEU D 143 -6.20 80.92 -16.90
N ALA D 144 -6.94 81.45 -15.94
CA ALA D 144 -6.77 82.81 -15.43
C ALA D 144 -5.45 83.03 -14.70
N PRO D 145 -4.84 84.21 -14.90
CA PRO D 145 -3.63 84.58 -14.17
C PRO D 145 -3.98 84.85 -12.71
N SER D 146 -3.09 84.47 -11.79
CA SER D 146 -3.35 84.67 -10.37
C SER D 146 -2.06 85.00 -9.62
N SER D 147 -0.97 84.33 -10.00
CA SER D 147 0.32 84.52 -9.34
C SER D 147 1.46 84.02 -10.22
N GLY D 152 7.95 86.75 -8.57
CA GLY D 152 8.97 86.99 -9.57
C GLY D 152 8.59 88.11 -10.52
N GLY D 153 7.46 88.75 -10.24
CA GLY D 153 6.96 89.81 -11.08
C GLY D 153 6.29 89.26 -12.32
N THR D 154 6.35 87.94 -12.48
CA THR D 154 5.78 87.28 -13.63
C THR D 154 4.69 86.31 -13.23
N ALA D 155 3.70 86.13 -14.10
CA ALA D 155 2.61 85.21 -13.88
C ALA D 155 2.43 84.36 -15.12
N ALA D 156 1.84 83.18 -14.96
CA ALA D 156 1.52 82.36 -16.11
C ALA D 156 0.02 82.45 -16.36
N LEU D 157 -0.41 81.96 -17.51
CA LEU D 157 -1.66 82.42 -18.10
C LEU D 157 -1.91 81.43 -19.21
N GLY D 158 -3.14 80.96 -19.40
CA GLY D 158 -3.31 79.99 -20.46
C GLY D 158 -4.68 79.75 -21.05
N CYS D 159 -4.76 78.70 -21.86
CA CYS D 159 -6.03 78.24 -22.41
C CYS D 159 -6.06 76.72 -22.42
N LEU D 160 -7.17 76.16 -21.97
CA LEU D 160 -7.40 74.73 -21.97
C LEU D 160 -8.27 74.36 -23.16
N VAL D 161 -7.79 73.41 -23.96
CA VAL D 161 -8.54 72.94 -25.12
C VAL D 161 -8.96 71.50 -24.85
N LYS D 162 -10.23 71.32 -24.51
CA LYS D 162 -10.72 70.09 -23.92
C LYS D 162 -11.56 69.25 -24.88
N ASP D 163 -11.29 67.95 -24.90
CA ASP D 163 -12.18 66.94 -25.50
C ASP D 163 -12.47 67.16 -26.99
N TYR D 164 -11.46 67.04 -27.84
CA TYR D 164 -11.68 67.14 -29.28
C TYR D 164 -11.17 65.91 -30.00
N PHE D 165 -11.63 65.72 -31.24
CA PHE D 165 -11.13 64.64 -32.07
C PHE D 165 -11.37 64.98 -33.54
N PRO D 166 -10.41 64.65 -34.42
CA PRO D 166 -9.09 64.10 -34.13
C PRO D 166 -8.10 65.24 -33.91
N GLU D 167 -6.82 64.88 -33.78
CA GLU D 167 -5.74 65.85 -33.92
C GLU D 167 -5.72 66.42 -35.34
N PRO D 168 -5.15 67.62 -35.53
CA PRO D 168 -4.52 68.47 -34.52
C PRO D 168 -5.34 69.72 -34.20
N VAL D 169 -4.90 70.44 -33.17
CA VAL D 169 -5.44 71.76 -32.85
C VAL D 169 -4.28 72.74 -32.91
N THR D 170 -4.50 73.92 -33.47
CA THR D 170 -3.47 74.96 -33.40
C THR D 170 -3.87 76.04 -32.40
N VAL D 171 -2.92 76.47 -31.60
CA VAL D 171 -3.17 77.57 -30.67
C VAL D 171 -2.15 78.68 -30.87
N SER D 172 -2.64 79.90 -31.03
CA SER D 172 -1.77 81.07 -31.07
C SER D 172 -2.22 82.06 -29.99
N TRP D 173 -1.39 83.06 -29.71
CA TRP D 173 -1.78 84.10 -28.77
C TRP D 173 -1.76 85.46 -29.46
N ASN D 174 -2.83 86.24 -29.22
CA ASN D 174 -3.00 87.54 -29.87
C ASN D 174 -2.79 87.48 -31.38
N SER D 175 -3.38 86.46 -32.01
CA SER D 175 -3.36 86.28 -33.47
C SER D 175 -1.96 86.03 -34.03
N GLY D 176 -0.98 85.84 -33.16
CA GLY D 176 0.38 85.64 -33.61
C GLY D 176 1.33 86.69 -33.07
N ALA D 177 0.77 87.72 -32.43
CA ALA D 177 1.59 88.80 -31.90
C ALA D 177 2.11 88.50 -30.50
N LEU D 178 2.11 87.22 -30.13
CA LEU D 178 2.78 86.76 -28.93
C LEU D 178 3.29 85.34 -29.11
N THR D 179 4.57 85.20 -29.43
CA THR D 179 5.17 83.88 -29.60
C THR D 179 6.24 83.63 -28.55
N SER D 180 6.59 84.66 -27.79
CA SER D 180 7.58 84.54 -26.72
C SER D 180 6.92 84.37 -25.36
N GLY D 181 7.45 83.45 -24.56
CA GLY D 181 6.84 83.10 -23.29
C GLY D 181 5.83 82.00 -23.54
N VAL D 182 5.63 81.69 -24.82
CA VAL D 182 4.56 80.78 -25.23
C VAL D 182 5.06 79.35 -25.19
N HIS D 183 4.26 78.48 -24.57
CA HIS D 183 4.50 77.06 -24.60
C HIS D 183 3.19 76.32 -24.83
N THR D 184 3.06 75.69 -26.00
CA THR D 184 1.90 74.87 -26.29
C THR D 184 2.23 73.39 -26.12
N PHE D 185 1.63 72.75 -25.13
CA PHE D 185 1.99 71.38 -24.77
C PHE D 185 1.43 70.41 -25.80
N PRO D 186 2.07 69.24 -25.95
CA PRO D 186 1.50 68.20 -26.81
C PRO D 186 0.21 67.64 -26.21
N ALA D 187 -0.72 67.23 -27.06
CA ALA D 187 -2.02 66.78 -26.59
C ALA D 187 -1.92 65.44 -25.87
N VAL D 188 -2.84 65.23 -24.93
CA VAL D 188 -2.99 63.93 -24.29
C VAL D 188 -4.18 63.19 -24.91
N LEU D 189 -3.98 61.92 -25.25
CA LEU D 189 -5.10 61.10 -25.68
C LEU D 189 -5.72 60.41 -24.48
N GLN D 190 -6.94 60.84 -24.14
CA GLN D 190 -7.62 60.40 -22.93
C GLN D 190 -8.25 59.03 -23.10
N SER D 191 -8.62 58.41 -21.98
CA SER D 191 -9.26 57.10 -21.99
C SER D 191 -10.61 57.14 -22.72
N SER D 192 -11.17 58.33 -22.86
CA SER D 192 -12.41 58.52 -23.59
C SER D 192 -12.19 58.42 -25.10
N GLY D 193 -10.92 58.45 -25.52
CA GLY D 193 -10.60 58.44 -26.93
C GLY D 193 -10.62 59.84 -27.51
N LEU D 194 -10.82 60.82 -26.65
CA LEU D 194 -10.73 62.22 -27.02
C LEU D 194 -9.39 62.81 -26.62
N TYR D 195 -8.99 63.89 -27.29
CA TYR D 195 -7.76 64.56 -26.94
C TYR D 195 -8.04 65.82 -26.14
N SER D 196 -7.05 66.24 -25.34
CA SER D 196 -7.07 67.55 -24.73
C SER D 196 -5.66 68.11 -24.73
N LEU D 197 -5.55 69.44 -24.78
CA LEU D 197 -4.27 70.10 -24.61
C LEU D 197 -4.41 71.48 -23.97
N SER D 198 -3.28 72.05 -23.58
CA SER D 198 -3.26 73.37 -22.97
C SER D 198 -2.14 74.18 -23.59
N SER D 199 -2.30 75.50 -23.59
CA SER D 199 -1.22 76.38 -24.02
C SER D 199 -1.05 77.46 -22.97
N VAL D 200 0.19 77.82 -22.68
CA VAL D 200 0.45 78.82 -21.65
C VAL D 200 1.41 79.92 -22.12
N VAL D 201 1.26 81.09 -21.52
CA VAL D 201 2.20 82.19 -21.69
C VAL D 201 2.62 82.72 -20.33
N THR D 202 3.85 83.21 -20.28
CA THR D 202 4.41 83.83 -19.09
C THR D 202 4.56 85.32 -19.36
N VAL D 203 3.92 86.15 -18.54
CA VAL D 203 3.89 87.58 -18.77
C VAL D 203 4.20 88.36 -17.50
N PRO D 204 4.71 89.59 -17.64
CA PRO D 204 4.89 90.44 -16.46
C PRO D 204 3.55 90.78 -15.83
N SER D 205 3.49 90.74 -14.49
CA SER D 205 2.22 90.84 -13.77
C SER D 205 1.56 92.22 -13.88
N SER D 206 2.34 93.22 -14.27
CA SER D 206 1.84 94.59 -14.32
C SER D 206 0.83 94.79 -15.43
N GLY D 209 -1.82 96.38 -16.12
CA GLY D 209 -3.03 96.14 -16.88
C GLY D 209 -2.92 96.64 -18.30
N THR D 210 -1.73 96.51 -18.88
CA THR D 210 -1.53 96.94 -20.27
C THR D 210 -2.17 95.99 -21.29
N GLN D 211 -1.35 95.13 -21.86
CA GLN D 211 -1.76 94.33 -23.02
C GLN D 211 -2.92 93.38 -22.75
N THR D 212 -3.67 93.05 -23.80
CA THR D 212 -4.78 92.12 -23.71
C THR D 212 -4.31 90.75 -24.18
N TYR D 213 -4.73 89.68 -23.50
CA TYR D 213 -4.30 88.34 -23.86
C TYR D 213 -5.46 87.48 -24.34
N ILE D 214 -5.39 87.07 -25.60
CA ILE D 214 -6.41 86.27 -26.24
C ILE D 214 -5.76 85.06 -26.87
N CYS D 215 -6.28 83.87 -26.59
CA CYS D 215 -5.82 82.68 -27.29
C CYS D 215 -6.73 82.34 -28.45
N ASN D 216 -6.13 82.01 -29.59
CA ASN D 216 -6.86 81.66 -30.78
C ASN D 216 -6.64 80.18 -31.05
N VAL D 217 -7.72 79.42 -30.97
CA VAL D 217 -7.68 77.98 -31.12
C VAL D 217 -8.39 77.61 -32.41
N ASN D 218 -7.73 76.83 -33.24
CA ASN D 218 -8.39 76.34 -34.44
C ASN D 218 -8.32 74.82 -34.56
N HIS D 219 -9.48 74.22 -34.79
CA HIS D 219 -9.57 72.79 -35.03
C HIS D 219 -10.12 72.56 -36.43
N LYS D 220 -9.22 72.41 -37.41
CA LYS D 220 -9.62 72.31 -38.80
C LYS D 220 -10.60 71.16 -39.14
N PRO D 221 -10.34 69.93 -38.66
CA PRO D 221 -11.27 68.83 -38.95
C PRO D 221 -12.75 69.10 -38.62
N SER D 222 -13.02 69.96 -37.64
CA SER D 222 -14.39 70.28 -37.27
C SER D 222 -14.80 71.71 -37.65
N ASN D 223 -13.93 72.38 -38.40
CA ASN D 223 -14.14 73.78 -38.79
C ASN D 223 -14.45 74.65 -37.59
N THR D 224 -13.74 74.42 -36.49
CA THR D 224 -13.93 75.18 -35.27
C THR D 224 -12.79 76.17 -35.08
N LYS D 225 -13.15 77.44 -34.85
CA LYS D 225 -12.20 78.46 -34.48
C LYS D 225 -12.77 79.22 -33.28
N VAL D 226 -11.98 79.36 -32.22
CA VAL D 226 -12.43 80.05 -31.02
C VAL D 226 -11.38 81.05 -30.53
N ASP D 227 -11.81 82.29 -30.27
CA ASP D 227 -10.93 83.25 -29.62
C ASP D 227 -11.39 83.44 -28.18
N LYS D 228 -10.47 83.27 -27.24
CA LYS D 228 -10.81 83.30 -25.83
C LYS D 228 -9.96 84.31 -25.09
N ARG D 229 -10.61 85.31 -24.51
CA ARG D 229 -9.90 86.30 -23.71
C ARG D 229 -9.60 85.74 -22.34
N VAL D 230 -8.37 85.94 -21.88
CA VAL D 230 -7.94 85.41 -20.59
C VAL D 230 -7.63 86.53 -19.61
N GLU D 231 -8.46 86.65 -18.57
CA GLU D 231 -8.34 87.74 -17.62
C GLU D 231 -8.18 87.21 -16.19
N PRO D 232 -7.51 87.98 -15.34
CA PRO D 232 -7.44 87.71 -13.89
C PRO D 232 -8.84 87.61 -13.28
N VAL E 14 57.99 -22.74 12.01
CA VAL E 14 57.44 -21.67 11.19
C VAL E 14 56.11 -21.18 11.75
N TRP E 15 56.00 -19.88 11.96
CA TRP E 15 54.76 -19.29 12.45
C TRP E 15 54.33 -18.12 11.56
N LYS E 16 53.29 -18.37 10.76
CA LYS E 16 52.72 -17.35 9.89
C LYS E 16 51.40 -16.86 10.47
N ASP E 17 51.12 -15.57 10.32
CA ASP E 17 50.01 -14.95 11.02
C ASP E 17 48.91 -14.45 10.09
N ALA E 18 47.88 -13.86 10.69
CA ALA E 18 46.81 -13.15 9.95
C ALA E 18 46.01 -14.01 8.97
N GLU E 19 45.09 -14.80 9.52
CA GLU E 19 44.23 -15.69 8.75
C GLU E 19 42.79 -15.53 9.23
N THR E 20 41.89 -15.04 8.38
CA THR E 20 40.51 -14.89 8.79
C THR E 20 39.86 -16.27 8.86
N THR E 21 40.08 -16.90 10.01
CA THR E 21 39.57 -18.23 10.34
C THR E 21 39.41 -18.28 11.85
N LEU E 22 38.18 -18.22 12.33
CA LEU E 22 37.95 -18.27 13.76
C LEU E 22 36.87 -19.28 14.09
N PHE E 23 37.26 -20.35 14.78
CA PHE E 23 36.29 -21.26 15.36
C PHE E 23 35.57 -20.59 16.52
N CYS E 24 34.45 -21.17 16.96
CA CYS E 24 33.68 -20.55 18.03
C CYS E 24 33.36 -21.59 19.12
N ALA E 25 33.09 -21.13 20.33
CA ALA E 25 32.68 -22.03 21.42
C ALA E 25 31.72 -21.34 22.38
N SER E 26 30.71 -22.09 22.85
CA SER E 26 29.68 -21.58 23.76
C SER E 26 28.52 -22.56 23.88
N ASP E 27 28.08 -22.79 25.12
CA ASP E 27 26.70 -23.11 25.49
C ASP E 27 26.73 -23.97 26.74
N ALA E 28 25.71 -23.77 27.56
CA ALA E 28 25.54 -24.48 28.81
C ALA E 28 24.06 -24.74 29.06
N LYS E 29 23.39 -23.72 29.60
CA LYS E 29 21.96 -23.78 29.89
C LYS E 29 21.12 -22.96 28.91
N ALA E 30 21.78 -22.08 28.16
CA ALA E 30 21.09 -21.19 27.24
C ALA E 30 20.75 -21.84 25.91
N TYR E 31 19.61 -21.43 25.35
CA TYR E 31 19.12 -21.92 24.06
C TYR E 31 18.81 -20.86 23.01
N GLU E 32 17.52 -20.57 22.87
CA GLU E 32 17.02 -19.61 21.91
C GLU E 32 16.40 -18.41 22.62
N THR E 33 15.36 -17.88 21.98
CA THR E 33 14.61 -16.70 22.44
C THR E 33 15.48 -15.46 22.34
N GLU E 34 16.13 -15.11 23.45
CA GLU E 34 17.05 -13.98 23.52
C GLU E 34 17.98 -13.99 22.30
N LYS E 35 18.19 -12.83 21.68
CA LYS E 35 18.92 -12.76 20.42
C LYS E 35 20.38 -13.19 20.56
N HIS E 36 20.98 -12.83 21.69
CA HIS E 36 22.35 -13.25 21.98
C HIS E 36 22.39 -14.76 22.15
N ASN E 37 21.38 -15.30 22.82
CA ASN E 37 21.29 -16.73 23.05
C ASN E 37 21.06 -17.44 21.72
N VAL E 38 20.19 -16.88 20.89
CA VAL E 38 19.91 -17.42 19.57
C VAL E 38 21.19 -17.45 18.73
N TRP E 39 21.96 -16.37 18.83
CA TRP E 39 23.20 -16.24 18.07
C TRP E 39 24.25 -17.25 18.52
N ALA E 40 24.51 -17.30 19.82
CA ALA E 40 25.50 -18.26 20.31
C ALA E 40 25.08 -19.68 19.99
N THR E 41 23.78 -19.96 20.12
CA THR E 41 23.20 -21.25 19.79
C THR E 41 23.45 -21.63 18.33
N HIS E 42 23.36 -20.65 17.43
CA HIS E 42 23.44 -20.92 16.01
C HIS E 42 24.87 -20.88 15.47
N ALA E 43 25.78 -20.25 16.21
CA ALA E 43 27.12 -20.06 15.68
C ALA E 43 28.20 -20.71 16.54
N CYS E 44 27.80 -21.42 17.59
CA CYS E 44 28.76 -22.04 18.50
C CYS E 44 28.40 -23.46 18.93
N VAL E 45 29.45 -24.23 19.24
CA VAL E 45 29.31 -25.59 19.72
C VAL E 45 29.94 -25.54 21.12
N PRO E 46 29.50 -26.40 22.04
CA PRO E 46 30.15 -26.48 23.36
C PRO E 46 31.66 -26.67 23.33
N THR E 47 32.29 -26.47 24.48
CA THR E 47 33.74 -26.52 24.58
C THR E 47 34.15 -27.72 25.42
N ASP E 48 35.44 -27.83 25.72
CA ASP E 48 35.95 -28.95 26.50
C ASP E 48 36.89 -28.39 27.54
N PRO E 49 36.83 -28.90 28.78
CA PRO E 49 37.76 -28.26 29.70
C PRO E 49 39.14 -28.91 29.83
N ASN E 50 39.77 -29.11 28.67
CA ASN E 50 41.17 -29.47 28.57
C ASN E 50 42.15 -28.29 28.68
N PRO E 51 41.92 -27.18 27.93
CA PRO E 51 42.99 -26.44 27.25
C PRO E 51 44.24 -26.26 28.11
N GLN E 52 45.38 -26.65 27.54
CA GLN E 52 46.66 -26.71 28.27
C GLN E 52 47.64 -25.59 27.98
N GLU E 53 47.42 -24.87 26.89
CA GLU E 53 48.30 -23.82 26.37
C GLU E 53 49.76 -24.32 26.44
N ILE E 54 50.35 -24.22 27.62
CA ILE E 54 51.72 -24.61 27.95
C ILE E 54 52.77 -23.79 27.20
N HIS E 55 53.30 -22.78 27.88
CA HIS E 55 54.35 -21.93 27.34
C HIS E 55 55.61 -22.75 27.10
N LEU E 56 56.36 -22.44 26.05
CA LEU E 56 57.63 -23.12 25.83
C LEU E 56 58.79 -22.16 26.08
N GLU E 57 59.83 -22.68 26.72
CA GLU E 57 61.01 -21.91 27.13
C GLU E 57 61.52 -21.07 25.95
N ASN E 58 61.89 -19.82 26.26
CA ASN E 58 62.36 -18.85 25.28
C ASN E 58 61.32 -18.52 24.21
N VAL E 59 61.59 -18.87 22.94
CA VAL E 59 60.73 -18.60 21.78
C VAL E 59 60.14 -17.16 21.83
N THR E 60 61.01 -16.20 21.53
CA THR E 60 60.71 -14.75 21.36
C THR E 60 60.16 -13.85 22.51
N GLU E 61 60.28 -12.56 22.20
CA GLU E 61 59.94 -11.37 22.93
C GLU E 61 59.30 -10.27 22.06
N GLU E 62 58.76 -10.59 20.89
CA GLU E 62 58.26 -9.51 20.03
C GLU E 62 56.77 -9.65 19.76
N PHE E 63 56.02 -8.55 19.91
CA PHE E 63 54.56 -8.59 19.67
C PHE E 63 53.95 -7.22 19.36
N ASN E 64 52.70 -7.18 18.87
CA ASN E 64 51.99 -5.92 18.63
C ASN E 64 50.46 -6.05 18.55
N MET E 65 49.79 -6.01 19.70
CA MET E 65 48.32 -6.19 19.77
C MET E 65 47.42 -5.30 18.89
N TRP E 66 47.82 -4.06 18.62
CA TRP E 66 46.94 -3.15 17.90
C TRP E 66 46.89 -3.31 16.38
N LYS E 67 47.67 -4.23 15.82
CA LYS E 67 47.63 -4.48 14.39
C LYS E 67 47.04 -5.86 14.09
N ASN E 68 46.11 -6.28 14.94
CA ASN E 68 45.44 -7.57 14.82
C ASN E 68 44.15 -7.57 13.98
N ASN E 69 44.15 -8.29 12.86
CA ASN E 69 42.96 -8.30 11.99
C ASN E 69 41.88 -9.24 12.54
N MET E 70 42.19 -9.90 13.65
CA MET E 70 41.23 -10.78 14.31
C MET E 70 40.14 -9.92 14.89
N VAL E 71 40.53 -8.76 15.40
CA VAL E 71 39.58 -7.82 15.97
C VAL E 71 38.56 -7.45 14.90
N GLU E 72 39.07 -6.98 13.76
CA GLU E 72 38.24 -6.57 12.63
C GLU E 72 37.34 -7.71 12.16
N GLN E 73 37.80 -8.93 12.39
CA GLN E 73 37.03 -10.11 12.02
C GLN E 73 35.87 -10.30 13.00
N MET E 74 36.17 -10.36 14.29
CA MET E 74 35.13 -10.52 15.31
C MET E 74 34.08 -9.42 15.18
N HIS E 75 34.55 -8.21 14.90
CA HIS E 75 33.68 -7.05 14.71
C HIS E 75 32.72 -7.25 13.55
N THR E 76 33.27 -7.35 12.35
CA THR E 76 32.45 -7.50 11.15
C THR E 76 31.51 -8.71 11.26
N ASP E 77 31.99 -9.75 11.94
CA ASP E 77 31.20 -10.95 12.19
C ASP E 77 29.98 -10.61 13.03
N ILE E 78 30.20 -10.04 14.21
CA ILE E 78 29.09 -9.69 15.11
C ILE E 78 28.09 -8.75 14.45
N ILE E 79 28.57 -7.81 13.63
CA ILE E 79 27.66 -6.89 12.95
C ILE E 79 26.82 -7.60 11.89
N SER E 80 27.47 -8.41 11.05
CA SER E 80 26.76 -9.21 10.06
C SER E 80 25.72 -10.11 10.73
N LEU E 81 26.09 -10.66 11.88
CA LEU E 81 25.17 -11.47 12.68
C LEU E 81 23.98 -10.63 13.14
N TRP E 82 24.26 -9.36 13.46
CA TRP E 82 23.20 -8.44 13.88
C TRP E 82 22.21 -8.25 12.75
N ASP E 83 22.71 -8.15 11.51
CA ASP E 83 21.81 -8.06 10.36
C ASP E 83 21.03 -9.37 10.15
N GLN E 84 21.72 -10.49 10.41
CA GLN E 84 21.08 -11.80 10.32
C GLN E 84 19.95 -11.92 11.33
N SER E 85 20.05 -11.17 12.42
CA SER E 85 18.94 -11.03 13.36
C SER E 85 17.91 -10.04 12.86
N LEU E 86 18.36 -9.06 12.07
CA LEU E 86 17.47 -8.06 11.51
C LEU E 86 16.49 -8.68 10.52
N LYS E 87 16.92 -9.77 9.88
CA LYS E 87 16.11 -10.41 8.82
C LYS E 87 14.65 -10.79 9.16
N PRO E 88 14.42 -11.72 10.10
CA PRO E 88 13.07 -12.31 10.17
C PRO E 88 11.97 -11.41 10.76
N CYS E 89 12.10 -11.00 12.02
CA CYS E 89 11.00 -10.30 12.70
C CYS E 89 11.03 -8.79 12.55
N VAL E 90 12.23 -8.20 12.53
CA VAL E 90 12.38 -6.76 12.59
C VAL E 90 11.74 -6.06 11.39
N LYS E 91 11.01 -4.97 11.66
CA LYS E 91 10.20 -4.33 10.64
C LYS E 91 10.78 -2.98 10.20
N LEU E 92 11.25 -2.94 8.96
CA LEU E 92 11.82 -1.72 8.38
C LEU E 92 10.75 -0.68 8.00
N THR E 93 9.48 -1.07 8.08
CA THR E 93 8.40 -0.22 7.58
C THR E 93 7.10 -0.59 8.30
N PRO E 94 5.95 -0.03 7.88
CA PRO E 94 5.62 1.25 7.23
C PRO E 94 5.25 2.42 8.16
N LEU E 95 4.84 2.10 9.38
CA LEU E 95 3.97 2.97 10.18
C LEU E 95 4.50 4.37 10.57
N CYS E 96 5.81 4.59 10.55
CA CYS E 96 6.32 5.90 10.94
C CYS E 96 5.98 6.92 9.85
N VAL E 97 4.97 7.75 10.13
CA VAL E 97 4.62 8.86 9.25
C VAL E 97 4.56 10.20 9.97
N THR E 98 3.61 10.29 10.89
CA THR E 98 3.30 11.50 11.66
C THR E 98 2.79 11.08 13.03
N LEU E 99 3.12 11.81 14.08
CA LEU E 99 2.63 11.38 15.39
C LEU E 99 1.78 12.41 16.10
N GLN E 100 0.59 12.01 16.59
CA GLN E 100 -0.21 13.01 17.27
C GLN E 100 0.02 12.88 18.76
N CYS E 101 0.99 13.64 19.25
CA CYS E 101 1.51 13.50 20.60
C CYS E 101 1.01 14.62 21.49
N THR E 102 0.95 14.33 22.79
CA THR E 102 0.64 15.35 23.77
C THR E 102 1.56 15.15 24.97
N ASN E 103 1.42 16.00 25.97
CA ASN E 103 2.25 15.87 27.16
C ASN E 103 1.47 15.73 28.45
N VAL E 104 2.07 15.04 29.41
CA VAL E 104 1.45 14.78 30.70
C VAL E 104 1.65 15.93 31.68
N THR E 105 2.16 17.06 31.20
CA THR E 105 2.44 18.21 32.04
C THR E 105 1.27 19.17 32.11
N ASN E 106 0.65 19.26 33.28
CA ASN E 106 -0.48 20.16 33.49
C ASN E 106 -0.10 21.40 34.31
N ASN E 107 1.19 21.50 34.62
CA ASN E 107 1.77 22.59 35.40
C ASN E 107 3.26 22.30 35.35
N ILE E 108 4.10 23.33 35.38
CA ILE E 108 5.49 23.13 34.95
C ILE E 108 6.54 24.06 35.54
N THR E 109 7.74 23.51 35.72
CA THR E 109 8.93 24.27 36.05
C THR E 109 10.08 23.77 35.18
N ASP E 110 11.04 24.66 34.92
CA ASP E 110 12.29 24.31 34.23
C ASP E 110 12.13 24.02 32.73
N ASP E 111 10.91 24.19 32.21
CA ASP E 111 10.63 23.97 30.79
C ASP E 111 11.06 22.57 30.32
N MET E 112 10.64 21.56 31.07
CA MET E 112 11.10 20.19 30.86
C MET E 112 10.72 19.58 29.52
N ARG E 113 9.53 19.95 29.03
CA ARG E 113 8.94 19.27 27.86
C ARG E 113 8.87 17.78 28.17
N GLY E 114 9.42 16.95 27.29
CA GLY E 114 9.60 15.55 27.61
C GLY E 114 10.45 14.77 26.62
N GLU E 115 11.21 13.82 27.14
CA GLU E 115 11.95 12.88 26.30
C GLU E 115 10.97 11.79 25.86
N LEU E 116 10.08 11.42 26.76
CA LEU E 116 9.09 10.39 26.50
C LEU E 116 7.73 11.06 26.34
N LYS E 117 6.95 10.58 25.37
CA LYS E 117 5.65 11.15 25.11
C LYS E 117 4.63 10.04 24.86
N ASN E 118 3.44 10.22 25.39
CA ASN E 118 2.37 9.26 25.11
C ASN E 118 1.49 9.87 24.04
N CYS E 119 1.34 9.14 22.93
CA CYS E 119 0.75 9.71 21.74
C CYS E 119 -0.39 8.89 21.17
N SER E 120 -1.15 9.54 20.31
CA SER E 120 -2.30 8.98 19.63
C SER E 120 -1.89 8.80 18.17
N PHE E 121 -2.51 7.81 17.54
CA PHE E 121 -2.27 7.46 16.15
C PHE E 121 -3.47 6.88 15.43
N ASN E 122 -3.25 6.73 14.12
CA ASN E 122 -4.19 6.19 13.16
C ASN E 122 -3.48 4.99 12.53
N MET E 123 -4.01 3.79 12.67
CA MET E 123 -3.22 2.63 12.27
C MET E 123 -3.95 1.65 11.38
N THR E 124 -3.33 1.30 10.25
CA THR E 124 -3.85 0.26 9.40
C THR E 124 -3.86 -1.00 10.25
N THR E 125 -5.05 -1.55 10.46
CA THR E 125 -5.21 -2.80 11.19
C THR E 125 -5.38 -4.00 10.27
N GLU E 126 -6.63 -4.29 9.92
CA GLU E 126 -6.95 -5.35 8.96
C GLU E 126 -7.59 -4.78 7.69
N LEU E 127 -7.85 -5.66 6.73
CA LEU E 127 -8.58 -5.30 5.52
C LEU E 127 -7.95 -4.17 4.73
N ARG E 128 -8.78 -3.36 4.09
CA ARG E 128 -8.32 -2.24 3.27
C ARG E 128 -8.77 -0.90 3.82
N ASP E 129 -7.80 -0.11 4.26
CA ASP E 129 -8.02 1.28 4.66
C ASP E 129 -8.98 1.45 5.84
N LYS E 130 -8.84 0.60 6.85
CA LYS E 130 -9.47 0.90 8.14
C LYS E 130 -8.40 1.28 9.15
N LYS E 131 -8.77 2.13 10.11
CA LYS E 131 -7.85 2.50 11.18
C LYS E 131 -8.51 2.39 12.54
N GLN E 132 -7.69 2.39 13.58
CA GLN E 132 -8.17 2.43 14.95
C GLN E 132 -7.24 3.33 15.76
N LYS E 133 -7.77 3.93 16.82
CA LYS E 133 -7.00 4.89 17.61
C LYS E 133 -5.94 4.11 18.39
N VAL E 134 -4.67 4.44 18.21
CA VAL E 134 -3.65 3.66 18.92
C VAL E 134 -2.56 4.46 19.64
N TYR E 135 -2.26 4.02 20.86
CA TYR E 135 -1.13 4.53 21.63
C TYR E 135 0.19 4.34 20.91
N SER E 136 1.07 5.35 21.01
CA SER E 136 2.42 5.22 20.51
C SER E 136 3.39 6.02 21.38
N LEU E 137 4.55 5.45 21.67
CA LEU E 137 5.57 6.20 22.41
C LEU E 137 6.79 6.49 21.56
N PHE E 138 7.34 7.67 21.76
CA PHE E 138 8.53 8.10 21.05
C PHE E 138 9.53 8.61 22.07
N TYR E 139 10.76 8.12 22.01
CA TYR E 139 11.80 8.59 22.91
C TYR E 139 12.70 9.62 22.24
N ARG E 140 12.83 10.78 22.87
CA ARG E 140 13.61 11.88 22.32
C ARG E 140 14.18 12.75 23.43
N TYR E 161 2.38 18.09 20.89
CA TYR E 161 3.27 18.23 19.75
C TYR E 161 2.89 17.21 18.68
N ARG E 162 3.02 17.58 17.42
CA ARG E 162 2.62 16.70 16.32
C ARG E 162 3.78 16.28 15.41
N LEU E 163 3.47 15.43 14.43
CA LEU E 163 4.37 15.10 13.32
C LEU E 163 5.67 14.46 13.78
N ILE E 164 6.80 15.01 13.30
CA ILE E 164 8.18 14.70 13.73
C ILE E 164 8.77 13.41 13.14
N ASN E 165 7.99 12.33 13.11
CA ASN E 165 8.40 11.02 12.61
C ASN E 165 9.86 10.61 12.84
N CYS E 166 10.37 9.84 11.88
CA CYS E 166 11.71 9.28 11.90
C CYS E 166 12.45 9.83 10.69
N ASN E 167 13.79 9.80 10.69
CA ASN E 167 14.49 10.34 9.52
C ASN E 167 14.98 9.26 8.54
N THR E 168 14.20 9.07 7.49
CA THR E 168 14.59 8.30 6.30
C THR E 168 15.02 6.85 6.50
N SER E 169 14.74 6.27 7.68
CA SER E 169 14.80 4.82 7.88
C SER E 169 14.29 4.46 9.27
N ALA E 170 13.55 3.36 9.37
CA ALA E 170 13.19 2.81 10.67
C ALA E 170 12.95 1.30 10.66
N ILE E 171 13.92 0.52 11.13
CA ILE E 171 13.69 -0.89 11.42
C ILE E 171 13.24 -1.04 12.87
N THR E 172 12.15 -1.77 13.07
CA THR E 172 11.62 -1.99 14.42
C THR E 172 11.79 -3.45 14.83
N GLN E 173 12.62 -3.69 15.83
CA GLN E 173 13.02 -5.05 16.18
C GLN E 173 11.88 -5.83 16.84
N ALA E 174 11.57 -5.47 18.09
CA ALA E 174 10.46 -6.08 18.83
C ALA E 174 10.57 -7.60 18.90
N CYS E 175 9.70 -8.28 18.15
CA CYS E 175 9.65 -9.75 18.05
C CYS E 175 9.04 -10.39 19.28
N PRO E 176 8.36 -11.54 19.10
CA PRO E 176 7.69 -12.24 20.21
C PRO E 176 8.65 -12.80 21.25
N LYS E 177 9.65 -13.57 20.81
CA LYS E 177 10.62 -14.14 21.73
C LYS E 177 12.06 -13.73 21.43
N VAL E 178 12.52 -12.68 22.11
CA VAL E 178 13.91 -12.23 22.05
C VAL E 178 14.32 -11.51 23.33
N SER E 179 15.58 -11.12 23.38
CA SER E 179 16.15 -10.30 24.45
C SER E 179 17.56 -9.93 24.02
N PHE E 180 18.31 -9.24 24.88
CA PHE E 180 19.65 -8.80 24.51
C PHE E 180 20.60 -8.66 25.69
N GLU E 181 21.30 -9.76 25.98
CA GLU E 181 22.32 -9.80 27.00
C GLU E 181 23.53 -10.51 26.42
N PRO E 182 24.71 -9.88 26.44
CA PRO E 182 25.92 -10.46 25.87
C PRO E 182 26.19 -11.87 26.40
N ILE E 183 26.58 -12.77 25.49
CA ILE E 183 26.84 -14.18 25.79
C ILE E 183 28.27 -14.54 25.41
N PRO E 184 29.00 -15.20 26.33
CA PRO E 184 30.39 -15.58 26.12
C PRO E 184 30.61 -16.31 24.81
N ILE E 185 31.52 -15.76 24.01
CA ILE E 185 31.83 -16.33 22.72
C ILE E 185 33.32 -16.58 22.69
N HIS E 186 33.71 -17.81 22.40
CA HIS E 186 35.12 -18.18 22.38
C HIS E 186 35.65 -18.14 20.96
N TYR E 187 36.88 -17.67 20.78
CA TYR E 187 37.47 -17.72 19.46
C TYR E 187 38.63 -18.72 19.41
N CYS E 188 38.54 -19.68 18.51
CA CYS E 188 39.54 -20.76 18.46
C CYS E 188 40.31 -20.80 17.15
N ALA E 189 41.51 -21.38 17.16
CA ALA E 189 42.26 -21.55 15.92
C ALA E 189 41.95 -22.91 15.30
N PRO E 190 41.89 -22.98 13.97
CA PRO E 190 41.56 -24.25 13.28
C PRO E 190 42.64 -25.33 13.38
N ALA E 191 42.68 -26.18 12.36
CA ALA E 191 43.64 -27.28 12.29
C ALA E 191 44.94 -26.82 11.63
N GLY E 192 46.06 -26.99 12.32
CA GLY E 192 47.34 -26.60 11.76
C GLY E 192 47.62 -25.17 12.14
N PHE E 193 46.75 -24.63 12.99
CA PHE E 193 46.88 -23.26 13.47
C PHE E 193 46.94 -23.22 14.99
N ALA E 194 47.60 -22.20 15.51
CA ALA E 194 47.66 -21.96 16.93
C ALA E 194 47.36 -20.49 17.21
N ILE E 195 47.36 -20.12 18.47
CA ILE E 195 47.17 -18.73 18.87
C ILE E 195 48.18 -18.44 19.95
N LEU E 196 49.15 -17.58 19.64
CA LEU E 196 50.13 -17.23 20.65
C LEU E 196 49.46 -16.26 21.62
N LYS E 197 49.92 -16.27 22.87
CA LYS E 197 49.31 -15.45 23.90
C LYS E 197 50.31 -14.87 24.89
N CYS E 198 50.48 -13.56 24.88
CA CYS E 198 51.39 -12.93 25.83
C CYS E 198 50.85 -12.95 27.26
N LYS E 199 51.49 -13.71 28.12
CA LYS E 199 51.04 -13.78 29.50
C LYS E 199 51.82 -12.80 30.37
N ASP E 200 52.67 -12.00 29.72
CA ASP E 200 53.39 -10.92 30.41
C ASP E 200 52.50 -9.83 30.97
N LYS E 201 52.55 -9.66 32.29
CA LYS E 201 51.70 -8.70 33.02
C LYS E 201 51.94 -7.23 32.64
N LYS E 202 53.18 -6.94 32.25
CA LYS E 202 53.62 -5.60 31.85
C LYS E 202 54.13 -5.56 30.42
N PHE E 203 53.20 -5.31 29.51
CA PHE E 203 53.44 -5.26 28.07
C PHE E 203 53.33 -3.85 27.52
N ASN E 204 54.32 -3.45 26.73
CA ASN E 204 54.35 -2.08 26.20
C ASN E 204 53.49 -1.96 24.96
N GLY E 205 52.92 -3.08 24.53
CA GLY E 205 51.95 -3.07 23.44
C GLY E 205 52.55 -3.18 22.05
N THR E 206 53.84 -2.94 21.94
CA THR E 206 54.53 -2.95 20.65
C THR E 206 55.78 -3.80 20.68
N GLY E 207 55.88 -4.67 21.66
CA GLY E 207 57.12 -4.84 22.37
C GLY E 207 57.57 -6.19 22.86
N PRO E 208 58.46 -6.17 23.88
CA PRO E 208 59.17 -7.25 24.56
C PRO E 208 58.28 -8.14 25.43
N CYS E 209 57.93 -9.31 24.87
CA CYS E 209 57.16 -10.30 25.59
C CYS E 209 57.87 -11.68 25.65
N PRO E 210 58.27 -12.05 26.89
CA PRO E 210 59.00 -13.21 27.40
C PRO E 210 58.27 -14.55 27.48
N SER E 211 56.95 -14.49 27.66
CA SER E 211 56.14 -15.69 27.81
C SER E 211 55.03 -15.83 26.79
N VAL E 212 55.29 -16.66 25.78
CA VAL E 212 54.34 -16.93 24.72
C VAL E 212 53.73 -18.33 24.91
N SER E 213 52.41 -18.42 24.90
CA SER E 213 51.82 -19.75 24.94
C SER E 213 50.89 -19.92 23.75
N THR E 214 50.38 -21.12 23.57
CA THR E 214 49.55 -21.44 22.41
C THR E 214 48.30 -22.14 22.88
N VAL E 215 47.16 -21.47 22.78
CA VAL E 215 45.92 -22.11 23.18
C VAL E 215 45.14 -22.45 21.91
N GLN E 216 44.29 -23.47 21.99
CA GLN E 216 43.43 -23.80 20.87
C GLN E 216 42.20 -22.90 20.85
N CYS E 217 41.61 -22.69 22.02
CA CYS E 217 40.41 -21.88 22.14
C CYS E 217 40.48 -20.90 23.32
N THR E 218 39.91 -19.71 23.16
CA THR E 218 39.87 -18.74 24.25
C THR E 218 38.91 -19.16 25.37
N HIS E 219 39.05 -18.48 26.50
CA HIS E 219 38.22 -18.76 27.68
C HIS E 219 36.74 -18.36 27.47
N GLY E 220 36.46 -17.55 26.46
CA GLY E 220 35.10 -17.11 26.21
C GLY E 220 34.91 -15.63 26.48
N ILE E 221 34.76 -14.88 25.40
CA ILE E 221 34.62 -13.43 25.46
C ILE E 221 33.17 -12.98 25.33
N LYS E 222 32.76 -12.12 26.26
CA LYS E 222 31.43 -11.53 26.26
C LYS E 222 31.40 -10.24 25.42
N PRO E 223 30.43 -10.16 24.48
CA PRO E 223 30.16 -9.06 23.54
C PRO E 223 29.49 -7.82 24.13
N VAL E 224 30.18 -7.09 25.00
CA VAL E 224 29.61 -5.93 25.67
C VAL E 224 29.77 -4.68 24.82
N VAL E 225 28.65 -4.14 24.35
CA VAL E 225 28.68 -2.93 23.54
C VAL E 225 28.49 -1.66 24.37
N SER E 226 29.61 -0.97 24.63
CA SER E 226 29.59 0.26 25.41
C SER E 226 30.75 1.17 24.99
N THR E 227 30.75 2.39 25.52
CA THR E 227 31.81 3.36 25.26
C THR E 227 32.37 3.88 26.59
N GLN E 228 33.60 4.39 26.59
CA GLN E 228 34.20 4.99 27.79
C GLN E 228 34.60 4.03 28.91
N LEU E 229 33.71 3.14 29.34
CA LEU E 229 34.00 2.23 30.46
C LEU E 229 33.90 0.76 30.05
N LEU E 230 34.71 -0.21 30.54
CA LEU E 230 34.28 -1.50 30.01
C LEU E 230 33.34 -2.07 31.06
N LEU E 231 32.26 -2.69 30.64
CA LEU E 231 31.27 -3.15 31.61
C LEU E 231 31.24 -4.63 31.40
N ASN E 232 31.03 -5.38 32.48
CA ASN E 232 31.53 -6.75 32.55
C ASN E 232 33.03 -6.77 32.21
N GLY E 233 33.35 -7.42 31.11
CA GLY E 233 34.71 -7.57 30.59
C GLY E 233 35.73 -8.27 31.47
N SER E 234 37.01 -8.08 31.15
CA SER E 234 38.11 -8.69 31.92
C SER E 234 39.00 -7.77 32.75
N LEU E 235 39.47 -8.26 33.89
CA LEU E 235 40.28 -7.46 34.81
C LEU E 235 41.77 -7.79 34.63
N ALA E 236 42.64 -6.87 35.05
CA ALA E 236 44.08 -7.08 35.01
C ALA E 236 44.53 -7.94 36.18
N GLU E 237 45.45 -8.87 35.94
CA GLU E 237 45.87 -9.81 36.98
C GLU E 237 46.67 -9.18 38.11
N GLU E 238 47.57 -8.27 37.77
CA GLU E 238 48.42 -7.62 38.77
C GLU E 238 47.96 -6.19 39.06
N GLU E 239 48.59 -5.21 38.43
CA GLU E 239 48.24 -3.81 38.66
C GLU E 239 47.45 -3.22 37.49
N VAL E 240 47.12 -1.94 37.58
CA VAL E 240 46.39 -1.26 36.51
C VAL E 240 47.32 -1.03 35.34
N MET E 241 46.86 -1.36 34.15
CA MET E 241 47.69 -1.26 32.95
C MET E 241 47.11 -0.28 31.93
N ILE E 242 47.91 0.70 31.52
CA ILE E 242 47.46 1.63 30.50
C ILE E 242 48.09 1.23 29.16
N ARG E 243 47.31 1.30 28.09
CA ARG E 243 47.77 0.83 26.79
C ARG E 243 47.40 1.79 25.65
N SER E 244 48.37 2.16 24.82
CA SER E 244 48.07 3.04 23.70
C SER E 244 48.84 2.64 22.44
N GLU E 245 48.18 2.78 21.30
CA GLU E 245 48.79 2.48 20.00
C GLU E 245 49.87 3.48 19.60
N ASN E 246 49.71 4.71 20.08
CA ASN E 246 50.70 5.76 19.88
C ASN E 246 50.53 6.77 21.00
N ILE E 247 51.38 6.66 22.02
CA ILE E 247 51.25 7.50 23.21
C ILE E 247 51.47 8.99 22.92
N THR E 248 52.10 9.30 21.80
CA THR E 248 52.31 10.67 21.40
C THR E 248 51.10 11.23 20.65
N ASN E 249 50.59 10.43 19.71
CA ASN E 249 49.42 10.79 18.93
C ASN E 249 48.15 10.84 19.77
N ASN E 250 47.62 12.03 19.99
CA ASN E 250 46.44 12.19 20.82
C ASN E 250 45.18 11.64 20.14
N ALA E 251 45.25 11.44 18.83
CA ALA E 251 44.10 10.91 18.08
C ALA E 251 43.92 9.41 18.29
N LYS E 252 44.93 8.75 18.83
CA LYS E 252 44.88 7.31 19.04
C LYS E 252 44.30 7.02 20.42
N ASN E 253 43.48 5.99 20.52
CA ASN E 253 42.83 5.70 21.79
C ASN E 253 43.77 5.08 22.83
N ILE E 254 43.43 5.29 24.09
CA ILE E 254 44.17 4.77 25.23
C ILE E 254 43.31 3.84 26.08
N LEU E 255 43.46 2.54 25.84
CA LEU E 255 42.73 1.52 26.57
C LEU E 255 43.31 1.34 27.98
N VAL E 256 42.62 1.90 28.98
CA VAL E 256 43.05 1.80 30.36
C VAL E 256 42.31 0.63 31.02
N GLN E 257 43.07 -0.42 31.28
CA GLN E 257 42.57 -1.64 31.93
C GLN E 257 42.81 -1.66 33.43
N PHE E 258 41.77 -1.97 34.20
CA PHE E 258 41.85 -2.00 35.66
C PHE E 258 42.03 -3.36 36.29
N ASN E 259 42.72 -3.34 37.42
CA ASN E 259 42.96 -4.52 38.23
C ASN E 259 41.80 -4.68 39.19
N THR E 260 40.95 -3.66 39.22
CA THR E 260 39.78 -3.61 40.10
C THR E 260 38.61 -2.83 39.49
N PRO E 261 37.38 -3.32 39.73
CA PRO E 261 36.13 -2.76 39.22
C PRO E 261 35.55 -1.60 40.03
N VAL E 262 35.07 -0.57 39.34
CA VAL E 262 34.44 0.59 40.00
C VAL E 262 32.96 0.36 39.87
N GLN E 263 32.20 0.44 40.96
CA GLN E 263 30.81 0.00 40.76
C GLN E 263 29.93 0.91 39.91
N ILE E 264 28.90 0.34 39.30
CA ILE E 264 27.92 1.15 38.59
C ILE E 264 26.55 0.46 38.56
N ASN E 265 25.62 0.98 39.34
CA ASN E 265 24.30 0.38 39.44
C ASN E 265 23.29 1.24 38.70
N CYS E 266 22.63 0.69 37.69
CA CYS E 266 21.70 1.51 36.91
C CYS E 266 20.25 1.08 37.03
N THR E 267 19.47 1.88 37.74
CA THR E 267 18.05 1.61 37.91
C THR E 267 17.21 2.56 37.05
N ARG E 268 16.61 2.01 36.01
CA ARG E 268 15.64 2.75 35.21
C ARG E 268 14.25 2.27 35.62
N PRO E 269 13.60 3.03 36.51
CA PRO E 269 12.30 2.51 36.94
C PRO E 269 11.15 3.04 36.08
N ASN E 270 11.38 3.17 34.78
CA ASN E 270 10.30 3.55 33.87
C ASN E 270 9.46 2.33 33.58
N ASN E 271 8.14 2.52 33.52
CA ASN E 271 7.24 1.40 33.34
C ASN E 271 6.46 1.45 32.04
N ASN E 272 6.43 0.32 31.35
CA ASN E 272 5.65 0.17 30.13
C ASN E 272 4.98 -1.19 30.08
N THR E 273 3.69 -1.19 29.74
CA THR E 273 2.94 -2.44 29.69
C THR E 273 2.84 -2.92 28.27
N ARG E 274 3.16 -4.20 28.05
CA ARG E 274 3.19 -4.76 26.71
C ARG E 274 1.79 -5.08 26.21
N LYS E 275 1.46 -4.51 25.05
CA LYS E 275 0.26 -4.88 24.33
C LYS E 275 0.60 -5.02 22.87
N SER E 276 0.60 -6.26 22.38
CA SER E 276 0.87 -6.53 20.99
C SER E 276 -0.44 -6.85 20.31
N ILE E 277 -0.99 -5.87 19.59
CA ILE E 277 -2.22 -6.07 18.86
C ILE E 277 -1.89 -6.71 17.51
N ARG E 278 -2.38 -7.93 17.33
CA ARG E 278 -2.28 -8.60 16.04
C ARG E 278 -3.63 -8.38 15.38
N ILE E 279 -3.70 -7.34 14.56
CA ILE E 279 -4.94 -6.96 13.89
C ILE E 279 -4.96 -7.49 12.46
N GLY E 280 -3.80 -7.51 11.82
CA GLY E 280 -3.69 -7.93 10.43
C GLY E 280 -2.60 -8.97 10.24
N PRO E 281 -2.62 -9.68 9.11
CA PRO E 281 -1.66 -10.75 8.78
C PRO E 281 -0.24 -10.23 8.62
N GLY E 282 -0.07 -9.24 7.74
CA GLY E 282 1.24 -8.66 7.51
C GLY E 282 1.67 -7.76 8.64
N GLN E 283 0.71 -7.06 9.23
CA GLN E 283 0.96 -6.13 10.32
C GLN E 283 1.21 -6.87 11.64
N ALA E 284 2.20 -6.40 12.37
CA ALA E 284 2.39 -6.80 13.76
C ALA E 284 2.73 -5.54 14.53
N PHE E 285 1.75 -5.04 15.28
CA PHE E 285 1.93 -3.80 16.02
C PHE E 285 1.98 -4.03 17.52
N TYR E 286 2.73 -3.17 18.20
CA TYR E 286 2.81 -3.17 19.65
C TYR E 286 2.02 -1.98 20.17
N ALA E 287 1.86 -1.94 21.49
CA ALA E 287 1.32 -0.77 22.15
C ALA E 287 1.97 -0.62 23.52
N THR E 288 2.82 0.38 23.67
CA THR E 288 3.44 0.67 24.94
C THR E 288 2.85 1.94 25.53
N GLY E 289 3.29 2.30 26.73
CA GLY E 289 2.88 3.53 27.35
C GLY E 289 1.61 3.46 28.19
N ASP E 290 1.36 2.30 28.79
CA ASP E 290 0.25 2.17 29.71
C ASP E 290 0.72 2.47 31.13
N ILE E 291 -0.22 2.53 32.07
CA ILE E 291 0.07 2.81 33.47
C ILE E 291 0.87 4.09 33.73
N ILE E 292 1.75 4.05 34.74
CA ILE E 292 2.25 5.27 35.37
C ILE E 292 3.40 4.98 36.33
N GLY E 293 3.59 5.86 37.30
CA GLY E 293 4.58 5.61 38.34
C GLY E 293 5.52 6.76 38.23
N ASP E 294 5.42 7.42 37.09
CA ASP E 294 6.03 8.70 36.99
C ASP E 294 7.49 8.72 37.31
N ILE E 295 8.19 7.69 36.87
CA ILE E 295 9.61 7.56 37.09
C ILE E 295 10.41 8.70 36.48
N ARG E 296 11.37 9.24 37.22
CA ARG E 296 12.25 10.26 36.67
C ARG E 296 13.13 9.59 35.62
N GLN E 297 12.94 10.00 34.36
CA GLN E 297 13.78 9.62 33.23
C GLN E 297 14.13 8.13 33.25
N ALA E 298 15.42 7.85 33.35
CA ALA E 298 15.94 6.53 33.64
C ALA E 298 17.21 6.82 34.41
N HIS E 299 17.50 6.07 35.46
CA HIS E 299 18.58 6.49 36.33
C HIS E 299 19.73 5.55 36.47
N CYS E 300 20.83 6.12 36.93
CA CYS E 300 21.99 5.32 37.19
C CYS E 300 22.84 5.90 38.33
N ASN E 301 23.79 5.08 38.75
CA ASN E 301 24.75 5.40 39.79
C ASN E 301 26.11 4.85 39.40
N VAL E 302 27.17 5.55 39.75
CA VAL E 302 28.48 4.93 39.83
C VAL E 302 28.98 5.01 41.27
N SER E 303 29.53 3.91 41.77
CA SER E 303 30.11 3.86 43.11
C SER E 303 31.60 4.13 43.04
N LYS E 304 31.87 5.27 43.70
CA LYS E 304 33.07 6.11 43.94
C LYS E 304 34.35 5.73 44.71
N ALA E 305 34.27 4.92 45.76
CA ALA E 305 35.49 4.62 46.53
C ALA E 305 36.48 3.95 45.60
N THR E 306 35.95 2.99 44.86
CA THR E 306 36.71 2.30 43.86
C THR E 306 37.16 3.41 42.90
N TRP E 307 36.25 4.27 42.49
CA TRP E 307 36.58 5.34 41.54
C TRP E 307 37.66 6.28 42.07
N ASN E 308 37.69 6.49 43.39
CA ASN E 308 38.75 7.31 43.98
C ASN E 308 40.12 6.68 43.85
N GLU E 309 40.25 5.47 44.38
CA GLU E 309 41.55 4.79 44.30
C GLU E 309 41.97 4.52 42.85
N THR E 310 41.02 4.09 42.03
CA THR E 310 41.31 3.78 40.64
C THR E 310 41.77 5.02 39.87
N LEU E 311 41.07 6.14 40.01
CA LEU E 311 41.50 7.35 39.31
C LEU E 311 42.84 7.86 39.83
N GLY E 312 43.08 7.70 41.13
CA GLY E 312 44.34 8.16 41.70
C GLY E 312 45.47 7.34 41.12
N LYS E 313 45.25 6.03 41.10
CA LYS E 313 46.21 5.08 40.58
C LYS E 313 46.39 5.26 39.08
N VAL E 314 45.35 5.72 38.40
CA VAL E 314 45.46 5.93 36.96
C VAL E 314 46.35 7.13 36.72
N VAL E 315 46.17 8.20 37.49
CA VAL E 315 47.02 9.37 37.31
C VAL E 315 48.43 9.02 37.78
N LYS E 316 48.52 7.96 38.57
CA LYS E 316 49.79 7.45 39.08
C LYS E 316 50.52 6.79 37.91
N GLN E 317 49.82 5.91 37.21
CA GLN E 317 50.38 5.19 36.07
C GLN E 317 50.76 6.17 34.97
N LEU E 318 49.88 7.16 34.76
CA LEU E 318 50.10 8.20 33.77
C LEU E 318 51.34 8.99 34.11
N ARG E 319 51.50 9.30 35.40
CA ARG E 319 52.67 10.05 35.84
C ARG E 319 53.91 9.16 35.97
N LYS E 320 53.73 7.85 35.81
CA LYS E 320 54.89 6.96 35.83
C LYS E 320 55.18 6.47 34.42
N HIS E 321 54.49 7.07 33.45
CA HIS E 321 54.67 6.69 32.05
C HIS E 321 55.08 7.88 31.18
N PHE E 322 54.08 8.66 30.74
CA PHE E 322 54.31 9.79 29.86
C PHE E 322 54.15 11.15 30.54
N GLY E 323 53.62 11.12 31.75
CA GLY E 323 53.11 12.33 32.39
C GLY E 323 53.98 12.93 33.48
N ASN E 324 55.30 12.72 33.41
CA ASN E 324 56.18 12.69 34.59
C ASN E 324 55.72 13.63 35.71
N ASN E 325 55.84 14.93 35.50
CA ASN E 325 55.41 15.89 36.51
C ASN E 325 54.31 16.80 35.95
N THR E 326 53.06 16.41 36.19
CA THR E 326 51.91 17.15 35.68
C THR E 326 50.63 16.96 36.49
N ILE E 327 49.88 18.04 36.64
CA ILE E 327 48.56 18.01 37.26
C ILE E 327 47.59 17.49 36.20
N ILE E 328 46.88 16.41 36.51
CA ILE E 328 46.00 15.77 35.53
C ILE E 328 44.52 16.14 35.69
N ARG E 329 43.91 16.71 34.66
CA ARG E 329 42.50 17.10 34.74
C ARG E 329 41.66 16.31 33.73
N PHE E 330 40.45 15.97 34.15
CA PHE E 330 39.49 15.21 33.35
C PHE E 330 38.20 15.97 33.03
N ALA E 331 38.12 16.58 31.86
CA ALA E 331 36.85 17.20 31.48
C ALA E 331 35.94 16.18 30.78
N ASN E 332 34.66 16.52 30.67
CA ASN E 332 33.67 15.64 30.04
C ASN E 332 33.87 15.51 28.53
N SER E 333 32.96 14.75 27.90
CA SER E 333 32.97 14.52 26.45
C SER E 333 32.97 15.84 25.68
N SER E 334 33.72 15.87 24.57
CA SER E 334 33.87 17.09 23.80
C SER E 334 32.68 17.44 22.92
N GLY E 335 31.80 16.49 22.65
CA GLY E 335 30.62 16.77 21.84
C GLY E 335 30.48 15.86 20.65
N GLY E 336 29.27 15.82 20.09
CA GLY E 336 28.99 14.96 18.96
C GLY E 336 27.63 14.30 19.04
N ASP E 337 27.50 13.18 18.35
CA ASP E 337 26.28 12.37 18.38
C ASP E 337 26.03 11.88 19.81
N LEU E 338 24.77 11.63 20.14
CA LEU E 338 24.37 11.18 21.47
C LEU E 338 25.16 9.94 21.89
N GLU E 339 25.59 9.14 20.92
CA GLU E 339 26.37 7.94 21.22
C GLU E 339 27.81 8.32 21.61
N VAL E 340 28.23 9.52 21.22
CA VAL E 340 29.58 9.98 21.46
C VAL E 340 29.69 10.86 22.70
N THR E 341 28.64 11.62 23.00
CA THR E 341 28.68 12.55 24.12
C THR E 341 28.38 11.86 25.45
N THR E 342 27.56 10.83 25.40
CA THR E 342 27.19 10.09 26.60
C THR E 342 27.84 8.71 26.64
N HIS E 343 27.82 8.10 27.83
CA HIS E 343 28.25 6.72 27.95
C HIS E 343 27.10 5.89 27.42
N SER E 344 27.09 5.70 26.10
CA SER E 344 26.03 4.96 25.44
C SER E 344 26.22 3.46 25.62
N PHE E 345 25.41 2.84 26.48
CA PHE E 345 25.50 1.39 26.62
C PHE E 345 24.12 0.77 26.71
N ASN E 346 24.02 -0.54 26.84
CA ASN E 346 22.68 -1.13 26.86
C ASN E 346 22.39 -1.93 28.13
N CYS E 347 21.15 -1.85 28.60
CA CYS E 347 20.72 -2.59 29.79
C CYS E 347 19.78 -3.73 29.42
N GLY E 348 19.91 -4.25 28.20
CA GLY E 348 19.06 -5.33 27.74
C GLY E 348 18.33 -5.05 26.43
N GLY E 349 18.90 -4.17 25.61
CA GLY E 349 18.31 -3.81 24.34
C GLY E 349 17.80 -2.39 24.17
N GLU E 350 17.78 -1.62 25.24
CA GLU E 350 17.38 -0.22 25.16
C GLU E 350 18.71 0.54 25.19
N PHE E 351 18.81 1.68 24.52
CA PHE E 351 20.11 2.34 24.51
C PHE E 351 20.18 3.49 25.49
N PHE E 352 20.98 3.27 26.53
CA PHE E 352 21.12 4.22 27.59
C PHE E 352 22.17 5.23 27.21
N TYR E 353 21.89 6.47 27.58
CA TYR E 353 22.78 7.61 27.40
C TYR E 353 22.92 8.29 28.76
N CYS E 354 24.14 8.43 29.24
CA CYS E 354 24.34 8.97 30.58
C CYS E 354 25.21 10.22 30.52
N ASN E 355 24.76 11.24 31.24
CA ASN E 355 25.50 12.48 31.37
C ASN E 355 26.76 12.01 32.09
N THR E 356 27.93 12.32 31.53
CA THR E 356 29.18 11.75 32.03
C THR E 356 30.09 12.71 32.79
N SER E 357 29.53 13.85 33.17
CA SER E 357 30.27 14.86 33.91
C SER E 357 30.68 14.31 35.27
N GLY E 358 29.84 13.44 35.82
CA GLY E 358 30.10 12.85 37.13
C GLY E 358 31.33 11.96 37.13
N LEU E 359 31.64 11.34 36.00
CA LEU E 359 32.84 10.50 35.90
C LEU E 359 34.12 11.31 35.70
N PHE E 360 34.03 12.36 34.90
CA PHE E 360 35.17 13.23 34.56
C PHE E 360 35.00 14.66 35.08
N ASN E 361 35.20 14.88 36.38
CA ASN E 361 35.12 16.25 36.91
C ASN E 361 36.09 16.51 38.07
N SER E 362 37.26 15.89 38.02
CA SER E 362 38.21 15.93 39.12
C SER E 362 39.59 16.39 38.65
N THR E 363 40.14 17.42 39.27
CA THR E 363 41.51 17.79 38.96
C THR E 363 42.49 17.20 39.96
N TRP E 364 43.36 16.36 39.42
CA TRP E 364 44.33 15.54 40.15
C TRP E 364 45.65 16.29 40.35
N ILE E 365 45.93 16.75 41.57
CA ILE E 365 47.12 17.57 41.80
C ILE E 365 48.44 16.77 41.74
N SER E 366 49.40 17.29 40.98
CA SER E 366 50.70 16.64 40.81
C SER E 366 51.50 16.59 42.10
N ASN E 367 51.23 17.53 43.01
CA ASN E 367 51.93 17.57 44.29
C ASN E 367 51.75 16.27 45.07
N THR E 368 50.52 16.00 45.48
CA THR E 368 50.20 14.74 46.17
C THR E 368 48.76 14.35 45.85
N SER E 369 48.30 13.26 46.46
CA SER E 369 46.94 12.78 46.26
C SER E 369 45.95 13.67 47.00
N VAL E 370 44.68 13.62 46.57
CA VAL E 370 43.64 14.42 47.21
C VAL E 370 42.29 13.71 47.16
N ASN E 379 28.68 7.92 54.03
CA ASN E 379 28.81 7.22 52.76
C ASN E 379 28.07 7.94 51.63
N ASP E 380 28.84 8.36 50.62
CA ASP E 380 28.28 9.12 49.51
C ASP E 380 28.58 8.46 48.16
N SER E 381 27.57 8.37 47.30
CA SER E 381 27.74 7.79 45.98
C SER E 381 27.39 8.76 44.86
N ILE E 382 28.06 8.61 43.72
CA ILE E 382 27.82 9.45 42.54
C ILE E 382 26.60 8.96 41.78
N THR E 383 25.64 9.86 41.58
CA THR E 383 24.45 9.50 40.85
C THR E 383 24.34 10.11 39.45
N LEU E 384 24.32 9.26 38.42
CA LEU E 384 24.29 9.72 37.04
C LEU E 384 22.91 9.66 36.38
N PRO E 385 22.51 10.78 35.73
CA PRO E 385 21.30 11.01 34.92
C PRO E 385 21.36 10.29 33.59
N CYS E 386 20.44 9.39 33.29
CA CYS E 386 20.47 8.66 32.03
C CYS E 386 19.15 8.70 31.28
N ARG E 387 19.18 8.30 30.01
CA ARG E 387 17.99 8.26 29.20
C ARG E 387 17.94 6.97 28.38
N ILE E 388 16.74 6.41 28.27
CA ILE E 388 16.53 5.21 27.47
C ILE E 388 16.10 5.58 26.05
N LYS E 389 16.74 5.00 25.05
CA LYS E 389 16.32 5.27 23.69
C LYS E 389 15.88 3.97 23.02
N GLN E 390 14.91 4.11 22.12
CA GLN E 390 14.42 3.01 21.31
C GLN E 390 15.01 3.06 19.92
N ILE E 391 15.15 4.28 19.40
CA ILE E 391 15.68 4.54 18.07
C ILE E 391 17.19 4.74 18.04
N ILE E 392 17.92 3.70 17.65
CA ILE E 392 19.37 3.83 17.63
C ILE E 392 19.79 3.74 16.17
N ASN E 393 20.98 4.19 15.83
CA ASN E 393 21.48 4.00 14.47
C ASN E 393 22.59 2.96 14.32
N MET E 394 22.24 1.71 14.05
CA MET E 394 23.24 0.66 13.84
C MET E 394 24.00 0.90 12.50
N TRP E 395 24.89 -0.03 12.16
CA TRP E 395 25.55 -0.10 10.84
C TRP E 395 26.20 1.19 10.29
N GLN E 396 25.62 1.67 9.17
CA GLN E 396 26.18 2.83 8.49
C GLN E 396 25.12 3.93 8.34
N ARG E 397 23.89 3.53 7.95
CA ARG E 397 22.72 4.37 7.75
C ARG E 397 21.76 3.55 6.89
N ILE E 398 22.10 2.28 6.71
CA ILE E 398 21.18 1.33 6.11
C ILE E 398 19.87 1.21 6.90
N GLY E 399 19.93 1.47 8.20
CA GLY E 399 18.73 1.64 8.97
C GLY E 399 18.88 1.76 10.47
N GLN E 400 17.88 2.40 11.05
CA GLN E 400 17.73 2.61 12.48
C GLN E 400 17.16 1.36 13.13
N ALA E 401 17.48 1.10 14.39
CA ALA E 401 16.92 -0.08 15.06
C ALA E 401 16.17 0.32 16.33
N MET E 402 14.94 -0.19 16.42
CA MET E 402 14.02 0.04 17.53
C MET E 402 13.75 -1.20 18.39
N TYR E 403 13.97 -1.10 19.70
CA TYR E 403 13.41 -2.09 20.62
C TYR E 403 12.08 -1.49 21.08
N ALA E 404 11.00 -1.94 20.45
CA ALA E 404 9.74 -1.22 20.55
C ALA E 404 8.96 -1.46 21.88
N PRO E 405 8.74 -2.72 22.31
CA PRO E 405 7.98 -2.75 23.56
C PRO E 405 8.81 -2.96 24.83
N PRO E 406 9.50 -1.95 25.40
CA PRO E 406 10.18 -2.31 26.66
C PRO E 406 9.18 -2.96 27.63
N ILE E 407 9.40 -4.22 27.97
CA ILE E 407 8.45 -4.96 28.79
C ILE E 407 8.66 -4.70 30.28
N GLN E 408 7.57 -4.75 31.03
CA GLN E 408 7.56 -4.46 32.47
C GLN E 408 8.05 -3.06 32.80
N GLY E 409 8.70 -2.94 33.96
CA GLY E 409 9.23 -1.68 34.44
C GLY E 409 10.11 -1.97 35.63
N VAL E 410 10.82 -0.96 36.13
CA VAL E 410 11.69 -1.10 37.29
C VAL E 410 12.67 -2.23 36.98
N ILE E 411 13.69 -1.88 36.21
CA ILE E 411 14.72 -2.81 35.76
C ILE E 411 16.11 -2.29 36.08
N ARG E 412 16.76 -2.89 37.06
CA ARG E 412 18.06 -2.41 37.48
C ARG E 412 19.15 -3.40 37.04
N CYS E 413 20.18 -2.82 36.44
CA CYS E 413 21.34 -3.53 35.94
C CYS E 413 22.59 -3.13 36.74
N VAL E 414 23.13 -4.07 37.50
CA VAL E 414 24.36 -3.81 38.23
C VAL E 414 25.54 -4.24 37.37
N SER E 415 26.50 -3.34 37.25
CA SER E 415 27.67 -3.54 36.41
C SER E 415 28.98 -3.21 37.12
N ASN E 416 30.04 -3.86 36.64
CA ASN E 416 31.41 -3.64 37.09
C ASN E 416 32.19 -2.76 36.12
N ILE E 417 32.61 -1.57 36.55
CA ILE E 417 33.39 -0.74 35.64
C ILE E 417 34.80 -1.24 35.56
N THR E 418 34.96 -1.95 34.46
CA THR E 418 36.11 -2.61 33.95
C THR E 418 36.79 -1.73 32.92
N GLY E 419 36.77 -0.43 33.04
CA GLY E 419 37.55 0.17 31.99
C GLY E 419 37.45 1.59 31.68
N LEU E 420 38.38 2.04 30.85
CA LEU E 420 38.33 3.39 30.38
C LEU E 420 38.85 3.36 28.99
N ILE E 421 38.24 4.13 28.11
CA ILE E 421 38.76 4.30 26.77
C ILE E 421 39.03 5.77 26.76
N LEU E 422 40.26 6.20 26.49
CA LEU E 422 40.46 7.63 26.57
C LEU E 422 41.12 8.19 25.32
N THR E 423 40.96 9.48 25.14
CA THR E 423 41.65 10.21 24.08
C THR E 423 42.23 11.41 24.80
N ARG E 424 43.45 11.79 24.45
CA ARG E 424 44.03 12.89 25.17
C ARG E 424 43.76 14.23 24.51
N ASP E 425 43.51 15.24 25.34
CA ASP E 425 43.32 16.59 24.85
C ASP E 425 44.71 17.14 24.67
N GLY E 426 45.10 17.44 23.43
CA GLY E 426 46.43 17.96 23.19
C GLY E 426 46.58 19.28 23.91
N GLY E 427 47.48 19.32 24.90
CA GLY E 427 47.69 20.54 25.65
C GLY E 427 49.02 21.21 25.38
N SER E 428 49.45 22.04 26.32
CA SER E 428 50.73 22.75 26.22
C SER E 428 51.63 22.36 27.38
N THR E 429 52.81 22.99 27.49
CA THR E 429 53.65 22.67 28.62
C THR E 429 53.76 23.88 29.56
N ASN E 430 53.12 24.98 29.16
CA ASN E 430 53.08 26.19 29.97
C ASN E 430 51.91 26.11 30.95
N SER E 431 50.94 25.26 30.60
CA SER E 431 49.78 25.05 31.45
C SER E 431 50.17 24.26 32.69
N THR E 432 51.24 23.49 32.57
CA THR E 432 51.74 22.68 33.67
C THR E 432 50.63 21.74 34.11
N THR E 433 49.91 21.19 33.13
CA THR E 433 48.78 20.28 33.33
C THR E 433 48.47 19.49 32.07
N GLU E 434 47.88 18.32 32.24
CA GLU E 434 47.49 17.48 31.12
C GLU E 434 46.02 17.14 31.24
N THR E 435 45.28 17.35 30.15
CA THR E 435 43.83 17.12 30.14
C THR E 435 43.47 15.88 29.33
N PHE E 436 42.57 15.07 29.88
CA PHE E 436 42.16 13.83 29.26
C PHE E 436 40.66 13.73 29.07
N ARG E 437 40.23 13.39 27.87
CA ARG E 437 38.81 13.33 27.59
C ARG E 437 38.37 11.94 27.16
N PRO E 438 37.12 11.56 27.48
CA PRO E 438 36.52 10.30 27.02
C PRO E 438 36.38 10.24 25.50
N GLY E 439 36.89 9.21 24.84
CA GLY E 439 36.76 9.13 23.39
C GLY E 439 36.09 7.81 23.05
N GLY E 440 36.39 7.23 21.89
CA GLY E 440 35.74 5.98 21.54
C GLY E 440 34.82 6.06 20.35
N GLY E 441 34.03 4.98 20.18
CA GLY E 441 33.04 4.87 19.12
C GLY E 441 33.13 3.61 18.29
N ASP E 442 34.34 3.29 17.81
CA ASP E 442 34.56 2.05 17.07
C ASP E 442 34.77 0.89 18.05
N MET E 443 33.80 0.01 18.15
CA MET E 443 33.78 -1.09 19.12
C MET E 443 34.97 -2.04 18.93
N ARG E 444 35.58 -1.96 17.76
CA ARG E 444 36.77 -2.74 17.47
C ARG E 444 37.82 -2.40 18.51
N ASP E 445 37.80 -1.17 19.01
CA ASP E 445 38.72 -0.77 20.07
C ASP E 445 38.41 -1.57 21.34
N ASN E 446 37.13 -1.83 21.58
CA ASN E 446 36.70 -2.62 22.73
C ASN E 446 37.14 -4.07 22.59
N TRP E 447 37.21 -4.55 21.36
CA TRP E 447 37.66 -5.92 21.17
C TRP E 447 39.17 -5.95 21.31
N ARG E 448 39.89 -4.95 20.80
CA ARG E 448 41.33 -4.95 21.04
C ARG E 448 41.54 -4.94 22.56
N SER E 449 40.59 -4.31 23.26
CA SER E 449 40.67 -4.21 24.72
C SER E 449 40.32 -5.57 25.33
N GLU E 450 39.81 -6.48 24.51
CA GLU E 450 39.44 -7.83 24.95
C GLU E 450 40.31 -8.89 24.26
N LEU E 451 40.52 -8.71 22.96
CA LEU E 451 41.28 -9.62 22.13
C LEU E 451 42.76 -9.26 22.18
N TYR E 452 43.17 -8.65 23.29
CA TYR E 452 44.54 -8.19 23.44
C TYR E 452 45.55 -9.31 23.63
N LYS E 453 45.10 -10.50 24.02
CA LYS E 453 46.07 -11.55 24.22
C LYS E 453 45.87 -12.70 23.25
N TYR E 454 45.34 -12.41 22.07
CA TYR E 454 45.15 -13.46 21.07
C TYR E 454 45.54 -13.02 19.66
N LYS E 455 46.38 -13.82 19.01
CA LYS E 455 46.84 -13.57 17.65
C LYS E 455 46.88 -14.92 16.93
N VAL E 456 45.97 -15.15 15.99
CA VAL E 456 45.95 -16.44 15.29
C VAL E 456 47.14 -16.65 14.37
N VAL E 457 47.80 -17.80 14.54
CA VAL E 457 49.03 -18.13 13.84
C VAL E 457 48.94 -19.53 13.22
N LYS E 458 49.75 -19.81 12.20
CA LYS E 458 49.78 -21.15 11.59
C LYS E 458 51.15 -21.83 11.66
N ILE E 459 51.11 -23.16 11.70
CA ILE E 459 52.32 -23.97 11.86
C ILE E 459 52.76 -24.62 10.55
N GLU E 460 54.06 -24.61 10.30
CA GLU E 460 54.64 -25.32 9.16
C GLU E 460 55.95 -26.00 9.56
N PRO E 461 56.25 -27.16 8.95
CA PRO E 461 57.49 -27.89 9.24
C PRO E 461 58.72 -27.12 8.82
N UNK F 1 10.53 -24.64 16.18
CA UNK F 1 10.27 -24.87 14.77
C UNK F 1 11.54 -25.27 14.04
N UNK F 2 11.84 -26.56 14.07
CA UNK F 2 13.08 -27.10 13.51
C UNK F 2 13.32 -26.86 12.01
N UNK F 3 12.26 -26.78 11.20
CA UNK F 3 12.42 -26.55 9.76
C UNK F 3 12.65 -25.08 9.36
N UNK F 4 11.94 -24.18 10.03
CA UNK F 4 12.17 -22.76 9.79
C UNK F 4 13.57 -22.53 10.32
N UNK F 5 13.87 -23.23 11.41
CA UNK F 5 15.21 -23.30 11.93
C UNK F 5 16.13 -23.95 10.92
N UNK F 6 15.62 -24.76 10.00
CA UNK F 6 16.47 -25.37 8.97
C UNK F 6 16.92 -24.34 7.95
N UNK F 7 16.00 -23.53 7.42
CA UNK F 7 16.45 -22.54 6.45
C UNK F 7 17.25 -21.43 7.12
N UNK F 8 16.86 -21.08 8.34
CA UNK F 8 17.58 -20.04 9.08
C UNK F 8 18.94 -20.61 9.45
N UNK F 9 18.96 -21.91 9.72
CA UNK F 9 20.22 -22.60 9.94
C UNK F 9 21.01 -22.41 8.68
N UNK F 10 20.43 -22.69 7.52
CA UNK F 10 21.16 -22.52 6.27
C UNK F 10 21.84 -21.15 6.20
N UNK F 11 21.18 -20.10 6.69
CA UNK F 11 21.91 -18.82 6.82
C UNK F 11 23.09 -18.89 7.81
N UNK F 12 22.81 -19.34 9.03
CA UNK F 12 23.82 -19.28 10.10
C UNK F 12 24.99 -20.25 9.90
N UNK F 13 24.70 -21.36 9.24
CA UNK F 13 25.63 -22.38 8.78
C UNK F 13 26.29 -21.95 7.49
N UNK F 14 25.67 -21.04 6.77
CA UNK F 14 26.40 -20.48 5.66
C UNK F 14 27.54 -19.77 6.33
N UNK F 15 27.26 -19.01 7.38
CA UNK F 15 28.39 -18.39 8.10
C UNK F 15 29.33 -19.44 8.69
N UNK F 16 28.77 -20.29 9.54
CA UNK F 16 29.52 -21.16 10.42
C UNK F 16 30.18 -22.25 9.61
N UNK F 17 29.37 -23.06 8.96
CA UNK F 17 29.87 -24.13 8.11
C UNK F 17 30.60 -23.66 6.83
N UNK F 18 30.26 -22.53 6.21
CA UNK F 18 31.15 -22.13 5.11
C UNK F 18 32.52 -21.80 5.67
N UNK F 19 32.61 -21.00 6.74
CA UNK F 19 33.93 -20.69 7.29
C UNK F 19 34.68 -21.96 7.75
N UNK F 20 33.98 -22.80 8.50
CA UNK F 20 34.59 -23.97 9.15
C UNK F 20 34.97 -25.06 8.16
N UNK F 21 34.04 -25.40 7.28
CA UNK F 21 34.28 -26.47 6.33
C UNK F 21 35.24 -26.00 5.24
N UNK F 22 35.07 -24.79 4.72
CA UNK F 22 36.05 -24.26 3.77
C UNK F 22 37.47 -24.19 4.37
N UNK F 23 37.59 -23.75 5.62
CA UNK F 23 38.93 -23.68 6.21
C UNK F 23 39.52 -25.06 6.50
N UNK F 24 38.69 -25.97 7.01
CA UNK F 24 39.12 -27.34 7.25
C UNK F 24 39.56 -27.99 5.94
N UNK F 25 38.83 -27.66 4.87
CA UNK F 25 39.13 -28.18 3.54
C UNK F 25 40.45 -27.62 3.00
N UNK F 26 40.60 -26.30 3.01
CA UNK F 26 41.81 -25.65 2.53
C UNK F 26 43.03 -26.19 3.27
N UNK F 27 42.87 -26.35 4.58
CA UNK F 27 43.94 -26.89 5.41
C UNK F 27 44.23 -28.33 5.01
N UNK F 28 43.19 -29.12 4.79
CA UNK F 28 43.36 -30.51 4.38
C UNK F 28 44.10 -30.64 3.03
N UNK F 29 43.67 -29.86 2.04
CA UNK F 29 44.31 -29.81 0.74
C UNK F 29 45.79 -29.46 0.89
N UNK F 30 46.08 -28.47 1.72
CA UNK F 30 47.46 -28.07 1.97
C UNK F 30 48.26 -29.26 2.52
N UNK F 31 47.69 -29.91 3.55
CA UNK F 31 48.32 -31.06 4.17
C UNK F 31 48.67 -32.15 3.16
N UNK F 32 47.71 -32.46 2.28
CA UNK F 32 47.89 -33.54 1.31
C UNK F 32 48.97 -33.21 0.29
N UNK F 33 48.96 -31.96 -0.20
CA UNK F 33 49.97 -31.55 -1.18
C UNK F 33 51.37 -31.60 -0.58
N UNK F 34 51.53 -30.97 0.58
CA UNK F 34 52.82 -30.92 1.25
C UNK F 34 53.33 -32.32 1.59
N UNK F 35 52.43 -33.21 2.01
CA UNK F 35 52.81 -34.56 2.36
C UNK F 35 53.35 -35.27 1.14
N UNK F 36 52.55 -35.16 0.05
CA UNK F 36 52.77 -35.80 -1.24
C UNK F 36 54.20 -35.59 -1.43
N UNK F 37 54.56 -34.29 -1.46
CA UNK F 37 55.96 -34.08 -1.62
C UNK F 37 56.63 -34.25 -0.27
N UNK F 39 66.52 -27.61 18.44
CA UNK F 39 66.14 -26.59 19.41
C UNK F 39 66.51 -25.19 18.91
N UNK F 40 67.26 -24.45 19.73
CA UNK F 40 67.77 -23.15 19.32
C UNK F 40 68.62 -23.28 18.05
N UNK F 41 69.21 -24.47 17.89
CA UNK F 41 69.90 -24.82 16.67
C UNK F 41 68.91 -24.83 15.51
N UNK F 42 67.71 -25.33 15.76
CA UNK F 42 66.63 -25.27 14.78
C UNK F 42 66.15 -23.83 14.54
N UNK F 43 66.41 -22.93 15.49
CA UNK F 43 66.13 -21.50 15.28
C UNK F 43 67.14 -20.82 14.33
N UNK F 44 68.43 -20.99 14.61
CA UNK F 44 69.47 -20.54 13.69
C UNK F 44 69.16 -21.12 12.31
N UNK F 45 68.83 -22.41 12.32
CA UNK F 45 68.33 -23.12 11.17
C UNK F 45 67.07 -22.45 10.60
N UNK F 46 66.28 -21.78 11.43
CA UNK F 46 65.10 -21.09 10.92
C UNK F 46 65.46 -19.89 10.05
N UNK F 47 66.45 -19.09 10.46
CA UNK F 47 66.89 -17.98 9.59
C UNK F 47 67.55 -18.49 8.30
N UNK F 48 68.54 -19.37 8.52
CA UNK F 48 69.29 -19.99 7.43
C UNK F 48 68.30 -20.57 6.44
N UNK F 49 67.28 -21.23 6.97
CA UNK F 49 66.19 -21.79 6.17
C UNK F 49 65.08 -20.80 5.88
N UNK F 50 65.29 -19.52 6.16
CA UNK F 50 64.45 -18.53 5.51
C UNK F 50 65.03 -18.36 4.11
N UNK F 51 66.22 -17.77 4.06
CA UNK F 51 66.77 -17.45 2.72
C UNK F 51 66.94 -18.75 1.93
N UNK F 52 67.39 -19.77 2.64
CA UNK F 52 67.46 -21.08 2.07
C UNK F 52 66.17 -21.89 2.27
N UNK F 53 65.10 -21.30 2.82
CA UNK F 53 63.80 -21.90 2.56
C UNK F 53 63.75 -21.85 1.07
N UNK F 54 63.88 -20.63 0.56
CA UNK F 54 63.80 -20.45 -0.89
C UNK F 54 64.80 -21.35 -1.62
N UNK F 55 66.09 -21.07 -1.39
CA UNK F 55 67.10 -21.75 -2.21
C UNK F 55 67.18 -23.27 -2.01
N UNK F 56 67.10 -23.72 -0.76
CA UNK F 56 67.15 -25.17 -0.50
C UNK F 56 65.91 -25.91 -1.01
N UNK F 57 64.72 -25.32 -0.86
CA UNK F 57 63.53 -25.95 -1.43
C UNK F 57 63.74 -26.20 -2.92
N UNK F 58 64.22 -25.15 -3.61
CA UNK F 58 64.58 -25.31 -5.02
C UNK F 58 65.52 -26.51 -5.26
N UNK F 59 66.63 -26.52 -4.53
CA UNK F 59 67.64 -27.57 -4.71
C UNK F 59 67.11 -28.99 -4.44
N UNK F 60 66.29 -29.12 -3.41
CA UNK F 60 65.69 -30.39 -3.05
C UNK F 60 64.82 -30.92 -4.17
N UNK F 61 63.93 -30.05 -4.68
CA UNK F 61 63.09 -30.45 -5.81
C UNK F 61 63.96 -30.93 -6.97
N UNK F 62 65.03 -30.19 -7.25
CA UNK F 62 65.97 -30.59 -8.30
C UNK F 62 66.54 -32.00 -8.10
N UNK F 63 67.08 -32.25 -6.90
CA UNK F 63 67.70 -33.54 -6.59
C UNK F 63 66.72 -34.70 -6.76
N UNK F 64 65.53 -34.54 -6.17
CA UNK F 64 64.50 -35.56 -6.29
C UNK F 64 64.19 -35.85 -7.76
N UNK F 65 64.07 -34.77 -8.54
CA UNK F 65 63.86 -34.90 -9.98
C UNK F 65 64.96 -35.74 -10.65
N UNK F 66 66.22 -35.47 -10.30
CA UNK F 66 67.34 -36.21 -10.88
C UNK F 66 67.29 -37.71 -10.56
N UNK F 67 67.20 -38.03 -9.28
CA UNK F 67 67.15 -39.42 -8.83
C UNK F 67 66.01 -40.17 -9.52
N UNK F 68 64.83 -39.55 -9.50
CA UNK F 68 63.65 -40.16 -10.09
C UNK F 68 63.80 -40.28 -11.61
N UNK F 69 64.63 -39.44 -12.20
CA UNK F 69 64.91 -39.52 -13.63
C UNK F 69 65.75 -40.73 -13.99
N UNK F 70 66.89 -40.89 -13.30
CA UNK F 70 67.75 -42.04 -13.56
C UNK F 70 67.01 -43.35 -13.28
N UNK F 71 66.29 -43.36 -12.15
CA UNK F 71 65.50 -44.52 -11.78
C UNK F 71 64.36 -44.74 -12.78
N UNK F 72 63.91 -43.66 -13.41
CA UNK F 72 62.90 -43.78 -14.45
C UNK F 72 63.47 -44.51 -15.65
N UNK F 73 64.65 -44.09 -16.10
CA UNK F 73 65.30 -44.78 -17.22
C UNK F 73 65.44 -46.27 -16.92
N UNK F 74 66.13 -46.57 -15.81
CA UNK F 74 66.39 -47.96 -15.44
C UNK F 74 65.13 -48.81 -15.29
N UNK F 75 64.20 -48.36 -14.44
CA UNK F 75 63.03 -49.15 -14.11
C UNK F 75 61.96 -49.19 -15.20
N UNK F 76 61.90 -48.16 -16.03
CA UNK F 76 60.95 -48.16 -17.15
C UNK F 76 61.50 -48.98 -18.30
N UNK F 77 62.82 -49.08 -18.39
CA UNK F 77 63.41 -50.07 -19.28
C UNK F 77 63.02 -51.44 -18.76
N UNK F 78 63.34 -51.67 -17.49
CA UNK F 78 62.90 -52.87 -16.77
C UNK F 78 63.28 -52.75 -15.29
N THR G 1 -21.16 11.11 49.28
CA THR G 1 -21.92 9.89 49.49
C THR G 1 -22.24 9.66 50.96
N PHE G 2 -22.59 8.42 51.29
CA PHE G 2 -22.98 8.08 52.66
C PHE G 2 -22.33 6.78 53.10
N VAL G 3 -21.96 6.72 54.38
CA VAL G 3 -21.48 5.48 54.97
C VAL G 3 -22.09 5.35 56.35
N SER G 4 -22.77 4.25 56.61
CA SER G 4 -23.35 4.02 57.92
C SER G 4 -22.68 2.87 58.66
N VAL G 5 -22.59 2.99 59.98
CA VAL G 5 -21.93 1.99 60.79
C VAL G 5 -22.48 1.98 62.22
N ALA G 6 -22.39 0.82 62.87
CA ALA G 6 -22.80 0.70 64.26
C ALA G 6 -21.67 1.14 65.19
N PRO G 7 -22.01 1.67 66.36
CA PRO G 7 -21.00 2.05 67.36
C PRO G 7 -20.07 0.90 67.71
N GLY G 8 -18.79 1.20 67.83
CA GLY G 8 -17.79 0.17 68.14
C GLY G 8 -17.19 -0.49 66.92
N GLN G 9 -17.91 -0.44 65.79
CA GLN G 9 -17.43 -1.06 64.57
C GLN G 9 -16.48 -0.13 63.81
N THR G 10 -16.03 -0.57 62.65
CA THR G 10 -15.06 0.18 61.86
C THR G 10 -15.68 0.79 60.63
N ALA G 11 -15.45 2.08 60.41
CA ALA G 11 -15.96 2.77 59.23
C ALA G 11 -14.80 3.01 58.27
N ARG G 12 -15.11 2.99 56.97
CA ARG G 12 -14.11 3.31 55.95
C ARG G 12 -14.72 4.26 54.92
N ILE G 13 -13.95 5.28 54.56
CA ILE G 13 -14.44 6.32 53.66
C ILE G 13 -13.48 6.54 52.51
N THR G 14 -14.00 6.50 51.29
CA THR G 14 -13.16 6.61 50.10
C THR G 14 -13.33 8.01 49.52
N CYS G 15 -12.24 8.61 49.08
CA CYS G 15 -12.29 9.96 48.54
C CYS G 15 -11.22 10.20 47.48
N GLY G 16 -11.58 10.95 46.45
CA GLY G 16 -10.65 11.31 45.39
C GLY G 16 -10.45 10.27 44.31
N GLU G 17 -9.70 10.66 43.29
CA GLU G 17 -9.44 9.85 42.11
C GLU G 17 -8.42 8.77 42.50
N GLU G 18 -8.28 7.76 41.64
CA GLU G 18 -7.25 6.74 41.84
C GLU G 18 -5.88 7.39 41.70
N SER G 19 -4.92 6.93 42.50
CA SER G 19 -3.63 7.59 42.56
C SER G 19 -2.93 7.42 41.22
N LEU G 20 -2.09 8.38 40.87
CA LEU G 20 -1.32 8.29 39.65
C LEU G 20 0.16 8.33 40.02
N GLY G 21 0.55 9.37 40.74
CA GLY G 21 1.92 9.54 41.20
C GLY G 21 2.01 9.31 42.70
N SER G 22 3.06 9.83 43.33
CA SER G 22 3.21 9.70 44.77
C SER G 22 2.24 10.66 45.44
N ARG G 23 1.78 10.32 46.65
CA ARG G 23 0.67 11.04 47.24
C ARG G 23 0.94 11.60 48.63
N SER G 24 0.32 12.74 48.88
CA SER G 24 0.12 13.24 50.23
C SER G 24 -1.35 13.63 50.33
N VAL G 25 -2.09 12.88 51.15
CA VAL G 25 -3.52 13.11 51.26
C VAL G 25 -3.84 13.77 52.59
N ILE G 26 -4.71 14.76 52.57
CA ILE G 26 -5.07 15.45 53.78
C ILE G 26 -6.52 15.14 54.05
N TRP G 27 -6.85 14.83 55.29
CA TRP G 27 -8.23 14.54 55.65
C TRP G 27 -8.70 15.54 56.66
N TYR G 28 -9.93 15.99 56.48
CA TYR G 28 -10.53 16.92 57.39
C TYR G 28 -11.86 16.39 57.92
N GLN G 29 -12.18 16.75 59.17
CA GLN G 29 -13.44 16.35 59.75
C GLN G 29 -14.15 17.64 60.00
N GLN G 30 -15.44 17.66 59.62
CA GLN G 30 -16.38 18.77 59.78
C GLN G 30 -17.69 18.34 60.46
N ARG G 31 -17.90 18.78 61.70
CA ARG G 31 -19.11 18.50 62.43
C ARG G 31 -20.24 19.44 62.00
N PRO G 32 -21.51 18.96 62.06
CA PRO G 32 -22.69 19.74 61.67
C PRO G 32 -22.78 21.12 62.33
N GLY G 33 -22.93 22.17 61.53
CA GLY G 33 -23.03 23.52 62.06
C GLY G 33 -21.69 24.14 62.42
N GLN G 34 -20.61 23.44 62.09
CA GLN G 34 -19.27 23.88 62.43
C GLN G 34 -18.44 24.12 61.18
N ALA G 35 -17.33 24.83 61.36
CA ALA G 35 -16.34 25.00 60.31
C ALA G 35 -15.73 23.65 60.02
N PRO G 36 -15.20 23.47 58.80
CA PRO G 36 -14.41 22.24 58.66
C PRO G 36 -13.31 22.25 59.69
N SER G 37 -13.01 21.04 60.14
CA SER G 37 -11.89 20.79 61.01
C SER G 37 -11.20 19.62 60.33
N LEU G 38 -9.96 19.58 60.56
CA LEU G 38 -9.01 18.60 60.03
C LEU G 38 -9.14 17.22 60.68
N ILE G 39 -8.34 16.26 60.22
CA ILE G 39 -8.20 14.92 60.84
C ILE G 39 -6.78 14.36 60.72
N ILE G 40 -6.27 14.42 59.49
CA ILE G 40 -4.98 13.86 59.12
C ILE G 40 -4.22 14.66 58.07
N TYR G 41 -2.89 14.70 58.17
CA TYR G 41 -2.11 15.25 57.08
C TYR G 41 -1.02 14.24 56.75
N ASN G 42 -0.40 14.40 55.58
CA ASN G 42 0.68 13.52 55.12
C ASN G 42 0.28 12.03 55.14
N ASN G 43 -0.93 11.79 54.68
CA ASN G 43 -1.55 10.47 54.53
C ASN G 43 -1.93 9.79 55.84
N ASN G 44 -1.02 9.79 56.82
CA ASN G 44 -1.29 9.14 58.10
C ASN G 44 -0.78 9.90 59.33
N ASP G 45 -0.49 11.19 59.21
CA ASP G 45 -0.07 11.95 60.39
C ASP G 45 -1.23 12.71 61.00
N ARG G 46 -1.27 12.72 62.33
CA ARG G 46 -2.35 13.40 63.04
C ARG G 46 -1.83 14.63 63.80
N PRO G 47 -2.64 15.69 63.81
CA PRO G 47 -2.37 16.90 64.61
C PRO G 47 -2.75 16.68 66.06
N SER G 48 -2.49 17.69 66.90
CA SER G 48 -2.79 17.61 68.32
C SER G 48 -4.28 17.42 68.60
N GLY G 49 -4.62 16.43 69.42
CA GLY G 49 -5.99 16.19 69.80
C GLY G 49 -6.69 15.08 69.03
N ILE G 50 -6.05 14.57 68.00
CA ILE G 50 -6.63 13.48 67.21
C ILE G 50 -6.08 12.12 67.63
N PRO G 51 -6.97 11.22 68.04
CA PRO G 51 -6.62 9.87 68.52
C PRO G 51 -6.26 8.93 67.38
N ASP G 52 -5.63 7.82 67.70
CA ASP G 52 -5.14 6.87 66.68
C ASP G 52 -6.22 5.96 66.12
N ARG G 53 -7.47 6.23 66.48
CA ARG G 53 -8.60 5.54 65.87
C ARG G 53 -8.69 5.93 64.39
N PHE G 54 -8.21 7.13 64.09
CA PHE G 54 -8.27 7.67 62.73
C PHE G 54 -6.97 7.35 62.00
N SER G 55 -7.07 6.74 60.83
CA SER G 55 -5.88 6.39 60.07
C SER G 55 -6.13 6.57 58.58
N GLY G 56 -5.10 6.97 57.85
CA GLY G 56 -5.25 7.15 56.41
C GLY G 56 -4.45 6.13 55.62
N SER G 57 -4.92 5.81 54.42
CA SER G 57 -4.26 4.81 53.59
C SER G 57 -3.02 5.43 52.95
N PRO G 58 -1.91 4.68 52.91
CA PRO G 58 -0.61 5.18 52.45
C PRO G 58 -0.68 5.79 51.05
N GLY G 59 0.16 6.77 50.77
CA GLY G 59 0.23 7.36 49.44
C GLY G 59 1.09 6.52 48.53
N SER G 60 0.61 5.31 48.23
CA SER G 60 1.50 4.20 47.91
C SER G 60 1.16 3.53 46.57
N THR G 61 0.49 2.39 46.65
CA THR G 61 0.18 1.56 45.49
C THR G 61 -0.56 2.32 44.39
N PHE G 62 0.05 2.37 43.20
CA PHE G 62 -0.45 3.17 42.09
C PHE G 62 -1.81 2.67 41.62
N GLY G 63 -2.67 3.61 41.24
CA GLY G 63 -3.97 3.27 40.69
C GLY G 63 -5.00 2.91 41.74
N THR G 64 -4.75 3.35 42.97
CA THR G 64 -5.68 3.10 44.07
C THR G 64 -6.23 4.39 44.66
N THR G 65 -7.29 4.28 45.45
CA THR G 65 -7.95 5.45 46.01
C THR G 65 -7.60 5.62 47.49
N ALA G 66 -7.51 6.87 47.92
CA ALA G 66 -7.20 7.18 49.31
C ALA G 66 -8.39 6.82 50.18
N THR G 67 -8.11 6.26 51.36
CA THR G 67 -9.18 5.85 52.27
C THR G 67 -8.89 6.29 53.70
N LEU G 68 -9.92 6.74 54.40
CA LEU G 68 -9.81 7.05 55.81
C LEU G 68 -10.55 5.97 56.60
N THR G 69 -9.85 5.36 57.55
CA THR G 69 -10.43 4.34 58.39
C THR G 69 -10.59 4.87 59.81
N ILE G 70 -11.79 4.67 60.36
CA ILE G 70 -12.04 5.01 61.76
C ILE G 70 -12.46 3.75 62.52
N THR G 71 -11.63 3.34 63.47
CA THR G 71 -11.93 2.15 64.26
C THR G 71 -12.64 2.56 65.55
N SER G 72 -13.39 1.63 66.13
CA SER G 72 -14.10 1.86 67.37
C SER G 72 -14.93 3.16 67.32
N VAL G 73 -15.79 3.25 66.30
CA VAL G 73 -16.54 4.46 66.02
C VAL G 73 -17.50 4.80 67.17
N GLU G 74 -17.56 6.09 67.50
CA GLU G 74 -18.53 6.60 68.46
C GLU G 74 -19.39 7.68 67.82
N ALA G 75 -20.48 8.04 68.48
CA ALA G 75 -21.44 8.99 67.93
C ALA G 75 -20.83 10.37 67.67
N GLY G 76 -19.78 10.68 68.41
CA GLY G 76 -19.04 11.93 68.20
C GLY G 76 -18.37 12.00 66.85
N ASP G 77 -18.18 10.85 66.20
CA ASP G 77 -17.51 10.81 64.91
C ASP G 77 -18.45 11.15 63.77
N GLU G 78 -19.75 11.13 64.04
CA GLU G 78 -20.74 11.54 63.03
C GLU G 78 -20.45 12.95 62.53
N ALA G 79 -20.21 13.07 61.23
CA ALA G 79 -19.74 14.31 60.63
C ALA G 79 -19.58 14.12 59.13
N ASP G 80 -19.31 15.22 58.43
CA ASP G 80 -18.89 15.13 57.04
C ASP G 80 -17.37 15.06 57.02
N TYR G 81 -16.85 14.24 56.12
CA TYR G 81 -15.41 14.08 55.98
C TYR G 81 -14.97 14.42 54.57
N TYR G 82 -13.89 15.18 54.46
CA TYR G 82 -13.39 15.58 53.15
C TYR G 82 -11.90 15.30 53.00
N CYS G 83 -11.46 14.95 51.80
CA CYS G 83 -10.03 14.85 51.56
C CYS G 83 -9.57 15.96 50.63
N HIS G 84 -8.28 16.26 50.70
CA HIS G 84 -7.62 17.16 49.77
C HIS G 84 -6.40 16.40 49.28
N ILE G 85 -6.39 16.09 47.98
CA ILE G 85 -5.39 15.22 47.40
C ILE G 85 -4.20 15.98 46.82
N TRP G 86 -2.99 15.59 47.20
CA TRP G 86 -1.80 16.06 46.51
C TRP G 86 -1.16 14.85 45.82
N ASP G 87 -1.06 14.92 44.50
CA ASP G 87 -0.57 13.81 43.69
C ASP G 87 0.48 14.36 42.74
N SER G 88 1.66 13.75 42.73
CA SER G 88 2.81 14.34 42.04
C SER G 88 2.61 14.49 40.53
N ARG G 89 1.67 13.76 39.96
CA ARG G 89 1.40 13.81 38.52
C ARG G 89 0.16 14.60 38.19
N ARG G 90 -0.47 15.18 39.21
CA ARG G 90 -1.68 15.94 38.96
C ARG G 90 -1.45 17.39 39.38
N PRO G 91 -2.24 18.30 38.81
CA PRO G 91 -2.23 19.69 39.22
C PRO G 91 -2.66 19.84 40.66
N THR G 92 -2.27 20.95 41.28
CA THR G 92 -2.75 21.28 42.61
C THR G 92 -4.26 21.20 42.54
N ASN G 93 -4.87 20.51 43.50
CA ASN G 93 -6.32 20.47 43.55
C ASN G 93 -6.82 21.65 44.37
N TRP G 94 -7.64 22.49 43.75
CA TRP G 94 -8.13 23.68 44.42
C TRP G 94 -9.52 23.43 45.01
N VAL G 95 -10.10 22.29 44.63
CA VAL G 95 -11.35 21.85 45.23
C VAL G 95 -11.07 20.58 46.02
N PHE G 96 -11.66 20.47 47.20
CA PHE G 96 -11.50 19.24 47.98
C PHE G 96 -12.26 18.12 47.28
N GLY G 97 -11.92 16.87 47.61
CA GLY G 97 -12.67 15.74 47.09
C GLY G 97 -14.10 15.81 47.56
N GLU G 98 -15.00 15.13 46.85
CA GLU G 98 -16.39 15.10 47.27
C GLU G 98 -16.51 14.46 48.65
N GLY G 99 -17.35 15.03 49.49
CA GLY G 99 -17.44 14.63 50.88
C GLY G 99 -18.21 13.35 51.13
N THR G 100 -17.95 12.73 52.27
CA THR G 100 -18.74 11.58 52.68
C THR G 100 -19.33 11.80 54.07
N THR G 101 -20.64 11.55 54.18
CA THR G 101 -21.33 11.66 55.45
C THR G 101 -21.29 10.35 56.22
N LEU G 102 -20.70 10.40 57.42
CA LEU G 102 -20.68 9.23 58.30
C LEU G 102 -21.88 9.22 59.25
N ILE G 103 -22.67 8.16 59.14
CA ILE G 103 -23.81 7.94 60.01
C ILE G 103 -23.46 6.88 61.05
N VAL G 104 -23.69 7.21 62.31
CA VAL G 104 -23.45 6.28 63.41
C VAL G 104 -24.80 5.85 63.95
N LEU G 105 -25.18 4.59 63.70
CA LEU G 105 -26.52 4.16 64.05
C LEU G 105 -26.65 3.77 65.52
N SER G 106 -26.86 4.77 66.36
CA SER G 106 -27.15 4.54 67.76
C SER G 106 -28.60 4.12 67.98
N GLN G 107 -29.50 4.61 67.14
CA GLN G 107 -30.93 4.32 67.27
C GLN G 107 -31.62 3.94 65.97
N PRO G 108 -32.46 2.91 66.01
CA PRO G 108 -33.32 2.52 64.89
C PRO G 108 -34.83 2.87 64.99
N LYS G 109 -35.55 2.70 63.88
CA LYS G 109 -36.94 2.20 63.83
C LYS G 109 -38.16 3.10 64.11
N ALA G 110 -37.97 4.35 64.46
CA ALA G 110 -39.13 5.22 64.62
C ALA G 110 -39.75 5.52 63.26
N ALA G 111 -41.07 5.57 63.17
CA ALA G 111 -41.73 5.77 61.86
C ALA G 111 -42.43 7.12 61.82
N PRO G 112 -42.38 7.78 60.65
CA PRO G 112 -42.85 9.16 60.53
C PRO G 112 -44.35 9.35 60.68
N SER G 113 -44.75 10.43 61.35
CA SER G 113 -46.12 10.91 61.30
C SER G 113 -46.23 11.83 60.09
N VAL G 114 -47.20 11.55 59.23
CA VAL G 114 -47.48 12.38 58.07
C VAL G 114 -48.86 13.04 58.16
N THR G 115 -48.90 14.32 57.80
CA THR G 115 -50.16 15.06 57.72
C THR G 115 -50.24 15.83 56.41
N LEU G 116 -51.37 15.76 55.73
CA LEU G 116 -51.49 16.39 54.42
C LEU G 116 -52.64 17.38 54.35
N PHE G 117 -52.30 18.66 54.17
CA PHE G 117 -53.28 19.72 54.08
C PHE G 117 -53.48 20.16 52.63
N PRO G 118 -54.76 20.32 52.23
CA PRO G 118 -55.20 20.93 50.98
C PRO G 118 -54.97 22.44 51.01
N PRO G 119 -55.05 23.11 49.86
CA PRO G 119 -54.92 24.58 49.88
C PRO G 119 -56.05 25.22 50.68
N SER G 120 -55.76 26.32 51.35
CA SER G 120 -56.76 27.02 52.14
C SER G 120 -57.71 27.78 51.21
N SER G 121 -58.90 28.08 51.71
CA SER G 121 -59.87 28.86 50.95
C SER G 121 -59.29 30.24 50.63
N GLU G 122 -58.54 30.79 51.58
CA GLU G 122 -57.94 32.11 51.43
C GLU G 122 -56.88 32.18 50.32
N GLU G 123 -56.06 31.14 50.26
CA GLU G 123 -55.06 31.03 49.19
C GLU G 123 -55.75 30.89 47.84
N LEU G 124 -56.80 30.08 47.80
CA LEU G 124 -57.57 29.89 46.58
C LEU G 124 -58.18 31.24 46.16
N GLN G 125 -58.55 32.04 47.15
CA GLN G 125 -59.09 33.37 46.90
C GLN G 125 -57.99 34.31 46.45
N ALA G 126 -56.75 33.89 46.65
CA ALA G 126 -55.60 34.66 46.19
C ALA G 126 -55.06 34.07 44.89
N ASN G 127 -55.86 33.17 44.29
CA ASN G 127 -55.55 32.55 43.00
C ASN G 127 -54.25 31.75 43.03
N LYS G 128 -53.93 31.21 44.20
CA LYS G 128 -52.78 30.34 44.37
C LYS G 128 -53.22 29.03 45.03
N ALA G 129 -52.37 28.02 44.98
CA ALA G 129 -52.69 26.77 45.66
C ALA G 129 -51.44 26.07 46.12
N THR G 130 -51.43 25.62 47.37
CA THR G 130 -50.28 24.87 47.88
C THR G 130 -50.74 23.67 48.69
N LEU G 131 -50.22 22.50 48.34
CA LEU G 131 -50.44 21.30 49.13
C LEU G 131 -49.31 21.20 50.13
N VAL G 132 -49.67 20.94 51.40
CA VAL G 132 -48.66 20.90 52.44
C VAL G 132 -48.54 19.53 53.10
N CYS G 133 -47.36 18.93 52.99
CA CYS G 133 -47.11 17.60 53.54
C CYS G 133 -46.10 17.69 54.69
N LEU G 134 -46.59 17.47 55.90
CA LEU G 134 -45.78 17.59 57.10
C LEU G 134 -45.34 16.22 57.59
N ILE G 135 -44.04 16.06 57.82
CA ILE G 135 -43.47 14.79 58.20
C ILE G 135 -42.65 14.95 59.47
N SER G 136 -42.94 14.16 60.51
CA SER G 136 -42.26 14.40 61.79
C SER G 136 -42.07 13.13 62.61
N ASP G 137 -41.35 13.27 63.72
CA ASP G 137 -41.20 12.20 64.71
C ASP G 137 -40.54 10.93 64.16
N PHE G 138 -39.71 11.08 63.14
CA PHE G 138 -39.03 9.93 62.56
C PHE G 138 -37.52 9.89 62.83
N TYR G 139 -36.98 8.68 62.95
CA TYR G 139 -35.53 8.49 63.02
C TYR G 139 -35.21 7.14 62.36
N PRO G 140 -34.09 7.05 61.63
CA PRO G 140 -33.10 8.09 61.29
C PRO G 140 -33.65 9.18 60.36
N GLY G 141 -32.81 10.17 60.08
CA GLY G 141 -33.24 11.36 59.36
C GLY G 141 -33.11 11.27 57.85
N ALA G 142 -33.48 10.12 57.31
CA ALA G 142 -33.51 9.97 55.86
C ALA G 142 -34.90 9.61 55.39
N VAL G 143 -35.47 10.50 54.58
CA VAL G 143 -36.71 10.24 53.88
C VAL G 143 -36.58 10.80 52.47
N THR G 144 -37.33 10.23 51.53
CA THR G 144 -37.52 10.92 50.26
C THR G 144 -39.01 11.18 50.08
N VAL G 145 -39.36 12.30 49.46
CA VAL G 145 -40.77 12.60 49.25
C VAL G 145 -41.08 12.70 47.77
N ALA G 146 -42.18 12.09 47.36
CA ALA G 146 -42.65 12.20 45.99
C ALA G 146 -44.11 12.60 46.01
N TRP G 147 -44.56 13.27 44.95
CA TRP G 147 -45.96 13.67 44.85
C TRP G 147 -46.60 13.01 43.64
N LYS G 148 -47.90 12.74 43.75
CA LYS G 148 -48.65 12.20 42.63
C LYS G 148 -49.84 13.08 42.32
N ALA G 149 -50.12 13.23 41.03
CA ALA G 149 -51.36 13.82 40.57
C ALA G 149 -52.15 12.67 39.95
N ASP G 150 -53.28 12.34 40.57
CA ASP G 150 -53.95 11.07 40.33
C ASP G 150 -52.94 9.94 40.52
N SER G 151 -52.59 9.27 39.43
CA SER G 151 -51.56 8.23 39.49
C SER G 151 -50.23 8.73 38.93
N SER G 152 -50.25 9.92 38.33
CA SER G 152 -49.09 10.43 37.60
C SER G 152 -48.09 11.12 38.52
N PRO G 153 -46.79 10.85 38.30
CA PRO G 153 -45.71 11.54 39.04
C PRO G 153 -45.72 13.03 38.72
N VAL G 154 -45.52 13.86 39.74
CA VAL G 154 -45.38 15.30 39.55
C VAL G 154 -43.94 15.65 39.16
N LYS G 155 -43.78 16.40 38.08
CA LYS G 155 -42.46 16.75 37.59
C LYS G 155 -42.03 18.16 37.98
N ALA G 156 -42.91 18.91 38.64
CA ALA G 156 -42.66 20.33 38.88
C ALA G 156 -43.45 20.90 40.05
N GLY G 157 -42.86 21.87 40.72
CA GLY G 157 -43.55 22.60 41.77
C GLY G 157 -43.35 22.02 43.16
N VAL G 158 -42.52 21.00 43.25
CA VAL G 158 -42.28 20.34 44.54
C VAL G 158 -41.06 20.96 45.20
N GLU G 159 -41.23 21.39 46.44
CA GLU G 159 -40.09 21.82 47.25
C GLU G 159 -40.06 21.09 48.58
N THR G 160 -38.94 20.45 48.88
CA THR G 160 -38.86 19.62 50.08
C THR G 160 -37.63 19.96 50.91
N THR G 161 -37.83 20.10 52.22
CA THR G 161 -36.75 20.41 53.14
C THR G 161 -35.87 19.18 53.36
N THR G 162 -34.58 19.43 53.60
CA THR G 162 -33.73 18.44 54.23
C THR G 162 -34.18 18.37 55.68
N PRO G 163 -34.40 17.15 56.20
CA PRO G 163 -34.89 17.08 57.58
C PRO G 163 -33.85 17.52 58.59
N SER G 164 -34.31 17.94 59.77
CA SER G 164 -33.43 18.30 60.87
C SER G 164 -34.02 17.90 62.22
N LYS G 165 -33.25 18.10 63.27
CA LYS G 165 -33.71 17.80 64.63
C LYS G 165 -34.47 18.98 65.23
N TYR G 171 -36.56 13.40 63.63
CA TYR G 171 -36.40 14.40 62.58
C TYR G 171 -37.72 14.94 62.07
N ALA G 172 -37.66 16.09 61.42
CA ALA G 172 -38.82 16.68 60.78
C ALA G 172 -38.50 17.22 59.39
N ALA G 173 -39.45 17.07 58.47
CA ALA G 173 -39.28 17.53 57.11
C ALA G 173 -40.62 17.98 56.54
N SER G 174 -40.56 18.80 55.50
CA SER G 174 -41.75 19.36 54.88
C SER G 174 -41.66 19.22 53.37
N SER G 175 -42.81 19.01 52.73
CA SER G 175 -42.86 19.08 51.28
C SER G 175 -44.06 19.90 50.83
N TYR G 176 -43.84 20.75 49.85
CA TYR G 176 -44.86 21.68 49.40
C TYR G 176 -45.04 21.48 47.91
N LEU G 177 -46.28 21.28 47.48
CA LEU G 177 -46.56 21.24 46.05
C LEU G 177 -47.31 22.50 45.66
N SER G 178 -46.67 23.34 44.84
CA SER G 178 -47.32 24.54 44.33
C SER G 178 -48.13 24.25 43.08
N LEU G 179 -49.40 24.61 43.13
CA LEU G 179 -50.31 24.42 42.01
C LEU G 179 -51.14 25.68 41.77
N THR G 180 -51.75 25.73 40.59
CA THR G 180 -52.77 26.72 40.29
C THR G 180 -54.09 26.15 40.78
N PRO G 181 -55.09 27.02 41.01
CA PRO G 181 -56.39 26.55 41.48
C PRO G 181 -57.06 25.56 40.53
N GLU G 182 -56.88 25.76 39.22
CA GLU G 182 -57.49 24.86 38.24
C GLU G 182 -56.77 23.52 38.17
N GLN G 183 -55.46 23.51 38.38
CA GLN G 183 -54.72 22.26 38.49
C GLN G 183 -55.24 21.45 39.66
N TRP G 184 -55.41 22.14 40.78
CA TRP G 184 -55.97 21.55 42.00
C TRP G 184 -57.37 20.96 41.78
N LYS G 185 -58.23 21.72 41.13
CA LYS G 185 -59.61 21.29 40.93
C LYS G 185 -59.75 20.21 39.84
N SER G 186 -58.80 20.18 38.91
CA SER G 186 -58.85 19.28 37.77
C SER G 186 -58.83 17.79 38.15
N HIS G 187 -57.80 17.39 38.89
CA HIS G 187 -57.57 15.98 39.16
C HIS G 187 -58.48 15.43 40.25
N LYS G 188 -58.64 14.11 40.28
CA LYS G 188 -59.46 13.45 41.28
C LYS G 188 -58.84 13.60 42.66
N SER G 189 -57.52 13.48 42.71
CA SER G 189 -56.79 13.60 43.97
C SER G 189 -55.30 13.89 43.74
N TYR G 190 -54.63 14.32 44.79
CA TYR G 190 -53.18 14.36 44.82
C TYR G 190 -52.69 13.57 46.01
N SER G 191 -51.49 13.01 45.89
CA SER G 191 -50.96 12.18 46.97
C SER G 191 -49.55 12.58 47.37
N CYS G 192 -49.28 12.51 48.68
CA CYS G 192 -47.93 12.69 49.20
C CYS G 192 -47.43 11.33 49.61
N GLN G 193 -46.29 10.94 49.05
CA GLN G 193 -45.66 9.66 49.34
C GLN G 193 -44.32 9.86 50.03
N VAL G 194 -44.20 9.32 51.24
CA VAL G 194 -42.99 9.47 52.02
C VAL G 194 -42.27 8.13 52.15
N THR G 195 -41.03 8.08 51.68
CA THR G 195 -40.26 6.84 51.69
C THR G 195 -39.24 6.90 52.81
N HIS G 196 -39.37 5.96 53.75
CA HIS G 196 -38.56 5.92 54.95
C HIS G 196 -38.22 4.49 55.35
N GLU G 197 -36.93 4.19 55.43
CA GLU G 197 -36.43 2.91 55.93
C GLU G 197 -37.13 1.69 55.35
N GLY G 198 -37.16 1.59 54.02
CA GLY G 198 -37.71 0.42 53.36
C GLY G 198 -39.21 0.49 53.09
N SER G 199 -39.91 1.34 53.82
CA SER G 199 -41.36 1.44 53.68
C SER G 199 -41.78 2.80 53.11
N THR G 200 -42.97 2.84 52.51
CA THR G 200 -43.52 4.08 52.00
C THR G 200 -44.94 4.34 52.52
N VAL G 201 -45.11 5.47 53.18
CA VAL G 201 -46.42 5.86 53.71
C VAL G 201 -47.02 6.92 52.81
N GLU G 202 -48.28 6.72 52.42
CA GLU G 202 -48.95 7.67 51.52
C GLU G 202 -50.20 8.28 52.15
N LYS G 203 -50.39 9.58 51.90
CA LYS G 203 -51.67 10.21 52.24
C LYS G 203 -52.22 10.93 51.02
N THR G 204 -53.54 11.02 50.92
CA THR G 204 -54.16 11.60 49.74
C THR G 204 -55.13 12.73 50.10
N VAL G 205 -55.35 13.63 49.14
CA VAL G 205 -56.19 14.79 49.36
C VAL G 205 -56.97 15.11 48.08
N ALA G 206 -58.19 15.59 48.23
CA ALA G 206 -59.05 15.85 47.08
C ALA G 206 -59.92 17.08 47.30
N PRO G 207 -60.30 17.75 46.20
CA PRO G 207 -61.30 18.82 46.25
C PRO G 207 -62.68 18.26 46.61
N GLN H 1 -4.38 31.22 72.33
CA GLN H 1 -4.59 30.23 71.29
C GLN H 1 -4.63 30.96 69.96
N VAL H 2 -4.02 30.39 68.94
CA VAL H 2 -4.20 30.95 67.62
C VAL H 2 -5.70 30.96 67.33
N HIS H 3 -6.23 32.12 66.97
CA HIS H 3 -7.67 32.31 66.88
C HIS H 3 -8.00 33.23 65.72
N LEU H 4 -8.85 32.77 64.82
CA LEU H 4 -9.21 33.55 63.65
C LEU H 4 -10.70 33.87 63.66
N GLN H 5 -11.04 35.10 63.32
CA GLN H 5 -12.45 35.49 63.26
C GLN H 5 -12.71 36.28 61.98
N GLU H 6 -13.51 35.69 61.11
CA GLU H 6 -13.87 36.31 59.84
C GLU H 6 -15.03 37.28 60.00
N SER H 7 -15.03 38.32 59.18
CA SER H 7 -16.16 39.24 59.11
C SER H 7 -16.36 39.72 57.67
N GLY H 8 -17.60 40.10 57.38
CA GLY H 8 -18.01 40.48 56.03
C GLY H 8 -19.42 41.04 56.05
N PRO H 9 -19.94 41.40 54.87
CA PRO H 9 -21.21 42.13 54.80
C PRO H 9 -22.44 41.24 54.92
N GLY H 10 -22.26 39.93 54.79
CA GLY H 10 -23.37 38.99 54.82
C GLY H 10 -24.17 38.92 53.54
N LEU H 11 -24.42 40.09 52.94
CA LEU H 11 -25.19 40.17 51.70
C LEU H 11 -24.44 41.04 50.69
N VAL H 12 -24.32 40.55 49.47
CA VAL H 12 -23.70 41.31 48.39
C VAL H 12 -24.58 41.24 47.15
N LYS H 13 -24.69 42.35 46.43
CA LYS H 13 -25.45 42.37 45.19
C LYS H 13 -24.58 41.82 44.06
N PRO H 14 -25.22 41.18 43.06
CA PRO H 14 -24.49 40.72 41.87
C PRO H 14 -23.70 41.83 41.19
N SER H 15 -22.48 41.51 40.77
CA SER H 15 -21.54 42.44 40.11
C SER H 15 -20.73 43.28 41.09
N GLU H 16 -21.13 43.29 42.37
CA GLU H 16 -20.43 44.08 43.37
C GLU H 16 -19.16 43.35 43.78
N THR H 17 -18.35 43.99 44.62
CA THR H 17 -17.15 43.35 45.13
C THR H 17 -17.36 42.88 46.56
N LEU H 18 -17.04 41.61 46.80
CA LEU H 18 -17.08 41.04 48.14
C LEU H 18 -15.78 41.35 48.85
N SER H 19 -15.86 41.90 50.05
CA SER H 19 -14.67 42.20 50.83
C SER H 19 -14.76 41.55 52.20
N LEU H 20 -13.80 40.68 52.51
CA LEU H 20 -13.80 39.97 53.77
C LEU H 20 -12.53 40.22 54.56
N THR H 21 -12.66 40.15 55.88
CA THR H 21 -11.52 40.35 56.76
C THR H 21 -11.40 39.14 57.70
N CYS H 22 -10.16 38.75 57.99
CA CYS H 22 -9.89 37.72 58.97
C CYS H 22 -9.00 38.28 60.07
N ASN H 23 -9.59 38.46 61.24
CA ASN H 23 -8.89 39.01 62.39
C ASN H 23 -8.13 37.88 63.08
N VAL H 24 -6.84 38.10 63.30
CA VAL H 24 -5.96 37.06 63.82
C VAL H 24 -5.46 37.38 65.22
N SER H 25 -5.54 36.38 66.09
CA SER H 25 -4.92 36.45 67.41
C SER H 25 -4.03 35.24 67.69
N GLY H 26 -3.11 35.39 68.62
CA GLY H 26 -2.31 34.26 69.10
C GLY H 26 -1.14 33.94 68.19
N THR H 27 -1.03 34.68 67.09
CA THR H 27 0.12 34.59 66.19
C THR H 27 0.23 35.85 65.35
N LEU H 28 1.41 36.07 64.77
CA LEU H 28 1.61 37.22 63.91
C LEU H 28 1.43 36.80 62.46
N VAL H 29 0.76 37.63 61.68
CA VAL H 29 0.37 37.25 60.32
C VAL H 29 1.56 36.99 59.40
N ARG H 30 2.65 37.73 59.64
CA ARG H 30 3.86 37.62 58.83
C ARG H 30 4.50 36.23 58.98
N ASP H 31 4.17 35.54 60.06
CA ASP H 31 4.86 34.30 60.43
C ASP H 31 4.13 33.05 59.97
N ASN H 32 3.10 33.23 59.14
CA ASN H 32 2.30 32.11 58.69
C ASN H 32 1.92 32.27 57.23
N TYR H 33 1.66 31.15 56.56
CA TYR H 33 0.92 31.20 55.33
C TYR H 33 -0.54 31.29 55.73
N TRP H 34 -1.32 32.03 54.95
CA TRP H 34 -2.74 32.18 55.22
C TRP H 34 -3.54 31.73 54.03
N SER H 35 -4.58 30.94 54.27
CA SER H 35 -5.40 30.59 53.14
C SER H 35 -6.80 31.14 53.31
N TRP H 36 -7.42 31.40 52.18
CA TRP H 36 -8.85 31.58 52.14
C TRP H 36 -9.38 30.38 51.39
N ILE H 37 -10.49 29.89 51.90
CA ILE H 37 -11.14 28.70 51.39
C ILE H 37 -12.62 28.99 51.31
N ARG H 38 -13.30 28.48 50.28
CA ARG H 38 -14.75 28.69 50.37
C ARG H 38 -15.46 27.33 50.24
N GLN H 39 -16.66 27.28 50.83
CA GLN H 39 -17.53 26.10 50.86
C GLN H 39 -19.01 26.48 50.66
N PRO H 40 -19.56 26.25 49.46
CA PRO H 40 -21.01 26.44 49.23
C PRO H 40 -21.88 25.47 50.03
N LEU H 41 -23.12 25.87 50.30
CA LEU H 41 -24.12 25.03 50.96
C LEU H 41 -24.29 23.66 50.29
N GLY H 42 -24.16 22.60 51.08
CA GLY H 42 -24.40 21.25 50.58
C GLY H 42 -23.28 20.71 49.69
N LYS H 43 -22.18 21.44 49.60
CA LYS H 43 -21.07 21.05 48.75
C LYS H 43 -19.81 20.84 49.55
N GLN H 44 -18.74 20.44 48.87
CA GLN H 44 -17.47 20.20 49.54
C GLN H 44 -16.76 21.53 49.64
N PRO H 45 -15.74 21.63 50.49
CA PRO H 45 -15.06 22.92 50.48
C PRO H 45 -14.36 23.20 49.17
N GLU H 46 -14.37 24.48 48.82
CA GLU H 46 -13.64 24.98 47.68
C GLU H 46 -12.76 26.03 48.31
N TRP H 47 -11.52 25.88 48.09
CA TRP H 47 -10.45 26.70 48.66
C TRP H 47 -10.52 28.04 47.94
N ILE H 48 -9.54 28.92 48.11
CA ILE H 48 -9.57 30.20 47.38
C ILE H 48 -8.17 30.53 46.94
N GLY H 49 -7.25 30.41 47.89
CA GLY H 49 -5.87 30.78 47.62
C GLY H 49 -5.04 30.83 48.89
N TYR H 50 -3.73 30.94 48.75
CA TYR H 50 -2.87 31.14 49.90
C TYR H 50 -1.94 32.33 49.67
N VAL H 51 -1.62 33.02 50.75
CA VAL H 51 -0.81 34.23 50.70
C VAL H 51 0.22 34.21 51.82
N HIS H 52 1.39 34.77 51.53
CA HIS H 52 2.45 34.88 52.52
C HIS H 52 3.16 36.23 52.33
N ASP H 53 3.66 36.79 53.43
CA ASP H 53 4.32 38.09 53.40
C ASP H 53 5.56 38.08 52.50
N SER H 54 6.15 36.90 52.34
CA SER H 54 7.30 36.71 51.47
C SER H 54 6.98 36.93 50.00
N GLY H 55 5.70 36.87 49.64
CA GLY H 55 5.32 36.90 48.24
C GLY H 55 5.04 35.52 47.68
N ASP H 56 5.20 34.49 48.52
CA ASP H 56 4.90 33.13 48.08
C ASP H 56 3.40 32.95 48.18
N THR H 57 2.73 33.33 47.10
CA THR H 57 1.28 33.53 47.08
C THR H 57 0.72 32.94 45.79
N ASN H 58 -0.45 32.31 45.88
CA ASN H 58 -1.08 31.75 44.69
C ASN H 58 -2.60 31.70 44.79
N TYR H 59 -3.26 31.86 43.65
CA TYR H 59 -4.71 31.95 43.59
C TYR H 59 -5.28 30.79 42.80
N ASN H 60 -6.45 30.32 43.21
CA ASN H 60 -7.21 29.34 42.43
C ASN H 60 -7.38 29.89 41.03
N PRO H 61 -6.89 29.16 40.02
CA PRO H 61 -6.96 29.61 38.62
C PRO H 61 -8.36 30.00 38.16
N SER H 62 -9.39 29.32 38.64
CA SER H 62 -10.76 29.61 38.20
C SER H 62 -11.24 30.97 38.70
N LEU H 63 -10.56 31.51 39.70
CA LEU H 63 -10.95 32.76 40.33
C LEU H 63 -9.90 33.83 40.07
N LYS H 64 -8.90 33.46 39.25
CA LYS H 64 -7.65 34.21 39.15
C LYS H 64 -7.82 35.71 38.89
N SER H 65 -8.71 36.07 37.96
CA SER H 65 -8.83 37.46 37.56
C SER H 65 -9.71 38.27 38.51
N ARG H 66 -10.39 37.59 39.44
CA ARG H 66 -11.37 38.26 40.28
C ARG H 66 -10.92 38.39 41.74
N VAL H 67 -9.88 37.68 42.12
CA VAL H 67 -9.52 37.56 43.53
C VAL H 67 -8.24 38.31 43.91
N HIS H 68 -8.24 38.85 45.13
CA HIS H 68 -7.04 39.48 45.69
C HIS H 68 -6.94 39.09 47.17
N LEU H 69 -5.76 38.64 47.58
CA LEU H 69 -5.50 38.31 48.98
C LEU H 69 -4.41 39.23 49.53
N SER H 70 -4.55 39.65 50.78
CA SER H 70 -3.55 40.55 51.36
C SER H 70 -3.29 40.27 52.83
N LEU H 71 -2.14 40.69 53.33
CA LEU H 71 -1.86 40.66 54.75
C LEU H 71 -1.66 42.07 55.26
N ASP H 72 -2.24 42.38 56.42
CA ASP H 72 -2.04 43.66 57.06
C ASP H 72 -1.31 43.40 58.39
N LYS H 73 -0.01 43.68 58.39
CA LYS H 73 0.84 43.40 59.54
C LYS H 73 0.56 44.34 60.71
N SER H 74 0.14 45.56 60.39
CA SER H 74 -0.06 46.58 61.41
C SER H 74 -1.30 46.28 62.25
N LYS H 75 -2.32 45.74 61.60
CA LYS H 75 -3.58 45.43 62.26
C LYS H 75 -3.68 43.95 62.57
N ASN H 76 -2.66 43.20 62.13
CA ASN H 76 -2.63 41.75 62.29
C ASN H 76 -3.87 41.06 61.72
N LEU H 77 -4.13 41.29 60.43
CA LEU H 77 -5.29 40.67 59.79
C LEU H 77 -5.00 40.23 58.36
N VAL H 78 -5.89 39.42 57.80
CA VAL H 78 -5.73 38.91 56.44
C VAL H 78 -6.97 39.34 55.68
N SER H 79 -6.82 39.77 54.43
CA SER H 79 -7.99 40.26 53.72
C SER H 79 -8.21 39.54 52.39
N LEU H 80 -9.47 39.53 51.96
CA LEU H 80 -9.83 38.98 50.66
C LEU H 80 -10.76 39.95 49.95
N ARG H 81 -10.55 40.12 48.65
CA ARG H 81 -11.54 40.79 47.81
C ARG H 81 -11.84 39.94 46.58
N LEU H 82 -13.12 39.87 46.22
CA LEU H 82 -13.56 39.08 45.07
C LEU H 82 -14.52 39.93 44.25
N THR H 83 -14.13 40.27 43.03
CA THR H 83 -14.92 41.19 42.22
C THR H 83 -15.95 40.47 41.37
N GLY H 84 -16.91 41.24 40.85
CA GLY H 84 -17.92 40.74 39.92
C GLY H 84 -18.63 39.49 40.38
N VAL H 85 -19.08 39.49 41.63
CA VAL H 85 -19.70 38.29 42.21
C VAL H 85 -21.02 37.93 41.55
N THR H 86 -21.36 36.64 41.60
CA THR H 86 -22.67 36.16 41.20
C THR H 86 -23.18 35.19 42.25
N ALA H 87 -24.36 34.61 42.01
CA ALA H 87 -24.95 33.65 42.93
C ALA H 87 -24.04 32.44 43.17
N ALA H 88 -23.23 32.11 42.16
CA ALA H 88 -22.28 31.00 42.28
C ALA H 88 -21.23 31.23 43.37
N ASP H 89 -21.05 32.48 43.78
CA ASP H 89 -20.08 32.81 44.81
C ASP H 89 -20.67 32.76 46.22
N SER H 90 -21.96 32.47 46.31
CA SER H 90 -22.60 32.31 47.62
C SER H 90 -22.05 31.08 48.31
N ALA H 91 -21.58 31.26 49.54
CA ALA H 91 -20.93 30.18 50.28
C ALA H 91 -20.59 30.65 51.68
N ILE H 92 -20.14 29.72 52.52
CA ILE H 92 -19.47 30.10 53.75
C ILE H 92 -17.98 30.19 53.44
N TYR H 93 -17.39 31.31 53.83
CA TYR H 93 -15.98 31.60 53.55
C TYR H 93 -15.14 31.47 54.82
N TYR H 94 -14.00 30.80 54.71
CA TYR H 94 -13.17 30.56 55.87
C TYR H 94 -11.76 31.08 55.64
N CYS H 95 -11.21 31.65 56.71
CA CYS H 95 -9.82 32.06 56.79
C CYS H 95 -9.14 30.96 57.57
N ALA H 96 -7.91 30.63 57.17
CA ALA H 96 -7.18 29.53 57.80
C ALA H 96 -5.68 29.83 57.94
N THR H 97 -5.03 29.08 58.82
CA THR H 97 -3.57 29.11 58.97
C THR H 97 -3.01 27.87 58.30
N THR H 98 -2.09 28.08 57.36
CA THR H 98 -1.79 27.06 56.37
C THR H 98 -0.36 26.61 56.56
N LYS H 99 -0.19 25.32 56.82
CA LYS H 99 1.16 24.80 57.01
C LYS H 99 1.61 24.08 55.75
N HIS H 100 2.92 23.99 55.59
CA HIS H 100 3.54 23.51 54.37
C HIS H 100 4.32 22.24 54.72
N GLY H 101 4.26 21.24 53.85
CA GLY H 101 5.04 20.03 54.04
C GLY H 101 5.65 19.61 52.70
N ARG H 102 6.71 18.81 52.74
CA ARG H 102 7.32 18.29 51.52
C ARG H 102 7.43 16.76 51.47
N ARG H 103 7.06 16.19 50.33
CA ARG H 103 7.35 14.79 50.10
C ARG H 103 8.70 14.65 49.38
N ILE H 104 9.66 14.03 50.07
CA ILE H 104 11.04 13.99 49.59
C ILE H 104 11.49 12.54 49.45
N TYR H 105 11.99 12.19 48.26
CA TYR H 105 12.48 10.82 48.04
C TYR H 105 13.98 10.82 47.74
N GLY H 106 14.46 9.69 47.21
CA GLY H 106 15.81 9.61 46.71
C GLY H 106 15.92 10.49 45.49
N VAL H 107 17.15 10.86 45.14
CA VAL H 107 17.38 11.76 44.01
C VAL H 107 16.92 11.11 42.70
N VAL H 108 16.90 9.78 42.67
CA VAL H 108 16.38 9.04 41.51
C VAL H 108 14.91 9.38 41.26
N ALA H 109 14.22 9.83 42.32
CA ALA H 109 12.80 10.20 42.24
C ALA H 109 12.54 11.71 42.36
N PHE H 110 13.57 12.52 42.04
CA PHE H 110 13.48 13.99 42.14
C PHE H 110 12.26 14.59 41.44
N LYS H 111 11.92 14.10 40.25
CA LYS H 111 10.75 14.62 39.55
C LYS H 111 9.46 14.43 40.35
N GLU H 112 9.47 13.50 41.30
CA GLU H 112 8.24 13.24 42.04
C GLU H 112 8.20 13.95 43.39
N TRP H 113 9.21 14.77 43.69
CA TRP H 113 9.15 15.60 44.90
C TRP H 113 8.09 16.68 44.74
N PHE H 114 7.42 16.99 45.85
CA PHE H 114 6.40 18.01 45.80
C PHE H 114 6.09 18.56 47.18
N THR H 115 5.51 19.75 47.19
CA THR H 115 5.07 20.36 48.43
C THR H 115 3.56 20.26 48.54
N TYR H 116 3.07 20.21 49.78
CA TYR H 116 1.63 20.15 49.99
C TYR H 116 1.31 21.10 51.11
N PHE H 117 0.06 21.56 51.16
CA PHE H 117 -0.38 22.47 52.23
C PHE H 117 -1.53 21.83 52.99
N TYR H 118 -1.63 22.13 54.28
CA TYR H 118 -2.77 21.70 55.08
C TYR H 118 -3.18 22.85 55.99
N MET H 119 -4.48 22.94 56.23
CA MET H 119 -5.05 24.07 56.99
C MET H 119 -5.29 23.64 58.42
N ASP H 120 -4.45 24.08 59.35
CA ASP H 120 -4.51 23.48 60.69
C ASP H 120 -5.35 24.24 61.71
N VAL H 121 -5.52 25.55 61.54
CA VAL H 121 -6.44 26.32 62.39
C VAL H 121 -7.39 27.14 61.51
N TRP H 122 -8.84 26.89 61.56
CA TRP H 122 -9.87 27.58 60.81
C TRP H 122 -10.61 28.54 61.72
N GLY H 123 -11.11 29.61 61.12
CA GLY H 123 -12.00 30.53 61.81
C GLY H 123 -13.38 29.91 61.88
N LYS H 124 -14.34 30.64 62.43
CA LYS H 124 -15.69 30.12 62.55
C LYS H 124 -16.42 30.23 61.22
N GLY H 125 -15.89 31.08 60.34
CA GLY H 125 -16.48 31.26 59.03
C GLY H 125 -17.39 32.46 58.95
N THR H 126 -17.48 33.06 57.76
CA THR H 126 -18.46 34.11 57.54
C THR H 126 -19.37 33.77 56.36
N SER H 127 -20.67 33.96 56.55
CA SER H 127 -21.64 33.60 55.53
C SER H 127 -21.80 34.71 54.50
N VAL H 128 -21.71 34.35 53.22
CA VAL H 128 -21.87 35.33 52.15
C VAL H 128 -22.97 34.90 51.19
N THR H 129 -24.03 35.69 51.11
CA THR H 129 -25.07 35.43 50.12
C THR H 129 -25.06 36.53 49.08
N VAL H 130 -24.89 36.15 47.81
CA VAL H 130 -24.98 37.11 46.72
C VAL H 130 -26.33 36.96 46.03
N SER H 131 -27.21 37.93 46.21
CA SER H 131 -28.49 37.93 45.53
C SER H 131 -28.93 39.35 45.27
N SER H 132 -30.04 39.54 44.56
CA SER H 132 -30.57 40.88 44.42
C SER H 132 -31.96 40.95 45.03
N ALA H 133 -32.01 41.35 46.29
CA ALA H 133 -33.25 41.75 46.96
C ALA H 133 -32.94 42.81 48.00
N SER H 134 -33.60 43.96 47.93
CA SER H 134 -33.45 44.92 49.03
C SER H 134 -34.16 44.39 50.28
N THR H 135 -35.46 44.11 50.14
CA THR H 135 -36.31 43.55 51.20
C THR H 135 -37.49 42.88 50.53
N LYS H 136 -38.12 41.93 51.22
CA LYS H 136 -39.46 41.53 50.84
C LYS H 136 -40.24 40.98 52.05
N GLY H 137 -41.45 41.49 52.25
CA GLY H 137 -42.31 41.02 53.34
C GLY H 137 -43.08 39.75 53.00
N PRO H 138 -43.35 38.91 54.02
CA PRO H 138 -44.04 37.62 53.81
C PRO H 138 -45.55 37.79 53.61
N SER H 139 -46.20 36.77 53.04
CA SER H 139 -47.66 36.70 53.03
C SER H 139 -48.06 35.58 53.99
N VAL H 140 -49.02 35.82 54.87
CA VAL H 140 -49.36 34.82 55.88
C VAL H 140 -50.78 34.31 55.71
N PHE H 141 -50.92 32.98 55.65
CA PHE H 141 -52.24 32.38 55.46
C PHE H 141 -52.50 31.31 56.51
N PRO H 142 -53.77 31.17 56.93
CA PRO H 142 -54.08 30.15 57.93
C PRO H 142 -54.19 28.76 57.34
N LEU H 143 -53.74 27.75 58.07
CA LEU H 143 -53.90 26.36 57.68
C LEU H 143 -54.97 25.75 58.58
N ALA H 144 -56.19 25.73 58.06
CA ALA H 144 -57.39 25.42 58.86
C ALA H 144 -57.43 23.99 59.38
N PRO H 145 -57.93 23.81 60.62
CA PRO H 145 -58.12 22.48 61.19
C PRO H 145 -59.28 21.79 60.48
N SER H 146 -59.17 20.49 60.26
CA SER H 146 -60.22 19.74 59.58
C SER H 146 -60.36 18.33 60.16
N SER H 147 -59.23 17.72 60.48
CA SER H 147 -59.23 16.35 61.01
C SER H 147 -57.91 16.05 61.72
N GLY H 152 -58.57 10.53 66.25
CA GLY H 152 -57.70 10.45 67.41
C GLY H 152 -58.01 11.51 68.45
N GLY H 153 -59.06 12.28 68.20
CA GLY H 153 -59.44 13.37 69.08
C GLY H 153 -58.57 14.58 68.91
N THR H 154 -57.56 14.46 68.04
CA THR H 154 -56.63 15.55 67.81
C THR H 154 -56.63 16.02 66.38
N ALA H 155 -56.37 17.31 66.20
CA ALA H 155 -56.28 17.88 64.87
C ALA H 155 -55.01 18.69 64.80
N ALA H 156 -54.49 18.88 63.59
CA ALA H 156 -53.36 19.76 63.41
C ALA H 156 -53.87 21.04 62.79
N LEU H 157 -53.04 22.08 62.77
CA LEU H 157 -53.54 23.44 62.67
C LEU H 157 -52.30 24.24 62.39
N GLY H 158 -52.36 25.22 61.50
CA GLY H 158 -51.12 25.93 61.24
C GLY H 158 -51.17 27.31 60.60
N CYS H 159 -49.98 27.78 60.22
CA CYS H 159 -49.85 29.02 59.48
C CYS H 159 -48.76 28.86 58.42
N LEU H 160 -49.06 29.31 57.21
CA LEU H 160 -48.12 29.30 56.11
C LEU H 160 -47.54 30.69 55.95
N VAL H 161 -46.20 30.77 55.94
CA VAL H 161 -45.51 32.04 55.77
C VAL H 161 -44.79 31.98 54.42
N LYS H 162 -45.37 32.67 53.44
CA LYS H 162 -45.01 32.50 52.04
C LYS H 162 -44.20 33.65 51.47
N ASP H 163 -43.14 33.30 50.74
CA ASP H 163 -42.43 34.24 49.86
C ASP H 163 -41.87 35.47 50.55
N TYR H 164 -40.90 35.29 51.44
CA TYR H 164 -40.24 36.42 52.08
C TYR H 164 -38.73 36.39 51.86
N PHE H 165 -38.09 37.53 52.07
CA PHE H 165 -36.63 37.61 52.01
C PHE H 165 -36.15 38.81 52.81
N PRO H 166 -35.02 38.66 53.53
CA PRO H 166 -34.27 37.43 53.74
C PRO H 166 -34.81 36.69 54.96
N GLU H 167 -34.12 35.63 55.36
CA GLU H 167 -34.30 35.04 56.69
C GLU H 167 -33.89 36.06 57.76
N PRO H 168 -34.43 35.90 58.99
CA PRO H 168 -35.36 34.87 59.43
C PRO H 168 -36.77 35.41 59.68
N VAL H 169 -37.70 34.49 59.92
CA VAL H 169 -39.04 34.82 60.38
C VAL H 169 -39.26 34.13 61.71
N THR H 170 -39.87 34.80 62.67
CA THR H 170 -40.25 34.14 63.91
C THR H 170 -41.75 33.89 63.95
N VAL H 171 -42.14 32.69 64.38
CA VAL H 171 -43.55 32.38 64.55
C VAL H 171 -43.83 31.91 65.97
N SER H 172 -44.82 32.52 66.61
CA SER H 172 -45.30 32.04 67.91
C SER H 172 -46.79 31.77 67.82
N TRP H 173 -47.34 31.10 68.83
CA TRP H 173 -48.78 30.87 68.87
C TRP H 173 -49.36 31.49 70.14
N ASN H 174 -50.47 32.20 69.98
CA ASN H 174 -51.12 32.92 71.07
C ASN H 174 -50.13 33.78 71.87
N SER H 175 -49.28 34.50 71.15
CA SER H 175 -48.32 35.43 71.74
C SER H 175 -47.26 34.77 72.61
N GLY H 176 -47.23 33.43 72.60
CA GLY H 176 -46.29 32.73 73.43
C GLY H 176 -46.96 31.79 74.42
N ALA H 177 -48.28 31.89 74.50
CA ALA H 177 -49.04 31.07 75.43
C ALA H 177 -49.41 29.72 74.85
N LEU H 178 -48.68 29.32 73.80
CA LEU H 178 -48.77 27.96 73.28
C LEU H 178 -47.44 27.54 72.68
N THR H 179 -46.64 26.80 73.44
CA THR H 179 -45.36 26.31 72.95
C THR H 179 -45.34 24.79 72.86
N SER H 180 -46.37 24.16 73.41
CA SER H 180 -46.49 22.71 73.35
C SER H 180 -47.41 22.26 72.22
N GLY H 181 -46.98 21.22 71.50
CA GLY H 181 -47.70 20.78 70.32
C GLY H 181 -47.16 21.55 69.13
N VAL H 182 -46.30 22.52 69.41
CA VAL H 182 -45.84 23.46 68.40
C VAL H 182 -44.63 22.90 67.67
N HIS H 183 -44.69 22.97 66.35
CA HIS H 183 -43.54 22.63 65.52
C HIS H 183 -43.40 23.66 64.41
N THR H 184 -42.33 24.47 64.46
CA THR H 184 -42.06 25.42 63.39
C THR H 184 -40.94 24.88 62.50
N PHE H 185 -41.29 24.58 61.25
CA PHE H 185 -40.36 23.91 60.35
C PHE H 185 -39.31 24.90 59.87
N PRO H 186 -38.12 24.38 59.49
CA PRO H 186 -37.11 25.26 58.87
C PRO H 186 -37.58 25.73 57.50
N ALA H 187 -37.17 26.93 57.11
CA ALA H 187 -37.64 27.52 55.86
C ALA H 187 -37.03 26.81 54.66
N VAL H 188 -37.78 26.81 53.56
CA VAL H 188 -37.27 26.34 52.28
C VAL H 188 -36.86 27.53 51.42
N LEU H 189 -35.67 27.47 50.82
CA LEU H 189 -35.29 28.48 49.85
C LEU H 189 -35.73 28.04 48.45
N GLN H 190 -36.71 28.75 47.92
CA GLN H 190 -37.35 28.39 46.67
C GLN H 190 -36.52 28.81 45.46
N SER H 191 -36.85 28.25 44.30
CA SER H 191 -36.17 28.57 43.06
C SER H 191 -36.31 30.05 42.69
N SER H 192 -37.32 30.69 43.26
CA SER H 192 -37.54 32.12 43.05
C SER H 192 -36.53 32.96 43.83
N GLY H 193 -35.81 32.32 44.75
CA GLY H 193 -34.86 33.03 45.59
C GLY H 193 -35.55 33.60 46.82
N LEU H 194 -36.83 33.29 46.97
CA LEU H 194 -37.59 33.64 48.16
C LEU H 194 -37.71 32.45 49.10
N TYR H 195 -37.94 32.73 50.37
CA TYR H 195 -38.14 31.68 51.35
C TYR H 195 -39.61 31.50 51.68
N SER H 196 -39.96 30.30 52.13
CA SER H 196 -41.27 30.05 52.71
C SER H 196 -41.09 29.09 53.88
N LEU H 197 -41.98 29.21 54.87
CA LEU H 197 -42.04 28.22 55.94
C LEU H 197 -43.45 28.07 56.51
N SER H 198 -43.63 27.05 57.33
CA SER H 198 -44.93 26.78 57.95
C SER H 198 -44.71 26.48 59.42
N SER H 199 -45.72 26.75 60.23
CA SER H 199 -45.68 26.36 61.63
C SER H 199 -46.98 25.66 61.96
N VAL H 200 -46.91 24.59 62.74
CA VAL H 200 -48.11 23.84 63.09
C VAL H 200 -48.24 23.58 64.59
N VAL H 201 -49.48 23.43 65.02
CA VAL H 201 -49.80 22.99 66.37
C VAL H 201 -50.79 21.82 66.31
N THR H 202 -50.68 20.95 67.30
CA THR H 202 -51.57 19.81 67.46
C THR H 202 -52.45 20.06 68.68
N VAL H 203 -53.76 20.07 68.49
CA VAL H 203 -54.67 20.43 69.57
C VAL H 203 -55.82 19.43 69.67
N PRO H 204 -56.42 19.31 70.86
CA PRO H 204 -57.64 18.48 70.99
C PRO H 204 -58.77 19.08 70.17
N SER H 205 -59.51 18.23 69.47
CA SER H 205 -60.51 18.69 68.50
C SER H 205 -61.70 19.41 69.13
N SER H 206 -61.89 19.22 70.43
CA SER H 206 -63.06 19.78 71.10
C SER H 206 -62.96 21.30 71.22
N GLY H 209 -64.79 23.88 71.18
CA GLY H 209 -64.67 25.25 70.71
C GLY H 209 -64.19 26.18 71.79
N THR H 210 -63.29 25.69 72.64
CA THR H 210 -62.73 26.53 73.71
C THR H 210 -61.73 27.56 73.20
N GLN H 211 -60.44 27.25 73.33
CA GLN H 211 -59.39 28.23 73.12
C GLN H 211 -59.32 28.78 71.70
N THR H 212 -58.80 29.99 71.56
CA THR H 212 -58.62 30.62 70.27
C THR H 212 -57.17 30.44 69.82
N TYR H 213 -56.97 30.16 68.54
CA TYR H 213 -55.62 29.93 68.02
C TYR H 213 -55.19 31.00 67.02
N ILE H 214 -54.16 31.74 67.40
CA ILE H 214 -53.63 32.83 66.59
C ILE H 214 -52.13 32.63 66.43
N CYS H 215 -51.64 32.68 65.19
CA CYS H 215 -50.21 32.66 64.97
C CYS H 215 -49.67 34.08 64.79
N ASN H 216 -48.54 34.35 65.45
CA ASN H 216 -47.91 35.65 65.37
C ASN H 216 -46.60 35.50 64.61
N VAL H 217 -46.54 36.14 63.46
CA VAL H 217 -45.40 36.03 62.56
C VAL H 217 -44.70 37.38 62.55
N ASN H 218 -43.39 37.36 62.76
CA ASN H 218 -42.62 38.59 62.64
C ASN H 218 -41.44 38.44 61.71
N HIS H 219 -41.34 39.37 60.76
CA HIS H 219 -40.20 39.43 59.85
C HIS H 219 -39.47 40.74 60.07
N LYS H 220 -38.46 40.72 60.92
CA LYS H 220 -37.75 41.93 61.30
C LYS H 220 -37.13 42.75 60.14
N PRO H 221 -36.41 42.07 59.21
CA PRO H 221 -35.83 42.83 58.09
C PRO H 221 -36.81 43.71 57.29
N SER H 222 -38.08 43.36 57.27
CA SER H 222 -39.08 44.15 56.56
C SER H 222 -40.04 44.88 57.50
N ASN H 223 -39.76 44.83 58.80
CA ASN H 223 -40.63 45.42 59.81
C ASN H 223 -42.06 44.94 59.66
N THR H 224 -42.24 43.66 59.37
CA THR H 224 -43.56 43.07 59.21
C THR H 224 -43.93 42.23 60.43
N LYS H 225 -45.11 42.50 60.96
CA LYS H 225 -45.69 41.67 62.01
C LYS H 225 -47.14 41.37 61.64
N VAL H 226 -47.51 40.10 61.66
CA VAL H 226 -48.87 39.69 61.31
C VAL H 226 -49.43 38.72 62.34
N ASP H 227 -50.63 38.98 62.83
CA ASP H 227 -51.33 38.01 63.67
C ASP H 227 -52.48 37.42 62.86
N LYS H 228 -52.52 36.10 62.78
CA LYS H 228 -53.48 35.41 61.93
C LYS H 228 -54.28 34.41 62.74
N ARG H 229 -55.59 34.61 62.80
CA ARG H 229 -56.48 33.69 63.48
C ARG H 229 -56.72 32.47 62.60
N VAL H 230 -56.64 31.28 63.19
CA VAL H 230 -56.81 30.05 62.45
C VAL H 230 -58.06 29.29 62.91
N GLU H 231 -59.06 29.22 62.04
CA GLU H 231 -60.34 28.62 62.41
C GLU H 231 -60.70 27.49 61.45
N PRO H 232 -61.46 26.51 61.94
CA PRO H 232 -62.06 25.47 61.09
C PRO H 232 -62.90 26.06 59.96
N VAL I 14 32.50 -53.00 12.73
CA VAL I 14 31.94 -51.91 13.51
C VAL I 14 30.78 -51.26 12.76
N TRP I 15 29.64 -51.14 13.44
CA TRP I 15 28.48 -50.49 12.85
C TRP I 15 27.91 -49.43 13.78
N LYS I 16 28.16 -48.16 13.43
CA LYS I 16 27.67 -47.02 14.20
C LYS I 16 26.50 -46.36 13.47
N ASP I 17 25.53 -45.86 14.22
CA ASP I 17 24.27 -45.41 13.64
C ASP I 17 24.02 -43.90 13.80
N ALA I 18 22.88 -43.46 13.28
CA ALA I 18 22.37 -42.10 13.50
C ALA I 18 23.25 -40.97 12.97
N GLU I 19 23.20 -40.78 11.65
CA GLU I 19 23.96 -39.74 10.96
C GLU I 19 23.05 -39.00 9.98
N THR I 20 22.81 -37.71 10.20
CA THR I 20 21.97 -36.98 9.25
C THR I 20 22.75 -36.73 7.97
N THR I 21 22.70 -37.74 7.11
CA THR I 21 23.34 -37.76 5.80
C THR I 21 22.52 -38.69 4.93
N LEU I 22 21.76 -38.12 4.00
CA LEU I 22 20.95 -38.94 3.12
C LEU I 22 21.14 -38.52 1.68
N PHE I 23 21.73 -39.40 0.88
CA PHE I 23 21.75 -39.22 -0.56
C PHE I 23 20.36 -39.40 -1.14
N CYS I 24 20.15 -38.96 -2.38
CA CYS I 24 18.83 -39.07 -2.98
C CYS I 24 18.92 -39.71 -4.37
N ALA I 25 17.82 -40.28 -4.85
CA ALA I 25 17.77 -40.84 -6.20
C ALA I 25 16.38 -40.70 -6.82
N SER I 26 16.32 -40.40 -8.11
CA SER I 26 15.07 -40.20 -8.86
C SER I 26 15.34 -39.58 -10.22
N ASP I 27 14.70 -40.14 -11.24
CA ASP I 27 14.23 -39.43 -12.44
C ASP I 27 14.20 -40.43 -13.58
N ALA I 28 13.23 -40.24 -14.46
CA ALA I 28 13.07 -41.03 -15.67
C ALA I 28 12.58 -40.15 -16.80
N LYS I 29 11.27 -39.90 -16.81
CA LYS I 29 10.66 -39.09 -17.85
C LYS I 29 10.27 -37.70 -17.34
N ALA I 30 10.24 -37.56 -16.03
CA ALA I 30 9.77 -36.33 -15.39
C ALA I 30 10.85 -35.25 -15.35
N TYR I 31 10.41 -33.99 -15.47
CA TYR I 31 11.31 -32.84 -15.44
C TYR I 31 10.96 -31.76 -14.42
N GLU I 32 10.34 -30.70 -14.93
CA GLU I 32 9.94 -29.56 -14.12
C GLU I 32 8.43 -29.42 -14.08
N THR I 33 7.98 -28.18 -14.03
CA THR I 33 6.57 -27.79 -13.96
C THR I 33 5.99 -28.18 -12.61
N GLU I 34 5.37 -29.36 -12.56
CA GLU I 34 4.81 -29.93 -11.33
C GLU I 34 5.81 -29.76 -10.18
N LYS I 35 5.33 -29.34 -9.01
CA LYS I 35 6.23 -29.01 -7.92
C LYS I 35 7.00 -30.22 -7.39
N HIS I 36 6.35 -31.37 -7.37
CA HIS I 36 7.01 -32.61 -6.98
C HIS I 36 8.09 -32.94 -8.00
N ASN I 37 7.76 -32.75 -9.28
CA ASN I 37 8.71 -33.03 -10.36
C ASN I 37 9.88 -32.05 -10.27
N VAL I 38 9.57 -30.79 -10.02
CA VAL I 38 10.59 -29.76 -9.87
C VAL I 38 11.52 -30.10 -8.70
N TRP I 39 10.93 -30.60 -7.62
CA TRP I 39 11.70 -30.96 -6.42
C TRP I 39 12.60 -32.16 -6.68
N ALA I 40 12.05 -33.23 -7.21
CA ALA I 40 12.87 -34.41 -7.47
C ALA I 40 13.98 -34.06 -8.46
N THR I 41 13.64 -33.26 -9.46
CA THR I 41 14.59 -32.78 -10.46
C THR I 41 15.75 -32.01 -9.83
N HIS I 42 15.45 -31.22 -8.82
CA HIS I 42 16.45 -30.34 -8.21
C HIS I 42 17.22 -31.01 -7.08
N ALA I 43 16.69 -32.08 -6.52
CA ALA I 43 17.32 -32.67 -5.34
C ALA I 43 17.74 -34.12 -5.55
N CYS I 44 17.59 -34.63 -6.77
CA CYS I 44 17.91 -36.02 -7.05
C CYS I 44 18.63 -36.25 -8.38
N VAL I 45 19.43 -37.31 -8.40
CA VAL I 45 20.16 -37.72 -9.60
C VAL I 45 19.60 -39.12 -9.90
N PRO I 46 19.60 -39.54 -11.16
CA PRO I 46 19.20 -40.92 -11.49
C PRO I 46 19.91 -42.01 -10.71
N THR I 47 19.37 -43.23 -10.79
CA THR I 47 19.88 -44.34 -10.01
C THR I 47 20.50 -45.37 -10.96
N ASP I 48 20.89 -46.52 -10.42
CA ASP I 48 21.52 -47.56 -11.22
C ASP I 48 20.87 -48.88 -10.83
N PRO I 49 20.57 -49.74 -11.82
CA PRO I 49 19.93 -50.95 -11.33
C PRO I 49 20.86 -52.11 -10.98
N ASN I 50 21.86 -51.81 -10.16
CA ASN I 50 22.71 -52.81 -9.52
C ASN I 50 22.11 -53.44 -8.25
N PRO I 51 21.58 -52.61 -7.31
CA PRO I 51 21.77 -52.83 -5.87
C PRO I 51 21.63 -54.28 -5.43
N GLN I 52 22.65 -54.77 -4.74
CA GLN I 52 22.77 -56.19 -4.38
C GLN I 52 22.43 -56.56 -2.95
N GLU I 53 22.39 -55.57 -2.07
CA GLU I 53 22.19 -55.71 -0.63
C GLU I 53 23.07 -56.87 -0.12
N ILE I 54 22.57 -58.09 -0.31
CA ILE I 54 23.20 -59.35 0.08
C ILE I 54 23.36 -59.49 1.59
N HIS I 55 22.42 -60.21 2.21
CA HIS I 55 22.43 -60.47 3.64
C HIS I 55 23.65 -61.33 3.98
N LEU I 56 24.26 -61.12 5.14
CA LEU I 56 25.35 -61.97 5.56
C LEU I 56 24.92 -62.86 6.73
N GLU I 57 25.35 -64.12 6.68
CA GLU I 57 24.98 -65.14 7.65
C GLU I 57 25.15 -64.62 9.08
N ASN I 58 24.18 -64.95 9.92
CA ASN I 58 24.13 -64.52 11.32
C ASN I 58 24.07 -63.00 11.47
N VAL I 59 25.11 -62.39 12.05
CA VAL I 59 25.20 -60.93 12.31
C VAL I 59 23.86 -60.35 12.84
N THR I 60 23.62 -60.61 14.12
CA THR I 60 22.50 -60.09 14.94
C THR I 60 21.00 -60.34 14.60
N GLU I 61 20.23 -60.03 15.65
CA GLU I 61 18.80 -60.14 15.85
C GLU I 61 18.21 -58.93 16.60
N GLU I 62 18.88 -57.79 16.66
CA GLU I 62 18.34 -56.70 17.49
C GLU I 62 18.04 -55.45 16.66
N PHE I 63 16.85 -54.87 16.83
CA PHE I 63 16.48 -53.66 16.07
C PHE I 63 15.37 -52.83 16.74
N ASN I 64 15.16 -51.59 16.27
CA ASN I 64 14.06 -50.75 16.78
C ASN I 64 13.64 -49.60 15.83
N MET I 65 12.75 -49.89 14.90
CA MET I 65 12.31 -48.91 13.89
C MET I 65 11.78 -47.55 14.36
N TRP I 66 11.13 -47.49 15.50
CA TRP I 66 10.50 -46.23 15.93
C TRP I 66 11.41 -45.19 16.57
N LYS I 67 12.70 -45.49 16.71
CA LYS I 67 13.64 -44.53 17.26
C LYS I 67 14.63 -44.08 16.18
N ASN I 68 14.15 -44.05 14.94
CA ASN I 68 14.96 -43.64 13.79
C ASN I 68 14.95 -42.15 13.45
N ASN I 69 16.08 -41.48 13.56
CA ASN I 69 16.13 -40.04 13.28
C ASN I 69 16.15 -39.75 11.77
N MET I 70 16.17 -40.81 10.98
CA MET I 70 16.14 -40.69 9.54
C MET I 70 14.78 -40.18 9.15
N VAL I 71 13.76 -40.65 9.86
CA VAL I 71 12.40 -40.23 9.60
C VAL I 71 12.31 -38.72 9.78
N GLU I 72 12.74 -38.26 10.95
CA GLU I 72 12.75 -36.83 11.28
C GLU I 72 13.54 -36.01 10.27
N GLN I 73 14.52 -36.67 9.65
CA GLN I 73 15.32 -36.01 8.63
C GLN I 73 14.52 -35.87 7.34
N MET I 74 13.98 -36.97 6.83
CA MET I 74 13.19 -36.94 5.61
C MET I 74 12.04 -35.94 5.75
N HIS I 75 11.42 -35.93 6.94
CA HIS I 75 10.33 -35.03 7.25
C HIS I 75 10.75 -33.57 7.15
N THR I 76 11.68 -33.16 8.02
CA THR I 76 12.13 -31.77 8.03
C THR I 76 12.65 -31.33 6.65
N ASP I 77 13.26 -32.28 5.94
CA ASP I 77 13.74 -32.04 4.59
C ASP I 77 12.59 -31.68 3.67
N ILE I 78 11.60 -32.56 3.56
CA ILE I 78 10.45 -32.33 2.69
C ILE I 78 9.71 -31.03 3.03
N ILE I 79 9.63 -30.70 4.31
CA ILE I 79 8.98 -29.46 4.72
C ILE I 79 9.76 -28.22 4.30
N SER I 80 11.07 -28.23 4.58
CA SER I 80 11.95 -27.15 4.14
C SER I 80 11.90 -26.97 2.63
N LEU I 81 11.82 -28.09 1.91
CA LEU I 81 11.67 -28.09 0.46
C LEU I 81 10.35 -27.44 0.07
N TRP I 82 9.32 -27.68 0.88
CA TRP I 82 8.01 -27.08 0.63
C TRP I 82 8.10 -25.57 0.74
N ASP I 83 8.87 -25.08 1.71
CA ASP I 83 9.09 -23.64 1.82
C ASP I 83 9.92 -23.11 0.64
N GLN I 84 10.88 -23.92 0.19
CA GLN I 84 11.69 -23.56 -0.97
C GLN I 84 10.82 -23.45 -2.21
N SER I 85 9.70 -24.17 -2.23
CA SER I 85 8.69 -24.00 -3.26
C SER I 85 7.83 -22.77 -2.98
N LEU I 86 7.68 -22.43 -1.71
CA LEU I 86 6.89 -21.28 -1.31
C LEU I 86 7.54 -19.98 -1.79
N LYS I 87 8.86 -20.00 -1.91
CA LYS I 87 9.61 -18.78 -2.25
C LYS I 87 9.18 -18.01 -3.53
N PRO I 88 9.32 -18.61 -4.73
CA PRO I 88 9.23 -17.77 -5.93
C PRO I 88 7.83 -17.25 -6.29
N CYS I 89 6.89 -18.14 -6.60
CA CYS I 89 5.60 -17.72 -7.14
C CYS I 89 4.53 -17.44 -6.08
N VAL I 90 4.53 -18.22 -5.01
CA VAL I 90 3.45 -18.17 -4.02
C VAL I 90 3.33 -16.81 -3.35
N LYS I 91 2.10 -16.32 -3.23
CA LYS I 91 1.86 -14.95 -2.78
C LYS I 91 1.28 -14.89 -1.37
N LEU I 92 2.08 -14.39 -0.44
CA LEU I 92 1.67 -14.23 0.95
C LEU I 92 0.69 -13.08 1.19
N THR I 93 0.48 -12.27 0.16
CA THR I 93 -0.29 -11.03 0.30
C THR I 93 -0.87 -10.63 -1.07
N PRO I 94 -1.49 -9.44 -1.17
CA PRO I 94 -2.24 -8.59 -0.23
C PRO I 94 -3.76 -8.81 -0.17
N LEU I 95 -4.33 -9.38 -1.23
CA LEU I 95 -5.74 -9.19 -1.57
C LEU I 95 -6.81 -9.65 -0.58
N CYS I 96 -6.48 -10.55 0.35
CA CYS I 96 -7.50 -11.00 1.28
C CYS I 96 -7.82 -9.89 2.27
N VAL I 97 -8.97 -9.24 2.07
CA VAL I 97 -9.47 -8.24 3.01
C VAL I 97 -10.91 -8.51 3.46
N THR I 98 -11.82 -8.44 2.50
CA THR I 98 -13.25 -8.59 2.70
C THR I 98 -13.86 -9.19 1.44
N LEU I 99 -14.86 -10.07 1.57
CA LEU I 99 -15.40 -10.66 0.36
C LEU I 99 -16.88 -10.40 0.16
N GLN I 100 -17.28 -9.92 -1.04
CA GLN I 100 -18.70 -9.69 -1.22
C GLN I 100 -19.31 -10.88 -1.93
N CYS I 101 -19.80 -11.82 -1.12
CA CYS I 101 -20.23 -13.13 -1.57
C CYS I 101 -21.73 -13.21 -1.60
N THR I 102 -22.24 -14.09 -2.45
CA THR I 102 -23.65 -14.39 -2.50
C THR I 102 -23.82 -15.89 -2.69
N ASN I 103 -25.05 -16.36 -2.72
CA ASN I 103 -25.30 -17.78 -2.90
C ASN I 103 -26.17 -18.10 -4.10
N VAL I 104 -25.96 -19.29 -4.66
CA VAL I 104 -26.69 -19.75 -5.83
C VAL I 104 -28.03 -20.42 -5.50
N THR I 105 -28.46 -20.30 -4.25
CA THR I 105 -29.69 -20.95 -3.78
C THR I 105 -30.93 -20.05 -3.91
N ASN I 106 -31.86 -20.45 -4.78
CA ASN I 106 -33.10 -19.71 -4.99
C ASN I 106 -34.34 -20.38 -4.36
N ASN I 107 -34.11 -21.48 -3.67
CA ASN I 107 -35.11 -22.29 -2.98
C ASN I 107 -34.27 -23.32 -2.26
N ILE I 108 -34.73 -23.80 -1.12
CA ILE I 108 -33.80 -24.52 -0.24
C ILE I 108 -34.43 -25.55 0.68
N THR I 109 -33.67 -26.60 0.94
CA THR I 109 -33.98 -27.59 1.96
C THR I 109 -32.71 -27.89 2.74
N ASP I 110 -32.88 -28.28 4.00
CA ASP I 110 -31.78 -28.74 4.85
C ASP I 110 -30.83 -27.63 5.31
N ASP I 111 -31.13 -26.39 4.95
CA ASP I 111 -30.32 -25.23 5.34
C ASP I 111 -28.86 -25.41 4.95
N MET I 112 -28.64 -25.75 3.67
CA MET I 112 -27.32 -26.11 3.18
C MET I 112 -26.28 -25.01 3.24
N ARG I 113 -26.72 -23.77 3.03
CA ARG I 113 -25.80 -22.64 2.84
C ARG I 113 -24.85 -22.99 1.69
N GLY I 114 -23.55 -22.91 1.93
CA GLY I 114 -22.59 -23.45 0.99
C GLY I 114 -21.16 -23.48 1.48
N GLU I 115 -20.43 -24.51 1.08
CA GLU I 115 -19.00 -24.59 1.33
C GLU I 115 -18.28 -23.75 0.29
N LEU I 116 -18.81 -23.76 -0.92
CA LEU I 116 -18.24 -23.00 -2.01
C LEU I 116 -19.16 -21.82 -2.32
N LYS I 117 -18.56 -20.67 -2.57
CA LYS I 117 -19.32 -19.47 -2.85
C LYS I 117 -18.70 -18.74 -4.02
N ASN I 118 -19.53 -18.21 -4.91
CA ASN I 118 -19.02 -17.40 -5.99
C ASN I 118 -19.27 -15.95 -5.61
N CYS I 119 -18.19 -15.17 -5.59
CA CYS I 119 -18.22 -13.85 -5.00
C CYS I 119 -17.70 -12.76 -5.91
N SER I 120 -18.03 -11.54 -5.52
CA SER I 120 -17.66 -10.31 -6.20
C SER I 120 -16.61 -9.64 -5.34
N PHE I 121 -15.74 -8.88 -6.00
CA PHE I 121 -14.65 -8.16 -5.38
C PHE I 121 -14.28 -6.86 -6.07
N ASN I 122 -13.39 -6.16 -5.37
CA ASN I 122 -12.82 -4.88 -5.75
C ASN I 122 -11.31 -5.11 -5.79
N MET I 123 -10.68 -4.96 -6.95
CA MET I 123 -9.29 -5.41 -7.04
C MET I 123 -8.31 -4.41 -7.65
N THR I 124 -7.22 -4.15 -6.95
CA THR I 124 -6.14 -3.35 -7.51
C THR I 124 -5.65 -4.10 -8.73
N THR I 125 -5.77 -3.46 -9.89
CA THR I 125 -5.26 -4.01 -11.14
C THR I 125 -3.90 -3.44 -11.54
N GLU I 126 -3.95 -2.34 -12.29
CA GLU I 126 -2.75 -1.60 -12.67
C GLU I 126 -2.75 -0.21 -12.05
N LEU I 127 -1.66 0.53 -12.28
CA LEU I 127 -1.56 1.93 -11.89
C LEU I 127 -1.75 2.16 -10.38
N ARG I 128 -2.32 3.31 -10.06
CA ARG I 128 -2.55 3.69 -8.66
C ARG I 128 -4.03 3.82 -8.34
N ASP I 129 -4.52 2.92 -7.48
CA ASP I 129 -5.87 2.99 -6.95
C ASP I 129 -6.97 2.91 -7.99
N LYS I 130 -6.83 2.01 -8.95
CA LYS I 130 -7.97 1.63 -9.78
C LYS I 130 -8.42 0.23 -9.41
N LYS I 131 -9.70 -0.04 -9.57
CA LYS I 131 -10.24 -1.38 -9.34
C LYS I 131 -11.12 -1.85 -10.48
N GLN I 132 -11.38 -3.15 -10.50
CA GLN I 132 -12.32 -3.73 -11.46
C GLN I 132 -13.09 -4.83 -10.75
N LYS I 133 -14.31 -5.09 -11.20
CA LYS I 133 -15.17 -6.06 -10.54
C LYS I 133 -14.62 -7.44 -10.78
N VAL I 134 -14.31 -8.20 -9.73
CA VAL I 134 -13.73 -9.52 -9.99
C VAL I 134 -14.32 -10.70 -9.22
N TYR I 135 -14.53 -11.80 -9.93
CA TYR I 135 -14.90 -13.08 -9.33
C TYR I 135 -13.88 -13.58 -8.32
N SER I 136 -14.37 -14.14 -7.22
CA SER I 136 -13.52 -14.80 -6.25
C SER I 136 -14.24 -15.97 -5.60
N LEU I 137 -13.54 -17.09 -5.42
CA LEU I 137 -14.13 -18.22 -4.73
C LEU I 137 -13.46 -18.50 -3.39
N PHE I 138 -14.28 -18.86 -2.42
CA PHE I 138 -13.79 -19.18 -1.09
C PHE I 138 -14.36 -20.53 -0.68
N TYR I 139 -13.51 -21.44 -0.24
CA TYR I 139 -13.97 -22.75 0.21
C TYR I 139 -14.06 -22.80 1.73
N ARG I 140 -15.23 -23.17 2.22
CA ARG I 140 -15.49 -23.22 3.66
C ARG I 140 -16.55 -24.26 3.99
N TYR I 161 -23.56 -13.31 1.72
CA TYR I 161 -22.73 -13.17 2.90
C TYR I 161 -21.52 -12.30 2.56
N ARG I 162 -21.08 -11.48 3.51
CA ARG I 162 -19.96 -10.57 3.26
C ARG I 162 -18.73 -10.86 4.13
N LEU I 163 -17.67 -10.07 3.90
CA LEU I 163 -16.50 -10.01 4.77
C LEU I 163 -15.77 -11.35 4.90
N ILE I 164 -15.53 -11.76 6.15
CA ILE I 164 -15.02 -13.08 6.56
C ILE I 164 -13.51 -13.29 6.40
N ASN I 165 -12.96 -12.85 5.26
CA ASN I 165 -11.53 -12.99 4.93
C ASN I 165 -10.81 -14.24 5.43
N CYS I 166 -9.53 -14.05 5.73
CA CYS I 166 -8.62 -15.11 6.16
C CYS I 166 -8.14 -14.75 7.57
N ASN I 167 -7.62 -15.69 8.34
CA ASN I 167 -7.13 -15.35 9.67
C ASN I 167 -5.61 -15.18 9.75
N THR I 168 -5.19 -13.92 9.69
CA THR I 168 -3.83 -13.49 9.99
C THR I 168 -2.67 -14.12 9.21
N SER I 169 -2.97 -14.81 8.11
CA SER I 169 -1.96 -15.17 7.12
C SER I 169 -2.61 -15.80 5.88
N ALA I 170 -2.10 -15.48 4.70
CA ALA I 170 -2.50 -16.19 3.49
C ALA I 170 -1.43 -16.21 2.40
N ILE I 171 -0.74 -17.33 2.24
CA ILE I 171 0.10 -17.55 1.06
C ILE I 171 -0.73 -18.23 -0.02
N THR I 172 -0.69 -17.68 -1.23
CA THR I 172 -1.43 -18.24 -2.36
C THR I 172 -0.46 -18.83 -3.38
N GLN I 173 -0.52 -20.15 -3.56
CA GLN I 173 0.48 -20.85 -4.37
C GLN I 173 0.29 -20.58 -5.86
N ALA I 174 -0.77 -21.16 -6.44
CA ALA I 174 -1.10 -20.95 -7.84
C ALA I 174 0.06 -21.27 -8.78
N CYS I 175 0.66 -20.22 -9.35
CA CYS I 175 1.81 -20.31 -10.26
C CYS I 175 1.41 -20.80 -11.65
N PRO I 176 2.15 -20.33 -12.69
CA PRO I 176 1.83 -20.69 -14.07
C PRO I 176 2.05 -22.17 -14.38
N LYS I 177 3.24 -22.69 -14.07
CA LYS I 177 3.54 -24.09 -14.33
C LYS I 177 3.91 -24.87 -13.06
N VAL I 178 2.92 -25.52 -12.47
CA VAL I 178 3.12 -26.43 -11.33
C VAL I 178 2.03 -27.49 -11.28
N SER I 179 2.16 -28.39 -10.30
CA SER I 179 1.18 -29.43 -9.99
C SER I 179 1.64 -30.10 -8.71
N PHE I 180 0.93 -31.14 -8.27
CA PHE I 180 1.28 -31.79 -7.01
C PHE I 180 0.89 -33.26 -6.97
N GLU I 181 1.82 -34.11 -7.39
CA GLU I 181 1.68 -35.56 -7.33
C GLU I 181 2.98 -36.13 -6.78
N PRO I 182 2.91 -36.91 -5.69
CA PRO I 182 4.10 -37.48 -5.07
C PRO I 182 5.00 -38.20 -6.07
N ILE I 183 6.31 -37.99 -5.96
CA ILE I 183 7.31 -38.56 -6.83
C ILE I 183 8.31 -39.39 -6.03
N PRO I 184 8.59 -40.62 -6.50
CA PRO I 184 9.50 -41.53 -5.81
C PRO I 184 10.84 -40.90 -5.48
N ILE I 185 11.19 -40.94 -4.20
CA ILE I 185 12.42 -40.35 -3.74
C ILE I 185 13.18 -41.44 -3.00
N HIS I 186 14.41 -41.69 -3.41
CA HIS I 186 15.21 -42.73 -2.81
C HIS I 186 16.14 -42.16 -1.75
N TYR I 187 16.33 -42.86 -0.65
CA TYR I 187 17.29 -42.40 0.34
C TYR I 187 18.50 -43.33 0.40
N CYS I 188 19.69 -42.78 0.20
CA CYS I 188 20.90 -43.60 0.12
C CYS I 188 21.91 -43.28 1.21
N ALA I 189 22.78 -44.22 1.53
CA ALA I 189 23.86 -43.95 2.49
C ALA I 189 25.10 -43.49 1.75
N PRO I 190 25.85 -42.54 2.34
CA PRO I 190 27.07 -42.00 1.69
C PRO I 190 28.23 -43.00 1.58
N ALA I 191 29.44 -42.45 1.58
CA ALA I 191 30.66 -43.23 1.48
C ALA I 191 31.14 -43.66 2.88
N GLY I 192 31.32 -44.96 3.08
CA GLY I 192 31.78 -45.45 4.35
C GLY I 192 30.59 -45.73 5.24
N PHE I 193 29.41 -45.61 4.65
CA PHE I 193 28.15 -45.85 5.35
C PHE I 193 27.32 -46.90 4.64
N ALA I 194 26.52 -47.61 5.43
CA ALA I 194 25.59 -48.59 4.89
C ALA I 194 24.22 -48.36 5.51
N ILE I 195 23.26 -49.17 5.11
CA ILE I 195 21.92 -49.12 5.68
C ILE I 195 21.48 -50.55 5.93
N LEU I 196 21.36 -50.93 7.20
CA LEU I 196 20.90 -52.27 7.49
C LEU I 196 19.40 -52.32 7.23
N LYS I 197 18.91 -53.50 6.86
CA LYS I 197 17.50 -53.65 6.50
C LYS I 197 16.90 -54.97 6.97
N CYS I 198 15.97 -54.91 7.91
CA CYS I 198 15.31 -56.14 8.36
C CYS I 198 14.37 -56.71 7.33
N LYS I 199 14.72 -57.87 6.78
CA LYS I 199 13.87 -58.49 5.78
C LYS I 199 12.94 -59.51 6.44
N ASP I 200 12.99 -59.58 7.77
CA ASP I 200 12.08 -60.43 8.53
C ASP I 200 10.61 -60.02 8.40
N LYS I 201 9.79 -60.92 7.88
CA LYS I 201 8.36 -60.69 7.63
C LYS I 201 7.54 -60.40 8.89
N LYS I 202 7.97 -60.99 10.00
CA LYS I 202 7.34 -60.87 11.31
C LYS I 202 8.26 -60.25 12.34
N PHE I 203 8.21 -58.92 12.40
CA PHE I 203 9.04 -58.11 13.29
C PHE I 203 8.20 -57.50 14.40
N ASN I 204 8.69 -57.63 15.64
CA ASN I 204 7.95 -57.14 16.80
C ASN I 204 8.20 -55.65 17.01
N GLY I 205 9.06 -55.08 16.18
CA GLY I 205 9.28 -53.65 16.17
C GLY I 205 10.33 -53.13 17.14
N THR I 206 10.69 -53.96 18.12
CA THR I 206 11.64 -53.57 19.15
C THR I 206 12.73 -54.59 19.33
N GLY I 207 12.92 -55.45 18.33
CA GLY I 207 13.12 -56.85 18.61
C GLY I 207 14.04 -57.68 17.77
N PRO I 208 13.81 -59.01 17.79
CA PRO I 208 14.51 -60.14 17.18
C PRO I 208 14.41 -60.20 15.66
N CYS I 209 15.47 -59.73 15.00
CA CYS I 209 15.56 -59.79 13.55
C CYS I 209 16.83 -60.52 13.06
N PRO I 210 16.60 -61.71 12.44
CA PRO I 210 17.47 -62.74 11.88
C PRO I 210 18.18 -62.43 10.56
N SER I 211 17.56 -61.60 9.73
CA SER I 211 18.10 -61.28 8.42
C SER I 211 18.35 -59.80 8.19
N VAL I 212 19.62 -59.41 8.31
CA VAL I 212 20.04 -58.04 8.12
C VAL I 212 20.79 -57.91 6.78
N SER I 213 20.37 -56.97 5.95
CA SER I 213 21.14 -56.74 4.74
C SER I 213 21.57 -55.28 4.69
N THR I 214 22.40 -54.95 3.70
CA THR I 214 22.96 -53.61 3.61
C THR I 214 22.78 -53.11 2.18
N VAL I 215 21.91 -52.14 1.99
CA VAL I 215 21.74 -51.59 0.66
C VAL I 215 22.37 -50.21 0.62
N GLN I 216 22.81 -49.79 -0.57
CA GLN I 216 23.34 -48.45 -0.72
C GLN I 216 22.22 -47.44 -0.87
N CYS I 217 21.21 -47.78 -1.67
CA CYS I 217 20.09 -46.88 -1.93
C CYS I 217 18.74 -47.60 -1.85
N THR I 218 17.71 -46.93 -1.35
CA THR I 218 16.37 -47.51 -1.30
C THR I 218 15.75 -47.64 -2.69
N HIS I 219 14.68 -48.42 -2.75
CA HIS I 219 13.95 -48.65 -4.00
C HIS I 219 13.22 -47.39 -4.52
N GLY I 220 13.04 -46.39 -3.66
CA GLY I 220 12.33 -45.19 -4.05
C GLY I 220 11.00 -45.05 -3.37
N ILE I 221 10.95 -44.10 -2.43
CA ILE I 221 9.76 -43.84 -1.64
C ILE I 221 8.96 -42.65 -2.14
N LYS I 222 7.65 -42.87 -2.29
CA LYS I 222 6.73 -41.83 -2.69
C LYS I 222 6.18 -41.06 -1.47
N PRO I 223 6.26 -39.72 -1.52
CA PRO I 223 5.84 -38.74 -0.51
C PRO I 223 4.33 -38.49 -0.42
N VAL I 224 3.58 -39.49 0.01
CA VAL I 224 2.12 -39.39 0.08
C VAL I 224 1.68 -38.76 1.39
N VAL I 225 1.11 -37.57 1.32
CA VAL I 225 0.64 -36.87 2.52
C VAL I 225 -0.84 -37.14 2.79
N SER I 226 -1.10 -38.02 3.76
CA SER I 226 -2.46 -38.37 4.13
C SER I 226 -2.51 -38.81 5.60
N THR I 227 -3.72 -39.00 6.11
CA THR I 227 -3.94 -39.46 7.49
C THR I 227 -4.84 -40.71 7.47
N GLN I 228 -4.77 -41.52 8.53
CA GLN I 228 -5.65 -42.69 8.66
C GLN I 228 -5.38 -43.87 7.72
N LEU I 229 -5.27 -43.64 6.41
CA LEU I 229 -5.05 -44.74 5.45
C LEU I 229 -3.74 -44.58 4.67
N LEU I 230 -2.98 -45.62 4.28
CA LEU I 230 -1.88 -45.12 3.48
C LEU I 230 -2.34 -45.24 2.04
N LEU I 231 -2.05 -44.25 1.22
CA LEU I 231 -2.59 -44.26 -0.13
C LEU I 231 -1.35 -44.32 -0.99
N ASN I 232 -1.44 -44.99 -2.13
CA ASN I 232 -0.26 -45.59 -2.74
C ASN I 232 0.50 -46.43 -1.71
N GLY I 233 1.71 -45.98 -1.39
CA GLY I 233 2.59 -46.63 -0.42
C GLY I 233 3.02 -48.06 -0.71
N SER I 234 3.52 -48.75 0.32
CA SER I 234 3.99 -50.13 0.20
C SER I 234 3.15 -51.22 0.89
N LEU I 235 3.09 -52.40 0.28
CA LEU I 235 2.30 -53.50 0.81
C LEU I 235 3.18 -54.49 1.57
N ALA I 236 2.56 -55.28 2.45
CA ALA I 236 3.29 -56.32 3.19
C ALA I 236 3.47 -57.56 2.31
N GLU I 237 4.65 -58.19 2.38
CA GLU I 237 4.96 -59.32 1.52
C GLU I 237 4.16 -60.58 1.82
N GLU I 238 3.98 -60.88 3.10
CA GLU I 238 3.26 -62.08 3.51
C GLU I 238 1.84 -61.75 3.99
N GLU I 239 1.67 -61.66 5.31
CA GLU I 239 0.35 -61.38 5.88
C GLU I 239 0.24 -59.94 6.37
N VAL I 240 -0.90 -59.59 6.94
CA VAL I 240 -1.12 -58.25 7.47
C VAL I 240 -0.31 -58.10 8.77
N MET I 241 0.40 -56.99 8.89
CA MET I 241 1.27 -56.76 10.04
C MET I 241 0.86 -55.52 10.82
N ILE I 242 0.63 -55.68 12.12
CA ILE I 242 0.30 -54.54 12.97
C ILE I 242 1.56 -54.16 13.75
N ARG I 243 1.78 -52.85 13.87
CA ARG I 243 3.00 -52.35 14.49
C ARG I 243 2.75 -51.19 15.45
N SER I 244 3.27 -51.27 16.67
CA SER I 244 3.08 -50.17 17.62
C SER I 244 4.34 -49.93 18.45
N GLU I 245 4.62 -48.66 18.72
CA GLU I 245 5.77 -48.26 19.53
C GLU I 245 5.61 -48.64 21.00
N ASN I 246 4.36 -48.71 21.45
CA ASN I 246 4.03 -49.15 22.80
C ASN I 246 2.59 -49.66 22.78
N ILE I 247 2.43 -50.98 22.69
CA ILE I 247 1.09 -51.56 22.55
C ILE I 247 0.20 -51.34 23.77
N THR I 248 0.81 -51.00 24.90
CA THR I 248 0.03 -50.69 26.10
C THR I 248 -0.41 -49.23 26.13
N ASN I 249 0.52 -48.34 25.81
CA ASN I 249 0.24 -46.91 25.74
C ASN I 249 -0.69 -46.55 24.60
N ASN I 250 -1.92 -46.16 24.93
CA ASN I 250 -2.91 -45.85 23.92
C ASN I 250 -2.60 -44.55 23.17
N ALA I 251 -1.71 -43.73 23.74
CA ALA I 251 -1.34 -42.47 23.11
C ALA I 251 -0.37 -42.68 21.94
N LYS I 252 0.22 -43.86 21.85
CA LYS I 252 1.18 -44.16 20.80
C LYS I 252 0.44 -44.70 19.58
N ASN I 253 0.87 -44.33 18.39
CA ASN I 253 0.17 -44.76 17.18
C ASN I 253 0.43 -46.22 16.83
N ILE I 254 -0.53 -46.81 16.13
CA ILE I 254 -0.47 -48.19 15.66
C ILE I 254 -0.53 -48.26 14.13
N LEU I 255 0.63 -48.37 13.51
CA LEU I 255 0.75 -48.48 12.07
C LEU I 255 0.36 -49.88 11.60
N VAL I 256 -0.86 -49.98 11.06
CA VAL I 256 -1.36 -51.25 10.54
C VAL I 256 -1.11 -51.31 9.04
N GLN I 257 -0.16 -52.18 8.69
CA GLN I 257 0.23 -52.42 7.30
C GLN I 257 -0.47 -53.63 6.67
N PHE I 258 -1.03 -53.43 5.49
CA PHE I 258 -1.75 -54.48 4.77
C PHE I 258 -0.99 -55.23 3.70
N ASN I 259 -1.36 -56.49 3.56
CA ASN I 259 -0.81 -57.37 2.54
C ASN I 259 -1.63 -57.22 1.27
N THR I 260 -2.72 -56.48 1.40
CA THR I 260 -3.65 -56.23 0.30
C THR I 260 -4.35 -54.87 0.42
N PRO I 261 -4.57 -54.21 -0.74
CA PRO I 261 -5.17 -52.88 -0.86
C PRO I 261 -6.70 -52.86 -0.87
N VAL I 262 -7.29 -51.91 -0.15
CA VAL I 262 -8.75 -51.75 -0.11
C VAL I 262 -9.06 -50.63 -1.07
N GLN I 263 -9.98 -50.80 -2.01
CA GLN I 263 -10.05 -49.73 -3.01
C GLN I 263 -10.61 -48.41 -2.52
N ILE I 264 -10.22 -47.32 -3.19
CA ILE I 264 -10.82 -46.02 -2.89
C ILE I 264 -10.78 -45.12 -4.11
N ASN I 265 -11.95 -44.91 -4.72
CA ASN I 265 -12.03 -44.13 -5.94
C ASN I 265 -12.64 -42.78 -5.61
N CYS I 266 -11.93 -41.69 -5.86
CA CYS I 266 -12.47 -40.38 -5.49
C CYS I 266 -12.74 -39.47 -6.67
N THR I 267 -14.01 -39.28 -6.98
CA THR I 267 -14.41 -38.39 -8.07
C THR I 267 -14.97 -37.08 -7.53
N ARG I 268 -14.21 -36.00 -7.70
CA ARG I 268 -14.70 -34.67 -7.39
C ARG I 268 -15.07 -34.01 -8.71
N PRO I 269 -16.36 -34.03 -9.07
CA PRO I 269 -16.67 -33.45 -10.38
C PRO I 269 -17.02 -31.98 -10.26
N ASN I 270 -16.34 -31.25 -9.37
CA ASN I 270 -16.53 -29.81 -9.27
C ASN I 270 -15.78 -29.15 -10.41
N ASN I 271 -16.37 -28.11 -10.99
CA ASN I 271 -15.78 -27.49 -12.16
C ASN I 271 -15.38 -26.04 -11.95
N ASN I 272 -14.17 -25.70 -12.37
CA ASN I 272 -13.68 -24.33 -12.34
C ASN I 272 -12.87 -24.00 -13.58
N THR I 273 -13.14 -22.84 -14.17
CA THR I 273 -12.45 -22.43 -15.39
C THR I 273 -11.36 -21.44 -15.05
N ARG I 274 -10.15 -21.70 -15.56
CA ARG I 274 -8.99 -20.88 -15.24
C ARG I 274 -9.00 -19.57 -16.01
N LYS I 275 -8.92 -18.47 -15.26
CA LYS I 275 -8.69 -17.16 -15.84
C LYS I 275 -7.67 -16.43 -14.99
N SER I 276 -6.47 -16.27 -15.54
CA SER I 276 -5.42 -15.54 -14.85
C SER I 276 -5.29 -14.18 -15.49
N ILE I 277 -5.86 -13.17 -14.83
CA ILE I 277 -5.75 -11.81 -15.32
C ILE I 277 -4.43 -11.21 -14.85
N ARG I 278 -3.58 -10.90 -15.82
CA ARG I 278 -2.35 -10.17 -15.54
C ARG I 278 -2.65 -8.73 -15.86
N ILE I 279 -3.04 -7.99 -14.84
CA ILE I 279 -3.41 -6.58 -14.99
C ILE I 279 -2.27 -5.66 -14.60
N GLY I 280 -1.50 -6.07 -13.60
CA GLY I 280 -0.42 -5.27 -13.08
C GLY I 280 0.88 -6.04 -12.96
N PRO I 281 2.00 -5.32 -12.81
CA PRO I 281 3.35 -5.90 -12.74
C PRO I 281 3.58 -6.76 -11.50
N GLY I 282 3.34 -6.20 -10.32
CA GLY I 282 3.51 -6.93 -9.08
C GLY I 282 2.38 -7.92 -8.88
N GLN I 283 1.19 -7.52 -9.32
CA GLN I 283 -0.01 -8.33 -9.17
C GLN I 283 -0.04 -9.49 -10.17
N ALA I 284 -0.43 -10.66 -9.67
CA ALA I 284 -0.79 -11.78 -10.52
C ALA I 284 -2.05 -12.37 -9.90
N PHE I 285 -3.19 -12.12 -10.54
CA PHE I 285 -4.46 -12.58 -10.01
C PHE I 285 -5.07 -13.66 -10.88
N TYR I 286 -5.81 -14.55 -10.23
CA TYR I 286 -6.56 -15.58 -10.91
C TYR I 286 -8.03 -15.23 -10.88
N ALA I 287 -8.83 -15.99 -11.60
CA ALA I 287 -10.28 -15.90 -11.52
C ALA I 287 -10.88 -17.28 -11.72
N THR I 288 -11.41 -17.85 -10.66
CA THR I 288 -12.09 -19.13 -10.75
C THR I 288 -13.60 -18.95 -10.58
N GLY I 289 -14.34 -20.02 -10.71
CA GLY I 289 -15.77 -19.99 -10.48
C GLY I 289 -16.63 -19.67 -11.68
N ASP I 290 -16.17 -20.05 -12.86
CA ASP I 290 -16.97 -19.90 -14.07
C ASP I 290 -17.79 -21.17 -14.30
N ILE I 291 -18.68 -21.11 -15.29
CA ILE I 291 -19.55 -22.24 -15.63
C ILE I 291 -20.42 -22.78 -14.49
N ILE I 292 -20.65 -24.09 -14.51
CA ILE I 292 -21.76 -24.69 -13.76
C ILE I 292 -21.61 -26.22 -13.70
N GLY I 293 -22.72 -26.94 -13.55
CA GLY I 293 -22.65 -28.38 -13.61
C GLY I 293 -23.18 -28.94 -12.33
N ASP I 294 -23.33 -28.05 -11.37
CA ASP I 294 -24.01 -28.44 -10.17
C ASP I 294 -23.45 -29.68 -9.52
N ILE I 295 -22.13 -29.79 -9.50
CA ILE I 295 -21.49 -30.93 -8.86
C ILE I 295 -21.79 -30.99 -7.36
N ARG I 296 -22.10 -32.20 -6.90
CA ARG I 296 -22.29 -32.46 -5.50
C ARG I 296 -20.94 -32.31 -4.80
N GLN I 297 -20.77 -31.24 -4.00
CA GLN I 297 -19.58 -31.08 -3.15
C GLN I 297 -18.31 -31.51 -3.89
N ALA I 298 -17.68 -32.55 -3.35
CA ALA I 298 -16.64 -33.30 -4.03
C ALA I 298 -16.83 -34.71 -3.53
N HIS I 299 -16.74 -35.70 -4.40
CA HIS I 299 -17.19 -37.02 -3.96
C HIS I 299 -16.14 -38.10 -3.94
N CYS I 300 -16.39 -39.13 -3.16
CA CYS I 300 -15.48 -40.25 -3.09
C CYS I 300 -16.19 -41.56 -2.77
N ASN I 301 -15.45 -42.66 -2.93
CA ASN I 301 -15.90 -44.01 -2.65
C ASN I 301 -14.76 -44.78 -2.02
N VAL I 302 -15.08 -45.69 -1.12
CA VAL I 302 -14.17 -46.76 -0.79
C VAL I 302 -14.81 -48.10 -1.16
N SER I 303 -14.03 -48.98 -1.78
CA SER I 303 -14.50 -50.31 -2.14
C SER I 303 -14.12 -51.31 -1.06
N LYS I 304 -15.25 -51.80 -0.51
CA LYS I 304 -15.56 -52.71 0.62
C LYS I 304 -15.24 -54.21 0.74
N ALA I 305 -15.21 -54.97 -0.35
CA ALA I 305 -14.94 -56.41 -0.21
C ALA I 305 -13.57 -56.59 0.42
N THR I 306 -12.64 -55.83 -0.13
CA THR I 306 -11.30 -55.78 0.38
C THR I 306 -11.45 -55.32 1.81
N TRP I 307 -12.23 -54.26 2.04
CA TRP I 307 -12.41 -53.72 3.39
C TRP I 307 -13.02 -54.73 4.36
N ASN I 308 -13.88 -55.63 3.85
CA ASN I 308 -14.43 -56.68 4.69
C ASN I 308 -13.39 -57.66 5.18
N GLU I 309 -12.69 -58.28 4.21
CA GLU I 309 -11.66 -59.24 4.57
C GLU I 309 -10.53 -58.61 5.38
N THR I 310 -10.10 -57.42 4.96
CA THR I 310 -9.02 -56.72 5.64
C THR I 310 -9.38 -56.37 7.07
N LEU I 311 -10.56 -55.81 7.30
CA LEU I 311 -10.96 -55.49 8.67
C LEU I 311 -11.13 -56.73 9.53
N GLY I 312 -11.62 -57.82 8.92
CA GLY I 312 -11.82 -59.04 9.66
C GLY I 312 -10.46 -59.58 10.10
N LYS I 313 -9.54 -59.59 9.14
CA LYS I 313 -8.18 -60.05 9.37
C LYS I 313 -7.45 -59.13 10.35
N VAL I 314 -7.82 -57.86 10.36
CA VAL I 314 -7.17 -56.94 11.28
C VAL I 314 -7.62 -57.27 12.68
N VAL I 315 -8.92 -57.50 12.87
CA VAL I 315 -9.41 -57.84 14.21
C VAL I 315 -8.88 -59.23 14.58
N LYS I 316 -8.45 -59.97 13.56
CA LYS I 316 -7.88 -61.29 13.72
C LYS I 316 -6.49 -61.11 14.33
N GLN I 317 -5.69 -60.24 13.70
CA GLN I 317 -4.33 -59.97 14.15
C GLN I 317 -4.35 -59.37 15.55
N LEU I 318 -5.30 -58.46 15.76
CA LEU I 318 -5.49 -57.81 17.04
C LEU I 318 -5.82 -58.84 18.11
N ARG I 319 -6.69 -59.79 17.76
CA ARG I 319 -7.07 -60.83 18.70
C ARG I 319 -6.01 -61.92 18.80
N LYS I 320 -4.99 -61.87 17.95
CA LYS I 320 -3.89 -62.84 18.05
C LYS I 320 -2.66 -62.15 18.61
N HIS I 321 -2.84 -60.92 19.07
CA HIS I 321 -1.74 -60.15 19.64
C HIS I 321 -2.02 -59.70 21.06
N PHE I 322 -2.74 -58.58 21.19
CA PHE I 322 -3.05 -58.01 22.50
C PHE I 322 -4.50 -58.21 22.94
N GLY I 323 -5.32 -58.67 22.01
CA GLY I 323 -6.76 -58.60 22.17
C GLY I 323 -7.49 -59.89 22.51
N ASN I 324 -6.82 -60.85 23.17
CA ASN I 324 -7.14 -62.29 23.05
C ASN I 324 -8.63 -62.55 22.82
N ASN I 325 -9.45 -62.32 23.83
CA ASN I 325 -10.89 -62.52 23.69
C ASN I 325 -11.66 -61.23 23.89
N THR I 326 -11.96 -60.53 22.80
CA THR I 326 -12.65 -59.25 22.85
C THR I 326 -13.41 -58.90 21.56
N ILE I 327 -14.59 -58.31 21.73
CA ILE I 327 -15.38 -57.78 20.62
C ILE I 327 -14.77 -56.43 20.26
N ILE I 328 -14.37 -56.28 18.99
CA ILE I 328 -13.70 -55.05 18.56
C ILE I 328 -14.59 -54.04 17.84
N ARG I 329 -14.70 -52.83 18.36
CA ARG I 329 -15.56 -51.83 17.74
C ARG I 329 -14.72 -50.64 17.25
N PHE I 330 -15.14 -50.09 16.12
CA PHE I 330 -14.48 -48.96 15.47
C PHE I 330 -15.35 -47.72 15.35
N ALA I 331 -15.22 -46.77 16.27
CA ALA I 331 -15.95 -45.51 16.12
C ALA I 331 -15.13 -44.52 15.29
N ASN I 332 -15.80 -43.48 14.80
CA ASN I 332 -15.16 -42.45 13.99
C ASN I 332 -14.18 -41.58 14.76
N SER I 333 -13.60 -40.60 14.07
CA SER I 333 -12.66 -39.64 14.65
C SER I 333 -13.23 -38.94 15.88
N SER I 334 -12.39 -38.73 16.89
CA SER I 334 -12.85 -38.15 18.15
C SER I 334 -13.08 -36.64 18.11
N GLY I 335 -12.53 -35.96 17.11
CA GLY I 335 -12.75 -34.52 17.01
C GLY I 335 -11.46 -33.72 16.94
N GLY I 336 -11.57 -32.48 16.49
CA GLY I 336 -10.41 -31.63 16.35
C GLY I 336 -10.45 -30.79 15.09
N ASP I 337 -9.27 -30.37 14.64
CA ASP I 337 -9.13 -29.62 13.40
C ASP I 337 -9.62 -30.47 12.22
N LEU I 338 -10.06 -29.81 11.15
CA LEU I 338 -10.58 -30.50 9.97
C LEU I 338 -9.56 -31.52 9.43
N GLU I 339 -8.28 -31.27 9.66
CA GLU I 339 -7.24 -32.20 9.22
C GLU I 339 -7.21 -33.44 10.10
N VAL I 340 -7.76 -33.32 11.31
CA VAL I 340 -7.75 -34.41 12.28
C VAL I 340 -9.05 -35.22 12.27
N THR I 341 -10.17 -34.55 11.99
CA THR I 341 -11.46 -35.23 12.05
C THR I 341 -11.76 -36.00 10.77
N THR I 342 -11.24 -35.51 9.65
CA THR I 342 -11.46 -36.16 8.37
C THR I 342 -10.20 -36.83 7.86
N HIS I 343 -10.37 -37.71 6.86
CA HIS I 343 -9.22 -38.28 6.18
C HIS I 343 -8.73 -37.20 5.24
N SER I 344 -7.89 -36.33 5.76
CA SER I 344 -7.36 -35.21 5.01
C SER I 344 -6.24 -35.66 4.07
N PHE I 345 -6.54 -35.76 2.78
CA PHE I 345 -5.46 -36.10 1.84
C PHE I 345 -5.54 -35.25 0.59
N ASN I 346 -4.65 -35.43 -0.37
CA ASN I 346 -4.71 -34.56 -1.55
C ASN I 346 -4.88 -35.32 -2.86
N CYS I 347 -5.65 -34.74 -3.77
CA CYS I 347 -5.88 -35.33 -5.09
C CYS I 347 -5.16 -34.55 -6.18
N GLY I 348 -4.06 -33.88 -5.81
CA GLY I 348 -3.30 -33.10 -6.78
C GLY I 348 -3.09 -31.65 -6.37
N GLY I 349 -3.11 -31.39 -5.07
CA GLY I 349 -2.91 -30.05 -4.54
C GLY I 349 -4.09 -29.38 -3.85
N GLU I 350 -5.27 -29.99 -3.92
CA GLU I 350 -6.43 -29.47 -3.22
C GLU I 350 -6.53 -30.35 -1.98
N PHE I 351 -7.00 -29.81 -0.86
CA PHE I 351 -7.03 -30.66 0.33
C PHE I 351 -8.40 -31.23 0.61
N PHE I 352 -8.51 -32.53 0.43
CA PHE I 352 -9.76 -33.23 0.58
C PHE I 352 -9.93 -33.59 2.03
N TYR I 353 -11.19 -33.48 2.46
CA TYR I 353 -11.64 -33.85 3.80
C TYR I 353 -12.84 -34.77 3.65
N CYS I 354 -12.76 -35.96 4.23
CA CYS I 354 -13.82 -36.94 4.04
C CYS I 354 -14.42 -37.37 5.37
N ASN I 355 -15.74 -37.41 5.40
CA ASN I 355 -16.48 -37.87 6.56
C ASN I 355 -16.05 -39.33 6.63
N THR I 356 -15.54 -39.77 7.79
CA THR I 356 -14.92 -41.10 7.88
C THR I 356 -15.70 -42.15 8.65
N SER I 357 -16.97 -41.88 8.88
CA SER I 357 -17.85 -42.80 9.59
C SER I 357 -18.02 -44.07 8.77
N GLY I 358 -17.99 -43.93 7.46
CA GLY I 358 -18.15 -45.07 6.56
C GLY I 358 -17.02 -46.07 6.71
N LEU I 359 -15.83 -45.60 7.06
CA LEU I 359 -14.69 -46.51 7.27
C LEU I 359 -14.75 -47.19 8.64
N PHE I 360 -15.16 -46.43 9.66
CA PHE I 360 -15.23 -46.91 11.04
C PHE I 360 -16.66 -46.96 11.61
N ASN I 361 -17.44 -47.97 11.22
CA ASN I 361 -18.78 -48.11 11.79
C ASN I 361 -19.23 -49.56 11.95
N SER I 362 -18.29 -50.45 12.26
CA SER I 362 -18.57 -51.87 12.30
C SER I 362 -18.15 -52.48 13.63
N THR I 363 -19.08 -53.17 14.30
CA THR I 363 -18.70 -53.89 15.50
C THR I 363 -18.43 -55.35 15.20
N TRP I 364 -17.19 -55.72 15.44
CA TRP I 364 -16.60 -57.02 15.12
C TRP I 364 -16.79 -58.01 16.28
N ILE I 365 -17.69 -58.98 16.12
CA ILE I 365 -18.01 -59.90 17.22
C ILE I 365 -16.89 -60.89 17.51
N SER I 366 -16.53 -61.01 18.79
CA SER I 366 -15.47 -61.92 19.23
C SER I 366 -15.82 -63.38 19.03
N ASN I 367 -17.12 -63.68 19.01
CA ASN I 367 -17.59 -65.04 18.80
C ASN I 367 -17.08 -65.62 17.48
N THR I 368 -17.55 -65.05 16.38
CA THR I 368 -17.08 -65.45 15.05
C THR I 368 -17.13 -64.25 14.10
N SER I 369 -16.79 -64.48 12.84
CA SER I 369 -16.82 -63.42 11.84
C SER I 369 -18.26 -63.08 11.45
N VAL I 370 -18.45 -61.89 10.89
CA VAL I 370 -19.79 -61.46 10.47
C VAL I 370 -19.72 -60.55 9.24
N ASN I 379 -23.96 -56.16 -5.89
CA ASN I 379 -22.70 -55.49 -5.61
C ASN I 379 -22.91 -54.10 -5.02
N ASP I 380 -22.42 -53.90 -3.80
CA ASP I 380 -22.60 -52.65 -3.08
C ASP I 380 -21.27 -52.04 -2.65
N SER I 381 -21.11 -50.74 -2.87
CA SER I 381 -19.90 -50.04 -2.48
C SER I 381 -20.17 -48.88 -1.51
N ILE I 382 -19.20 -48.60 -0.64
CA ILE I 382 -19.30 -47.52 0.33
C ILE I 382 -18.96 -46.17 -0.32
N THR I 383 -19.88 -45.22 -0.21
CA THR I 383 -19.66 -43.90 -0.77
C THR I 383 -19.41 -42.80 0.26
N LEU I 384 -18.22 -42.21 0.23
CA LEU I 384 -17.83 -41.20 1.20
C LEU I 384 -17.93 -39.76 0.67
N PRO I 385 -18.59 -38.89 1.47
CA PRO I 385 -18.78 -37.43 1.32
C PRO I 385 -17.49 -36.67 1.56
N CYS I 386 -16.99 -35.93 0.58
CA CYS I 386 -15.73 -35.20 0.77
C CYS I 386 -15.85 -33.72 0.40
N ARG I 387 -14.85 -32.94 0.81
CA ARG I 387 -14.82 -31.53 0.50
C ARG I 387 -13.43 -31.11 0.05
N ILE I 388 -13.37 -30.25 -0.95
CA ILE I 388 -12.11 -29.70 -1.44
C ILE I 388 -11.79 -28.38 -0.74
N LYS I 389 -10.58 -28.24 -0.23
CA LYS I 389 -10.21 -26.98 0.37
C LYS I 389 -9.01 -26.37 -0.37
N GLN I 390 -8.99 -25.04 -0.41
CA GLN I 390 -7.90 -24.29 -0.99
C GLN I 390 -6.97 -23.76 0.09
N ILE I 391 -7.58 -23.35 1.20
CA ILE I 391 -6.87 -22.80 2.34
C ILE I 391 -6.46 -23.83 3.37
N ILE I 392 -5.19 -24.23 3.34
CA ILE I 392 -4.74 -25.24 4.28
C ILE I 392 -3.75 -24.56 5.21
N ASN I 393 -3.47 -25.14 6.36
CA ASN I 393 -2.41 -24.60 7.22
C ASN I 393 -1.14 -25.44 7.28
N MET I 394 -0.17 -25.16 6.42
CA MET I 394 1.11 -25.89 6.45
C MET I 394 1.92 -25.50 7.72
N TRP I 395 3.14 -26.02 7.82
CA TRP I 395 4.14 -25.61 8.84
C TRP I 395 3.69 -25.52 10.30
N GLN I 396 3.71 -24.30 10.84
CA GLN I 396 3.40 -24.08 12.23
C GLN I 396 2.25 -23.06 12.39
N ARG I 397 2.32 -21.98 11.60
CA ARG I 397 1.36 -20.87 11.55
C ARG I 397 2.08 -19.71 10.90
N ILE I 398 3.28 -19.99 10.38
CA ILE I 398 4.00 -19.05 9.54
C ILE I 398 3.17 -18.66 8.31
N GLY I 399 2.31 -19.55 7.84
CA GLY I 399 1.33 -19.18 6.86
C GLY I 399 0.49 -20.30 6.26
N GLN I 400 -0.68 -19.89 5.80
CA GLN I 400 -1.65 -20.73 5.12
C GLN I 400 -1.26 -20.92 3.67
N ALA I 401 -1.63 -22.04 3.06
CA ALA I 401 -1.29 -22.25 1.65
C ALA I 401 -2.55 -22.51 0.83
N MET I 402 -2.66 -21.76 -0.26
CA MET I 402 -3.77 -21.82 -1.22
C MET I 402 -3.38 -22.37 -2.59
N TYR I 403 -4.08 -23.41 -3.06
CA TYR I 403 -4.02 -23.76 -4.47
C TYR I 403 -5.20 -23.03 -5.10
N ALA I 404 -4.93 -21.89 -5.72
CA ALA I 404 -5.99 -20.95 -6.06
C ALA I 404 -6.80 -21.32 -7.31
N PRO I 405 -6.15 -21.61 -8.46
CA PRO I 405 -7.08 -21.93 -9.56
C PRO I 405 -7.30 -23.42 -9.84
N PRO I 406 -8.12 -24.18 -9.08
CA PRO I 406 -8.27 -25.56 -9.54
C PRO I 406 -8.66 -25.59 -11.02
N ILE I 407 -7.80 -26.15 -11.87
CA ILE I 407 -8.03 -26.11 -13.31
C ILE I 407 -8.94 -27.24 -13.76
N GLN I 408 -9.71 -26.98 -14.82
CA GLN I 408 -10.71 -27.90 -15.36
C GLN I 408 -11.77 -28.29 -14.34
N GLY I 409 -12.25 -29.53 -14.47
CA GLY I 409 -13.27 -30.07 -13.59
C GLY I 409 -13.36 -31.55 -13.86
N VAL I 410 -14.14 -32.27 -13.04
CA VAL I 410 -14.34 -33.71 -13.21
C VAL I 410 -12.96 -34.35 -13.19
N ILE I 411 -12.43 -34.53 -11.99
CA ILE I 411 -11.11 -35.09 -11.75
C ILE I 411 -11.17 -36.24 -10.75
N ARG I 412 -10.99 -37.45 -11.25
CA ARG I 412 -11.10 -38.62 -10.39
C ARG I 412 -9.72 -39.23 -10.16
N CYS I 413 -9.46 -39.49 -8.88
CA CYS I 413 -8.24 -40.10 -8.39
C CYS I 413 -8.52 -41.47 -7.81
N VAL I 414 -8.01 -42.51 -8.46
CA VAL I 414 -8.16 -43.85 -7.94
C VAL I 414 -6.94 -44.19 -7.10
N SER I 415 -7.21 -44.68 -5.90
CA SER I 415 -6.17 -44.98 -4.93
C SER I 415 -6.32 -46.37 -4.30
N ASN I 416 -5.19 -46.91 -3.86
CA ASN I 416 -5.11 -48.17 -3.14
C ASN I 416 -4.96 -47.95 -1.64
N ILE I 417 -5.94 -48.39 -0.85
CA ILE I 417 -5.79 -48.21 0.60
C ILE I 417 -4.85 -49.25 1.15
N THR I 418 -3.67 -48.70 1.35
CA THR I 418 -2.47 -49.28 1.87
C THR I 418 -2.34 -48.94 3.34
N GLY I 419 -3.40 -48.83 4.11
CA GLY I 419 -3.01 -48.60 5.46
C GLY I 419 -3.97 -48.13 6.46
N LEU I 420 -3.51 -48.19 7.71
CA LEU I 420 -4.32 -47.65 8.76
C LEU I 420 -3.35 -47.08 9.75
N ILE I 421 -3.69 -45.94 10.32
CA ILE I 421 -2.91 -45.38 11.40
C ILE I 421 -3.92 -45.38 12.51
N LEU I 422 -3.66 -46.02 13.63
CA LEU I 422 -4.72 -46.03 14.63
C LEU I 422 -4.24 -45.59 15.99
N THR I 423 -5.19 -45.18 16.81
CA THR I 423 -4.92 -44.86 18.20
C THR I 423 -6.00 -45.61 18.95
N ARG I 424 -5.66 -46.20 20.08
CA ARG I 424 -6.67 -46.97 20.78
C ARG I 424 -7.44 -46.15 21.79
N ASP I 425 -8.73 -46.40 21.86
CA ASP I 425 -9.57 -45.75 22.85
C ASP I 425 -9.38 -46.56 24.13
N GLY I 426 -8.81 -45.96 25.16
CA GLY I 426 -8.59 -46.68 26.39
C GLY I 426 -9.93 -47.11 26.95
N GLY I 427 -10.15 -48.42 27.01
CA GLY I 427 -11.41 -48.92 27.54
C GLY I 427 -11.29 -49.61 28.88
N SER I 428 -12.27 -50.44 29.19
CA SER I 428 -12.29 -51.21 30.44
C SER I 428 -12.29 -52.70 30.15
N THR I 429 -12.40 -53.54 31.18
CA THR I 429 -12.46 -54.96 30.90
C THR I 429 -13.83 -55.51 31.27
N ASN I 430 -14.69 -54.64 31.79
CA ASN I 430 -16.06 -55.00 32.12
C ASN I 430 -16.95 -54.83 30.90
N SER I 431 -16.48 -54.02 29.97
CA SER I 431 -17.19 -53.78 28.72
C SER I 431 -17.11 -55.00 27.82
N THR I 432 -16.07 -55.80 28.03
CA THR I 432 -15.85 -57.02 27.25
C THR I 432 -15.79 -56.64 25.78
N THR I 433 -15.12 -55.53 25.51
CA THR I 433 -14.93 -54.97 24.16
C THR I 433 -13.77 -53.99 24.12
N GLU I 434 -13.18 -53.83 22.94
CA GLU I 434 -12.08 -52.90 22.73
C GLU I 434 -12.44 -51.96 21.59
N THR I 435 -12.28 -50.65 21.84
CA THR I 435 -12.63 -49.65 20.85
C THR I 435 -11.38 -49.00 20.25
N PHE I 436 -11.39 -48.83 18.93
CA PHE I 436 -10.25 -48.28 18.22
C PHE I 436 -10.64 -47.08 17.36
N ARG I 437 -9.88 -45.99 17.50
CA ARG I 437 -10.21 -44.78 16.76
C ARG I 437 -9.08 -44.36 15.83
N PRO I 438 -9.42 -43.72 14.70
CA PRO I 438 -8.43 -43.15 13.77
C PRO I 438 -7.63 -42.01 14.42
N GLY I 439 -6.30 -42.08 14.40
CA GLY I 439 -5.51 -41.00 14.99
C GLY I 439 -4.57 -40.47 13.93
N GLY I 440 -3.40 -39.97 14.32
CA GLY I 440 -2.50 -39.44 13.32
C GLY I 440 -2.25 -37.95 13.42
N GLY I 441 -1.63 -37.41 12.37
CA GLY I 441 -1.34 -35.99 12.23
C GLY I 441 0.10 -35.65 11.91
N ASP I 442 1.04 -36.23 12.65
CA ASP I 442 2.47 -36.06 12.37
C ASP I 442 2.89 -37.04 11.27
N MET I 443 3.15 -36.50 10.08
CA MET I 443 3.47 -37.30 8.89
C MET I 443 4.73 -38.16 9.07
N ARG I 444 5.52 -37.79 10.08
CA ARG I 444 6.70 -38.56 10.43
C ARG I 444 6.26 -39.99 10.75
N ASP I 445 5.05 -40.14 11.25
CA ASP I 445 4.52 -41.47 11.52
C ASP I 445 4.34 -42.23 10.20
N ASN I 446 3.94 -41.49 9.15
CA ASN I 446 3.77 -42.06 7.83
C ASN I 446 5.10 -42.50 7.23
N TRP I 447 6.14 -41.76 7.59
CA TRP I 447 7.47 -42.13 7.08
C TRP I 447 7.95 -43.32 7.87
N ARG I 448 7.74 -43.36 9.19
CA ARG I 448 8.14 -44.57 9.92
C ARG I 448 7.39 -45.74 9.29
N SER I 449 6.19 -45.47 8.78
CA SER I 449 5.36 -46.48 8.15
C SER I 449 5.94 -46.84 6.78
N GLU I 450 6.89 -46.03 6.32
CA GLU I 450 7.54 -46.24 5.02
C GLU I 450 9.03 -46.54 5.20
N LEU I 451 9.67 -45.79 6.08
CA LEU I 451 11.09 -45.89 6.38
C LEU I 451 11.33 -46.95 7.45
N TYR I 452 10.42 -47.91 7.53
CA TYR I 452 10.49 -48.94 8.55
C TYR I 452 11.61 -49.94 8.33
N LYS I 453 12.14 -50.04 7.11
CA LYS I 453 13.18 -51.02 6.92
C LYS I 453 14.50 -50.37 6.56
N TYR I 454 14.71 -49.14 7.03
CA TYR I 454 15.98 -48.46 6.75
C TYR I 454 16.54 -47.72 7.96
N LYS I 455 17.80 -48.00 8.28
CA LYS I 455 18.51 -47.38 9.39
C LYS I 455 19.93 -47.10 8.91
N VAL I 456 20.28 -45.83 8.71
CA VAL I 456 21.62 -45.53 8.21
C VAL I 456 22.72 -45.81 9.23
N VAL I 457 23.72 -46.57 8.79
CA VAL I 457 24.80 -47.05 9.65
C VAL I 457 26.16 -46.76 9.00
N LYS I 458 27.22 -46.72 9.79
CA LYS I 458 28.57 -46.52 9.24
C LYS I 458 29.55 -47.65 9.55
N ILE I 459 30.50 -47.84 8.64
CA ILE I 459 31.46 -48.93 8.74
C ILE I 459 32.83 -48.46 9.23
N GLU I 460 33.44 -49.24 10.12
CA GLU I 460 34.80 -48.98 10.58
C GLU I 460 35.58 -50.28 10.70
N PRO I 461 36.90 -50.23 10.43
CA PRO I 461 37.76 -51.41 10.53
C PRO I 461 37.85 -51.93 11.96
N UNK J 1 14.63 -21.36 -18.14
CA UNK J 1 15.46 -20.23 -17.72
C UNK J 1 16.62 -20.71 -16.86
N UNK J 2 17.70 -21.12 -17.51
CA UNK J 2 18.86 -21.70 -16.84
C UNK J 2 19.56 -20.83 -15.79
N UNK J 3 19.55 -19.51 -15.96
CA UNK J 3 20.20 -18.61 -14.99
C UNK J 3 19.37 -18.31 -13.72
N UNK J 4 18.07 -18.14 -13.91
CA UNK J 4 17.18 -17.95 -12.77
C UNK J 4 17.25 -19.29 -12.06
N UNK J 5 17.32 -20.33 -12.87
CA UNK J 5 17.57 -21.67 -12.39
C UNK J 5 18.95 -21.74 -11.75
N UNK J 6 19.87 -20.84 -12.11
CA UNK J 6 21.18 -20.84 -11.47
C UNK J 6 21.11 -20.32 -10.03
N UNK J 7 20.44 -19.21 -9.80
CA UNK J 7 20.38 -18.73 -8.42
C UNK J 7 19.46 -19.64 -7.59
N UNK J 8 18.40 -20.13 -8.21
CA UNK J 8 17.48 -21.01 -7.50
C UNK J 8 18.20 -22.33 -7.25
N UNK J 9 19.06 -22.70 -8.20
CA UNK J 9 19.92 -23.85 -8.00
C UNK J 9 20.74 -23.53 -6.77
N UNK J 10 21.36 -22.36 -6.71
CA UNK J 10 22.17 -22.02 -5.55
C UNK J 10 21.40 -22.28 -4.24
N UNK J 11 20.11 -22.01 -4.21
CA UNK J 11 19.32 -22.45 -3.04
C UNK J 11 19.27 -23.98 -2.89
N UNK J 12 18.87 -24.68 -3.95
CA UNK J 12 18.62 -26.12 -3.85
C UNK J 12 19.90 -26.96 -3.69
N UNK J 13 20.99 -26.44 -4.23
CA UNK J 13 22.35 -26.94 -4.10
C UNK J 13 22.96 -26.48 -2.78
N UNK J 14 22.41 -25.42 -2.21
CA UNK J 14 22.84 -25.12 -0.86
C UNK J 14 22.37 -26.31 -0.09
N UNK J 15 21.12 -26.72 -0.30
CA UNK J 15 20.68 -27.94 0.39
C UNK J 15 21.50 -29.17 -0.01
N UNK J 16 21.49 -29.45 -1.31
CA UNK J 16 21.95 -30.70 -1.86
C UNK J 16 23.46 -30.77 -1.75
N UNK J 17 24.13 -29.84 -2.42
CA UNK J 17 25.58 -29.77 -2.37
C UNK J 17 26.17 -29.38 -1.00
N UNK J 18 25.51 -28.55 -0.16
CA UNK J 18 26.13 -28.39 1.16
C UNK J 18 26.08 -29.73 1.90
N UNK J 19 24.92 -30.40 1.92
CA UNK J 19 24.88 -31.69 2.60
C UNK J 19 25.87 -32.71 2.02
N UNK J 20 25.86 -32.82 0.69
CA UNK J 20 26.62 -33.86 -0.02
C UNK J 20 28.12 -33.60 0.02
N UNK J 21 28.52 -32.38 -0.30
CA UNK J 21 29.93 -32.05 -0.35
C UNK J 21 30.50 -31.94 1.05
N UNK J 22 29.78 -31.31 1.98
CA UNK J 22 30.25 -31.30 3.38
C UNK J 22 30.38 -32.73 3.95
N UNK J 23 29.43 -33.61 3.67
CA UNK J 23 29.54 -34.98 4.20
C UNK J 23 30.65 -35.78 3.53
N UNK J 24 30.78 -35.63 2.21
CA UNK J 24 31.87 -36.28 1.48
C UNK J 24 33.21 -35.79 1.98
N UNK J 25 33.27 -34.51 2.30
CA UNK J 25 34.48 -33.88 2.83
C UNK J 25 34.83 -34.40 4.21
N UNK J 26 33.87 -34.33 5.14
CA UNK J 26 34.07 -34.80 6.51
C UNK J 26 34.54 -36.25 6.51
N UNK J 27 33.90 -37.05 5.65
CA UNK J 27 34.25 -38.45 5.52
C UNK J 27 35.67 -38.58 4.98
N UNK J 28 36.02 -37.78 3.98
CA UNK J 28 37.37 -37.80 3.40
C UNK J 28 38.44 -37.44 4.43
N UNK J 29 38.21 -36.36 5.17
CA UNK J 29 39.11 -35.93 6.24
C UNK J 29 39.31 -37.06 7.26
N UNK J 30 38.21 -37.70 7.64
CA UNK J 30 38.27 -38.82 8.57
C UNK J 30 39.17 -39.92 8.01
N UNK J 31 38.92 -40.29 6.75
CA UNK J 31 39.70 -41.32 6.07
C UNK J 31 41.19 -41.02 6.11
N UNK J 32 41.55 -39.78 5.78
CA UNK J 32 42.96 -39.39 5.70
C UNK J 32 43.65 -39.42 7.06
N UNK J 33 42.96 -38.94 8.08
CA UNK J 33 43.52 -38.93 9.44
C UNK J 33 43.76 -40.36 9.93
N UNK J 34 42.71 -41.19 9.82
CA UNK J 34 42.79 -42.57 10.30
C UNK J 34 43.85 -43.35 9.53
N UNK J 35 43.97 -43.10 8.23
CA UNK J 35 44.97 -43.80 7.42
C UNK J 35 46.36 -43.43 7.90
N UNK J 36 46.56 -42.11 8.05
CA UNK J 36 47.83 -41.48 8.43
C UNK J 36 48.28 -42.36 9.50
N UNK J 37 47.44 -42.42 10.54
CA UNK J 37 47.87 -43.30 11.58
C UNK J 37 47.53 -44.72 11.18
N UNK J 39 36.63 -63.27 11.31
CA UNK J 39 35.20 -63.53 11.25
C UNK J 39 34.53 -63.29 12.61
N UNK J 40 33.81 -64.29 13.10
CA UNK J 40 33.22 -64.22 14.44
C UNK J 40 34.31 -63.99 15.48
N UNK J 41 35.52 -64.46 15.15
CA UNK J 41 36.69 -64.17 15.95
C UNK J 41 36.96 -62.67 15.96
N UNK J 42 36.76 -62.03 14.80
CA UNK J 42 36.84 -60.58 14.71
C UNK J 42 35.70 -59.89 15.46
N UNK J 43 34.59 -60.61 15.71
CA UNK J 43 33.52 -60.09 16.56
C UNK J 43 33.89 -60.08 18.07
N UNK J 44 34.34 -61.23 18.57
CA UNK J 44 34.88 -61.30 19.93
C UNK J 44 35.94 -60.20 20.07
N UNK J 45 36.79 -60.15 19.05
CA UNK J 45 37.76 -59.08 18.89
C UNK J 45 37.09 -57.71 18.87
N UNK J 46 35.84 -57.61 18.41
CA UNK J 46 35.15 -56.32 18.43
C UNK J 46 34.84 -55.84 19.84
N UNK J 47 34.38 -56.74 20.71
CA UNK J 47 34.17 -56.33 22.11
C UNK J 47 35.49 -56.00 22.83
N UNK J 48 36.39 -56.96 22.73
CA UNK J 48 37.73 -56.85 23.32
C UNK J 48 38.34 -55.53 22.87
N UNK J 49 38.17 -55.23 21.60
CA UNK J 49 38.63 -53.98 21.00
C UNK J 49 37.62 -52.86 21.13
N UNK J 50 36.57 -53.03 21.92
CA UNK J 50 35.85 -51.85 22.39
C UNK J 50 36.68 -51.29 23.55
N UNK J 51 36.70 -52.06 24.65
CA UNK J 51 37.37 -51.51 25.84
C UNK J 51 38.86 -51.25 25.52
N UNK J 52 39.40 -52.19 24.78
CA UNK J 52 40.75 -52.03 24.26
C UNK J 52 40.77 -51.32 22.90
N UNK J 53 39.64 -50.85 22.37
CA UNK J 53 39.76 -49.81 21.36
C UNK J 53 40.49 -48.76 22.12
N UNK J 54 39.88 -48.35 23.23
CA UNK J 54 40.49 -47.29 24.02
C UNK J 54 41.93 -47.63 24.39
N UNK J 55 42.08 -48.67 25.21
CA UNK J 55 43.40 -48.95 25.79
C UNK J 55 44.48 -49.32 24.76
N UNK J 56 44.14 -50.17 23.80
CA UNK J 56 45.11 -50.56 22.78
C UNK J 56 45.49 -49.42 21.84
N UNK J 57 44.53 -48.59 21.44
CA UNK J 57 44.87 -47.41 20.63
C UNK J 57 45.93 -46.59 21.35
N UNK J 58 45.67 -46.33 22.64
CA UNK J 58 46.69 -45.66 23.46
C UNK J 58 48.07 -46.33 23.36
N UNK J 59 48.11 -47.63 23.64
CA UNK J 59 49.37 -48.37 23.66
C UNK J 59 50.11 -48.34 22.32
N UNK J 60 49.35 -48.47 21.23
CA UNK J 60 49.90 -48.43 19.88
C UNK J 60 50.59 -47.10 19.60
N UNK J 61 49.87 -46.01 19.90
CA UNK J 61 50.46 -44.68 19.73
C UNK J 61 51.78 -44.59 20.50
N UNK J 62 51.75 -45.08 21.74
CA UNK J 62 52.96 -45.10 22.57
C UNK J 62 54.14 -45.83 21.90
N UNK J 63 53.89 -47.06 21.46
CA UNK J 63 54.93 -47.88 20.84
C UNK J 63 55.54 -47.21 19.61
N UNK J 64 54.68 -46.72 18.72
CA UNK J 64 55.13 -46.02 17.53
C UNK J 64 56.02 -44.84 17.91
N UNK J 65 55.58 -44.09 18.92
CA UNK J 65 56.36 -42.98 19.44
C UNK J 65 57.76 -43.42 19.88
N UNK J 66 57.84 -44.53 20.62
CA UNK J 66 59.13 -45.04 21.10
C UNK J 66 60.08 -45.41 19.95
N UNK J 67 59.60 -46.26 19.05
CA UNK J 67 60.40 -46.71 17.91
C UNK J 67 60.91 -45.51 17.11
N UNK J 68 60.00 -44.59 16.81
CA UNK J 68 60.35 -43.41 16.03
C UNK J 68 61.30 -42.50 16.80
N UNK J 69 61.29 -42.60 18.12
CA UNK J 69 62.21 -41.83 18.97
C UNK J 69 63.64 -42.36 18.86
N UNK J 70 63.81 -43.66 19.08
CA UNK J 70 65.15 -44.25 18.98
C UNK J 70 65.71 -44.06 17.57
N UNK J 71 64.87 -44.32 16.58
CA UNK J 71 65.26 -44.15 15.18
C UNK J 71 65.53 -42.68 14.87
N UNK J 72 64.89 -41.79 15.62
CA UNK J 72 65.15 -40.36 15.49
C UNK J 72 66.55 -40.05 15.96
N UNK J 73 66.92 -40.54 17.14
CA UNK J 73 68.27 -40.34 17.65
C UNK J 73 69.30 -40.84 16.63
N UNK J 74 69.19 -42.13 16.28
CA UNK J 74 70.14 -42.74 15.36
C UNK J 74 70.24 -42.04 14.00
N UNK J 75 69.11 -41.88 13.33
CA UNK J 75 69.11 -41.36 11.96
C UNK J 75 69.33 -39.84 11.87
N UNK J 76 68.96 -39.11 12.91
CA UNK J 76 69.21 -37.66 12.91
C UNK J 76 70.65 -37.38 13.29
N UNK J 77 71.25 -38.29 14.06
CA UNK J 77 72.70 -38.24 14.22
C UNK J 77 73.34 -38.48 12.85
N UNK J 78 72.94 -39.60 12.24
CA UNK J 78 73.31 -39.93 10.87
C UNK J 78 72.56 -41.19 10.42
N THR K 1 -42.65 -16.10 -29.38
CA THR K 1 -42.10 -15.71 -30.67
C THR K 1 -42.78 -16.43 -31.82
N PHE K 2 -42.13 -16.43 -32.98
CA PHE K 2 -42.70 -17.03 -34.18
C PHE K 2 -41.67 -17.87 -34.91
N VAL K 3 -42.11 -18.97 -35.49
CA VAL K 3 -41.27 -19.79 -36.35
C VAL K 3 -42.09 -20.23 -37.54
N SER K 4 -41.64 -19.91 -38.75
CA SER K 4 -42.35 -20.35 -39.95
C SER K 4 -41.56 -21.37 -40.75
N VAL K 5 -42.28 -22.30 -41.37
CA VAL K 5 -41.65 -23.37 -42.13
C VAL K 5 -42.58 -23.88 -43.24
N ALA K 6 -41.97 -24.42 -44.29
CA ALA K 6 -42.73 -25.01 -45.39
C ALA K 6 -43.08 -26.45 -45.04
N PRO K 7 -44.23 -26.94 -45.56
CA PRO K 7 -44.63 -28.34 -45.36
C PRO K 7 -43.56 -29.32 -45.80
N GLY K 8 -43.35 -30.36 -45.01
CA GLY K 8 -42.33 -31.36 -45.31
C GLY K 8 -40.97 -31.04 -44.72
N GLN K 9 -40.71 -29.77 -44.42
CA GLN K 9 -39.44 -29.36 -43.86
C GLN K 9 -39.41 -29.55 -42.34
N THR K 10 -38.31 -29.15 -41.71
CA THR K 10 -38.13 -29.36 -40.29
C THR K 10 -38.23 -28.04 -39.52
N ALA K 11 -39.02 -28.04 -38.46
CA ALA K 11 -39.17 -26.86 -37.61
C ALA K 11 -38.42 -27.10 -36.31
N ARG K 12 -37.87 -26.03 -35.75
CA ARG K 12 -37.23 -26.10 -34.44
C ARG K 12 -37.68 -24.93 -33.56
N ILE K 13 -37.99 -25.24 -32.32
CA ILE K 13 -38.53 -24.24 -31.40
C ILE K 13 -37.76 -24.22 -30.09
N THR K 14 -37.32 -23.03 -29.69
CA THR K 14 -36.49 -22.89 -28.51
C THR K 14 -37.34 -22.33 -27.38
N CYS K 15 -37.15 -22.84 -26.17
CA CYS K 15 -37.95 -22.40 -25.03
C CYS K 15 -37.20 -22.52 -23.71
N GLY K 16 -37.40 -21.53 -22.84
CA GLY K 16 -36.79 -21.54 -21.53
C GLY K 16 -35.37 -21.03 -21.46
N GLU K 17 -34.87 -20.92 -20.24
CA GLU K 17 -33.54 -20.39 -19.94
C GLU K 17 -32.51 -21.45 -20.31
N GLU K 18 -31.25 -21.05 -20.39
CA GLU K 18 -30.16 -21.99 -20.60
C GLU K 18 -30.05 -22.91 -19.40
N SER K 19 -29.72 -24.17 -19.64
CA SER K 19 -29.75 -25.16 -18.57
C SER K 19 -28.66 -24.85 -17.56
N LEU K 20 -28.90 -25.21 -16.30
CA LEU K 20 -27.91 -25.04 -15.26
C LEU K 20 -27.58 -26.40 -14.67
N GLY K 21 -28.61 -27.12 -14.23
CA GLY K 21 -28.45 -28.44 -13.66
C GLY K 21 -28.99 -29.49 -14.62
N SER K 22 -29.31 -30.68 -14.11
CA SER K 22 -29.88 -31.73 -14.94
C SER K 22 -31.33 -31.39 -15.22
N ARG K 23 -31.84 -31.84 -16.36
CA ARG K 23 -33.12 -31.35 -16.83
C ARG K 23 -34.14 -32.44 -17.14
N SER K 24 -35.40 -32.09 -16.88
CA SER K 24 -36.53 -32.78 -17.44
C SER K 24 -37.46 -31.72 -18.03
N VAL K 25 -37.58 -31.71 -19.35
CA VAL K 25 -38.36 -30.70 -20.02
C VAL K 25 -39.65 -31.30 -20.53
N ILE K 26 -40.75 -30.58 -20.34
CA ILE K 26 -42.03 -31.07 -20.79
C ILE K 26 -42.49 -30.14 -21.91
N TRP K 27 -43.00 -30.71 -22.98
CA TRP K 27 -43.48 -29.92 -24.08
C TRP K 27 -44.95 -30.18 -24.28
N TYR K 28 -45.68 -29.10 -24.53
CA TYR K 28 -47.10 -29.20 -24.79
C TYR K 28 -47.46 -28.56 -26.11
N GLN K 29 -48.48 -29.12 -26.77
CA GLN K 29 -48.96 -28.54 -28.02
C GLN K 29 -50.36 -28.12 -27.72
N GLN K 30 -50.68 -26.90 -28.15
CA GLN K 30 -51.99 -26.24 -28.05
C GLN K 30 -52.50 -25.71 -29.38
N ARG K 31 -53.54 -26.34 -29.92
CA ARG K 31 -54.16 -25.89 -31.16
C ARG K 31 -55.11 -24.72 -30.91
N PRO K 32 -55.26 -23.82 -31.90
CA PRO K 32 -56.14 -22.64 -31.82
C PRO K 32 -57.56 -22.95 -31.36
N GLY K 33 -58.02 -22.27 -30.32
CA GLY K 33 -59.38 -22.48 -29.82
C GLY K 33 -59.52 -23.70 -28.95
N GLN K 34 -58.39 -24.33 -28.63
CA GLN K 34 -58.39 -25.56 -27.85
C GLN K 34 -57.63 -25.36 -26.54
N ALA K 35 -57.84 -26.30 -25.62
CA ALA K 35 -57.06 -26.36 -24.40
C ALA K 35 -55.62 -26.69 -24.76
N PRO K 36 -54.67 -26.31 -23.90
CA PRO K 36 -53.36 -26.87 -24.19
C PRO K 36 -53.44 -28.38 -24.20
N SER K 37 -52.61 -28.94 -25.04
CA SER K 37 -52.42 -30.37 -25.13
C SER K 37 -50.91 -30.49 -25.12
N LEU K 38 -50.51 -31.59 -24.61
CA LEU K 38 -49.12 -32.01 -24.43
C LEU K 38 -48.42 -32.38 -25.75
N ILE K 39 -47.14 -32.74 -25.67
CA ILE K 39 -46.37 -33.29 -26.79
C ILE K 39 -45.31 -34.31 -26.34
N ILE K 40 -44.56 -33.90 -25.33
CA ILE K 40 -43.43 -34.67 -24.80
C ILE K 40 -43.22 -34.54 -23.30
N TYR K 41 -42.79 -35.61 -22.63
CA TYR K 41 -42.35 -35.49 -21.25
C TYR K 41 -40.99 -36.15 -21.12
N ASN K 42 -40.28 -35.86 -20.03
CA ASN K 42 -38.96 -36.42 -19.75
C ASN K 42 -37.98 -36.18 -20.91
N ASN K 43 -38.03 -34.97 -21.43
CA ASN K 43 -37.19 -34.45 -22.51
C ASN K 43 -37.47 -35.03 -23.90
N ASN K 44 -37.60 -36.35 -23.98
CA ASN K 44 -37.85 -37.00 -25.27
C ASN K 44 -38.85 -38.16 -25.23
N ASP K 45 -39.67 -38.26 -24.19
CA ASP K 45 -40.68 -39.30 -24.16
C ASP K 45 -42.04 -38.79 -24.63
N ARG K 46 -42.73 -39.62 -25.41
CA ARG K 46 -44.03 -39.24 -25.96
C ARG K 46 -45.15 -40.06 -25.35
N PRO K 47 -46.30 -39.42 -25.09
CA PRO K 47 -47.52 -40.09 -24.66
C PRO K 47 -48.24 -40.76 -25.82
N SER K 48 -49.33 -41.45 -25.54
CA SER K 48 -50.10 -42.16 -26.55
C SER K 48 -50.67 -41.22 -27.60
N GLY K 49 -50.44 -41.53 -28.87
CA GLY K 49 -50.98 -40.73 -29.96
C GLY K 49 -50.01 -39.76 -30.61
N ILE K 50 -48.84 -39.59 -30.00
CA ILE K 50 -47.84 -38.68 -30.53
C ILE K 50 -46.78 -39.43 -31.34
N PRO K 51 -46.63 -39.06 -32.62
CA PRO K 51 -45.70 -39.69 -33.55
C PRO K 51 -44.25 -39.25 -33.31
N ASP K 52 -43.30 -39.99 -33.86
CA ASP K 52 -41.88 -39.74 -33.62
C ASP K 52 -41.31 -38.59 -34.45
N ARG K 53 -42.18 -37.86 -35.13
CA ARG K 53 -41.78 -36.64 -35.81
C ARG K 53 -41.38 -35.60 -34.77
N PHE K 54 -41.97 -35.71 -33.58
CA PHE K 54 -41.73 -34.76 -32.51
C PHE K 54 -40.62 -35.28 -31.60
N SER K 55 -39.60 -34.48 -31.37
CA SER K 55 -38.48 -34.90 -30.54
C SER K 55 -37.97 -33.74 -29.70
N GLY K 56 -37.52 -34.02 -28.49
CA GLY K 56 -36.99 -32.97 -27.63
C GLY K 56 -35.49 -33.11 -27.41
N SER K 57 -34.83 -31.98 -27.17
CA SER K 57 -33.38 -31.98 -26.98
C SER K 57 -33.07 -32.48 -25.57
N PRO K 58 -32.03 -33.34 -25.45
CA PRO K 58 -31.68 -33.99 -24.18
C PRO K 58 -31.48 -33.00 -23.03
N GLY K 59 -31.78 -33.43 -21.81
CA GLY K 59 -31.55 -32.59 -20.65
C GLY K 59 -30.10 -32.68 -20.21
N SER K 60 -29.20 -32.17 -21.05
CA SER K 60 -27.84 -32.68 -21.11
C SER K 60 -26.78 -31.59 -20.94
N THR K 61 -26.19 -31.19 -22.06
CA THR K 61 -25.10 -30.22 -22.07
C THR K 61 -25.42 -28.92 -21.34
N PHE K 62 -24.63 -28.61 -20.33
CA PHE K 62 -24.88 -27.48 -19.44
C PHE K 62 -24.79 -26.16 -20.20
N GLY K 63 -25.65 -25.21 -19.84
CA GLY K 63 -25.62 -23.88 -20.42
C GLY K 63 -26.27 -23.80 -21.79
N THR K 64 -27.14 -24.76 -22.08
CA THR K 64 -27.84 -24.79 -23.36
C THR K 64 -29.35 -24.70 -23.17
N THR K 65 -30.08 -24.42 -24.25
CA THR K 65 -31.51 -24.23 -24.17
C THR K 65 -32.26 -25.45 -24.73
N ALA K 66 -33.41 -25.74 -24.14
CA ALA K 66 -34.21 -26.87 -24.58
C ALA K 66 -34.84 -26.56 -25.92
N THR K 67 -34.88 -27.55 -26.81
CA THR K 67 -35.44 -27.35 -28.14
C THR K 67 -36.38 -28.47 -28.53
N LEU K 68 -37.47 -28.13 -29.18
CA LEU K 68 -38.38 -29.12 -29.74
C LEU K 68 -38.23 -29.12 -31.26
N THR K 69 -37.96 -30.29 -31.81
CA THR K 69 -37.81 -30.44 -33.25
C THR K 69 -39.00 -31.22 -33.81
N ILE K 70 -39.59 -30.68 -34.88
CA ILE K 70 -40.64 -31.38 -35.60
C ILE K 70 -40.22 -31.60 -37.04
N THR K 71 -40.06 -32.86 -37.42
CA THR K 71 -39.64 -33.22 -38.77
C THR K 71 -40.88 -33.49 -39.62
N SER K 72 -40.73 -33.33 -40.94
CA SER K 72 -41.83 -33.59 -41.88
C SER K 72 -43.10 -32.88 -41.46
N VAL K 73 -43.01 -31.56 -41.27
CA VAL K 73 -44.10 -30.76 -40.74
C VAL K 73 -45.30 -30.76 -41.67
N GLU K 74 -46.49 -30.88 -41.09
CA GLU K 74 -47.74 -30.75 -41.82
C GLU K 74 -48.59 -29.63 -41.22
N ALA K 75 -49.63 -29.22 -41.95
CA ALA K 75 -50.46 -28.09 -41.53
C ALA K 75 -51.15 -28.33 -40.19
N GLY K 76 -51.37 -29.60 -39.87
CA GLY K 76 -51.93 -29.97 -38.58
C GLY K 76 -51.05 -29.61 -37.40
N ASP K 77 -49.76 -29.38 -37.66
CA ASP K 77 -48.82 -29.04 -36.60
C ASP K 77 -48.88 -27.56 -36.22
N GLU K 78 -49.52 -26.75 -37.06
CA GLU K 78 -49.71 -25.34 -36.75
C GLU K 78 -50.44 -25.18 -35.42
N ALA K 79 -49.78 -24.50 -34.48
CA ALA K 79 -50.26 -24.42 -33.10
C ALA K 79 -49.30 -23.57 -32.28
N ASP K 80 -49.70 -23.28 -31.05
CA ASP K 80 -48.77 -22.70 -30.08
C ASP K 80 -48.11 -23.83 -29.32
N TYR K 81 -46.81 -23.69 -29.06
CA TYR K 81 -46.08 -24.71 -28.32
C TYR K 81 -45.46 -24.10 -27.07
N TYR K 82 -45.58 -24.83 -25.96
CA TYR K 82 -45.04 -24.34 -24.70
C TYR K 82 -44.17 -25.38 -24.01
N CYS K 83 -43.14 -24.94 -23.32
CA CYS K 83 -42.37 -25.88 -22.50
C CYS K 83 -42.58 -25.58 -21.02
N HIS K 84 -42.36 -26.60 -20.19
CA HIS K 84 -42.34 -26.46 -18.76
C HIS K 84 -41.02 -27.09 -18.31
N ILE K 85 -40.13 -26.27 -17.76
CA ILE K 85 -38.77 -26.69 -17.45
C ILE K 85 -38.62 -27.18 -16.02
N TRP K 86 -38.04 -28.37 -15.85
CA TRP K 86 -37.59 -28.79 -14.54
C TRP K 86 -36.06 -28.88 -14.57
N ASP K 87 -35.41 -28.11 -13.71
CA ASP K 87 -33.96 -27.98 -13.69
C ASP K 87 -33.50 -28.14 -12.26
N SER K 88 -32.55 -29.06 -12.02
CA SER K 88 -32.22 -29.45 -10.65
C SER K 88 -31.68 -28.32 -9.79
N ARG K 89 -31.20 -27.25 -10.43
CA ARG K 89 -30.62 -26.11 -9.70
C ARG K 89 -31.57 -24.94 -9.65
N ARG K 90 -32.76 -25.09 -10.21
CA ARG K 90 -33.70 -23.98 -10.22
C ARG K 90 -34.92 -24.38 -9.43
N PRO K 91 -35.64 -23.36 -8.93
CA PRO K 91 -36.93 -23.58 -8.28
C PRO K 91 -37.94 -24.18 -9.24
N THR K 92 -38.95 -24.84 -8.69
CA THR K 92 -40.06 -25.32 -9.51
C THR K 92 -40.55 -24.13 -10.31
N ASN K 93 -40.73 -24.31 -11.61
CA ASN K 93 -41.29 -23.26 -12.43
C ASN K 93 -42.80 -23.37 -12.40
N TRP K 94 -43.46 -22.31 -11.94
CA TRP K 94 -44.91 -22.31 -11.84
C TRP K 94 -45.54 -21.66 -13.06
N VAL K 95 -44.70 -21.03 -13.87
CA VAL K 95 -45.14 -20.48 -15.15
C VAL K 95 -44.44 -21.26 -16.25
N PHE K 96 -45.18 -21.59 -17.31
CA PHE K 96 -44.56 -22.26 -18.45
C PHE K 96 -43.63 -21.28 -19.15
N GLY K 97 -42.70 -21.79 -19.94
CA GLY K 97 -41.85 -20.94 -20.76
C GLY K 97 -42.70 -20.14 -21.73
N GLU K 98 -42.16 -19.03 -22.23
CA GLU K 98 -42.89 -18.24 -23.21
C GLU K 98 -43.13 -19.08 -24.47
N GLY K 99 -44.32 -18.97 -25.03
CA GLY K 99 -44.73 -19.82 -26.12
C GLY K 99 -44.17 -19.45 -27.47
N THR K 100 -44.16 -20.42 -28.39
CA THR K 100 -43.78 -20.13 -29.75
C THR K 100 -44.87 -20.58 -30.72
N THR K 101 -45.23 -19.67 -31.63
CA THR K 101 -46.24 -19.96 -32.65
C THR K 101 -45.59 -20.55 -33.89
N LEU K 102 -45.99 -21.76 -34.24
CA LEU K 102 -45.53 -22.40 -35.47
C LEU K 102 -46.45 -22.10 -36.64
N ILE K 103 -45.90 -21.48 -37.67
CA ILE K 103 -46.60 -21.18 -38.90
C ILE K 103 -46.15 -22.16 -39.98
N VAL K 104 -47.12 -22.78 -40.64
CA VAL K 104 -46.82 -23.72 -41.73
C VAL K 104 -47.26 -23.05 -43.03
N LEU K 105 -46.30 -22.64 -43.85
CA LEU K 105 -46.68 -21.88 -45.03
C LEU K 105 -47.11 -22.82 -46.15
N SER K 106 -48.37 -23.25 -46.07
CA SER K 106 -48.98 -24.05 -47.11
C SER K 106 -49.50 -23.36 -48.40
N GLN K 107 -49.97 -22.13 -48.29
CA GLN K 107 -50.57 -21.44 -49.47
C GLN K 107 -50.22 -19.95 -49.67
N PRO K 108 -49.91 -19.57 -50.95
CA PRO K 108 -49.63 -18.23 -51.47
C PRO K 108 -50.77 -17.30 -51.88
N LYS K 109 -50.43 -16.01 -51.78
CA LYS K 109 -50.74 -14.98 -52.80
C LYS K 109 -52.09 -14.24 -52.95
N ALA K 110 -53.10 -14.56 -52.15
CA ALA K 110 -54.31 -13.75 -52.19
C ALA K 110 -54.02 -12.39 -51.57
N ALA K 111 -54.52 -11.32 -52.21
CA ALA K 111 -54.22 -9.96 -51.74
C ALA K 111 -55.45 -9.30 -51.11
N PRO K 112 -55.25 -8.54 -50.03
CA PRO K 112 -56.39 -8.03 -49.27
C PRO K 112 -57.17 -6.95 -50.01
N SER K 113 -58.48 -6.97 -49.87
CA SER K 113 -59.31 -5.81 -50.17
C SER K 113 -59.39 -4.91 -48.95
N VAL K 114 -59.06 -3.64 -49.16
CA VAL K 114 -59.15 -2.64 -48.10
C VAL K 114 -60.20 -1.57 -48.42
N THR K 115 -60.99 -1.22 -47.40
CA THR K 115 -61.96 -0.14 -47.52
C THR K 115 -61.84 0.80 -46.32
N LEU K 116 -61.83 2.11 -46.57
CA LEU K 116 -61.63 3.06 -45.49
C LEU K 116 -62.75 4.08 -45.38
N PHE K 117 -63.49 4.01 -44.27
CA PHE K 117 -64.60 4.92 -44.01
C PHE K 117 -64.21 6.01 -43.03
N PRO K 118 -64.57 7.26 -43.35
CA PRO K 118 -64.51 8.43 -42.47
C PRO K 118 -65.57 8.34 -41.39
N PRO K 119 -65.47 9.17 -40.33
CA PRO K 119 -66.53 9.17 -39.33
C PRO K 119 -67.86 9.60 -39.92
N SER K 120 -68.96 9.05 -39.42
CA SER K 120 -70.28 9.39 -39.92
C SER K 120 -70.69 10.74 -39.37
N SER K 121 -71.63 11.40 -40.06
CA SER K 121 -72.14 12.68 -39.62
C SER K 121 -72.79 12.53 -38.24
N GLU K 122 -73.45 11.40 -38.03
CA GLU K 122 -74.14 11.13 -36.77
C GLU K 122 -73.19 11.00 -35.57
N GLU K 123 -72.08 10.31 -35.80
CA GLU K 123 -71.05 10.19 -34.77
C GLU K 123 -70.44 11.56 -34.47
N LEU K 124 -70.21 12.34 -35.51
CA LEU K 124 -69.68 13.69 -35.35
C LEU K 124 -70.66 14.53 -34.54
N GLN K 125 -71.95 14.25 -34.74
CA GLN K 125 -73.02 14.93 -34.01
C GLN K 125 -73.07 14.42 -32.58
N ALA K 126 -72.41 13.30 -32.34
CA ALA K 126 -72.31 12.75 -30.99
C ALA K 126 -70.96 13.10 -30.38
N ASN K 127 -70.24 14.01 -31.04
CA ASN K 127 -68.97 14.54 -30.57
C ASN K 127 -67.89 13.45 -30.46
N LYS K 128 -68.02 12.44 -31.30
CA LYS K 128 -67.04 11.36 -31.38
C LYS K 128 -66.59 11.21 -32.82
N ALA K 129 -65.48 10.50 -33.04
CA ALA K 129 -65.04 10.23 -34.40
C ALA K 129 -64.29 8.91 -34.48
N THR K 130 -64.64 8.09 -35.47
CA THR K 130 -63.95 6.83 -35.66
C THR K 130 -63.66 6.58 -37.13
N LEU K 131 -62.40 6.31 -37.44
CA LEU K 131 -62.01 5.90 -38.78
C LEU K 131 -62.08 4.39 -38.84
N VAL K 132 -62.70 3.86 -39.89
CA VAL K 132 -62.89 2.42 -39.99
C VAL K 132 -62.18 1.81 -41.19
N CYS K 133 -61.23 0.92 -40.92
CA CYS K 133 -60.45 0.28 -41.98
C CYS K 133 -60.77 -1.20 -42.05
N LEU K 134 -61.45 -1.61 -43.11
CA LEU K 134 -61.91 -2.97 -43.29
C LEU K 134 -60.99 -3.73 -44.24
N ILE K 135 -60.52 -4.89 -43.80
CA ILE K 135 -59.57 -5.67 -44.57
C ILE K 135 -60.09 -7.09 -44.75
N SER K 136 -60.17 -7.56 -45.98
CA SER K 136 -60.80 -8.86 -46.21
C SER K 136 -60.24 -9.62 -47.40
N ASP K 137 -60.68 -10.86 -47.57
CA ASP K 137 -60.38 -11.66 -48.75
C ASP K 137 -58.88 -11.92 -48.95
N PHE K 138 -58.12 -11.93 -47.85
CA PHE K 138 -56.68 -12.19 -47.94
C PHE K 138 -56.26 -13.53 -47.35
N TYR K 139 -55.20 -14.12 -47.93
CA TYR K 139 -54.61 -15.29 -47.33
C TYR K 139 -53.10 -15.25 -47.69
N PRO K 140 -52.22 -15.68 -46.76
CA PRO K 140 -52.46 -16.14 -45.39
C PRO K 140 -52.96 -15.06 -44.44
N GLY K 141 -53.23 -15.47 -43.20
CA GLY K 141 -53.88 -14.61 -42.24
C GLY K 141 -52.94 -13.77 -41.40
N ALA K 142 -51.91 -13.22 -42.05
CA ALA K 142 -51.00 -12.33 -41.37
C ALA K 142 -50.99 -10.97 -42.06
N VAL K 143 -51.41 -9.95 -41.31
CA VAL K 143 -51.29 -8.57 -41.72
C VAL K 143 -50.89 -7.76 -40.51
N THR K 144 -50.22 -6.64 -40.73
CA THR K 144 -50.11 -5.64 -39.67
C THR K 144 -50.76 -4.36 -40.16
N VAL K 145 -51.39 -3.61 -39.26
CA VAL K 145 -52.00 -2.36 -39.66
C VAL K 145 -51.39 -1.19 -38.92
N ALA K 146 -51.11 -0.13 -39.65
CA ALA K 146 -50.59 1.10 -39.06
C ALA K 146 -51.45 2.26 -39.55
N TRP K 147 -51.52 3.32 -38.74
CA TRP K 147 -52.28 4.49 -39.14
C TRP K 147 -51.36 5.70 -39.23
N LYS K 148 -51.71 6.62 -40.12
CA LYS K 148 -50.95 7.86 -40.24
C LYS K 148 -51.88 9.05 -40.09
N ALA K 149 -51.38 10.09 -39.42
CA ALA K 149 -52.03 11.39 -39.40
C ALA K 149 -51.13 12.30 -40.21
N ASP K 150 -51.63 12.76 -41.35
CA ASP K 150 -50.80 13.35 -42.39
C ASP K 150 -49.68 12.35 -42.73
N SER K 151 -48.44 12.70 -42.39
CA SER K 151 -47.32 11.79 -42.57
C SER K 151 -46.90 11.15 -41.26
N SER K 152 -47.47 11.61 -40.16
CA SER K 152 -47.03 11.21 -38.82
C SER K 152 -47.68 9.91 -38.38
N PRO K 153 -46.88 9.01 -37.77
CA PRO K 153 -47.41 7.77 -37.18
C PRO K 153 -48.35 8.08 -36.01
N VAL K 154 -49.46 7.36 -35.94
CA VAL K 154 -50.39 7.47 -34.82
C VAL K 154 -49.91 6.62 -33.65
N LYS K 155 -49.82 7.23 -32.47
CA LYS K 155 -49.31 6.52 -31.29
C LYS K 155 -50.44 6.05 -30.36
N ALA K 156 -51.68 6.38 -30.69
CA ALA K 156 -52.78 6.15 -29.75
C ALA K 156 -54.15 6.08 -30.44
N GLY K 157 -55.04 5.26 -29.88
CA GLY K 157 -56.42 5.21 -30.32
C GLY K 157 -56.67 4.15 -31.38
N VAL K 158 -55.64 3.36 -31.69
CA VAL K 158 -55.76 2.33 -32.71
C VAL K 158 -56.15 1.01 -32.05
N GLU K 159 -57.23 0.40 -32.55
CA GLU K 159 -57.57 -0.95 -32.13
C GLU K 159 -57.75 -1.86 -33.34
N THR K 160 -57.02 -2.97 -33.36
CA THR K 160 -57.02 -3.84 -34.53
C THR K 160 -57.28 -5.29 -34.15
N THR K 161 -58.18 -5.93 -34.89
CA THR K 161 -58.52 -7.33 -34.65
C THR K 161 -57.40 -8.25 -35.11
N THR K 162 -57.25 -9.38 -34.45
CA THR K 162 -56.54 -10.51 -35.01
C THR K 162 -57.44 -11.06 -36.09
N PRO K 163 -56.90 -11.31 -37.29
CA PRO K 163 -57.79 -11.79 -38.36
C PRO K 163 -58.29 -13.20 -38.10
N SER K 164 -59.42 -13.54 -38.71
CA SER K 164 -59.98 -14.89 -38.65
C SER K 164 -60.63 -15.30 -39.96
N LYS K 165 -61.09 -16.54 -40.03
CA LYS K 165 -61.77 -17.04 -41.21
C LYS K 165 -63.26 -16.74 -41.16
N TYR K 171 -58.96 -14.54 -44.99
CA TYR K 171 -59.09 -13.94 -43.66
C TYR K 171 -59.69 -12.54 -43.71
N ALA K 172 -60.17 -12.09 -42.55
CA ALA K 172 -60.68 -10.74 -42.39
C ALA K 172 -60.21 -10.09 -41.10
N ALA K 173 -59.95 -8.80 -41.17
CA ALA K 173 -59.47 -8.05 -40.03
C ALA K 173 -60.00 -6.60 -40.10
N SER K 174 -60.01 -5.94 -38.95
CA SER K 174 -60.53 -4.59 -38.83
C SER K 174 -59.57 -3.73 -38.05
N SER K 175 -59.47 -2.47 -38.42
CA SER K 175 -58.75 -1.51 -37.59
C SER K 175 -59.55 -0.24 -37.41
N TYR K 176 -59.58 0.27 -36.19
CA TYR K 176 -60.39 1.42 -35.85
C TYR K 176 -59.50 2.47 -35.23
N LEU K 177 -59.56 3.69 -35.76
CA LEU K 177 -58.85 4.79 -35.13
C LEU K 177 -59.85 5.71 -34.46
N SER K 178 -59.80 5.79 -33.14
CA SER K 178 -60.66 6.70 -32.40
C SER K 178 -60.05 8.09 -32.31
N LEU K 179 -60.81 9.08 -32.74
CA LEU K 179 -60.39 10.47 -32.71
C LEU K 179 -61.51 11.35 -32.16
N THR K 180 -61.12 12.56 -31.79
CA THR K 180 -62.07 13.62 -31.48
C THR K 180 -62.41 14.31 -32.81
N PRO K 181 -63.54 15.00 -32.86
CA PRO K 181 -63.93 15.70 -34.10
C PRO K 181 -62.91 16.74 -34.56
N GLU K 182 -62.28 17.42 -33.61
CA GLU K 182 -61.28 18.43 -33.97
C GLU K 182 -59.97 17.82 -34.44
N GLN K 183 -59.60 16.67 -33.90
CA GLN K 183 -58.45 15.93 -34.40
C GLN K 183 -58.68 15.55 -35.85
N TRP K 184 -59.88 15.03 -36.12
CA TRP K 184 -60.31 14.66 -37.47
C TRP K 184 -60.25 15.85 -38.43
N LYS K 185 -60.79 16.98 -38.01
CA LYS K 185 -60.86 18.15 -38.90
C LYS K 185 -59.51 18.85 -39.07
N SER K 186 -58.63 18.69 -38.08
CA SER K 186 -57.33 19.37 -38.06
C SER K 186 -56.42 19.01 -39.23
N HIS K 187 -56.15 17.72 -39.39
CA HIS K 187 -55.16 17.26 -40.35
C HIS K 187 -55.69 17.25 -41.78
N LYS K 188 -54.76 17.26 -42.74
CA LYS K 188 -55.11 17.23 -44.16
C LYS K 188 -55.76 15.89 -44.51
N SER K 189 -55.21 14.82 -43.95
CA SER K 189 -55.73 13.48 -44.19
C SER K 189 -55.27 12.50 -43.12
N TYR K 190 -55.93 11.34 -43.09
CA TYR K 190 -55.45 10.20 -42.33
C TYR K 190 -55.33 9.01 -43.27
N SER K 191 -54.40 8.11 -42.97
CA SER K 191 -54.18 6.96 -43.84
C SER K 191 -54.18 5.64 -43.09
N CYS K 192 -54.75 4.62 -43.72
CA CYS K 192 -54.67 3.26 -43.21
C CYS K 192 -53.69 2.50 -44.08
N GLN K 193 -52.67 1.94 -43.43
CA GLN K 193 -51.64 1.17 -44.12
C GLN K 193 -51.68 -0.29 -43.69
N VAL K 194 -51.89 -1.18 -44.66
CA VAL K 194 -51.99 -2.60 -44.38
C VAL K 194 -50.80 -3.33 -44.96
N THR K 195 -50.04 -4.01 -44.11
CA THR K 195 -48.85 -4.70 -44.54
C THR K 195 -49.12 -6.21 -44.61
N HIS K 196 -48.98 -6.74 -45.81
CA HIS K 196 -49.32 -8.13 -46.09
C HIS K 196 -48.35 -8.76 -47.09
N GLU K 197 -47.69 -9.83 -46.67
CA GLU K 197 -46.82 -10.63 -47.54
C GLU K 197 -45.84 -9.81 -48.38
N GLY K 198 -45.05 -8.97 -47.71
CA GLY K 198 -44.01 -8.21 -48.38
C GLY K 198 -44.46 -6.88 -48.95
N SER K 199 -45.76 -6.72 -49.16
CA SER K 199 -46.29 -5.50 -49.74
C SER K 199 -47.15 -4.71 -48.76
N THR K 200 -47.28 -3.42 -49.00
CA THR K 200 -48.13 -2.57 -48.18
C THR K 200 -49.13 -1.77 -49.02
N VAL K 201 -50.41 -1.96 -48.74
CA VAL K 201 -51.48 -1.25 -49.44
C VAL K 201 -52.00 -0.13 -48.55
N GLU K 202 -52.10 1.08 -49.09
CA GLU K 202 -52.56 2.22 -48.31
C GLU K 202 -53.82 2.86 -48.89
N LYS K 203 -54.72 3.26 -48.02
CA LYS K 203 -55.85 4.09 -48.43
C LYS K 203 -55.93 5.34 -47.55
N THR K 204 -56.43 6.43 -48.12
CA THR K 204 -56.45 7.69 -47.39
C THR K 204 -57.84 8.30 -47.34
N VAL K 205 -58.06 9.14 -46.33
CA VAL K 205 -59.38 9.75 -46.11
C VAL K 205 -59.19 11.17 -45.58
N ALA K 206 -60.09 12.07 -45.97
CA ALA K 206 -59.97 13.48 -45.61
C ALA K 206 -61.32 14.11 -45.36
N PRO K 207 -61.37 15.13 -44.49
CA PRO K 207 -62.56 15.97 -44.34
C PRO K 207 -62.84 16.78 -45.60
N GLN L 1 -63.22 -43.35 -20.89
CA GLN L 1 -62.06 -42.48 -21.11
C GLN L 1 -62.02 -41.46 -19.99
N VAL L 2 -60.82 -41.18 -19.48
CA VAL L 2 -60.67 -40.10 -18.51
C VAL L 2 -61.15 -38.79 -19.13
N HIS L 3 -62.05 -38.10 -18.43
CA HIS L 3 -62.71 -36.93 -19.00
C HIS L 3 -62.96 -35.90 -17.92
N LEU L 4 -62.47 -34.69 -18.13
CA LEU L 4 -62.61 -33.62 -17.15
C LEU L 4 -63.43 -32.49 -17.74
N GLN L 5 -64.35 -31.95 -16.95
CA GLN L 5 -65.15 -30.82 -17.40
C GLN L 5 -65.22 -29.75 -16.32
N GLU L 6 -64.63 -28.59 -16.61
CA GLU L 6 -64.63 -27.48 -15.67
C GLU L 6 -65.90 -26.66 -15.77
N SER L 7 -66.30 -26.08 -14.64
CA SER L 7 -67.41 -25.15 -14.61
C SER L 7 -67.14 -24.05 -13.60
N GLY L 8 -67.76 -22.89 -13.84
CA GLY L 8 -67.55 -21.70 -13.04
C GLY L 8 -68.54 -20.62 -13.44
N PRO L 9 -68.43 -19.44 -12.80
CA PRO L 9 -69.45 -18.40 -12.96
C PRO L 9 -69.30 -17.58 -14.24
N GLY L 10 -68.15 -17.69 -14.90
CA GLY L 10 -67.87 -16.92 -16.10
C GLY L 10 -67.48 -15.48 -15.83
N LEU L 11 -68.18 -14.85 -14.89
CA LEU L 11 -67.93 -13.47 -14.51
C LEU L 11 -67.80 -13.34 -13.00
N VAL L 12 -66.76 -12.65 -12.55
CA VAL L 12 -66.57 -12.39 -11.13
C VAL L 12 -66.23 -10.92 -10.92
N LYS L 13 -66.78 -10.32 -9.87
CA LYS L 13 -66.47 -8.93 -9.55
C LYS L 13 -65.14 -8.87 -8.81
N PRO L 14 -64.40 -7.77 -8.97
CA PRO L 14 -63.16 -7.56 -8.21
C PRO L 14 -63.38 -7.67 -6.71
N SER L 15 -62.44 -8.34 -6.02
CA SER L 15 -62.47 -8.57 -4.57
C SER L 15 -63.29 -9.80 -4.16
N GLU L 16 -64.09 -10.32 -5.09
CA GLU L 16 -64.93 -11.47 -4.80
C GLU L 16 -64.08 -12.73 -4.82
N THR L 17 -64.68 -13.86 -4.48
CA THR L 17 -63.98 -15.13 -4.54
C THR L 17 -64.41 -15.93 -5.77
N LEU L 18 -63.43 -16.38 -6.53
CA LEU L 18 -63.67 -17.24 -7.68
C LEU L 18 -63.76 -18.68 -7.21
N SER L 19 -64.82 -19.38 -7.60
CA SER L 19 -64.98 -20.78 -7.22
C SER L 19 -65.20 -21.64 -8.46
N LEU L 20 -64.31 -22.59 -8.68
CA LEU L 20 -64.39 -23.44 -9.87
C LEU L 20 -64.48 -24.90 -9.49
N THR L 21 -65.13 -25.68 -10.36
CA THR L 21 -65.29 -27.11 -10.15
C THR L 21 -64.79 -27.85 -11.38
N CYS L 22 -64.15 -29.00 -11.15
CA CYS L 22 -63.74 -29.87 -12.23
C CYS L 22 -64.38 -31.24 -12.02
N ASN L 23 -65.34 -31.55 -12.89
CA ASN L 23 -66.07 -32.81 -12.83
C ASN L 23 -65.27 -33.89 -13.54
N VAL L 24 -65.04 -35.00 -12.85
CA VAL L 24 -64.17 -36.05 -13.37
C VAL L 24 -64.93 -37.34 -13.66
N SER L 25 -64.69 -37.90 -14.84
CA SER L 25 -65.18 -39.22 -15.17
C SER L 25 -64.04 -40.09 -15.68
N GLY L 26 -64.23 -41.41 -15.62
CA GLY L 26 -63.30 -42.36 -16.20
C GLY L 26 -62.13 -42.67 -15.28
N THR L 27 -62.10 -42.00 -14.13
CA THR L 27 -61.13 -42.31 -13.08
C THR L 27 -61.65 -41.75 -11.75
N LEU L 28 -61.11 -42.27 -10.65
CA LEU L 28 -61.48 -41.78 -9.33
C LEU L 28 -60.45 -40.76 -8.85
N VAL L 29 -60.92 -39.69 -8.24
CA VAL L 29 -60.07 -38.54 -7.92
C VAL L 29 -58.96 -38.88 -6.92
N ARG L 30 -59.23 -39.82 -6.02
CA ARG L 30 -58.27 -40.23 -5.00
C ARG L 30 -57.02 -40.87 -5.63
N ASP L 31 -57.16 -41.36 -6.86
CA ASP L 31 -56.12 -42.17 -7.49
C ASP L 31 -55.19 -41.35 -8.39
N ASN L 32 -55.32 -40.03 -8.35
CA ASN L 32 -54.53 -39.17 -9.22
C ASN L 32 -54.08 -37.93 -8.48
N TYR L 33 -52.97 -37.35 -8.94
CA TYR L 33 -52.67 -35.97 -8.59
C TYR L 33 -53.51 -35.13 -9.54
N TRP L 34 -54.04 -34.03 -9.01
CA TRP L 34 -54.83 -33.10 -9.82
C TRP L 34 -54.24 -31.70 -9.76
N SER L 35 -54.03 -31.09 -10.91
CA SER L 35 -53.43 -29.76 -10.96
C SER L 35 -54.32 -28.74 -11.66
N TRP L 36 -54.50 -27.59 -11.02
CA TRP L 36 -55.16 -26.47 -11.64
C TRP L 36 -54.06 -25.64 -12.24
N ILE L 37 -54.37 -25.14 -13.43
CA ILE L 37 -53.45 -24.37 -14.24
C ILE L 37 -54.19 -23.18 -14.77
N ARG L 38 -53.56 -22.01 -14.87
CA ARG L 38 -54.32 -20.96 -15.54
C ARG L 38 -53.48 -20.39 -16.70
N GLN L 39 -54.21 -19.87 -17.70
CA GLN L 39 -53.64 -19.28 -18.92
C GLN L 39 -54.41 -18.00 -19.33
N PRO L 40 -53.84 -16.81 -19.08
CA PRO L 40 -54.43 -15.57 -19.58
C PRO L 40 -54.41 -15.46 -21.11
N LEU L 41 -55.35 -14.68 -21.66
CA LEU L 41 -55.41 -14.38 -23.09
C LEU L 41 -54.08 -13.88 -23.67
N GLY L 42 -53.60 -14.53 -24.72
CA GLY L 42 -52.41 -14.07 -25.41
C GLY L 42 -51.11 -14.36 -24.67
N LYS L 43 -51.20 -15.11 -23.58
CA LYS L 43 -50.05 -15.42 -22.75
C LYS L 43 -49.80 -16.91 -22.68
N GLN L 44 -48.74 -17.30 -21.99
CA GLN L 44 -48.39 -18.71 -21.86
C GLN L 44 -49.19 -19.25 -20.69
N PRO L 45 -49.31 -20.58 -20.59
CA PRO L 45 -50.04 -21.04 -19.42
C PRO L 45 -49.32 -20.70 -18.12
N GLU L 46 -50.14 -20.42 -17.11
CA GLU L 46 -49.68 -20.21 -15.76
C GLU L 46 -50.45 -21.24 -15.00
N TRP L 47 -49.75 -22.05 -14.33
CA TRP L 47 -50.25 -23.20 -13.58
C TRP L 47 -50.96 -22.61 -12.35
N ILE L 48 -51.35 -23.43 -11.38
CA ILE L 48 -51.99 -22.89 -10.18
C ILE L 48 -51.49 -23.66 -8.98
N GLY L 49 -51.51 -24.98 -9.11
CA GLY L 49 -51.13 -25.83 -8.00
C GLY L 49 -51.48 -27.28 -8.27
N TYR L 50 -50.98 -28.17 -7.43
CA TYR L 50 -51.39 -29.57 -7.52
C TYR L 50 -51.84 -30.07 -6.14
N VAL L 51 -52.79 -30.99 -6.15
CA VAL L 51 -53.40 -31.51 -4.95
C VAL L 51 -53.55 -33.02 -5.06
N HIS L 52 -53.40 -33.71 -3.94
CA HIS L 52 -53.57 -35.15 -3.89
C HIS L 52 -54.25 -35.51 -2.58
N ASP L 53 -55.05 -36.57 -2.59
CA ASP L 53 -55.79 -37.00 -1.41
C ASP L 53 -54.85 -37.34 -0.28
N SER L 54 -53.64 -37.72 -0.64
CA SER L 54 -52.58 -38.02 0.30
C SER L 54 -52.12 -36.81 1.12
N GLY L 55 -52.41 -35.61 0.64
CA GLY L 55 -51.87 -34.43 1.29
C GLY L 55 -50.60 -33.93 0.60
N ASP L 56 -50.18 -34.64 -0.44
CA ASP L 56 -49.01 -34.19 -1.17
C ASP L 56 -49.49 -33.11 -2.13
N THR L 57 -49.50 -31.89 -1.61
CA THR L 57 -50.20 -30.78 -2.22
C THR L 57 -49.33 -29.53 -2.16
N ASN L 58 -49.35 -28.73 -3.22
CA ASN L 58 -48.56 -27.52 -3.22
C ASN L 58 -49.17 -26.42 -4.11
N TYR L 59 -48.99 -25.17 -3.69
CA TYR L 59 -49.59 -24.03 -4.37
C TYR L 59 -48.50 -23.14 -4.94
N ASN L 60 -48.80 -22.52 -6.09
CA ASN L 60 -47.94 -21.49 -6.66
C ASN L 60 -47.72 -20.42 -5.59
N PRO L 61 -46.46 -20.18 -5.22
CA PRO L 61 -46.13 -19.21 -4.16
C PRO L 61 -46.74 -17.82 -4.38
N SER L 62 -46.86 -17.39 -5.63
CA SER L 62 -47.39 -16.05 -5.92
C SER L 62 -48.88 -15.95 -5.59
N LEU L 63 -49.54 -17.11 -5.47
CA LEU L 63 -50.98 -17.15 -5.24
C LEU L 63 -51.26 -17.74 -3.87
N LYS L 64 -50.19 -17.98 -3.10
CA LYS L 64 -50.24 -18.83 -1.92
C LYS L 64 -51.33 -18.47 -0.92
N SER L 65 -51.48 -17.19 -0.63
CA SER L 65 -52.40 -16.77 0.42
C SER L 65 -53.85 -16.69 -0.08
N ARG L 66 -54.05 -16.81 -1.39
CA ARG L 66 -55.38 -16.59 -1.95
C ARG L 66 -56.02 -17.86 -2.47
N VAL L 67 -55.26 -18.94 -2.59
CA VAL L 67 -55.73 -20.13 -3.29
C VAL L 67 -56.02 -21.32 -2.37
N HIS L 68 -57.04 -22.10 -2.71
CA HIS L 68 -57.35 -23.34 -2.03
C HIS L 68 -57.74 -24.39 -3.06
N LEU L 69 -57.14 -25.58 -2.96
CA LEU L 69 -57.50 -26.69 -3.83
C LEU L 69 -58.05 -27.83 -3.00
N SER L 70 -59.07 -28.53 -3.51
CA SER L 70 -59.66 -29.62 -2.75
C SER L 70 -60.08 -30.78 -3.64
N LEU L 71 -60.21 -31.97 -3.05
CA LEU L 71 -60.78 -33.10 -3.75
C LEU L 71 -62.07 -33.53 -3.03
N ASP L 72 -63.10 -33.83 -3.81
CA ASP L 72 -64.34 -34.36 -3.26
C ASP L 72 -64.53 -35.78 -3.80
N LYS L 73 -64.23 -36.75 -2.95
CA LYS L 73 -64.26 -38.17 -3.34
C LYS L 73 -65.69 -38.67 -3.56
N SER L 74 -66.64 -38.09 -2.82
CA SER L 74 -68.02 -38.56 -2.87
C SER L 74 -68.68 -38.18 -4.18
N LYS L 75 -68.34 -37.00 -4.69
CA LYS L 75 -68.92 -36.48 -5.92
C LYS L 75 -67.95 -36.68 -7.08
N ASN L 76 -66.76 -37.19 -6.77
CA ASN L 76 -65.71 -37.38 -7.77
C ASN L 76 -65.36 -36.10 -8.52
N LEU L 77 -65.01 -35.06 -7.78
CA LEU L 77 -64.64 -33.78 -8.40
C LEU L 77 -63.48 -33.09 -7.72
N VAL L 78 -62.92 -32.08 -8.39
CA VAL L 78 -61.79 -31.35 -7.84
C VAL L 78 -62.21 -29.89 -7.78
N SER L 79 -61.86 -29.17 -6.72
CA SER L 79 -62.33 -27.80 -6.61
C SER L 79 -61.20 -26.80 -6.43
N LEU L 80 -61.47 -25.56 -6.84
CA LEU L 80 -60.53 -24.47 -6.64
C LEU L 80 -61.29 -23.26 -6.10
N ARG L 81 -60.69 -22.57 -5.14
CA ARG L 81 -61.16 -21.25 -4.76
C ARG L 81 -60.00 -20.25 -4.75
N LEU L 82 -60.27 -19.05 -5.25
CA LEU L 82 -59.25 -18.01 -5.32
C LEU L 82 -59.87 -16.71 -4.82
N THR L 83 -59.37 -16.19 -3.71
CA THR L 83 -59.99 -15.03 -3.08
C THR L 83 -59.40 -13.72 -3.58
N GLY L 84 -60.11 -12.63 -3.29
CA GLY L 84 -59.66 -11.29 -3.61
C GLY L 84 -59.19 -11.09 -5.04
N VAL L 85 -59.98 -11.55 -5.99
CA VAL L 85 -59.59 -11.52 -7.39
C VAL L 85 -59.49 -10.10 -7.94
N THR L 86 -58.65 -9.93 -8.96
CA THR L 86 -58.58 -8.69 -9.72
C THR L 86 -58.55 -9.02 -11.21
N ALA L 87 -58.45 -8.00 -12.05
CA ALA L 87 -58.39 -8.19 -13.49
C ALA L 87 -57.22 -9.08 -13.91
N ALA L 88 -56.15 -9.06 -13.13
CA ALA L 88 -54.98 -9.90 -13.39
C ALA L 88 -55.29 -11.39 -13.32
N ASP L 89 -56.40 -11.74 -12.68
CA ASP L 89 -56.79 -13.14 -12.56
C ASP L 89 -57.69 -13.60 -13.70
N SER L 90 -58.02 -12.69 -14.61
CA SER L 90 -58.79 -13.06 -15.79
C SER L 90 -57.97 -13.98 -16.67
N ALA L 91 -58.54 -15.14 -17.02
CA ALA L 91 -57.82 -16.16 -17.78
C ALA L 91 -58.76 -17.31 -18.12
N ILE L 92 -58.29 -18.23 -18.95
CA ILE L 92 -58.94 -19.52 -19.06
C ILE L 92 -58.28 -20.45 -18.04
N TYR L 93 -59.11 -21.10 -17.24
CA TYR L 93 -58.65 -21.98 -16.17
C TYR L 93 -58.86 -23.45 -16.53
N TYR L 94 -57.84 -24.26 -16.29
CA TYR L 94 -57.92 -25.65 -16.68
C TYR L 94 -57.66 -26.56 -15.48
N CYS L 95 -58.42 -27.65 -15.45
CA CYS L 95 -58.23 -28.74 -14.50
C CYS L 95 -57.51 -29.81 -15.28
N ALA L 96 -56.58 -30.48 -14.62
CA ALA L 96 -55.73 -31.50 -15.26
C ALA L 96 -55.33 -32.61 -14.29
N THR L 97 -54.86 -33.72 -14.83
CA THR L 97 -54.32 -34.84 -14.03
C THR L 97 -52.80 -34.84 -14.15
N THR L 98 -52.13 -34.85 -12.99
CA THR L 98 -50.73 -34.48 -12.94
C THR L 98 -49.92 -35.71 -12.59
N LYS L 99 -49.00 -36.07 -13.48
CA LYS L 99 -48.18 -37.24 -13.20
C LYS L 99 -46.80 -36.78 -12.74
N HIS L 100 -46.13 -37.67 -12.02
CA HIS L 100 -44.89 -37.38 -11.32
C HIS L 100 -43.80 -38.24 -11.93
N GLY L 101 -42.60 -37.68 -12.12
CA GLY L 101 -41.47 -38.44 -12.59
C GLY L 101 -40.23 -38.05 -11.80
N ARG L 102 -39.22 -38.92 -11.78
CA ARG L 102 -37.96 -38.60 -11.11
C ARG L 102 -36.73 -38.73 -12.01
N ARG L 103 -35.85 -37.73 -11.94
CA ARG L 103 -34.54 -37.86 -12.56
C ARG L 103 -33.54 -38.42 -11.55
N ILE L 104 -33.04 -39.62 -11.82
CA ILE L 104 -32.23 -40.35 -10.86
C ILE L 104 -30.87 -40.67 -11.48
N TYR L 105 -29.80 -40.29 -10.79
CA TYR L 105 -28.45 -40.59 -11.29
C TYR L 105 -27.70 -41.52 -10.34
N GLY L 106 -26.38 -41.58 -10.52
CA GLY L 106 -25.52 -42.28 -9.58
C GLY L 106 -25.53 -41.52 -8.27
N VAL L 107 -25.14 -42.21 -7.20
CA VAL L 107 -25.17 -41.61 -5.87
C VAL L 107 -24.18 -40.44 -5.79
N VAL L 108 -23.16 -40.46 -6.66
CA VAL L 108 -22.21 -39.35 -6.74
C VAL L 108 -22.93 -38.05 -7.16
N ALA L 109 -24.08 -38.20 -7.81
CA ALA L 109 -24.88 -37.06 -8.27
C ALA L 109 -26.19 -36.87 -7.49
N PHE L 110 -26.25 -37.41 -6.26
CA PHE L 110 -27.45 -37.34 -5.42
C PHE L 110 -28.04 -35.93 -5.28
N LYS L 111 -27.20 -34.91 -5.11
CA LYS L 111 -27.69 -33.54 -5.00
C LYS L 111 -28.46 -33.11 -6.23
N GLU L 112 -28.24 -33.78 -7.35
CA GLU L 112 -28.89 -33.35 -8.58
C GLU L 112 -30.15 -34.16 -8.90
N TRP L 113 -30.53 -35.09 -8.02
CA TRP L 113 -31.80 -35.79 -8.19
C TRP L 113 -32.96 -34.84 -7.97
N PHE L 114 -34.02 -35.03 -8.74
CA PHE L 114 -35.18 -34.19 -8.58
C PHE L 114 -36.43 -34.83 -9.16
N THR L 115 -37.58 -34.34 -8.70
CA THR L 115 -38.85 -34.78 -9.23
C THR L 115 -39.44 -33.73 -10.15
N TYR L 116 -40.21 -34.17 -11.12
CA TYR L 116 -40.84 -33.21 -12.03
C TYR L 116 -42.27 -33.66 -12.22
N PHE L 117 -43.14 -32.73 -12.60
CA PHE L 117 -44.54 -33.05 -12.85
C PHE L 117 -44.91 -32.70 -14.28
N TYR L 118 -45.84 -33.46 -14.86
CA TYR L 118 -46.36 -33.15 -16.18
C TYR L 118 -47.87 -33.37 -16.16
N MET L 119 -48.59 -32.54 -16.91
CA MET L 119 -50.05 -32.56 -16.90
C MET L 119 -50.55 -33.32 -18.11
N ASP L 120 -51.03 -34.55 -17.91
CA ASP L 120 -51.28 -35.40 -19.08
C ASP L 120 -52.72 -35.41 -19.60
N VAL L 121 -53.69 -35.11 -18.74
CA VAL L 121 -55.08 -34.93 -19.20
C VAL L 121 -55.63 -33.60 -18.68
N TRP L 122 -56.24 -32.80 -19.99
CA TRP L 122 -56.79 -31.50 -19.66
C TRP L 122 -58.29 -31.49 -19.96
N GLY L 123 -59.01 -30.67 -19.21
CA GLY L 123 -60.41 -30.41 -19.49
C GLY L 123 -60.50 -29.43 -20.64
N LYS L 124 -61.71 -29.03 -20.99
CA LYS L 124 -61.89 -28.11 -22.10
C LYS L 124 -61.59 -26.69 -21.65
N GLY L 125 -61.60 -26.48 -20.34
CA GLY L 125 -61.31 -25.18 -19.78
C GLY L 125 -62.56 -24.39 -19.45
N THR L 126 -62.47 -23.54 -18.45
CA THR L 126 -63.56 -22.61 -18.17
C THR L 126 -63.05 -21.17 -18.19
N SER L 127 -63.80 -20.31 -18.86
CA SER L 127 -63.37 -18.93 -19.01
C SER L 127 -63.77 -18.11 -17.80
N VAL L 128 -62.81 -17.38 -17.25
CA VAL L 128 -63.08 -16.55 -16.11
C VAL L 128 -62.69 -15.11 -16.41
N THR L 129 -63.68 -14.23 -16.42
CA THR L 129 -63.37 -12.82 -16.59
C THR L 129 -63.69 -12.13 -15.28
N VAL L 130 -62.68 -11.47 -14.71
CA VAL L 130 -62.91 -10.66 -13.53
C VAL L 130 -62.96 -9.24 -14.05
N SER L 131 -64.16 -8.67 -14.09
CA SER L 131 -64.39 -7.30 -14.52
C SER L 131 -65.52 -6.75 -13.70
N SER L 132 -65.75 -5.45 -13.78
CA SER L 132 -66.91 -4.90 -13.11
C SER L 132 -67.82 -4.28 -14.16
N ALA L 133 -68.78 -5.06 -14.61
CA ALA L 133 -69.89 -4.54 -15.39
C ALA L 133 -71.13 -5.38 -15.12
N SER L 134 -72.21 -4.77 -14.67
CA SER L 134 -73.46 -5.50 -14.59
C SER L 134 -74.01 -5.78 -16.00
N THR L 135 -74.19 -4.70 -16.75
CA THR L 135 -74.67 -4.73 -18.14
C THR L 135 -74.22 -3.44 -18.80
N LYS L 136 -74.12 -3.45 -20.13
CA LYS L 136 -74.10 -2.20 -20.87
C LYS L 136 -74.64 -2.37 -22.30
N GLY L 137 -75.58 -1.53 -22.69
CA GLY L 137 -76.13 -1.57 -24.04
C GLY L 137 -75.28 -0.86 -25.09
N PRO L 138 -75.31 -1.35 -26.34
CA PRO L 138 -74.48 -0.77 -27.42
C PRO L 138 -75.05 0.54 -27.96
N SER L 139 -74.21 1.32 -28.64
CA SER L 139 -74.69 2.46 -29.43
C SER L 139 -74.53 2.09 -30.90
N VAL L 140 -75.55 2.31 -31.72
CA VAL L 140 -75.48 1.86 -33.11
C VAL L 140 -75.51 3.05 -34.07
N PHE L 141 -74.54 3.09 -34.98
CA PHE L 141 -74.46 4.19 -35.94
C PHE L 141 -74.33 3.67 -37.36
N PRO L 142 -74.93 4.38 -38.33
CA PRO L 142 -74.84 3.91 -39.72
C PRO L 142 -73.50 4.28 -40.36
N LEU L 143 -72.98 3.38 -41.20
CA LEU L 143 -71.79 3.66 -41.98
C LEU L 143 -72.22 3.89 -43.42
N ALA L 144 -72.36 5.15 -43.78
CA ALA L 144 -73.00 5.57 -45.02
C ALA L 144 -72.24 5.17 -46.28
N PRO L 145 -72.97 4.78 -47.34
CA PRO L 145 -72.36 4.46 -48.62
C PRO L 145 -71.87 5.76 -49.27
N SER L 146 -70.73 5.71 -49.95
CA SER L 146 -70.18 6.89 -50.60
C SER L 146 -69.51 6.55 -51.92
N SER L 147 -68.80 5.42 -51.93
CA SER L 147 -68.07 4.98 -53.11
C SER L 147 -67.74 3.49 -53.04
N GLY L 152 -66.27 0.55 -59.42
CA GLY L 152 -66.68 -0.80 -59.76
C GLY L 152 -68.19 -0.95 -59.81
N GLY L 153 -68.90 0.16 -59.65
CA GLY L 153 -70.36 0.10 -59.65
C GLY L 153 -70.88 -0.44 -58.33
N THR L 154 -69.96 -0.82 -57.44
CA THR L 154 -70.35 -1.37 -56.15
C THR L 154 -69.82 -0.48 -55.05
N ALA L 155 -70.56 -0.43 -53.95
CA ALA L 155 -70.19 0.35 -52.78
C ALA L 155 -70.33 -0.52 -51.54
N ALA L 156 -69.61 -0.17 -50.49
CA ALA L 156 -69.78 -0.86 -49.23
C ALA L 156 -70.58 0.05 -48.30
N LEU L 157 -71.05 -0.51 -47.19
CA LEU L 157 -72.20 0.04 -46.50
C LEU L 157 -72.19 -0.68 -45.18
N GLY L 158 -72.45 -0.01 -44.07
CA GLY L 158 -72.41 -0.75 -42.83
C GLY L 158 -73.09 -0.22 -41.60
N CYS L 159 -72.81 -0.88 -40.47
CA CYS L 159 -73.28 -0.42 -39.18
C CYS L 159 -72.18 -0.63 -38.14
N LEU L 160 -71.97 0.40 -37.33
CA LEU L 160 -71.01 0.35 -36.23
C LEU L 160 -71.75 0.09 -34.94
N VAL L 161 -71.31 -0.93 -34.20
CA VAL L 161 -71.91 -1.27 -32.92
C VAL L 161 -70.87 -0.99 -31.84
N LYS L 162 -71.05 0.12 -31.13
CA LYS L 162 -70.01 0.69 -30.29
C LYS L 162 -70.27 0.51 -28.80
N ASP L 163 -69.23 0.11 -28.08
CA ASP L 163 -69.18 0.18 -26.62
C ASP L 163 -70.27 -0.60 -25.90
N TYR L 164 -70.27 -1.92 -26.03
CA TYR L 164 -71.23 -2.74 -25.31
C TYR L 164 -70.54 -3.78 -24.44
N PHE L 165 -71.27 -4.33 -23.48
CA PHE L 165 -70.76 -5.41 -22.65
C PHE L 165 -71.93 -6.21 -22.06
N PRO L 166 -71.79 -7.54 -21.99
CA PRO L 166 -70.72 -8.36 -22.54
C PRO L 166 -71.03 -8.76 -23.97
N GLU L 167 -70.20 -9.62 -24.54
CA GLU L 167 -70.56 -10.35 -25.76
C GLU L 167 -71.76 -11.25 -25.49
N PRO L 168 -72.51 -11.61 -26.54
CA PRO L 168 -72.33 -11.24 -27.94
C PRO L 168 -73.38 -10.26 -28.44
N VAL L 169 -73.17 -9.75 -29.66
CA VAL L 169 -74.16 -8.96 -30.37
C VAL L 169 -74.44 -9.68 -31.69
N THR L 170 -75.71 -9.75 -32.09
CA THR L 170 -76.03 -10.28 -33.41
C THR L 170 -76.41 -9.15 -34.36
N VAL L 171 -75.90 -9.22 -35.58
CA VAL L 171 -76.27 -8.24 -36.59
C VAL L 171 -76.80 -8.95 -37.84
N SER L 172 -77.98 -8.53 -38.30
CA SER L 172 -78.51 -8.99 -39.57
C SER L 172 -78.81 -7.81 -40.46
N TRP L 173 -79.05 -8.05 -41.74
CA TRP L 173 -79.44 -6.98 -42.65
C TRP L 173 -80.81 -7.25 -43.24
N ASN L 174 -81.65 -6.23 -43.23
CA ASN L 174 -83.04 -6.35 -43.68
C ASN L 174 -83.76 -7.55 -43.06
N SER L 175 -83.59 -7.71 -41.75
CA SER L 175 -84.28 -8.76 -41.00
C SER L 175 -83.86 -10.19 -41.39
N GLY L 176 -82.86 -10.31 -42.24
CA GLY L 176 -82.43 -11.62 -42.70
C GLY L 176 -82.53 -11.76 -44.21
N ALA L 177 -83.14 -10.78 -44.87
CA ALA L 177 -83.29 -10.85 -46.33
C ALA L 177 -82.07 -10.29 -47.06
N LEU L 178 -80.95 -10.22 -46.35
CA LEU L 178 -79.67 -9.93 -46.99
C LEU L 178 -78.54 -10.60 -46.23
N THR L 179 -78.08 -11.76 -46.70
CA THR L 179 -76.98 -12.45 -46.04
C THR L 179 -75.74 -12.53 -46.91
N SER L 180 -75.87 -12.17 -48.18
CA SER L 180 -74.73 -12.15 -49.11
C SER L 180 -74.14 -10.77 -49.34
N GLY L 181 -72.81 -10.72 -49.36
CA GLY L 181 -72.11 -9.45 -49.43
C GLY L 181 -71.90 -9.05 -47.99
N VAL L 182 -72.50 -9.83 -47.08
CA VAL L 182 -72.54 -9.47 -45.69
C VAL L 182 -71.28 -10.00 -45.04
N HIS L 183 -70.61 -9.14 -44.29
CA HIS L 183 -69.48 -9.55 -43.48
C HIS L 183 -69.60 -8.91 -42.11
N THR L 184 -69.84 -9.71 -41.09
CA THR L 184 -69.88 -9.20 -39.72
C THR L 184 -68.57 -9.55 -39.03
N PHE L 185 -67.78 -8.53 -38.71
CA PHE L 185 -66.44 -8.74 -38.18
C PHE L 185 -66.53 -9.19 -36.73
N PRO L 186 -65.50 -9.92 -36.26
CA PRO L 186 -65.45 -10.24 -34.83
C PRO L 186 -65.21 -9.00 -33.99
N ALA L 187 -65.75 -8.99 -32.78
CA ALA L 187 -65.68 -7.80 -31.94
C ALA L 187 -64.26 -7.57 -31.43
N VAL L 188 -63.93 -6.31 -31.19
CA VAL L 188 -62.69 -5.94 -30.53
C VAL L 188 -62.96 -5.63 -29.06
N LEU L 189 -62.15 -6.20 -28.16
CA LEU L 189 -62.23 -5.82 -26.76
C LEU L 189 -61.30 -4.63 -26.50
N GLN L 190 -61.90 -3.49 -26.24
CA GLN L 190 -61.17 -2.23 -26.10
C GLN L 190 -60.52 -2.10 -24.74
N SER L 191 -59.58 -1.16 -24.62
CA SER L 191 -58.89 -0.90 -23.37
C SER L 191 -59.85 -0.45 -22.27
N SER L 192 -61.02 0.04 -22.68
CA SER L 192 -62.05 0.45 -21.74
C SER L 192 -62.73 -0.77 -21.10
N GLY L 193 -62.49 -1.94 -21.67
CA GLY L 193 -63.15 -3.15 -21.20
C GLY L 193 -64.51 -3.34 -21.85
N LEU L 194 -64.81 -2.46 -22.79
CA LEU L 194 -66.02 -2.58 -23.60
C LEU L 194 -65.69 -3.16 -24.96
N TYR L 195 -66.69 -3.75 -25.61
CA TYR L 195 -66.51 -4.29 -26.95
C TYR L 195 -67.09 -3.35 -27.99
N SER L 196 -66.57 -3.45 -29.21
CA SER L 196 -67.18 -2.82 -30.37
C SER L 196 -67.05 -3.75 -31.56
N LEU L 197 -68.00 -3.67 -32.48
CA LEU L 197 -67.87 -4.36 -33.76
C LEU L 197 -68.58 -3.63 -34.89
N SER L 198 -68.33 -4.07 -36.11
CA SER L 198 -68.95 -3.47 -37.29
C SER L 198 -69.44 -4.58 -38.20
N SER L 199 -70.47 -4.28 -38.99
CA SER L 199 -70.93 -5.22 -40.00
C SER L 199 -71.06 -4.45 -41.30
N VAL L 200 -70.68 -5.08 -42.41
CA VAL L 200 -70.74 -4.41 -43.70
C VAL L 200 -71.43 -5.25 -44.77
N VAL L 201 -72.01 -4.57 -45.75
CA VAL L 201 -72.54 -5.20 -46.94
C VAL L 201 -71.99 -4.48 -48.18
N THR L 202 -71.84 -5.25 -49.25
CA THR L 202 -71.40 -4.73 -50.54
C THR L 202 -72.59 -4.80 -51.49
N VAL L 203 -72.98 -3.65 -52.03
CA VAL L 203 -74.18 -3.55 -52.86
C VAL L 203 -73.90 -2.76 -54.13
N PRO L 204 -74.68 -3.01 -55.18
CA PRO L 204 -74.58 -2.20 -56.41
C PRO L 204 -74.98 -0.76 -56.14
N SER L 205 -74.22 0.17 -56.71
CA SER L 205 -74.38 1.58 -56.39
C SER L 205 -75.71 2.15 -56.88
N SER L 206 -76.36 1.45 -57.80
CA SER L 206 -77.59 1.96 -58.42
C SER L 206 -78.76 1.94 -57.44
N GLY L 209 -81.34 3.55 -56.66
CA GLY L 209 -82.07 3.85 -55.44
C GLY L 209 -83.19 2.87 -55.18
N THR L 210 -82.96 1.60 -55.52
CA THR L 210 -83.97 0.58 -55.29
C THR L 210 -84.10 0.18 -53.81
N GLN L 211 -83.46 -0.92 -53.44
CA GLN L 211 -83.69 -1.54 -52.13
C GLN L 211 -83.30 -0.66 -50.95
N THR L 212 -83.94 -0.91 -49.81
CA THR L 212 -83.65 -0.19 -48.58
C THR L 212 -82.73 -1.05 -47.71
N TYR L 213 -81.73 -0.43 -47.08
CA TYR L 213 -80.79 -1.18 -46.26
C TYR L 213 -80.88 -0.81 -44.79
N ILE L 214 -81.26 -1.79 -43.98
CA ILE L 214 -81.43 -1.63 -42.54
C ILE L 214 -80.64 -2.70 -41.83
N CYS L 215 -79.83 -2.31 -40.86
CA CYS L 215 -79.16 -3.29 -40.01
C CYS L 215 -79.92 -3.50 -38.71
N ASN L 216 -80.08 -4.76 -38.34
CA ASN L 216 -80.76 -5.11 -37.11
C ASN L 216 -79.76 -5.67 -36.13
N VAL L 217 -79.58 -4.96 -35.03
CA VAL L 217 -78.59 -5.30 -34.03
C VAL L 217 -79.32 -5.75 -32.77
N ASN L 218 -78.96 -6.89 -32.23
CA ASN L 218 -79.53 -7.32 -30.98
C ASN L 218 -78.47 -7.66 -29.94
N HIS L 219 -78.61 -7.08 -28.76
CA HIS L 219 -77.74 -7.39 -27.64
C HIS L 219 -78.57 -7.99 -26.52
N LYS L 220 -78.66 -9.32 -26.50
CA LYS L 220 -79.52 -10.02 -25.54
C LYS L 220 -79.26 -9.72 -24.05
N PRO L 221 -77.98 -9.76 -23.60
CA PRO L 221 -77.70 -9.45 -22.20
C PRO L 221 -78.27 -8.13 -21.66
N SER L 222 -78.44 -7.14 -22.53
CA SER L 222 -79.01 -5.86 -22.11
C SER L 222 -80.41 -5.64 -22.64
N ASN L 223 -80.98 -6.69 -23.25
CA ASN L 223 -82.30 -6.60 -23.85
C ASN L 223 -82.39 -5.43 -24.82
N THR L 224 -81.32 -5.23 -25.61
CA THR L 224 -81.30 -4.15 -26.58
C THR L 224 -81.47 -4.68 -27.99
N LYS L 225 -82.41 -4.10 -28.72
CA LYS L 225 -82.59 -4.37 -30.15
C LYS L 225 -82.68 -3.03 -30.86
N VAL L 226 -81.89 -2.83 -31.91
CA VAL L 226 -81.91 -1.58 -32.66
C VAL L 226 -81.95 -1.84 -34.17
N ASP L 227 -82.86 -1.20 -34.87
CA ASP L 227 -82.86 -1.23 -36.33
C ASP L 227 -82.40 0.12 -36.86
N LYS L 228 -81.38 0.10 -37.71
CA LYS L 228 -80.76 1.33 -38.19
C LYS L 228 -80.75 1.38 -39.71
N ARG L 229 -81.42 2.38 -40.27
CA ARG L 229 -81.42 2.59 -41.71
C ARG L 229 -80.11 3.24 -42.14
N VAL L 230 -79.51 2.72 -43.20
CA VAL L 230 -78.24 3.23 -43.69
C VAL L 230 -78.38 3.86 -45.08
N GLU L 231 -78.22 5.16 -45.15
CA GLU L 231 -78.44 5.90 -46.39
C GLU L 231 -77.20 6.69 -46.78
N PRO L 232 -77.01 6.91 -48.10
CA PRO L 232 -75.99 7.82 -48.61
C PRO L 232 -76.12 9.22 -48.02
C1 NAG M . 6.41 25.62 -38.29
C2 NAG M . 6.59 24.39 -39.19
C3 NAG M . 6.87 24.67 -40.68
C4 NAG M . 6.51 26.06 -41.20
C5 NAG M . 6.41 27.11 -40.10
C6 NAG M . 5.71 28.35 -40.65
C7 NAG M . 8.88 23.90 -38.38
C8 NAG M . 9.53 23.17 -37.25
N2 NAG M . 7.62 23.52 -38.66
O3 NAG M . 6.16 23.69 -41.40
O4 NAG M . 7.48 26.52 -42.13
O5 NAG M . 5.69 26.62 -38.99
O6 NAG M . 5.57 29.31 -39.62
O7 NAG M . 9.49 24.77 -38.99
C1 NAG M . 7.69 25.61 -43.23
C2 NAG M . 7.42 26.29 -44.57
C3 NAG M . 7.54 25.30 -45.72
C4 NAG M . 8.82 24.47 -45.63
C5 NAG M . 9.12 24.02 -44.21
C6 NAG M . 10.53 23.45 -44.12
C7 NAG M . 5.95 28.21 -44.81
C8 NAG M . 4.56 28.74 -44.66
N2 NAG M . 6.11 26.91 -44.57
O3 NAG M . 7.52 26.03 -46.94
O4 NAG M . 8.71 23.33 -46.45
O5 NAG M . 8.99 25.06 -43.27
O6 NAG M . 11.46 24.48 -44.40
O7 NAG M . 6.88 28.95 -45.14
C1 BMA M . 9.33 23.51 -47.74
C2 BMA M . 9.44 22.15 -48.42
C3 BMA M . 9.96 22.26 -49.86
C4 BMA M . 9.28 23.40 -50.61
C5 BMA M . 9.24 24.67 -49.77
C6 BMA M . 8.46 25.75 -50.49
O2 BMA M . 8.18 21.54 -48.43
O3 BMA M . 9.71 21.04 -50.51
O4 BMA M . 9.99 23.64 -51.81
O5 BMA M . 8.58 24.38 -48.56
O6 BMA M . 7.18 25.24 -50.80
C1 MAN M . 6.35 26.29 -51.31
C2 MAN M . 4.89 25.92 -51.13
C3 MAN M . 4.55 24.67 -51.93
C4 MAN M . 5.03 24.82 -53.38
C5 MAN M . 6.49 25.26 -53.37
C6 MAN M . 7.08 25.43 -54.76
O2 MAN M . 4.08 26.99 -51.57
O3 MAN M . 3.15 24.46 -51.85
O4 MAN M . 4.93 23.59 -54.07
O5 MAN M . 6.59 26.48 -52.67
O6 MAN M . 8.32 26.09 -54.61
C1 MAN M . 2.87 23.04 -51.82
C2 MAN M . 1.85 22.73 -52.90
C3 MAN M . 0.56 23.47 -52.58
C4 MAN M . 0.09 23.08 -51.19
C5 MAN M . 1.20 23.28 -50.16
C6 MAN M . 0.78 22.75 -48.80
O2 MAN M . 1.61 21.34 -52.95
O3 MAN M . -0.43 23.13 -53.53
O4 MAN M . -1.03 23.86 -50.83
O5 MAN M . 2.37 22.59 -50.57
O6 MAN M . 1.79 22.98 -47.86
C1 MAN M . 9.20 25.69 -55.67
C2 MAN M . 10.65 25.74 -55.18
C3 MAN M . 11.01 27.18 -54.82
C4 MAN M . 10.75 28.03 -56.05
C5 MAN M . 9.27 27.90 -56.38
C6 MAN M . 8.80 28.85 -57.48
O2 MAN M . 11.51 25.31 -56.21
O3 MAN M . 12.37 27.28 -54.44
O4 MAN M . 11.13 29.37 -55.81
O5 MAN M . 9.04 26.57 -56.77
O6 MAN M . 7.39 28.88 -57.49
C1 MAN M . 10.94 20.41 -50.90
C2 MAN M . 10.66 19.32 -51.92
C3 MAN M . 9.82 18.22 -51.26
C4 MAN M . 10.55 17.72 -50.03
C5 MAN M . 10.92 18.87 -49.11
C6 MAN M . 11.75 18.40 -47.93
O2 MAN M . 11.86 18.77 -52.39
O3 MAN M . 9.62 17.16 -52.16
O4 MAN M . 9.72 16.80 -49.32
O5 MAN M . 11.65 19.85 -49.82
O6 MAN M . 11.98 19.47 -47.04
C1 NAG N . 8.52 19.92 -18.47
C2 NAG N . 9.25 21.24 -18.44
C3 NAG N . 8.71 22.13 -17.32
C4 NAG N . 7.18 22.09 -17.20
C5 NAG N . 6.51 20.82 -17.72
C6 NAG N . 5.08 21.13 -18.16
C7 NAG N . 11.55 21.32 -19.23
C8 NAG N . 12.96 20.86 -19.04
N2 NAG N . 10.68 21.02 -18.26
O3 NAG N . 9.14 23.45 -17.59
O4 NAG N . 6.78 22.18 -15.84
O5 NAG N . 7.18 20.23 -18.80
O6 NAG N . 4.45 19.96 -18.61
O7 NAG N . 11.23 21.93 -20.24
C1 NAG N . 7.26 23.37 -15.19
C2 NAG N . 6.10 24.32 -14.89
C3 NAG N . 6.64 25.63 -14.31
C4 NAG N . 7.62 25.37 -13.16
C5 NAG N . 8.59 24.23 -13.45
C6 NAG N . 9.31 23.81 -12.17
C7 NAG N . 4.01 24.20 -16.10
C8 NAG N . 3.31 24.36 -17.42
N2 NAG N . 5.30 24.57 -16.07
O3 NAG N . 5.56 26.40 -13.84
O4 NAG N . 8.39 26.52 -12.92
O5 NAG N . 7.94 23.10 -13.98
O6 NAG N . 8.38 23.20 -11.30
O7 NAG N . 3.42 23.76 -15.13
C1 BMA N . 7.93 27.17 -11.73
C2 BMA N . 9.01 28.13 -11.24
C3 BMA N . 8.55 28.98 -10.07
C4 BMA N . 7.13 29.50 -10.27
C5 BMA N . 6.20 28.39 -10.76
C6 BMA N . 4.83 28.95 -11.10
O2 BMA N . 9.40 28.96 -12.31
O3 BMA N . 9.44 30.07 -9.94
O4 BMA N . 6.64 30.01 -9.05
O5 BMA N . 6.73 27.86 -11.95
O6 BMA N . 5.01 29.89 -12.13
C1 MAN N . 3.75 30.23 -12.71
C2 MAN N . 3.96 30.82 -14.09
C3 MAN N . 4.79 32.11 -14.01
C4 MAN N . 4.21 33.06 -12.96
C5 MAN N . 4.00 32.27 -11.67
C6 MAN N . 3.50 33.08 -10.48
O2 MAN N . 2.71 31.10 -14.68
O3 MAN N . 4.82 32.70 -15.29
O4 MAN N . 5.09 34.13 -12.71
O5 MAN N . 3.11 31.21 -11.92
O6 MAN N . 2.99 32.11 -9.58
C1 MAN N . 6.12 33.27 -15.53
C2 MAN N . 5.94 34.72 -15.93
C3 MAN N . 5.13 34.77 -17.22
C4 MAN N . 5.83 33.93 -18.29
C5 MAN N . 6.14 32.53 -17.77
C6 MAN N . 6.98 31.76 -18.78
O2 MAN N . 7.19 35.33 -16.14
O3 MAN N . 5.02 36.10 -17.66
O4 MAN N . 5.01 33.85 -19.43
O5 MAN N . 6.84 32.60 -16.54
O6 MAN N . 7.24 30.46 -18.29
C1 MAN N . 2.79 32.64 -8.27
C2 MAN N . 2.93 31.52 -7.27
C3 MAN N . 1.98 30.39 -7.66
C4 MAN N . 0.57 30.92 -7.83
C5 MAN N . 0.55 32.19 -8.68
C6 MAN N . -0.83 32.81 -8.76
O2 MAN N . 2.60 31.98 -5.97
O3 MAN N . 2.00 29.39 -6.67
O4 MAN N . -0.24 29.94 -8.44
O5 MAN N . 1.47 33.14 -8.16
O6 MAN N . -0.80 33.88 -9.69
C1 MAN N . 10.13 30.01 -8.68
C2 MAN N . 10.80 31.35 -8.42
C3 MAN N . 11.86 31.60 -9.49
C4 MAN N . 12.85 30.43 -9.49
C5 MAN N . 12.11 29.10 -9.61
C6 MAN N . 13.08 27.93 -9.48
O2 MAN N . 11.40 31.34 -7.14
O3 MAN N . 12.54 32.79 -9.21
O4 MAN N . 13.75 30.58 -10.56
O5 MAN N . 11.11 28.99 -8.63
O6 MAN N . 12.39 26.72 -9.69
C1 NAG O . 36.07 -0.74 -25.32
C2 NAG O . 36.31 -0.69 -23.83
C3 NAG O . 36.24 0.73 -23.28
C4 NAG O . 36.68 1.82 -24.26
C5 NAG O . 36.70 1.44 -25.74
C6 NAG O . 37.75 2.27 -26.47
C7 NAG O . 35.66 -2.55 -22.43
C8 NAG O . 35.01 -3.82 -22.85
N2 NAG O . 35.32 -1.48 -23.13
O3 NAG O . 37.04 0.75 -22.12
O4 NAG O . 35.81 2.93 -24.15
O5 NAG O . 37.02 0.10 -25.94
O6 NAG O . 37.66 2.02 -27.85
O7 NAG O . 36.46 -2.54 -21.51
C1 NAG O . 35.79 3.41 -22.79
C2 NAG O . 36.58 4.70 -22.65
C3 NAG O . 36.71 5.03 -21.17
C4 NAG O . 35.36 4.95 -20.47
C5 NAG O . 34.59 3.69 -20.84
C6 NAG O . 33.18 3.70 -20.25
C7 NAG O . 38.19 5.18 -24.42
C8 NAG O . 39.58 5.00 -24.92
N2 NAG O . 37.89 4.59 -23.26
O3 NAG O . 37.26 6.32 -21.05
O4 NAG O . 35.51 4.97 -19.06
O5 NAG O . 34.49 3.57 -22.24
O6 NAG O . 32.41 4.70 -20.88
O7 NAG O . 37.36 5.83 -25.06
C1 BMA O . 35.37 6.31 -18.57
C2 BMA O . 35.37 6.30 -17.05
C3 BMA O . 35.31 7.72 -16.49
C4 BMA O . 36.28 8.67 -17.20
C5 BMA O . 36.18 8.50 -18.71
C6 BMA O . 37.24 9.32 -19.42
O2 BMA O . 36.54 5.66 -16.59
O3 BMA O . 35.63 7.66 -15.11
O4 BMA O . 35.98 9.99 -16.85
O5 BMA O . 36.41 7.15 -19.02
O6 BMA O . 38.50 8.89 -18.95
C1 MAN O . 39.54 9.51 -19.72
C2 MAN O . 40.84 8.76 -19.55
C3 MAN O . 41.31 8.81 -18.10
C4 MAN O . 41.30 10.25 -17.58
C5 MAN O . 39.95 10.88 -17.89
C6 MAN O . 39.79 12.31 -17.41
O2 MAN O . 41.83 9.34 -20.38
O3 MAN O . 42.59 8.22 -18.02
O4 MAN O . 41.52 10.29 -16.18
O5 MAN O . 39.74 10.84 -19.29
O6 MAN O . 38.76 12.86 -18.20
C1 MAN O . 42.70 7.46 -16.80
C2 MAN O . 43.95 7.91 -16.07
C3 MAN O . 45.17 7.61 -16.94
C4 MAN O . 45.18 6.14 -17.30
C5 MAN O . 43.84 5.71 -17.88
C6 MAN O . 43.80 4.20 -18.10
O2 MAN O . 44.06 7.22 -14.85
O3 MAN O . 46.35 7.95 -16.25
O4 MAN O . 46.20 5.89 -18.23
O5 MAN O . 42.78 6.07 -17.02
O6 MAN O . 42.56 3.83 -18.66
C1 MAN O . 38.23 14.06 -17.60
C2 MAN O . 36.77 14.18 -18.00
C3 MAN O . 36.67 14.11 -19.51
C4 MAN O . 37.60 15.14 -20.16
C5 MAN O . 38.99 15.09 -19.54
C6 MAN O . 39.90 16.18 -20.06
O2 MAN O . 36.26 15.41 -17.55
O3 MAN O . 35.33 14.37 -19.91
O4 MAN O . 37.69 14.89 -21.54
O5 MAN O . 38.90 15.17 -18.13
O6 MAN O . 41.21 15.97 -19.57
C1 MAN O . 34.47 8.03 -14.34
C2 MAN O . 34.91 8.31 -12.90
C3 MAN O . 35.47 7.03 -12.29
C4 MAN O . 34.42 5.93 -12.38
C5 MAN O . 33.90 5.79 -13.81
C6 MAN O . 32.76 4.79 -13.88
O2 MAN O . 33.81 8.76 -12.14
O3 MAN O . 35.81 7.25 -10.94
O4 MAN O . 34.97 4.71 -11.95
O5 MAN O . 33.47 7.04 -14.30
O6 MAN O . 32.39 4.60 -15.23
C1 NAG P . 23.45 19.69 -18.84
C2 NAG P . 24.25 20.88 -19.35
C3 NAG P . 25.43 21.26 -18.45
C4 NAG P . 25.21 20.96 -16.95
C5 NAG P . 24.33 19.74 -16.71
C6 NAG P . 24.00 19.61 -15.23
C7 NAG P . 24.01 20.79 -21.77
C8 NAG P . 24.46 20.12 -23.03
N2 NAG P . 24.74 20.57 -20.68
O3 NAG P . 25.64 22.64 -18.67
O4 NAG P . 26.43 20.70 -16.30
O5 NAG P . 23.15 19.84 -17.47
O6 NAG P . 23.65 18.27 -14.94
O7 NAG P . 23.01 21.51 -21.75
C1 NAG P . 27.31 21.84 -16.32
C2 NAG P . 27.49 22.44 -14.93
C3 NAG P . 28.29 23.73 -15.05
C4 NAG P . 29.53 23.56 -15.92
C5 NAG P . 29.27 22.75 -17.18
C6 NAG P . 30.57 22.39 -17.88
C7 NAG P . 25.90 22.08 -13.14
C8 NAG P . 24.50 22.27 -12.65
N2 NAG P . 26.22 22.68 -14.29
O3 NAG P . 28.65 24.16 -13.76
O4 NAG P . 30.03 24.82 -16.32
O5 NAG P . 28.58 21.56 -16.87
O6 NAG P . 31.33 21.53 -17.07
O7 NAG P . 26.70 21.41 -12.49
C1 BMA P . 31.10 25.23 -15.46
C2 BMA P . 31.84 26.41 -16.11
C3 BMA P . 32.91 27.00 -15.19
C4 BMA P . 32.40 27.16 -13.76
C5 BMA P . 31.68 25.90 -13.29
C6 BMA P . 31.08 26.10 -11.91
O2 BMA P . 30.91 27.41 -16.44
O3 BMA P . 33.28 28.25 -15.70
O4 BMA P . 33.50 27.41 -12.90
O5 BMA P . 30.63 25.62 -14.19
O6 BMA P . 30.23 27.22 -11.97
C1 MAN P . 29.50 27.33 -10.74
C2 MAN P . 28.24 28.16 -10.95
C3 MAN P . 28.61 29.58 -11.37
C4 MAN P . 29.63 30.17 -10.42
C5 MAN P . 30.78 29.18 -10.26
C6 MAN P . 31.91 29.66 -9.35
O2 MAN P . 27.50 28.19 -9.77
O3 MAN P . 27.42 30.34 -11.42
O4 MAN P . 30.15 31.39 -10.91
O5 MAN P . 30.28 27.96 -9.76
O6 MAN P . 32.58 28.50 -8.93
C1 MAN P . 27.48 31.27 -12.52
C2 MAN P . 27.18 32.66 -12.00
C3 MAN P . 25.77 32.67 -11.43
C4 MAN P . 24.79 32.18 -12.49
C5 MAN P . 25.24 30.86 -13.10
C6 MAN P . 24.34 30.47 -14.27
O2 MAN P . 27.27 33.60 -13.06
O3 MAN P . 25.42 33.97 -11.02
O4 MAN P . 23.50 32.03 -11.93
O5 MAN P . 26.57 30.94 -13.55
O6 MAN P . 24.77 29.23 -14.79
C1 MAN P . 33.87 28.82 -8.38
C2 MAN P . 34.81 27.64 -8.65
C3 MAN P . 34.16 26.38 -8.09
C4 MAN P . 33.77 26.58 -6.63
C5 MAN P . 33.03 27.89 -6.43
C6 MAN P . 32.75 28.19 -4.96
O2 MAN P . 36.05 27.86 -8.01
O3 MAN P . 35.07 25.30 -8.20
O4 MAN P . 32.95 25.51 -6.22
O5 MAN P . 33.78 28.96 -6.99
O6 MAN P . 31.94 29.33 -4.87
C1 MAN P . 34.66 28.23 -16.13
C2 MAN P . 35.14 29.67 -16.31
C3 MAN P . 34.35 30.33 -17.44
C4 MAN P . 34.47 29.48 -18.70
C5 MAN P . 34.10 28.03 -18.43
C6 MAN P . 34.35 27.17 -19.65
O2 MAN P . 36.51 29.66 -16.64
O3 MAN P . 34.83 31.62 -17.68
O4 MAN P . 33.61 30.00 -19.70
O5 MAN P . 34.85 27.53 -17.33
O6 MAN P . 33.91 25.85 -19.39
C1 NAG Q . 30.22 11.57 -38.13
C2 NAG Q . 31.38 12.35 -37.52
C3 NAG Q . 31.21 13.84 -37.81
C4 NAG Q . 30.64 14.16 -39.21
C5 NAG Q . 29.89 13.02 -39.92
C6 NAG Q . 30.06 13.15 -41.43
C7 NAG Q . 32.60 11.76 -35.52
C8 NAG Q . 32.54 11.41 -34.06
N2 NAG Q . 31.46 12.14 -36.09
O3 NAG Q . 32.50 14.42 -37.68
O4 NAG Q . 29.71 15.23 -39.11
O5 NAG Q . 30.33 11.74 -39.52
O6 NAG Q . 29.51 12.01 -42.06
O7 NAG Q . 33.67 11.69 -36.13
C1 NAG Q . 30.35 16.39 -38.53
C2 NAG Q . 30.43 17.54 -39.53
C3 NAG Q . 31.24 18.70 -38.96
C4 NAG Q . 30.87 18.96 -37.49
C5 NAG Q . 30.70 17.70 -36.65
C6 NAG Q . 30.18 18.06 -35.26
C7 NAG Q . 30.29 17.04 -41.92
C8 NAG Q . 30.98 16.40 -43.09
N2 NAG Q . 31.00 17.10 -40.79
O3 NAG Q . 30.91 19.84 -39.73
O4 NAG Q . 31.70 19.93 -36.85
O5 NAG Q . 29.79 16.83 -37.31
O6 NAG Q . 29.12 18.97 -35.34
O7 NAG Q . 29.15 17.48 -42.03
C1 BMA Q . 31.01 21.20 -36.91
C2 BMA Q . 31.58 22.08 -35.80
C3 BMA Q . 31.25 23.56 -35.94
C4 BMA Q . 31.27 24.04 -37.39
C5 BMA Q . 30.54 23.05 -38.29
C6 BMA Q . 30.67 23.47 -39.75
O2 BMA Q . 32.98 21.91 -35.84
O3 BMA Q . 32.22 24.27 -35.20
O4 BMA Q . 30.64 25.31 -37.47
O5 BMA Q . 31.17 21.80 -38.17
O6 BMA Q . 32.03 23.42 -40.09
C1 MAN Q . 31.63 24.92 -34.06
C2 MAN Q . 32.66 25.86 -33.43
C3 MAN Q . 33.81 25.06 -32.85
C4 MAN Q . 33.26 24.06 -31.84
C5 MAN Q . 32.16 23.22 -32.48
C6 MAN Q . 31.52 22.30 -31.45
O2 MAN Q . 32.05 26.67 -32.44
O3 MAN Q . 34.73 25.92 -32.21
O4 MAN Q . 34.30 23.22 -31.40
O5 MAN Q . 31.16 24.04 -33.06
O6 MAN Q . 30.60 21.44 -32.09
C1 MAN Q . 32.27 28.05 -32.78
C2 MAN Q . 31.85 28.99 -31.65
C3 MAN Q . 30.35 28.88 -31.43
C4 MAN Q . 29.62 29.18 -32.73
C5 MAN Q . 30.17 28.31 -33.86
C6 MAN Q . 29.60 28.68 -35.22
O2 MAN Q . 32.19 30.31 -31.99
O3 MAN Q . 29.97 29.80 -30.44
O4 MAN Q . 28.24 28.91 -32.55
O5 MAN Q . 31.58 28.44 -33.95
O6 MAN Q . 30.63 28.42 -36.15
C1 MAN Q . 33.62 30.49 -31.98
C2 MAN Q . 33.94 31.83 -31.34
C3 MAN Q . 33.28 32.93 -32.15
C4 MAN Q . 33.68 32.81 -33.61
C5 MAN Q . 33.49 31.39 -34.12
C6 MAN Q . 34.03 31.25 -35.55
O2 MAN Q . 35.34 32.03 -31.32
O3 MAN Q . 33.67 34.19 -31.65
O4 MAN Q . 32.90 33.70 -34.38
O5 MAN Q . 34.17 30.49 -33.28
O6 MAN Q . 35.43 31.28 -35.52
C1 MAN Q . 32.19 23.65 -41.49
C2 MAN Q . 33.52 23.07 -41.96
C3 MAN Q . 34.69 23.77 -41.28
C4 MAN Q . 34.54 25.28 -41.47
C5 MAN Q . 33.15 25.69 -40.97
C6 MAN Q . 32.98 27.20 -41.00
O2 MAN Q . 33.63 23.19 -43.36
O3 MAN Q . 35.90 23.27 -41.82
O4 MAN Q . 35.49 26.02 -40.76
O5 MAN Q . 32.18 25.04 -41.76
O6 MAN Q . 32.27 27.59 -39.84
C1 MAN Q . 36.94 23.35 -40.83
C2 MAN Q . 38.07 24.21 -41.37
C3 MAN Q . 38.80 23.50 -42.51
C4 MAN Q . 39.19 22.10 -42.09
C5 MAN Q . 37.99 21.35 -41.50
C6 MAN Q . 38.42 19.98 -40.99
O2 MAN Q . 38.97 24.57 -40.34
O3 MAN Q . 39.95 24.23 -42.88
O4 MAN Q . 39.67 21.39 -43.22
O5 MAN Q . 37.45 22.10 -40.43
O6 MAN Q . 37.31 19.32 -40.44
C1 MAN Q . 38.82 25.99 -40.10
C2 MAN Q . 40.14 26.56 -39.61
C3 MAN Q . 40.50 25.91 -38.28
C4 MAN Q . 39.34 26.10 -37.30
C5 MAN Q . 38.03 25.63 -37.93
C6 MAN Q . 36.86 25.94 -37.00
O2 MAN Q . 40.03 27.95 -39.45
O3 MAN Q . 41.67 26.52 -37.76
O4 MAN Q . 39.60 25.35 -36.12
O5 MAN Q . 37.82 26.28 -39.17
O6 MAN Q . 35.67 25.43 -37.55
C1 MAN R . 29.13 28.07 -40.37
C2 MAN R . 27.69 28.41 -40.67
C3 MAN R . 27.25 27.69 -41.93
C4 MAN R . 28.22 27.88 -43.09
C5 MAN R . 29.68 27.78 -42.65
C6 MAN R . 30.37 29.13 -42.79
O2 MAN R . 27.58 29.79 -40.92
O3 MAN R . 25.99 28.19 -42.31
O4 MAN R . 27.95 26.91 -44.07
O5 MAN R . 29.80 27.28 -41.33
O6 MAN R . 31.25 29.09 -43.90
C1 MAN R . 27.56 30.47 -39.66
C2 MAN R . 26.40 31.44 -39.71
C3 MAN R . 26.59 32.35 -40.91
C4 MAN R . 27.95 33.03 -40.83
C5 MAN R . 29.07 32.02 -40.56
C6 MAN R . 30.39 32.73 -40.28
O2 MAN R . 26.39 32.19 -38.52
O3 MAN R . 25.57 33.32 -40.94
O4 MAN R . 28.21 33.72 -42.03
O5 MAN R . 28.74 31.22 -39.46
O6 MAN R . 31.39 31.78 -40.01
C1 NAG S . 3.09 25.09 38.77
C2 NAG S . 4.58 25.41 38.58
C3 NAG S . 5.25 26.25 39.66
C4 NAG S . 4.32 27.05 40.59
C5 NAG S . 2.90 26.49 40.64
C6 NAG S . 1.97 27.50 41.31
C7 NAG S . 5.37 23.16 39.21
C8 NAG S . 5.58 21.81 38.58
N2 NAG S . 5.35 24.19 38.37
O3 NAG S . 6.11 27.15 39.00
O4 NAG S . 4.81 27.05 41.93
O5 NAG S . 2.43 26.20 39.34
O6 NAG S . 0.65 27.01 41.31
O7 NAG S . 5.24 23.25 40.43
C1 NAG S . 6.16 27.55 42.03
C2 NAG S . 6.23 28.76 42.97
C3 NAG S . 7.65 29.34 42.99
C4 NAG S . 8.71 28.26 43.18
C5 NAG S . 8.44 27.00 42.36
C6 NAG S . 9.35 25.87 42.79
C7 NAG S . 4.33 30.18 43.43
C8 NAG S . 3.27 31.09 42.87
N2 NAG S . 5.27 29.77 42.58
O3 NAG S . 7.73 30.28 44.05
O4 NAG S . 9.98 28.76 42.79
O5 NAG S . 7.08 26.59 42.48
O6 NAG S . 9.06 25.53 44.13
O7 NAG S . 4.30 29.83 44.62
C1 BMA S . 10.74 29.23 43.92
C2 BMA S . 12.19 29.44 43.47
C3 BMA S . 13.05 30.08 44.56
C4 BMA S . 12.33 31.22 45.26
C5 BMA S . 10.90 30.84 45.62
C6 BMA S . 10.16 32.02 46.20
O2 BMA S . 12.20 30.28 42.33
O3 BMA S . 14.24 30.56 43.96
O4 BMA S . 13.03 31.57 46.43
O5 BMA S . 10.23 30.43 44.45
O6 BMA S . 10.24 33.09 45.27
C1 MAN S . 9.39 34.16 45.71
C2 MAN S . 9.02 35.03 44.52
C3 MAN S . 10.28 35.67 43.91
C4 MAN S . 11.11 36.34 45.01
C5 MAN S . 11.31 35.35 46.16
C6 MAN S . 12.15 35.91 47.30
O2 MAN S . 8.14 36.04 44.94
O3 MAN S . 9.88 36.58 42.92
O4 MAN S . 12.37 36.75 44.53
O5 MAN S . 10.06 34.95 46.66
O6 MAN S . 12.01 35.02 48.40
C1 MAN S . 10.83 36.60 41.84
C2 MAN S . 11.26 38.03 41.58
C3 MAN S . 10.04 38.81 41.11
C4 MAN S . 9.43 38.14 39.90
C5 MAN S . 9.17 36.66 40.18
C6 MAN S . 8.70 35.96 38.90
O2 MAN S . 12.25 38.06 40.58
O3 MAN S . 10.43 40.14 40.78
O4 MAN S . 8.23 38.78 39.55
O5 MAN S . 10.33 36.03 40.64
O6 MAN S . 8.40 34.61 39.19
C1 MAN S . 13.19 35.06 49.21
C2 MAN S . 13.41 33.70 49.88
C3 MAN S . 12.19 33.36 50.74
C4 MAN S . 11.93 34.52 51.71
C5 MAN S . 11.82 35.82 50.91
C6 MAN S . 11.51 37.02 51.80
O2 MAN S . 14.55 33.74 50.69
O3 MAN S . 12.42 32.18 51.47
O4 MAN S . 10.74 34.27 52.41
O5 MAN S . 13.04 36.03 50.22
O6 MAN S . 11.04 38.07 51.00
C1 MAN S . 15.39 29.87 44.49
C2 MAN S . 16.65 30.65 44.14
C3 MAN S . 16.83 30.65 42.63
C4 MAN S . 16.84 29.22 42.12
C5 MAN S . 15.61 28.46 42.62
C6 MAN S . 15.68 26.99 42.21
O2 MAN S . 17.77 30.05 44.75
O3 MAN S . 18.04 31.29 42.29
O4 MAN S . 16.86 29.21 40.71
O5 MAN S . 15.51 28.55 44.03
O6 MAN S . 14.48 26.35 42.59
C1 NAG T . -2.10 9.21 26.54
C2 NAG T . -2.85 8.79 27.80
C3 NAG T . -4.31 8.52 27.49
C4 NAG T . -4.95 9.51 26.50
C5 NAG T . -3.97 10.20 25.54
C6 NAG T . -4.53 11.55 25.10
C7 NAG T . -1.64 7.70 29.59
C8 NAG T . -0.88 6.49 30.04
N2 NAG T . -2.23 7.63 28.40
O3 NAG T . -5.01 8.55 28.72
O4 NAG T . -5.89 8.86 25.66
O5 NAG T . -2.69 10.41 26.11
O6 NAG T . -3.62 12.18 24.22
O7 NAG T . -1.72 8.68 30.32
C1 NAG T . -6.96 8.22 26.38
C2 NAG T . -8.28 8.96 26.14
C3 NAG T . -9.38 8.34 26.99
C4 NAG T . -9.42 6.81 26.84
C5 NAG T . -8.03 6.17 26.85
C6 NAG T . -8.11 4.73 26.37
C7 NAG T . -8.34 11.26 25.42
C8 NAG T . -8.04 12.70 25.76
N2 NAG T . -8.15 10.38 26.40
O3 NAG T . -10.63 8.88 26.60
O4 NAG T . -10.14 6.24 27.90
O5 NAG T . -7.13 6.87 26.02
O6 NAG T . -8.45 4.71 25.00
O7 NAG T . -8.74 10.96 24.31
C1 BMA T . -11.44 5.82 27.44
C2 BMA T . -12.01 4.83 28.44
C3 BMA T . -13.46 4.46 28.11
C4 BMA T . -14.28 5.68 27.70
C5 BMA T . -13.52 6.54 26.71
C6 BMA T . -14.29 7.82 26.41
O2 BMA T . -11.96 5.40 29.73
O3 BMA T . -14.03 3.88 29.27
O4 BMA T . -15.50 5.25 27.13
O5 BMA T . -12.30 6.91 27.28
O6 BMA T . -14.41 8.51 27.63
C1 MAN T . -14.84 9.86 27.38
C2 MAN T . -14.49 10.73 28.57
C3 MAN T . -15.20 10.25 29.84
C4 MAN T . -16.70 10.05 29.57
C5 MAN T . -16.85 9.20 28.31
C6 MAN T . -18.27 8.85 27.92
O2 MAN T . -14.86 12.06 28.30
O3 MAN T . -14.97 11.19 30.86
O4 MAN T . -17.32 9.39 30.65
O5 MAN T . -16.24 9.89 27.24
O6 MAN T . -18.19 8.47 26.57
C1 MAN T . -14.79 10.49 32.12
C2 MAN T . -15.76 11.07 33.14
C3 MAN T . -15.42 12.55 33.34
C4 MAN T . -13.96 12.68 33.74
C5 MAN T . -13.04 11.93 32.78
C6 MAN T . -11.61 11.93 33.30
O2 MAN T . -15.64 10.38 34.36
O3 MAN T . -16.26 13.10 34.32
O4 MAN T . -13.61 14.04 33.77
O5 MAN T . -13.48 10.60 32.63
O6 MAN T . -10.78 11.25 32.38
C1 MAN T . -19.38 7.78 26.13
C2 MAN T . -18.98 6.85 25.00
C3 MAN T . -18.26 7.65 23.92
C4 MAN T . -19.12 8.84 23.50
C5 MAN T . -19.64 9.60 24.72
C6 MAN T . -20.60 10.71 24.33
O2 MAN T . -20.13 6.24 24.45
O3 MAN T . -18.01 6.83 22.80
O4 MAN T . -18.34 9.71 22.71
O5 MAN T . -20.29 8.70 25.61
O6 MAN T . -20.91 11.47 25.49
C1 MAN T . -14.39 2.50 29.01
C2 MAN T . -15.29 2.00 30.13
C3 MAN T . -14.53 2.02 31.44
C4 MAN T . -13.27 1.17 31.30
C5 MAN T . -12.46 1.62 30.08
C6 MAN T . -11.28 0.69 29.85
O2 MAN T . -15.73 0.69 29.84
O3 MAN T . -15.34 1.49 32.48
O4 MAN T . -12.48 1.29 32.46
O5 MAN T . -13.27 1.64 28.92
O6 MAN T . -10.49 1.18 28.78
C1 NAG U . 27.58 -8.26 33.23
C2 NAG U . 26.85 -9.45 32.65
C3 NAG U . 25.46 -9.64 33.24
C4 NAG U . 25.30 -9.14 34.69
C5 NAG U . 26.35 -8.16 35.19
C6 NAG U . 26.49 -8.27 36.71
C7 NAG U . 27.31 -10.16 30.38
C8 NAG U . 28.26 -9.52 29.42
N2 NAG U . 26.71 -9.32 31.22
O3 NAG U . 25.16 -11.01 33.15
O4 NAG U . 24.06 -8.46 34.82
O5 NAG U . 27.61 -8.41 34.62
O6 NAG U . 27.41 -7.31 37.15
O7 NAG U . 27.14 -11.37 30.39
C1 NAG U . 22.98 -9.34 34.43
C2 NAG U . 22.21 -9.84 35.66
C3 NAG U . 21.23 -10.92 35.20
C4 NAG U . 20.42 -10.45 33.99
C5 NAG U . 21.30 -9.81 32.92
C6 NAG U . 20.44 -9.21 31.79
C7 NAG U . 23.38 -9.71 37.78
C8 NAG U . 24.30 -10.37 38.75
N2 NAG U . 23.11 -10.38 36.66
O3 NAG U . 20.39 -11.23 36.29
O4 NAG U . 19.72 -11.54 33.40
O5 NAG U . 22.09 -8.79 33.49
O6 NAG U . 19.72 -8.11 32.29
O7 NAG U . 22.89 -8.61 38.03
C1 BMA U . 18.38 -11.60 33.92
C2 BMA U . 17.59 -12.65 33.15
C3 BMA U . 16.19 -12.82 33.74
C4 BMA U . 16.21 -12.91 35.26
C5 BMA U . 17.08 -11.81 35.86
C6 BMA U . 17.23 -11.97 37.36
O2 BMA U . 18.28 -13.87 33.21
O3 BMA U . 15.63 -14.00 33.20
O4 BMA U . 14.89 -12.77 35.75
O5 BMA U . 18.37 -11.92 35.29
O6 BMA U . 17.78 -13.25 37.59
C1 MAN U . 18.10 -13.38 39.00
C2 MAN U . 19.08 -14.52 39.20
C3 MAN U . 18.45 -15.85 38.78
C4 MAN U . 17.07 -16.02 39.44
C5 MAN U . 16.26 -14.77 39.18
C6 MAN U . 14.84 -14.81 39.75
O2 MAN U . 19.44 -14.58 40.57
O3 MAN U . 19.34 -16.89 39.13
O4 MAN U . 16.40 -17.14 38.89
O5 MAN U . 16.93 -13.66 39.73
O6 MAN U . 14.44 -13.47 39.89
C1 MAN U . 19.32 -17.91 38.11
C2 MAN U . 19.06 -19.26 38.77
C3 MAN U . 20.19 -19.55 39.74
C4 MAN U . 21.53 -19.49 38.99
C5 MAN U . 21.65 -18.17 38.21
C6 MAN U . 22.91 -18.19 37.35
O2 MAN U . 18.99 -20.26 37.79
O3 MAN U . 20.02 -20.84 40.30
O4 MAN U . 22.59 -19.61 39.91
O5 MAN U . 20.53 -17.99 37.38
O6 MAN U . 23.02 -16.98 36.66
C1 MAN U . 13.02 -13.35 40.04
C2 MAN U . 12.59 -12.02 39.44
C3 MAN U . 13.39 -10.91 40.09
C4 MAN U . 13.29 -11.00 41.62
C5 MAN U . 13.53 -12.43 42.09
C6 MAN U . 13.31 -12.58 43.59
O2 MAN U . 11.21 -11.82 39.69
O3 MAN U . 12.91 -9.65 39.66
O4 MAN U . 14.24 -10.14 42.20
O5 MAN U . 12.68 -13.32 41.40
O6 MAN U . 13.72 -13.87 43.99
C1 MAN U . 14.51 -13.66 32.36
C2 MAN U . 13.71 -14.93 32.08
C3 MAN U . 14.57 -15.91 31.30
C4 MAN U . 15.07 -15.24 30.02
C5 MAN U . 15.74 -13.91 30.34
C6 MAN U . 16.12 -13.16 29.07
O2 MAN U . 12.56 -14.62 31.34
O3 MAN U . 13.82 -17.06 30.97
O4 MAN U . 15.99 -16.08 29.36
O5 MAN U . 14.89 -13.09 31.13
O6 MAN U . 16.82 -11.99 29.40
C1 NAG V . 3.84 -1.22 35.38
C2 NAG V . 3.53 -1.30 36.87
C3 NAG V . 3.20 -2.71 37.37
C4 NAG V . 2.55 -3.63 36.33
C5 NAG V . 3.03 -3.35 34.91
C6 NAG V . 2.22 -4.15 33.89
C7 NAG V . 4.75 0.53 37.88
C8 NAG V . 6.09 1.02 38.35
N2 NAG V . 4.65 -0.77 37.61
O3 NAG V . 2.36 -2.52 38.49
O4 NAG V . 2.85 -4.99 36.58
O5 NAG V . 2.91 -1.98 34.63
O6 NAG V . 2.88 -4.13 32.65
O7 NAG V . 3.81 1.32 37.76
C1 NAG V . 2.31 -5.45 37.83
C2 NAG V . 1.20 -6.47 37.63
C3 NAG V . 0.56 -6.81 38.98
C4 NAG V . 1.62 -7.12 40.04
C5 NAG V . 2.81 -6.15 40.00
C6 NAG V . 3.93 -6.65 40.89
C7 NAG V . -0.07 -6.64 35.57
C8 NAG V . -1.00 -5.96 34.61
N2 NAG V . 0.20 -5.98 36.70
O3 NAG V . -0.29 -7.92 38.80
O4 NAG V . 1.05 -7.05 41.33
O5 NAG V . 3.30 -6.00 38.69
O6 NAG V . 4.43 -7.86 40.38
O7 NAG V . 0.40 -7.74 35.30
C1 BMA V . 0.67 -8.36 41.79
C2 BMA V . 0.40 -8.29 43.29
C3 BMA V . -0.13 -9.61 43.84
C4 BMA V . -1.18 -10.23 42.94
C5 BMA V . -0.74 -10.18 41.48
C6 BMA V . -1.85 -10.69 40.57
O2 BMA V . -0.54 -7.27 43.54
O3 BMA V . -0.68 -9.37 45.12
O4 BMA V . -1.42 -11.56 43.32
O5 BMA V . -0.45 -8.85 41.13
O6 BMA V . -2.99 -9.91 40.80
C1 MAN V . -3.99 -10.22 39.82
C2 MAN V . -4.99 -9.08 39.72
C3 MAN V . -5.72 -8.87 41.03
C4 MAN V . -6.29 -10.18 41.54
C5 MAN V . -5.18 -11.24 41.52
C6 MAN V . -5.61 -12.60 42.04
O2 MAN V . -5.92 -9.36 38.70
O3 MAN V . -6.73 -7.90 40.84
O4 MAN V . -6.78 -10.07 42.86
O5 MAN V . -4.70 -11.38 40.20
O6 MAN V . -4.69 -13.53 41.49
C1 MAN V . -6.82 -7.06 42.00
C2 MAN V . -8.28 -7.03 42.45
C3 MAN V . -9.11 -6.42 41.34
C4 MAN V . -8.55 -5.04 40.98
C5 MAN V . -7.05 -5.11 40.70
C6 MAN V . -6.48 -3.72 40.52
O2 MAN V . -8.42 -6.25 43.62
O3 MAN V . -10.46 -6.29 41.75
O4 MAN V . -9.23 -4.55 39.84
O5 MAN V . -6.39 -5.74 41.78
O6 MAN V . -5.10 -3.81 40.24
C1 MAN V . -4.73 -14.79 42.18
C2 MAN V . -3.35 -15.41 42.12
C3 MAN V . -2.91 -15.49 40.67
C4 MAN V . -3.97 -16.20 39.84
C5 MAN V . -5.37 -15.64 40.13
C6 MAN V . -6.46 -16.43 39.42
O2 MAN V . -3.39 -16.71 42.68
O3 MAN V . -1.69 -16.19 40.57
O4 MAN V . -3.69 -16.02 38.46
O5 MAN V . -5.60 -15.66 41.52
O6 MAN V . -7.69 -15.76 39.60
C1 MAN V . 0.07 -10.07 46.13
C2 MAN V . -0.75 -10.10 47.43
C3 MAN V . -0.97 -8.68 47.92
C4 MAN V . 0.39 -8.00 48.10
C5 MAN V . 1.22 -8.12 46.83
C6 MAN V . 2.62 -7.55 47.03
O2 MAN V . -0.07 -10.85 48.40
O3 MAN V . -1.64 -8.71 49.16
O4 MAN V . 0.20 -6.65 48.43
O5 MAN V . 1.32 -9.46 46.41
O6 MAN V . 3.33 -7.59 45.81
C1 NAG W . 22.64 6.24 43.95
C2 NAG W . 22.18 5.10 44.84
C3 NAG W . 21.14 5.60 45.84
C4 NAG W . 21.42 7.01 46.39
C5 NAG W . 22.38 7.89 45.57
C6 NAG W . 23.15 8.82 46.50
C7 NAG W . 22.05 2.77 44.20
C8 NAG W . 21.51 1.76 43.23
N2 NAG W . 21.63 4.02 44.05
O3 NAG W . 21.12 4.67 46.90
O4 NAG W . 20.21 7.74 46.46
O5 NAG W . 23.30 7.15 44.81
O6 NAG W . 24.13 9.50 45.77
O7 NAG W . 22.84 2.44 45.07
C1 NAG W . 19.23 7.04 47.25
C2 NAG W . 18.88 7.85 48.50
C3 NAG W . 17.93 7.06 49.37
C4 NAG W . 16.78 6.45 48.55
C5 NAG W . 17.30 5.78 47.28
C6 NAG W . 16.15 5.25 46.44
C7 NAG W . 20.49 9.45 49.35
C8 NAG W . 21.86 9.67 49.93
N2 NAG W . 20.09 8.20 49.24
O3 NAG W . 17.40 7.91 50.37
O4 NAG W . 16.08 5.48 49.30
O5 NAG W . 18.06 6.70 46.54
O6 NAG W . 15.06 6.15 46.50
O7 NAG W . 19.81 10.41 48.99
C1 BMA W . 14.90 6.08 49.86
C2 BMA W . 13.93 4.96 50.23
C3 BMA W . 12.74 5.46 51.06
C4 BMA W . 13.14 6.50 52.09
C5 BMA W . 14.09 7.53 51.49
C6 BMA W . 14.58 8.50 52.56
O2 BMA W . 14.63 3.98 50.97
O3 BMA W . 12.18 4.34 51.71
O4 BMA W . 11.99 7.16 52.57
O5 BMA W . 15.21 6.85 50.98
O6 BMA W . 15.33 7.75 53.50
C1 MAN W . 10.86 4.05 51.20
C2 MAN W . 10.20 3.00 52.10
C3 MAN W . 10.94 1.68 51.98
C4 MAN W . 10.97 1.25 50.52
C5 MAN W . 11.53 2.37 49.65
C6 MAN W . 11.46 2.01 48.18
O2 MAN W . 8.84 2.85 51.75
O3 MAN W . 10.29 0.70 52.76
O4 MAN W . 11.77 0.11 50.38
O5 MAN W . 10.83 3.59 49.87
O6 MAN W . 12.11 3.00 47.41
C1 MAN W . 8.04 3.10 52.92
C2 MAN W . 6.58 2.74 52.70
C3 MAN W . 5.98 3.64 51.64
C4 MAN W . 6.16 5.10 52.03
C5 MAN W . 7.62 5.38 52.38
C6 MAN W . 7.85 6.76 52.96
O2 MAN W . 5.87 2.90 53.91
O3 MAN W . 4.61 3.35 51.50
O4 MAN W . 5.75 5.93 50.97
O5 MAN W . 8.10 4.46 53.34
O6 MAN W . 8.93 6.64 53.86
C1 MAN W . 6.27 1.89 54.86
C2 MAN W . 5.03 1.38 55.58
C3 MAN W . 4.36 2.55 56.29
C4 MAN W . 5.35 3.26 57.19
C5 MAN W . 6.64 3.57 56.44
C6 MAN W . 7.70 4.15 57.36
O2 MAN W . 5.38 0.39 56.52
O3 MAN W . 3.27 2.08 57.06
O4 MAN W . 4.79 4.47 57.67
O5 MAN W . 7.15 2.39 55.85
O6 MAN W . 8.20 3.13 58.21
C1 MAN W . 15.94 8.63 54.44
C2 MAN W . 17.14 7.93 55.08
C3 MAN W . 16.68 6.72 55.89
C4 MAN W . 15.56 7.15 56.86
C5 MAN W . 14.48 7.83 56.05
C6 MAN W . 13.26 8.16 56.91
O2 MAN W . 17.81 8.84 55.93
O3 MAN W . 17.80 6.17 56.56
O4 MAN W . 14.98 6.05 57.53
O5 MAN W . 15.01 8.99 55.44
O6 MAN W . 12.10 7.92 56.16
C1 MAN W . 17.60 4.75 56.73
C2 MAN W . 17.66 4.42 58.23
C3 MAN W . 19.06 4.61 58.77
C4 MAN W . 20.07 3.86 57.90
C5 MAN W . 19.88 4.21 56.43
C6 MAN W . 20.82 3.38 55.57
O2 MAN W . 17.17 3.12 58.47
O3 MAN W . 19.13 4.12 60.09
O4 MAN W . 21.38 4.21 58.30
O5 MAN W . 18.55 3.96 56.04
O6 MAN W . 20.62 3.72 54.21
C1 MAN W . 15.91 3.23 59.16
C2 MAN W . 15.71 2.02 60.05
C3 MAN W . 15.64 0.77 59.19
C4 MAN W . 14.55 0.94 58.13
C5 MAN W . 14.74 2.25 57.37
C6 MAN W . 13.58 2.48 56.41
O2 MAN W . 14.52 2.16 60.79
O3 MAN W . 15.35 -0.35 59.99
O4 MAN W . 14.60 -0.14 57.23
O5 MAN W . 14.82 3.33 58.28
O6 MAN W . 13.82 3.65 55.67
C1 MAN X . 10.86 10.58 54.82
C2 MAN X . 10.25 11.86 54.28
C3 MAN X . 11.34 12.90 54.12
C4 MAN X . 12.06 13.10 55.46
C5 MAN X . 12.46 11.77 56.11
C6 MAN X . 11.76 11.57 57.45
O2 MAN X . 9.32 12.30 55.25
O3 MAN X . 10.77 14.12 53.72
O4 MAN X . 13.21 13.88 55.24
O5 MAN X . 12.21 10.67 55.25
O6 MAN X . 12.70 11.61 58.50
C1 MAN X . 8.11 11.53 55.08
C2 MAN X . 6.98 12.52 55.05
C3 MAN X . 7.04 13.33 56.34
C4 MAN X . 6.96 12.39 57.53
C5 MAN X . 7.98 11.25 57.42
C6 MAN X . 7.72 10.20 58.49
O2 MAN X . 5.75 11.82 54.97
O3 MAN X . 5.97 14.25 56.38
O4 MAN X . 7.18 13.10 58.73
O5 MAN X . 7.89 10.63 56.15
O6 MAN X . 8.65 9.16 58.37
C1 NAG Y . -38.30 -25.28 -2.09
C2 NAG Y . -37.89 -26.20 -0.93
C3 NAG Y . -38.86 -27.33 -0.51
C4 NAG Y . -40.32 -27.20 -0.98
C5 NAG Y . -40.46 -26.29 -2.21
C6 NAG Y . -41.93 -25.95 -2.43
C7 NAG Y . -36.26 -27.54 -2.22
C8 NAG Y . -34.84 -27.46 -2.69
N2 NAG Y . -36.58 -26.76 -1.17
O3 NAG Y . -38.83 -27.39 0.90
O4 NAG Y . -40.87 -28.47 -1.31
O5 NAG Y . -39.71 -25.09 -2.07
O6 NAG Y . -42.05 -25.07 -3.53
O7 NAG Y . -37.05 -28.27 -2.80
C1 NAG Y . -40.83 -29.45 -0.24
C2 NAG Y . -42.22 -29.99 0.08
C3 NAG Y . -42.19 -31.00 1.23
C4 NAG Y . -41.09 -32.04 1.07
C5 NAG Y . -39.78 -31.43 0.54
C6 NAG Y . -38.83 -32.54 0.10
C7 NAG Y . -44.34 -28.85 -0.25
C8 NAG Y . -45.24 -27.73 0.17
N2 NAG Y . -43.15 -28.92 0.37
O3 NAG Y . -43.44 -31.64 1.31
O4 NAG Y . -40.81 -32.65 2.32
O5 NAG Y . -40.00 -30.55 -0.54
O6 NAG Y . -39.45 -33.29 -0.93
O7 NAG Y . -44.68 -29.64 -1.12
C1 BMA Y . -41.49 -33.92 2.49
C2 BMA Y . -40.88 -34.64 3.70
C3 BMA Y . -41.62 -35.93 4.06
C4 BMA Y . -43.12 -35.73 4.03
C5 BMA Y . -43.56 -34.99 2.78
C6 BMA Y . -45.05 -34.71 2.82
O2 BMA Y . -40.90 -33.78 4.81
O3 BMA Y . -41.23 -36.33 5.36
O4 BMA Y . -43.76 -37.00 4.08
O5 BMA Y . -42.88 -33.76 2.71
O6 BMA Y . -45.33 -34.02 4.01
C1 MAN Y . -46.69 -33.56 3.99
C2 MAN Y . -46.86 -32.38 4.95
C3 MAN Y . -46.55 -32.80 6.38
C4 MAN Y . -47.35 -34.06 6.74
C5 MAN Y . -47.14 -35.11 5.66
C6 MAN Y . -47.88 -36.41 5.93
O2 MAN Y . -48.18 -31.89 4.87
O3 MAN Y . -46.85 -31.71 7.24
O4 MAN Y . -46.93 -34.59 7.97
O5 MAN Y . -47.56 -34.58 4.42
O6 MAN Y . -47.79 -37.20 4.77
C1 MAN Y . -45.93 -31.69 8.34
C2 MAN Y . -46.73 -31.65 9.64
C3 MAN Y . -47.53 -30.36 9.68
C4 MAN Y . -46.60 -29.17 9.50
C5 MAN Y . -45.72 -29.35 8.26
C6 MAN Y . -44.68 -28.23 8.18
O2 MAN Y . -45.85 -31.70 10.74
O3 MAN Y . -48.22 -30.25 10.91
O4 MAN Y . -47.35 -27.99 9.39
O5 MAN Y . -45.05 -30.59 8.30
O6 MAN Y . -43.92 -28.38 7.00
C1 MAN Y . -47.67 -38.58 5.15
C2 MAN Y . -46.93 -39.35 4.05
C3 MAN Y . -47.70 -39.22 2.76
C4 MAN Y . -49.10 -39.76 3.02
C5 MAN Y . -49.72 -38.93 4.14
C6 MAN Y . -51.19 -39.28 4.38
O2 MAN Y . -46.86 -40.71 4.40
O3 MAN Y . -47.09 -39.94 1.72
O4 MAN Y . -49.90 -39.70 1.87
O5 MAN Y . -48.95 -39.14 5.31
O6 MAN Y . -51.88 -38.13 4.81
C1 MAN Y . -40.58 -37.62 5.33
C2 MAN Y . -40.51 -38.19 6.73
C3 MAN Y . -39.64 -37.31 7.61
C4 MAN Y . -38.27 -37.15 6.96
C5 MAN Y . -38.41 -36.70 5.51
C6 MAN Y . -37.06 -36.65 4.81
O2 MAN Y . -39.97 -39.49 6.69
O3 MAN Y . -39.49 -37.89 8.89
O4 MAN Y . -37.50 -36.21 7.67
O5 MAN Y . -39.27 -37.57 4.80
O6 MAN Y . -37.22 -36.11 3.52
C1 NAG Z . -21.70 -15.25 -9.10
C2 NAG Z . -22.38 -15.63 -10.40
C3 NAG Z . -22.59 -14.39 -11.26
C4 NAG Z . -23.05 -13.15 -10.46
C5 NAG Z . -22.70 -13.14 -8.98
C6 NAG Z . -23.75 -12.36 -8.20
C7 NAG Z . -22.05 -17.87 -11.24
C8 NAG Z . -21.05 -18.90 -11.70
N2 NAG Z . -21.61 -16.63 -11.12
O3 NAG Z . -23.56 -14.71 -12.23
O4 NAG Z . -22.43 -11.98 -10.99
O5 NAG Z . -22.59 -14.43 -8.40
O6 NAG Z . -23.40 -12.30 -6.83
O7 NAG Z . -23.21 -18.20 -11.00
C1 NAG Z . -22.74 -11.76 -12.37
C2 NAG Z . -23.67 -10.57 -12.54
C3 NAG Z . -24.09 -10.44 -14.00
C4 NAG Z . -22.87 -10.49 -14.92
C5 NAG Z . -21.85 -11.56 -14.54
C6 NAG Z . -20.54 -11.32 -15.28
C7 NAG Z . -25.07 -9.79 -10.72
C8 NAG Z . -26.22 -10.08 -9.80
N2 NAG Z . -24.84 -10.68 -11.68
O3 NAG Z . -24.78 -9.23 -14.18
O4 NAG Z . -23.29 -10.78 -16.24
O5 NAG Z . -21.59 -11.56 -13.15
O6 NAG Z . -19.90 -10.19 -14.74
O7 NAG Z . -24.37 -8.78 -10.56
C1 BMA Z . -23.18 -9.57 -17.02
C2 BMA Z . -23.18 -9.96 -18.50
C3 BMA Z . -23.26 -8.74 -19.41
C4 BMA Z . -24.26 -7.71 -18.91
C5 BMA Z . -24.10 -7.47 -17.41
C6 BMA Z . -25.19 -6.56 -16.89
O2 BMA Z . -24.28 -10.81 -18.76
O3 BMA Z . -23.64 -9.18 -20.69
O4 BMA Z . -24.07 -6.49 -19.59
O5 BMA Z . -24.25 -8.70 -16.75
O6 BMA Z . -26.42 -7.22 -17.10
C1 MAN Z . -27.46 -6.57 -16.37
C2 MAN Z . -28.64 -7.54 -16.20
C3 MAN Z . -29.21 -7.93 -17.56
C4 MAN Z . -29.48 -6.70 -18.42
C5 MAN Z . -28.21 -5.84 -18.41
C6 MAN Z . -28.27 -4.59 -19.27
O2 MAN Z . -29.64 -6.92 -15.43
O3 MAN Z . -30.38 -8.69 -17.35
O4 MAN Z . -29.78 -7.06 -19.75
O5 MAN Z . -27.92 -5.46 -17.08
O6 MAN Z . -27.22 -3.77 -18.78
C1 MAN Z . -30.45 -9.75 -18.32
C2 MAN Z . -31.81 -9.66 -19.02
C3 MAN Z . -32.90 -9.86 -17.98
C4 MAN Z . -32.68 -11.18 -17.26
C5 MAN Z . -31.25 -11.29 -16.72
C6 MAN Z . -31.00 -12.67 -16.15
O2 MAN Z . -31.89 -10.66 -20.00
O3 MAN Z . -34.16 -9.86 -18.61
O4 MAN Z . -33.60 -11.29 -16.18
O5 MAN Z . -30.33 -11.03 -17.75
O6 MAN Z . -29.69 -12.75 -15.64
C1 MAN Z . -26.90 -2.70 -19.69
C2 MAN Z . -25.44 -2.34 -19.49
C3 MAN Z . -25.20 -2.03 -18.02
C4 MAN Z . -26.20 -0.98 -17.54
C5 MAN Z . -27.62 -1.33 -17.97
C6 MAN Z . -28.62 -0.24 -17.62
O2 MAN Z . -25.11 -1.21 -20.27
O3 MAN Z . -23.89 -1.56 -17.83
O4 MAN Z . -26.15 -0.90 -16.13
O5 MAN Z . -27.65 -1.57 -19.37
O6 MAN Z . -29.92 -0.70 -17.90
C1 MAN Z . -22.58 -8.92 -21.64
C2 MAN Z . -23.14 -9.08 -23.05
C3 MAN Z . -23.57 -10.52 -23.26
C4 MAN Z . -22.38 -11.45 -22.99
C5 MAN Z . -21.78 -11.15 -21.62
C6 MAN Z . -20.51 -11.97 -21.41
O2 MAN Z . -22.16 -8.74 -24.00
O3 MAN Z . -24.03 -10.71 -24.58
O4 MAN Z . -22.81 -12.79 -23.04
O5 MAN Z . -21.46 -9.77 -21.49
O6 MAN Z . -20.01 -11.75 -20.11
C1 NAG AA . -1.05 -43.49 -6.32
C2 NAG AA . -0.10 -42.72 -7.24
C3 NAG AA . -0.81 -42.16 -8.46
C4 NAG AA . -2.01 -42.98 -8.95
C5 NAG AA . -2.61 -43.98 -7.97
C6 NAG AA . -3.23 -45.15 -8.72
C7 NAG AA . 1.83 -41.58 -6.36
C8 NAG AA . 2.26 -41.43 -4.93
N2 NAG AA . 0.51 -41.62 -6.54
O3 NAG AA . 0.16 -42.05 -9.47
O4 NAG AA . -3.07 -42.11 -9.29
O5 NAG AA . -1.65 -44.50 -7.08
O6 NAG AA . -3.94 -45.96 -7.82
O7 NAG AA . 2.65 -41.68 -7.26
C1 NAG AA . -2.62 -41.17 -10.29
C2 NAG AA . -3.18 -41.49 -11.66
C3 NAG AA . -2.49 -40.60 -12.69
C4 NAG AA . -2.50 -39.14 -12.25
C5 NAG AA . -2.08 -38.98 -10.80
C6 NAG AA . -2.22 -37.53 -10.33
C7 NAG AA . -4.00 -43.76 -11.98
C8 NAG AA . -3.67 -45.17 -12.35
N2 NAG AA . -2.99 -42.89 -12.00
O3 NAG AA . -3.16 -40.76 -13.93
O4 NAG AA . -1.62 -38.36 -13.05
O5 NAG AA . -2.86 -39.82 -9.97
O6 NAG AA . -3.58 -37.17 -10.30
O7 NAG AA . -5.15 -43.44 -11.68
C1 BMA AA . -2.35 -37.75 -14.13
C2 BMA AA . -1.44 -36.79 -14.87
C3 BMA AA . -2.14 -36.19 -16.10
C4 BMA AA . -2.89 -37.25 -16.91
C5 BMA AA . -3.71 -38.15 -15.99
C6 BMA AA . -4.33 -39.29 -16.78
O2 BMA AA . -0.29 -37.48 -15.30
O3 BMA AA . -1.16 -35.57 -16.91
O4 BMA AA . -3.75 -36.61 -17.83
O5 BMA AA . -2.85 -38.71 -15.04
O6 BMA AA . -3.29 -40.01 -17.40
C1 MAN AA . -3.83 -41.21 -18.00
C2 MAN AA . -2.70 -42.19 -18.28
C3 MAN AA . -1.70 -41.62 -19.27
C4 MAN AA . -2.44 -41.09 -20.51
C5 MAN AA . -3.56 -40.17 -20.05
C6 MAN AA . -4.35 -39.53 -21.18
O2 MAN AA . -3.26 -43.38 -18.79
O3 MAN AA . -0.77 -42.63 -19.60
O4 MAN AA . -1.55 -40.36 -21.34
O5 MAN AA . -4.44 -40.89 -19.23
O6 MAN AA . -5.60 -39.17 -20.63
C1 MAN AA . 0.54 -42.05 -19.75
C2 MAN AA . 1.11 -42.47 -21.10
C3 MAN AA . 1.24 -43.99 -21.11
C4 MAN AA . 2.08 -44.43 -19.93
C5 MAN AA . 1.55 -43.85 -18.62
C6 MAN AA . 2.49 -44.18 -17.47
O2 MAN AA . 2.37 -41.88 -21.29
O3 MAN AA . 1.84 -44.40 -22.32
O4 MAN AA . 2.07 -45.85 -19.84
O5 MAN AA . 1.43 -42.44 -18.73
O6 MAN AA . 1.99 -43.63 -16.27
C1 MAN AA . -6.29 -38.23 -21.45
C2 MAN AA . -7.14 -37.34 -20.56
C3 MAN AA . -8.04 -38.24 -19.70
C4 MAN AA . -8.82 -39.20 -20.59
C5 MAN AA . -7.90 -39.88 -21.60
C6 MAN AA . -8.67 -40.75 -22.58
O2 MAN AA . -7.94 -36.49 -21.34
O3 MAN AA . -8.93 -37.44 -18.96
O4 MAN AA . -9.43 -40.19 -19.78
O5 MAN AA . -7.17 -38.90 -22.31
O6 MAN AA . -7.76 -41.46 -23.38
C1 MAN AA . -1.38 -34.15 -16.92
C2 MAN AA . -0.57 -33.53 -18.05
C3 MAN AA . 0.91 -33.75 -17.78
C4 MAN AA . 1.27 -33.16 -16.43
C5 MAN AA . 0.34 -33.70 -15.35
C6 MAN AA . 0.59 -33.01 -14.01
O2 MAN AA . -0.84 -32.16 -18.14
O3 MAN AA . 1.68 -33.13 -18.79
O4 MAN AA . 2.60 -33.48 -16.10
O5 MAN AA . -1.02 -33.50 -15.71
O6 MAN AA . -0.21 -33.61 -13.02
C1 NAG BA . -16.44 -26.75 -16.80
C2 NAG BA . -17.25 -27.64 -17.73
C3 NAG BA . -16.55 -27.96 -19.06
C4 NAG BA . -15.53 -26.92 -19.52
C5 NAG BA . -14.83 -26.24 -18.36
C6 NAG BA . -13.90 -25.14 -18.84
C7 NAG BA . -18.67 -29.01 -16.32
C8 NAG BA . -18.77 -30.24 -15.48
N2 NAG BA . -17.56 -28.88 -17.04
O3 NAG BA . -17.60 -28.10 -20.01
O4 NAG BA . -14.51 -27.52 -20.30
O5 NAG BA . -15.79 -25.71 -17.50
O6 NAG BA . -13.07 -24.72 -17.78
O7 NAG BA . -19.59 -28.19 -16.35
C1 NAG BA . -15.03 -28.02 -21.54
C2 NAG BA . -14.57 -27.19 -22.73
C3 NAG BA . -15.30 -27.68 -23.98
C4 NAG BA . -15.25 -29.20 -24.11
C5 NAG BA . -15.51 -29.92 -22.79
C6 NAG BA . -15.21 -31.41 -22.91
C7 NAG BA . -13.85 -24.89 -22.51
C8 NAG BA . -14.20 -23.48 -22.14
N2 NAG BA . -14.84 -25.77 -22.53
O3 NAG BA . -14.71 -27.07 -25.12
O4 NAG BA . -16.22 -29.65 -25.04
O5 NAG BA . -14.70 -29.37 -21.77
O6 NAG BA . -13.83 -31.59 -23.11
O7 NAG BA . -12.68 -25.18 -22.79
C1 BMA BA . -15.61 -29.86 -26.33
C2 BMA BA . -16.57 -30.66 -27.20
C3 BMA BA . -16.05 -30.80 -28.62
C4 BMA BA . -15.49 -29.50 -29.18
C5 BMA BA . -14.58 -28.84 -28.15
C6 BMA BA . -14.12 -27.47 -28.65
O2 BMA BA . -17.82 -30.02 -27.21
O3 BMA BA . -17.13 -31.24 -29.44
O4 BMA BA . -14.76 -29.76 -30.35
O5 BMA BA . -15.30 -28.64 -26.97
O6 BMA BA . -15.27 -26.70 -28.92
C1 MAN BA . -14.87 -25.35 -29.20
C2 MAN BA . -16.05 -24.42 -28.99
C3 MAN BA . -17.19 -24.76 -29.95
C4 MAN BA . -16.67 -24.85 -31.39
C5 MAN BA . -15.45 -25.77 -31.41
C6 MAN BA . -14.85 -25.98 -32.78
O2 MAN BA . -15.63 -23.09 -29.20
O3 MAN BA . -18.19 -23.77 -29.82
O4 MAN BA . -17.65 -25.37 -32.25
O5 MAN BA . -14.46 -25.24 -30.55
O6 MAN BA . -13.51 -26.39 -32.57
C1 MAN BA . -19.49 -24.38 -29.93
C2 MAN BA . -20.29 -23.63 -30.98
C3 MAN BA . -20.47 -22.20 -30.50
C4 MAN BA . -21.11 -22.18 -29.12
C5 MAN BA . -20.35 -23.09 -28.16
C6 MAN BA . -21.09 -23.22 -26.83
O2 MAN BA . -21.55 -24.23 -31.13
O3 MAN BA . -21.28 -21.49 -31.41
O4 MAN BA . -21.13 -20.87 -28.61
O5 MAN BA . -20.21 -24.39 -28.71
O6 MAN BA . -20.36 -24.04 -25.95
C1 MAN BA . -12.95 -26.98 -33.74
C2 MAN BA . -11.93 -28.02 -33.31
C3 MAN BA . -10.92 -27.36 -32.38
C4 MAN BA . -10.34 -26.11 -33.02
C5 MAN BA . -11.43 -25.24 -33.62
C6 MAN BA . -10.87 -24.05 -34.39
O2 MAN BA . -11.26 -28.53 -34.44
O3 MAN BA . -9.89 -28.27 -32.07
O4 MAN BA . -9.63 -25.36 -32.06
O5 MAN BA . -12.25 -26.00 -34.48
O6 MAN BA . -11.93 -23.20 -34.79
C1 MAN BA . -16.87 -32.56 -29.94
C2 MAN BA . -17.83 -32.85 -31.09
C3 MAN BA . -19.26 -32.85 -30.56
C4 MAN BA . -19.37 -33.87 -29.42
C5 MAN BA . -18.29 -33.62 -28.37
C6 MAN BA . -18.30 -34.71 -27.31
O2 MAN BA . -17.53 -34.10 -31.66
O3 MAN BA . -20.15 -33.20 -31.58
O4 MAN BA . -20.64 -33.77 -28.82
O5 MAN BA . -17.01 -33.58 -28.97
O6 MAN BA . -17.36 -34.39 -26.30
C1 NAG CA . -19.62 -45.29 -5.33
C2 NAG CA . -19.39 -45.77 -6.75
C3 NAG CA . -20.67 -45.70 -7.55
C4 NAG CA . -21.94 -46.08 -6.77
C5 NAG CA . -21.84 -46.05 -5.24
C6 NAG CA . -22.73 -47.14 -4.65
C7 NAG CA . -17.33 -45.59 -8.02
C8 NAG CA . -16.20 -44.71 -8.47
N2 NAG CA . -18.35 -44.99 -7.39
O3 NAG CA . -20.50 -46.56 -8.66
O4 NAG CA . -23.00 -45.20 -7.11
O5 NAG CA . -20.52 -46.21 -4.76
O6 NAG CA . -22.47 -47.25 -3.26
O7 NAG CA . -17.29 -46.80 -8.22
C1 NAG CA . -23.22 -45.26 -8.55
C2 NAG CA . -24.62 -45.80 -8.88
C3 NAG CA . -24.78 -45.96 -10.39
C4 NAG CA . -24.20 -44.74 -11.14
C5 NAG CA . -22.84 -44.26 -10.63
C6 NAG CA . -22.26 -43.00 -11.30
C7 NAG CA . -25.82 -47.27 -7.34
C8 NAG CA . -25.72 -48.51 -6.50
N2 NAG CA . -24.83 -47.07 -8.21
O3 NAG CA . -26.16 -46.10 -10.64
O4 NAG CA . -24.27 -44.84 -12.55
O5 NAG CA . -22.93 -44.06 -9.23
O6 NAG CA . -23.19 -42.01 -11.70
O7 NAG CA . -26.78 -46.51 -7.23
C1 BMA CA . -25.45 -44.10 -12.95
C2 BMA CA . -25.24 -43.64 -14.39
C3 BMA CA . -26.52 -43.20 -15.12
C4 BMA CA . -27.72 -44.04 -14.73
C5 BMA CA . -27.79 -44.24 -13.22
C6 BMA CA . -28.95 -45.15 -12.86
O2 BMA CA . -24.64 -44.69 -15.11
O3 BMA CA . -26.28 -43.35 -16.50
O4 BMA CA . -28.90 -43.40 -15.18
O5 BMA CA . -26.61 -44.88 -12.82
O6 BMA CA . -28.65 -46.42 -13.42
C1 MAN CA . -26.28 -42.08 -17.19
C2 MAN CA . -26.20 -42.33 -18.69
C3 MAN CA . -24.86 -42.95 -19.05
C4 MAN CA . -23.75 -42.04 -18.57
C5 MAN CA . -23.92 -41.72 -17.10
C6 MAN CA . -22.88 -40.70 -16.63
O2 MAN CA . -26.41 -41.13 -19.40
O3 MAN CA . -24.77 -43.12 -20.46
O4 MAN CA . -22.51 -42.66 -18.78
O5 MAN CA . -25.22 -41.22 -16.82
O6 MAN CA . -22.97 -40.54 -15.24
C1 MAN CA . -27.52 -41.32 -20.30
C2 MAN CA . -27.67 -40.15 -21.27
C3 MAN CA . -28.00 -38.87 -20.51
C4 MAN CA . -29.26 -39.10 -19.67
C5 MAN CA . -29.11 -40.36 -18.81
C6 MAN CA . -30.40 -40.75 -18.10
O2 MAN CA . -28.70 -40.44 -22.19
O3 MAN CA . -28.22 -37.82 -21.42
O4 MAN CA . -29.47 -37.98 -18.83
O5 MAN CA . -28.76 -41.46 -19.62
O6 MAN CA . -30.38 -42.15 -18.02
C1 MAN CA . -28.30 -41.48 -23.09
C2 MAN CA . -28.76 -41.13 -24.50
C3 MAN CA . -30.28 -40.99 -24.49
C4 MAN CA . -30.92 -42.24 -23.91
C5 MAN CA . -30.28 -42.62 -22.58
C6 MAN CA . -30.82 -43.95 -22.06
O2 MAN CA . -28.39 -42.15 -25.40
O3 MAN CA . -30.74 -40.78 -25.81
O4 MAN CA . -32.30 -42.01 -23.71
O5 MAN CA . -28.88 -42.73 -22.75
O6 MAN CA . -30.33 -45.00 -22.85
C1 MAN CA . -29.60 -47.39 -12.96
C2 MAN CA . -28.97 -48.77 -13.03
C3 MAN CA . -28.65 -49.15 -14.47
C4 MAN CA . -29.89 -48.94 -15.34
C5 MAN CA . -30.38 -47.51 -15.12
C6 MAN CA . -31.53 -47.18 -16.07
O2 MAN CA . -29.86 -49.73 -12.49
O3 MAN CA . -28.16 -50.47 -14.52
O4 MAN CA . -29.64 -49.10 -16.71
O5 MAN CA . -30.75 -47.36 -13.78
O6 MAN CA . -31.37 -45.85 -16.53
C1 MAN CA . -27.26 -50.63 -15.63
C2 MAN CA . -27.79 -51.72 -16.56
C3 MAN CA . -27.70 -53.08 -15.90
C4 MAN CA . -26.30 -53.32 -15.35
C5 MAN CA . -25.84 -52.14 -14.50
C6 MAN CA . -24.40 -52.33 -14.04
O2 MAN CA . -27.11 -51.68 -17.79
O3 MAN CA . -28.02 -54.08 -16.84
O4 MAN CA . -26.29 -54.50 -14.57
O5 MAN CA . -25.93 -50.94 -15.24
O6 MAN CA . -24.00 -51.23 -13.26
C1 MAN CA . -28.04 -51.23 -18.80
C2 MAN CA . -27.66 -51.84 -20.15
C3 MAN CA . -26.28 -51.36 -20.55
C4 MAN CA . -26.24 -49.83 -20.54
C5 MAN CA . -26.76 -49.28 -19.21
C6 MAN CA . -26.86 -47.76 -19.24
O2 MAN CA . -28.61 -51.46 -21.12
O3 MAN CA . -25.98 -51.82 -21.85
O4 MAN CA . -24.93 -49.38 -20.75
O5 MAN CA . -28.04 -49.82 -18.92
O6 MAN CA . -27.26 -47.29 -17.98
C1 MAN DA . -33.23 -43.76 -14.89
C2 MAN DA . -34.24 -42.84 -14.24
C3 MAN DA . -34.69 -43.42 -12.91
C4 MAN DA . -35.08 -44.90 -13.02
C5 MAN DA . -34.13 -45.71 -13.92
C6 MAN DA . -34.84 -46.18 -15.19
O2 MAN DA . -35.35 -42.74 -15.08
O3 MAN DA . -35.80 -42.68 -12.46
O4 MAN DA . -35.04 -45.47 -11.73
O5 MAN DA . -32.97 -44.98 -14.23
O6 MAN DA . -35.36 -47.47 -14.98
C1 MAN DA . -35.07 -41.78 -16.11
C2 MAN DA . -36.19 -40.77 -16.07
C3 MAN DA . -37.51 -41.52 -16.23
C4 MAN DA . -37.48 -42.43 -17.45
C5 MAN DA . -36.18 -43.23 -17.53
C6 MAN DA . -36.07 -43.97 -18.86
O2 MAN DA . -36.01 -39.84 -17.11
O3 MAN DA . -38.57 -40.60 -16.35
O4 MAN DA . -38.58 -43.31 -17.41
O5 MAN DA . -35.07 -42.36 -17.38
O6 MAN DA . -34.86 -44.70 -18.87
C1 NAG EA . 54.22 -35.91 -35.17
C2 NAG EA . 54.33 -37.13 -36.08
C3 NAG EA . 55.77 -37.46 -36.43
C4 NAG EA . 56.49 -36.22 -36.94
C5 NAG EA . 56.31 -35.07 -35.97
C6 NAG EA . 56.95 -33.80 -36.53
C7 NAG EA . 52.65 -38.87 -36.01
C8 NAG EA . 52.08 -40.06 -35.29
N2 NAG EA . 53.71 -38.28 -35.45
O3 NAG EA . 55.81 -38.46 -37.43
O4 NAG EA . 57.87 -36.50 -37.09
O5 NAG EA . 54.93 -34.82 -35.73
O6 NAG EA . 56.52 -32.68 -35.78
O7 NAG EA . 52.17 -38.49 -37.07
C1 NAG FA . -2.35 13.87 -9.77
C2 NAG FA . -3.51 12.89 -9.63
C3 NAG FA . -4.19 12.63 -10.97
C4 NAG FA . -4.55 13.94 -11.65
C5 NAG FA . -3.35 14.89 -11.69
C6 NAG FA . -3.76 16.24 -12.26
C7 NAG FA . -3.42 11.30 -7.82
C8 NAG FA . -2.45 10.46 -7.04
N2 NAG FA . -3.05 11.65 -9.04
O3 NAG FA . -5.35 11.85 -10.79
O4 NAG FA . -4.98 13.68 -12.97
O5 NAG FA . -2.79 15.07 -10.40
O6 NAG FA . -2.67 17.13 -12.21
O7 NAG FA . -4.50 11.63 -7.31
C1 NAG GA . 0.82 -5.77 -21.21
C2 NAG GA . 0.62 -6.92 -22.20
C3 NAG GA . -0.68 -6.77 -22.98
C4 NAG GA . -1.85 -6.57 -22.02
C5 NAG GA . -1.55 -5.46 -21.02
C6 NAG GA . -2.66 -5.37 -19.99
C7 NAG GA . 2.50 -8.13 -23.13
C8 NAG GA . 3.69 -8.10 -24.04
N2 NAG GA . 1.74 -7.03 -23.11
O3 NAG GA . -0.90 -7.92 -23.76
O4 NAG GA . -3.01 -6.26 -22.76
O5 NAG GA . -0.31 -5.66 -20.36
O6 NAG GA . -2.29 -4.47 -18.97
O7 NAG GA . 2.25 -9.13 -22.46
C1 NAG HA . 35.50 -27.36 -43.71
C2 NAG HA . 36.03 -27.33 -45.14
C3 NAG HA . 34.88 -27.43 -46.12
C4 NAG HA . 34.11 -28.72 -45.85
C5 NAG HA . 33.77 -28.89 -44.36
C6 NAG HA . 33.29 -30.32 -44.11
C7 NAG HA . 38.09 -26.25 -45.79
C8 NAG HA . 38.93 -25.01 -45.74
N2 NAG HA . 36.83 -26.14 -45.39
O3 NAG HA . 35.36 -27.44 -47.45
O4 NAG HA . 32.91 -28.73 -46.60
O5 NAG HA . 34.86 -28.60 -43.50
O6 NAG HA . 33.12 -30.53 -42.73
O7 NAG HA . 38.58 -27.32 -46.18
C1 NAG IA . 23.30 -28.32 -41.72
C2 NAG IA . 23.18 -29.83 -41.52
C3 NAG IA . 22.84 -30.50 -42.85
C4 NAG IA . 21.57 -29.90 -43.42
C5 NAG IA . 21.61 -28.38 -43.44
C6 NAG IA . 20.21 -27.85 -43.76
C7 NAG IA . 24.36 -30.90 -39.72
C8 NAG IA . 25.69 -31.22 -39.10
N2 NAG IA . 24.39 -30.37 -40.94
O3 NAG IA . 22.66 -31.89 -42.65
O4 NAG IA . 21.35 -30.39 -44.73
O5 NAG IA . 22.06 -27.83 -42.21
O6 NAG IA . 20.23 -26.43 -43.79
O7 NAG IA . 23.32 -31.11 -39.11
C1 NAG JA . 36.54 8.39 -34.29
C2 NAG JA . 36.55 8.40 -35.81
C3 NAG JA . 37.56 7.42 -36.37
C4 NAG JA . 38.92 7.59 -35.69
C5 NAG JA . 38.76 7.57 -34.18
C6 NAG JA . 40.10 7.81 -33.49
C7 NAG JA . 34.74 8.82 -37.35
C8 NAG JA . 33.54 8.24 -38.05
N2 NAG JA . 35.23 8.11 -36.34
O3 NAG JA . 37.71 7.62 -37.76
O4 NAG JA . 39.79 6.56 -36.10
O5 NAG JA . 37.85 8.57 -33.77
O6 NAG JA . 39.90 7.93 -32.10
O7 NAG JA . 35.22 9.89 -37.73
C1 NAG KA . 35.48 -21.15 -58.35
C2 NAG KA . 36.73 -20.33 -58.66
C3 NAG KA . 36.84 -20.03 -60.16
C4 NAG KA . 36.68 -21.31 -60.97
C5 NAG KA . 35.42 -22.06 -60.55
C6 NAG KA . 35.32 -23.39 -61.30
C7 NAG KA . 37.41 -18.97 -56.79
C8 NAG KA . 37.47 -17.59 -56.19
N2 NAG KA . 36.71 -19.10 -57.91
O3 NAG KA . 38.09 -19.44 -60.43
O4 NAG KA . 36.61 -21.00 -62.34
O5 NAG KA . 35.42 -22.31 -59.16
O6 NAG KA . 34.16 -24.08 -60.89
O7 NAG KA . 37.98 -19.91 -56.24
C1 NAG LA . 16.89 1.86 -40.94
C2 NAG LA . 16.37 2.58 -42.19
C3 NAG LA . 14.87 2.41 -42.39
C4 NAG LA . 14.46 0.95 -42.20
C5 NAG LA . 14.98 0.45 -40.86
C6 NAG LA . 14.56 -1.00 -40.64
C7 NAG LA . 17.54 4.59 -42.88
C8 NAG LA . 18.03 5.95 -42.43
N2 NAG LA . 16.66 4.00 -42.09
O3 NAG LA . 14.52 2.83 -43.69
O4 NAG LA . 13.06 0.85 -42.24
O5 NAG LA . 16.39 0.55 -40.82
O6 NAG LA . 15.15 -1.49 -39.47
O7 NAG LA . 17.96 4.09 -43.92
C1 NAG MA . 21.01 2.25 -49.78
C2 NAG MA . 19.68 2.92 -49.47
C3 NAG MA . 18.82 3.11 -50.72
C4 NAG MA . 19.63 3.70 -51.88
C5 NAG MA . 20.91 2.90 -52.07
C6 NAG MA . 21.75 3.49 -53.20
C7 NAG MA . 18.86 2.52 -47.23
C8 NAG MA . 17.84 1.81 -46.40
N2 NAG MA . 18.96 2.12 -48.50
O3 NAG MA . 17.75 3.98 -50.41
O4 NAG MA . 18.86 3.68 -53.05
O5 NAG MA . 21.67 2.86 -50.88
O6 NAG MA . 22.97 2.80 -53.29
O7 NAG MA . 19.55 3.42 -46.75
C1 NAG NA . 41.29 -0.06 -31.77
C2 NAG NA . 41.90 0.17 -30.39
C3 NAG NA . 42.81 1.38 -30.49
C4 NAG NA . 43.92 1.06 -31.47
C5 NAG NA . 43.42 0.45 -32.78
C6 NAG NA . 44.56 -0.28 -33.47
C7 NAG NA . 40.95 -0.43 -28.27
C8 NAG NA . 39.66 -0.67 -27.54
N2 NAG NA . 40.90 0.33 -29.35
O3 NAG NA . 43.37 1.66 -29.22
O4 NAG NA . 44.63 2.25 -31.76
O5 NAG NA . 42.35 -0.46 -32.62
O6 NAG NA . 44.03 -1.31 -34.28
O7 NAG NA . 42.00 -0.92 -27.85
C1 NAG OA . 66.53 -18.67 26.78
C2 NAG OA . 67.98 -18.35 26.50
C3 NAG OA . 68.95 -19.22 27.30
C4 NAG OA . 68.53 -19.25 28.77
C5 NAG OA . 67.06 -19.60 28.90
C6 NAG OA . 66.64 -19.58 30.36
C7 NAG OA . 68.57 -17.46 24.33
C8 NAG OA . 68.86 -17.74 22.88
N2 NAG OA . 68.27 -18.50 25.09
O3 NAG OA . 70.26 -18.72 27.20
O4 NAG OA . 69.31 -20.20 29.45
O5 NAG OA . 66.27 -18.68 28.17
O6 NAG OA . 65.23 -19.62 30.44
O7 NAG OA . 68.64 -16.31 24.76
C1 NAG PA . -6.15 10.29 11.84
C2 NAG PA . -5.91 10.92 10.47
C3 NAG PA . -5.24 12.28 10.63
C4 NAG PA . -6.02 13.14 11.61
C5 NAG PA . -6.29 12.39 12.91
C6 NAG PA . -7.18 13.22 13.83
C7 NAG PA . -5.61 9.31 8.69
C8 NAG PA . -4.98 7.98 8.43
N2 NAG PA . -5.08 10.04 9.66
O3 NAG PA . -5.18 12.93 9.37
O4 NAG PA . -5.29 14.32 11.88
O5 NAG PA . -6.90 11.14 12.67
O6 NAG PA . -7.47 12.49 15.00
O7 NAG PA . -6.56 9.70 8.01
C1 NAG QA . 16.15 13.49 7.05
C2 NAG QA . 17.45 14.18 6.68
C3 NAG QA . 17.22 15.66 6.39
C4 NAG QA . 16.12 15.83 5.37
C5 NAG QA . 14.87 15.04 5.76
C6 NAG QA . 13.82 15.11 4.66
C7 NAG QA . 19.51 13.26 7.55
C8 NAG QA . 20.36 12.99 8.76
N2 NAG QA . 18.44 14.02 7.73
O3 NAG QA . 18.41 16.24 5.90
O4 NAG QA . 15.79 17.20 5.26
O5 NAG QA . 15.18 13.69 6.04
O6 NAG QA . 12.77 14.24 4.95
O7 NAG QA . 19.81 12.77 6.46
C1 NAG RA . 57.37 1.60 25.32
C2 NAG RA . 58.32 2.19 26.34
C3 NAG RA . 58.50 3.68 26.04
C4 NAG RA . 59.04 3.85 24.63
C5 NAG RA . 58.25 3.02 23.61
C6 NAG RA . 59.04 2.96 22.30
C7 NAG RA . 58.60 1.26 28.55
C8 NAG RA . 57.90 0.76 29.78
N2 NAG RA . 57.86 1.97 27.70
O3 NAG RA . 59.40 4.24 26.97
O4 NAG RA . 58.97 5.21 24.28
O5 NAG RA . 57.98 1.70 24.04
O6 NAG RA . 58.38 2.13 21.38
O7 NAG RA . 59.79 1.01 28.35
C1 NAG SA . 52.59 8.82 16.60
C2 NAG SA . 53.49 8.54 15.41
C3 NAG SA . 54.59 9.58 15.33
C4 NAG SA . 53.96 10.97 15.23
C5 NAG SA . 52.87 11.19 16.28
C6 NAG SA . 52.08 12.43 15.90
C7 NAG SA . 53.78 6.33 14.49
C8 NAG SA . 54.20 4.91 14.72
N2 NAG SA . 54.04 7.20 15.46
O3 NAG SA . 55.40 9.35 14.20
O4 NAG SA . 54.97 11.95 15.38
O5 NAG SA . 51.99 10.09 16.39
O6 NAG SA . 50.98 12.59 16.78
O7 NAG SA . 53.23 6.65 13.44
C1 NAG TA . 25.44 -1.31 43.72
C2 NAG TA . 26.23 -0.27 44.52
C3 NAG TA . 27.65 -0.73 44.80
C4 NAG TA . 27.66 -2.14 45.37
C5 NAG TA . 26.84 -3.07 44.49
C6 NAG TA . 26.79 -4.48 45.08
C7 NAG TA . 26.04 2.14 44.50
C8 NAG TA . 26.34 3.41 43.77
N2 NAG TA . 26.25 1.01 43.83
O3 NAG TA . 28.26 0.15 45.72
O4 NAG TA . 28.99 -2.61 45.46
O5 NAG TA . 25.52 -2.58 44.34
O6 NAG TA . 25.91 -5.27 44.33
O7 NAG TA . 25.64 2.17 45.66
C1 NAG UA . 60.31 12.39 36.61
C2 NAG UA . 60.35 11.82 38.01
C3 NAG UA . 60.95 12.81 39.00
C4 NAG UA . 62.28 13.34 38.46
C5 NAG UA . 62.14 13.84 37.04
C6 NAG UA . 63.51 14.25 36.48
C7 NAG UA . 58.55 10.22 38.26
C8 NAG UA . 57.19 9.92 38.83
N2 NAG UA . 59.01 11.45 38.43
O3 NAG UA . 61.16 12.19 40.24
O4 NAG UA . 62.74 14.38 39.29
O5 NAG UA . 61.58 12.85 36.19
O6 NAG UA . 63.37 14.70 35.16
O7 NAG UA . 59.19 9.34 37.67
C1 NAG VA . 26.59 16.53 31.35
C2 NAG VA . 26.50 17.88 32.10
C3 NAG VA . 26.18 19.04 31.17
C4 NAG VA . 27.05 19.01 29.92
C5 NAG VA . 26.92 17.63 29.27
C6 NAG VA . 27.77 17.58 28.00
C7 NAG VA . 25.76 17.72 34.40
C8 NAG VA . 24.68 17.19 35.30
N2 NAG VA . 25.47 17.81 33.11
O3 NAG VA . 26.41 20.26 31.85
O4 NAG VA . 26.61 20.00 29.02
O5 NAG VA . 27.35 16.63 30.16
O6 NAG VA . 27.72 16.29 27.45
O7 NAG VA . 26.86 18.05 34.87
C1 NAG WA . 32.39 19.73 38.51
C2 NAG WA . 31.24 20.56 37.95
C3 NAG WA . 31.45 22.05 38.17
C4 NAG WA . 31.91 22.36 39.58
C5 NAG WA . 33.10 21.48 39.95
C6 NAG WA . 33.58 21.75 41.37
C7 NAG WA . 30.12 19.54 36.06
C8 NAG WA . 29.84 19.66 34.60
N2 NAG WA . 31.11 20.29 36.54
O3 NAG WA . 30.23 22.73 37.93
O4 NAG WA . 32.29 23.71 39.68
O5 NAG WA . 32.74 20.11 39.82
O6 NAG WA . 34.59 20.83 41.71
O7 NAG WA . 29.45 18.78 36.77
C1 NAG XA . 32.36 -7.46 39.98
C2 NAG XA . 31.70 -8.82 39.79
C3 NAG XA . 31.18 -9.28 41.14
C4 NAG XA . 32.36 -9.42 42.09
C5 NAG XA . 33.31 -8.22 42.06
C6 NAG XA . 34.68 -8.66 42.60
C7 NAG XA . 30.70 -9.70 37.80
C8 NAG XA . 30.02 -9.33 36.52
N2 NAG XA . 30.67 -8.81 38.78
O3 NAG XA . 30.51 -10.51 41.01
O4 NAG XA . 31.88 -9.59 43.40
O5 NAG XA . 33.52 -7.66 40.77
O6 NAG XA . 35.68 -7.85 42.04
O7 NAG XA . 31.26 -10.79 37.90
C1 NAG YA . 24.71 -68.60 12.91
C2 NAG YA . 25.17 -69.47 14.08
C3 NAG YA . 25.75 -70.80 13.62
C4 NAG YA . 24.82 -71.47 12.64
C5 NAG YA . 24.47 -70.52 11.50
C6 NAG YA . 23.50 -71.18 10.54
C7 NAG YA . 25.89 -68.35 16.10
C8 NAG YA . 26.98 -67.62 16.82
N2 NAG YA . 26.16 -68.76 14.86
O3 NAG YA . 25.93 -71.64 14.74
O4 NAG YA . 25.43 -72.63 12.12
O5 NAG YA . 23.90 -69.32 12.01
O6 NAG YA . 23.01 -70.22 9.62
O7 NAG YA . 24.80 -68.56 16.64
C1 NAG ZA . -16.04 -2.28 -3.39
C2 NAG ZA . -15.74 -1.50 -2.12
C3 NAG ZA . -16.64 -1.94 -0.97
C4 NAG ZA . -18.09 -1.87 -1.41
C5 NAG ZA . -18.32 -2.61 -2.71
C6 NAG ZA . -19.75 -2.43 -3.19
C7 NAG ZA . -13.48 -0.66 -1.96
C8 NAG ZA . -12.06 -1.06 -2.31
N2 NAG ZA . -14.34 -1.66 -1.77
O3 NAG ZA . -16.43 -1.09 0.13
O4 NAG ZA . -18.91 -2.43 -0.39
O5 NAG ZA . -17.42 -2.19 -3.72
O6 NAG ZA . -20.00 -3.25 -4.30
O7 NAG ZA . -13.79 0.53 -1.88
C1 NAG AB . -7.72 -14.76 14.05
C2 NAG AB . -7.60 -15.42 15.42
C3 NAG AB . -8.66 -14.93 16.38
C4 NAG AB . -8.68 -13.41 16.43
C5 NAG AB . -8.75 -12.84 15.02
C6 NAG AB . -8.66 -11.32 15.05
C7 NAG AB . -6.63 -17.64 15.66
C8 NAG AB . -6.80 -19.12 15.44
N2 NAG AB . -7.66 -16.88 15.30
O3 NAG AB . -8.41 -15.44 17.67
O4 NAG AB . -9.79 -12.97 17.18
O5 NAG AB . -7.72 -13.35 14.20
O6 NAG AB . -8.52 -10.82 13.75
O7 NAG AB . -5.60 -17.19 16.15
C1 NAG BB . 6.70 -58.47 21.30
C2 NAG BB . 6.10 -59.81 21.68
C3 NAG BB . 5.19 -59.62 22.88
C4 NAG BB . 6.00 -59.03 24.03
C5 NAG BB . 6.86 -57.83 23.60
C6 NAG BB . 7.90 -57.55 24.68
C7 NAG BB . 5.73 -61.63 20.13
C8 NAG BB . 5.19 -62.03 18.79
N2 NAG BB . 5.38 -60.42 20.58
O3 NAG BB . 4.63 -60.85 23.28
O4 NAG BB . 5.12 -58.62 25.05
O5 NAG BB . 7.53 -58.04 22.37
O6 NAG BB . 8.81 -56.58 24.22
O7 NAG BB . 6.46 -62.39 20.77
C1 NAG CB . 4.18 -48.03 27.51
C2 NAG CB . 5.36 -48.06 28.46
C3 NAG CB . 4.98 -48.77 29.76
C4 NAG CB . 3.76 -48.08 30.36
C5 NAG CB . 2.65 -47.92 29.34
C6 NAG CB . 1.54 -47.03 29.92
C7 NAG CB . 7.64 -48.02 27.65
C8 NAG CB . 8.72 -48.72 26.87
N2 NAG CB . 6.52 -48.70 27.85
O3 NAG CB . 6.05 -48.72 30.67
O4 NAG CB . 3.29 -48.85 31.45
O5 NAG CB . 3.11 -47.35 28.12
O6 NAG CB . 0.56 -46.77 28.94
O7 NAG CB . 7.81 -46.87 28.06
C1 NAG DB . -12.69 -48.15 -8.41
C2 NAG DB . -13.65 -49.11 -7.70
C3 NAG DB . -12.95 -50.40 -7.29
C4 NAG DB . -12.20 -51.00 -8.47
C5 NAG DB . -11.29 -49.95 -9.11
C6 NAG DB . -10.61 -50.51 -10.34
C7 NAG DB . -15.52 -48.68 -6.24
C8 NAG DB . -16.01 -48.15 -4.93
N2 NAG DB . -14.24 -48.49 -6.53
O3 NAG DB . -13.92 -51.33 -6.84
O4 NAG DB . -11.43 -52.10 -8.04
O5 NAG DB . -12.05 -48.80 -9.48
O6 NAG DB . -9.91 -49.48 -11.01
O7 NAG DB . -16.31 -49.26 -7.00
C1 NAG EB . -6.58 -66.73 24.22
C2 NAG EB . -6.74 -67.81 23.15
C3 NAG EB . -7.74 -68.86 23.60
C4 NAG EB . -7.33 -69.42 24.96
C5 NAG EB . -7.07 -68.30 25.96
C6 NAG EB . -6.48 -68.89 27.24
C7 NAG EB . -6.29 -67.06 20.90
C8 NAG EB . -6.86 -66.55 19.60
N2 NAG EB . -7.15 -67.20 21.90
O3 NAG EB . -7.78 -69.91 22.65
O4 NAG EB . -8.35 -70.27 25.44
O5 NAG EB . -6.17 -67.33 25.45
O6 NAG EB . -6.24 -67.86 28.17
O7 NAG EB . -5.10 -67.31 21.01
C1 NAG FB . -19.19 -38.30 9.79
C2 NAG FB . -20.63 -38.65 10.20
C3 NAG FB . -21.19 -37.71 11.27
C4 NAG FB . -20.18 -37.48 12.38
C5 NAG FB . -18.86 -37.03 11.78
C6 NAG FB . -17.84 -36.76 12.88
C7 NAG FB . -22.07 -39.74 8.60
C8 NAG FB . -22.60 -39.70 7.20
N2 NAG FB . -21.49 -38.63 9.04
O3 NAG FB . -22.37 -38.27 11.81
O4 NAG FB . -20.67 -36.51 13.29
O5 NAG FB . -18.36 -38.02 10.90
O6 NAG FB . -16.55 -36.66 12.32
O7 NAG FB . -22.18 -40.76 9.28
C1 NAG GB . -23.32 -47.04 11.70
C2 NAG GB . -24.12 -45.76 11.86
C3 NAG GB . -25.29 -45.93 12.84
C4 NAG GB . -26.06 -47.20 12.56
C5 NAG GB . -25.12 -48.39 12.46
C6 NAG GB . -25.89 -49.68 12.16
C7 NAG GB . -22.73 -43.82 11.48
C8 NAG GB . -22.02 -42.65 12.09
N2 NAG GB . -23.23 -44.72 12.32
O3 NAG GB . -26.15 -44.82 12.71
O4 NAG GB . -27.00 -47.41 13.59
O5 NAG GB . -24.14 -48.17 11.46
O6 NAG GB . -24.98 -50.75 12.07
O7 NAG GB . -22.82 -43.93 10.26
C1 NAG HB . -3.54 -51.42 -6.43
C2 NAG HB . -2.65 -51.01 -7.60
C3 NAG HB . -3.23 -51.61 -8.86
C4 NAG HB . -3.18 -53.13 -8.73
C5 NAG HB . -3.72 -53.63 -7.37
C6 NAG HB . -3.16 -55.02 -7.12
C7 NAG HB . -1.26 -49.06 -7.75
C8 NAG HB . -1.08 -47.66 -7.22
N2 NAG HB . -2.48 -49.57 -7.71
O3 NAG HB . -2.47 -51.21 -9.99
O4 NAG HB . -3.96 -53.71 -9.76
O5 NAG HB . -3.38 -52.81 -6.27
O6 NAG HB . -3.15 -55.28 -5.72
O7 NAG HB . -0.28 -49.67 -8.19
#